data_9BSZ
#
_entry.id   9BSZ
#
_cell.length_a   1.00
_cell.length_b   1.00
_cell.length_c   1.00
_cell.angle_alpha   90.00
_cell.angle_beta   90.00
_cell.angle_gamma   90.00
#
_symmetry.space_group_name_H-M   'P 1'
#
loop_
_entity.id
_entity.type
_entity.pdbx_description
1 polymer 'Spike glycoprotein'
2 branched 2-acetamido-2-deoxy-beta-D-glucopyranose-(1-4)-2-acetamido-2-deoxy-beta-D-glucopyranose
3 branched beta-D-mannopyranose-(1-4)-2-acetamido-2-deoxy-beta-D-glucopyranose-(1-4)-2-acetamido-2-deoxy-beta-D-glucopyranose
4 branched alpha-D-mannopyranose-(1-3)-[alpha-D-mannopyranose-(1-6)]beta-D-mannopyranose-(1-4)-2-acetamido-2-deoxy-beta-D-glucopyranose-(1-4)-2-acetamido-2-deoxy-beta-D-glucopyranose
5 non-polymer 2-acetamido-2-deoxy-beta-D-glucopyranose
6 non-polymer 5-acetamido-9-O-acetyl-3,5-dideoxy-D-glycero-alpha-D-galacto-non-2-ulopyranonosyl-(2->8)-5-acetamido-3,5-dideoxy-D-glycero-alpha-D-galacto-non-2-ulopyranonosyl-(2->3)-beta-D-galactopyranose
#
_entity_poly.entity_id   1
_entity_poly.type   'polypeptide(L)'
_entity_poly.pdbx_seq_one_letter_code
;VIGDFNCTNFAINDLNTTVPRISEYVVDVSYGLGTYYILDRVYLNTTILFTGYFPKSGANFRDLSLKGTTYLSTLWYQKP
FLSDFNNGIFSRVKNTKLYVNKTLYSEFSTIVIGSVFINNSYTIVVQPHNGVLEITACQYTMCEYPHTICKSKGSSRNES
WHFDKSEPLCLFKKNFTYNVSTDWLYFHFYQERGTFYAYYADSGMPTTFLFSLYLGTLLSHYYVLPLTCNAISSNTDNET
LQYWVTPLSKRQYLLKFDNRGVITNAVDCSSSFFSEIQCKTKSLLPNTGVYDLSGFTVKPVATVHRRIPDLPDCDIDKWL
NNFNVPSPLNWERKIFSNCNFNLSTLLRLVHTDSFSCNNFDESKIYGSCFKSIVLDKFAIPNSRRSDLQLGSSGFLQSSN
YKIDTTSSSCQLYYSLPAINVTINNYNPSSWNRRYGFNNFNLSSHSVVYSRYCFSVNNTFCPCAKPSFASSCKSHKPPSA
SCPIGTNYRSCESTTVLDHTDWCRCSCLPDPITAYDPRSCSQKKSLVGVGEHCAGFGVDEEKCGVLDGSYNVSCLCSTDA
FLGWSYDTCVSNNRCNIFSNFILNGINSGTTCSNDLLQPNTEVFTDVCVDYDLYGITGQGIFKEVSAVYYNSWQNLLYDS
NGNIIGFKDFVTNKTYNIFPCYAGRVSAAFHQNASSLALLYRNLKCSYVLNNISLTTQPYFDSYLGCVFNADNLTDYSVS
SCALRMGSGFCVDYNSPSSSSSRRKRRSISASYRFVTFEPFNVSFVNDSIESVGGLYEIKIPTNFTIVGQEEFIQTNSPK
VTIDCSLFVCSNYAACHDLLSEYGTFCDNINSILDEVNGLLDTTQLHVADTLMQGVTLSSNLNTNLHFDVDNINFKSLVG
CLGPHCGSSSRSFFEDLLFDKVKLSDVGFVEAYNNCTGGSEIRDLLCVQSFNGIKVLPPILSESQISGYTTAATVAAMFP
PWSAAAGIPFSLNVQYRINGLGVTMDVLNKNQKLIATAFNNALLSIQNGFSAPNSALAKIQSVVNSNAQALNSLLQQLFN
KFGAISSSLQEILSRLDPPEAQVQIDRLINGRLTALNAYVSQQLSDISLVKFGAALAMEKVNECVKSQSPRINFCGNGNH
ILSLVQNAPYGLLFMHFSYKPISFKTVLVSPGLCISGDVGIAPKQGYFIKHNDHWMFTGSSYYYPEPISDKNVVFMNTCS
VNFTKAPLVYLNHSVPKLSDFESELSHWFKNQTSIAPNLTLNLHTINATFLDLYYEMNLIQESIKSLNNSYINLKDIGTY
EMYVKSGGYIPEAPRDGQAYVRKDGEWVLLSTFLNSGRAHHHHHHGAGGLNDIFEAQKIEWHEDTAAA
;
_entity_poly.pdbx_strand_id   B,C,A
#
loop_
_chem_comp.id
_chem_comp.type
_chem_comp.name
_chem_comp.formula
A1AR2 non-polymer 5-acetamido-9-O-acetyl-3,5-dideoxy-D-glycero-alpha-D-galacto-non-2-ulopyranonosyl-(2->8)-5-acetamido-3,5-dideoxy-D-glycero-alpha-D-galacto-non-2-ulopyranonosyl-(2->3)-beta-D-galactopyranose 'C30 H48 N2 O23'
BMA D-saccharide, beta linking beta-D-mannopyranose 'C6 H12 O6'
MAN D-saccharide, alpha linking alpha-D-mannopyranose 'C6 H12 O6'
NAG D-saccharide, beta linking 2-acetamido-2-deoxy-beta-D-glucopyranose 'C8 H15 N O6'
#
# COMPACT_ATOMS: atom_id res chain seq x y z
N VAL A 1 21.62 -31.86 30.56
CA VAL A 1 22.88 -32.06 29.81
C VAL A 1 22.96 -31.18 28.60
N ILE A 2 24.15 -30.87 28.10
CA ILE A 2 24.35 -30.02 26.94
C ILE A 2 24.89 -30.83 25.81
N GLY A 3 24.67 -32.12 25.79
CA GLY A 3 25.23 -32.94 24.76
C GLY A 3 25.00 -34.37 25.13
N ASP A 4 25.09 -35.24 24.16
CA ASP A 4 24.88 -36.66 24.36
C ASP A 4 26.18 -37.43 24.44
N PHE A 5 27.30 -36.88 23.96
CA PHE A 5 28.55 -37.61 23.93
C PHE A 5 29.06 -37.90 25.33
N ASN A 6 29.18 -39.16 25.71
CA ASN A 6 29.68 -39.56 27.02
C ASN A 6 31.15 -39.17 27.08
N CYS A 7 31.41 -38.08 27.76
CA CYS A 7 32.71 -37.44 27.81
C CYS A 7 33.56 -37.83 29.00
N THR A 8 32.96 -38.00 30.17
CA THR A 8 33.65 -38.32 31.40
C THR A 8 32.75 -39.02 32.38
N ASN A 9 33.33 -39.69 33.35
CA ASN A 9 32.63 -40.34 34.44
C ASN A 9 33.23 -40.02 35.81
N PHE A 10 34.14 -39.06 35.86
CA PHE A 10 34.86 -38.69 37.05
C PHE A 10 34.11 -37.69 37.92
N ALA A 11 33.74 -38.04 39.15
CA ALA A 11 33.15 -37.12 40.11
C ALA A 11 31.90 -36.40 39.63
N ILE A 12 30.88 -37.12 39.27
CA ILE A 12 29.61 -36.56 38.83
C ILE A 12 28.60 -36.84 39.91
N ASN A 13 27.89 -35.86 40.43
CA ASN A 13 26.89 -36.14 41.47
C ASN A 13 25.64 -35.32 41.25
N ASP A 14 24.71 -35.28 42.20
CA ASP A 14 23.44 -34.57 42.07
C ASP A 14 23.22 -33.59 43.20
N LEU A 15 24.27 -33.11 43.84
CA LEU A 15 24.09 -32.18 44.93
C LEU A 15 23.55 -30.86 44.41
N ASN A 16 22.60 -30.26 45.11
CA ASN A 16 22.03 -29.00 44.72
C ASN A 16 22.70 -27.89 45.49
N THR A 17 23.57 -27.16 44.84
CA THR A 17 24.25 -26.00 45.41
C THR A 17 23.37 -24.78 45.16
N THR A 18 23.89 -23.58 45.27
CA THR A 18 23.13 -22.37 45.00
C THR A 18 22.63 -22.28 43.57
N VAL A 19 21.43 -21.74 43.41
CA VAL A 19 20.82 -21.40 42.14
C VAL A 19 21.41 -20.09 41.60
N PRO A 20 21.23 -19.69 40.34
CA PRO A 20 21.77 -18.45 39.84
C PRO A 20 21.37 -17.26 40.67
N ARG A 21 22.29 -16.37 41.00
CA ARG A 21 21.98 -15.24 41.87
C ARG A 21 21.49 -14.06 41.10
N ILE A 22 20.59 -13.27 41.68
CA ILE A 22 20.05 -12.07 41.07
C ILE A 22 20.93 -10.94 41.48
N SER A 23 21.35 -10.14 40.54
CA SER A 23 22.23 -9.04 40.83
C SER A 23 21.56 -7.91 41.56
N GLU A 24 22.34 -7.03 42.15
CA GLU A 24 21.79 -5.81 42.74
C GLU A 24 22.02 -4.72 41.72
N TYR A 25 23.07 -4.85 40.92
CA TYR A 25 23.39 -3.91 39.86
C TYR A 25 22.26 -3.98 38.86
N VAL A 26 21.89 -2.85 38.27
CA VAL A 26 20.78 -2.75 37.35
C VAL A 26 21.21 -2.16 36.03
N VAL A 27 20.52 -2.44 34.94
CA VAL A 27 20.92 -1.89 33.64
C VAL A 27 20.64 -0.41 33.54
N ASP A 28 21.67 0.39 33.42
CA ASP A 28 21.59 1.83 33.25
C ASP A 28 22.26 2.18 31.95
N VAL A 29 21.48 2.56 30.96
CA VAL A 29 22.03 2.87 29.64
C VAL A 29 22.22 4.33 29.43
N SER A 30 22.18 5.17 30.44
CA SER A 30 22.29 6.61 30.23
C SER A 30 23.59 7.03 29.59
N TYR A 31 24.66 6.25 29.73
CA TYR A 31 25.96 6.52 29.13
C TYR A 31 26.33 5.49 28.08
N GLY A 32 25.36 4.77 27.56
CA GLY A 32 25.60 3.79 26.51
C GLY A 32 26.14 2.49 26.99
N LEU A 33 26.18 2.19 28.28
CA LEU A 33 26.78 0.95 28.72
C LEU A 33 26.04 -0.27 28.19
N GLY A 34 24.73 -0.28 28.18
CA GLY A 34 24.01 -1.42 27.64
C GLY A 34 23.89 -1.45 26.13
N THR A 35 24.48 -0.52 25.41
CA THR A 35 24.36 -0.38 23.96
C THR A 35 25.56 -0.85 23.17
N TYR A 36 25.57 -0.67 21.87
CA TYR A 36 26.69 -1.01 21.02
C TYR A 36 26.82 -0.12 19.82
N TYR A 37 28.01 0.06 19.29
CA TYR A 37 28.16 0.80 18.07
C TYR A 37 27.53 -0.01 16.96
N ILE A 38 26.81 0.61 16.04
CA ILE A 38 26.12 -0.13 15.00
C ILE A 38 27.07 -0.78 14.03
N LEU A 39 27.21 -2.09 14.09
CA LEU A 39 28.07 -2.84 13.20
C LEU A 39 29.39 -2.11 13.00
N ASP A 40 29.85 -1.99 11.78
CA ASP A 40 31.06 -1.31 11.41
C ASP A 40 30.82 0.09 10.89
N ARG A 41 29.69 0.70 11.28
CA ARG A 41 29.26 2.05 10.90
C ARG A 41 29.76 3.11 11.89
N VAL A 42 30.03 4.35 11.45
CA VAL A 42 30.34 5.43 12.37
C VAL A 42 29.44 6.59 12.13
N TYR A 43 28.93 7.21 13.17
CA TYR A 43 28.06 8.37 13.08
C TYR A 43 28.78 9.49 13.82
N LEU A 44 28.88 10.66 13.22
CA LEU A 44 29.63 11.79 13.79
C LEU A 44 28.65 12.89 14.17
N ASN A 45 28.80 13.49 15.36
CA ASN A 45 28.06 14.66 15.77
C ASN A 45 26.57 14.62 15.49
N THR A 46 25.90 13.52 15.80
CA THR A 46 24.51 13.27 15.43
C THR A 46 23.84 12.44 16.49
N THR A 47 22.51 12.49 16.56
CA THR A 47 21.76 11.58 17.42
C THR A 47 20.75 10.79 16.60
N ILE A 48 20.81 9.47 16.75
CA ILE A 48 20.24 8.47 15.86
C ILE A 48 19.19 7.70 16.65
N LEU A 49 18.02 7.51 16.06
CA LEU A 49 16.98 6.67 16.63
C LEU A 49 17.17 5.31 16.00
N PHE A 50 17.73 4.35 16.73
CA PHE A 50 18.02 3.03 16.23
C PHE A 50 17.19 1.96 16.91
N THR A 51 16.53 1.10 16.16
CA THR A 51 15.77 -0.02 16.72
C THR A 51 16.60 -1.28 16.68
N GLY A 52 16.92 -1.86 17.80
CA GLY A 52 17.76 -3.05 17.85
C GLY A 52 17.49 -3.88 19.06
N TYR A 53 18.24 -4.95 19.21
CA TYR A 53 18.13 -5.82 20.35
C TYR A 53 18.93 -5.25 21.46
N PHE A 54 18.29 -4.67 22.45
CA PHE A 54 18.93 -4.02 23.59
C PHE A 54 18.39 -4.55 24.90
N PRO A 55 19.11 -4.43 26.00
CA PRO A 55 18.63 -4.84 27.29
C PRO A 55 17.53 -3.94 27.74
N LYS A 56 16.60 -4.41 28.54
CA LYS A 56 15.54 -3.55 29.03
C LYS A 56 16.14 -2.64 30.09
N SER A 57 15.99 -1.34 30.01
CA SER A 57 16.55 -0.45 31.01
C SER A 57 15.97 -0.77 32.37
N GLY A 58 16.79 -0.80 33.39
CA GLY A 58 16.34 -1.11 34.73
C GLY A 58 16.20 -2.60 34.99
N ALA A 59 16.65 -3.48 34.10
CA ALA A 59 16.52 -4.91 34.33
C ALA A 59 17.61 -5.42 35.23
N ASN A 60 17.52 -6.67 35.61
CA ASN A 60 18.46 -7.31 36.50
C ASN A 60 19.31 -8.33 35.73
N PHE A 61 20.29 -8.89 36.40
CA PHE A 61 21.16 -9.88 35.83
C PHE A 61 21.19 -11.14 36.64
N ARG A 62 21.40 -12.28 36.00
CA ARG A 62 21.57 -13.56 36.68
C ARG A 62 23.02 -13.94 36.60
N ASP A 63 23.67 -14.34 37.66
CA ASP A 63 25.05 -14.80 37.58
C ASP A 63 25.08 -16.26 37.26
N LEU A 64 25.27 -16.61 36.01
CA LEU A 64 25.29 -18.00 35.59
C LEU A 64 26.60 -18.68 35.78
N SER A 65 27.61 -18.05 36.34
CA SER A 65 28.89 -18.69 36.50
C SER A 65 28.90 -19.71 37.60
N LEU A 66 29.67 -20.76 37.40
CA LEU A 66 29.81 -21.85 38.35
C LEU A 66 31.26 -22.19 38.48
N LYS A 67 31.75 -22.26 39.71
CA LYS A 67 33.13 -22.57 40.03
C LYS A 67 33.17 -23.89 40.76
N GLY A 68 33.77 -24.91 40.21
CA GLY A 68 33.90 -26.21 40.89
C GLY A 68 35.33 -26.54 41.27
N THR A 69 35.55 -27.65 41.93
CA THR A 69 36.91 -28.08 42.25
C THR A 69 37.13 -29.46 41.73
N THR A 70 36.34 -30.43 42.16
CA THR A 70 36.49 -31.82 41.71
C THR A 70 35.21 -32.34 41.12
N TYR A 71 34.11 -32.20 41.83
CA TYR A 71 32.84 -32.70 41.40
C TYR A 71 32.06 -31.72 40.59
N LEU A 72 31.25 -32.25 39.70
CA LEU A 72 30.40 -31.54 38.80
C LEU A 72 28.99 -32.02 39.04
N SER A 73 28.14 -31.21 39.65
CA SER A 73 26.77 -31.61 39.88
C SER A 73 25.98 -31.71 38.59
N THR A 74 25.17 -32.72 38.38
CA THR A 74 24.39 -32.81 37.15
C THR A 74 23.39 -31.70 37.08
N LEU A 75 22.95 -31.21 38.24
CA LEU A 75 22.01 -30.12 38.26
C LEU A 75 22.59 -28.87 37.67
N TRP A 76 23.90 -28.73 37.56
CA TRP A 76 24.51 -27.58 36.92
C TRP A 76 24.22 -27.53 35.45
N TYR A 77 23.69 -28.58 34.87
CA TYR A 77 23.44 -28.63 33.46
C TYR A 77 21.98 -28.78 33.11
N GLN A 78 21.12 -28.10 33.87
CA GLN A 78 19.68 -28.16 33.70
C GLN A 78 19.07 -26.79 33.60
N LYS A 79 17.75 -26.75 33.50
CA LYS A 79 16.93 -25.57 33.26
C LYS A 79 17.24 -24.36 34.12
N PRO A 80 17.60 -24.42 35.38
CA PRO A 80 17.91 -23.21 36.07
C PRO A 80 19.07 -22.48 35.42
N PHE A 81 20.03 -23.18 34.81
CA PHE A 81 21.22 -22.61 34.20
C PHE A 81 21.19 -22.66 32.70
N LEU A 82 20.82 -23.76 32.08
CA LEU A 82 20.72 -23.86 30.64
C LEU A 82 19.51 -23.03 30.28
N SER A 83 19.71 -21.80 29.86
CA SER A 83 18.65 -20.88 29.61
C SER A 83 18.32 -20.74 28.15
N ASP A 84 17.11 -20.33 27.84
CA ASP A 84 16.67 -20.14 26.49
C ASP A 84 17.31 -18.91 25.93
N PHE A 85 17.83 -18.94 24.72
CA PHE A 85 18.44 -17.77 24.12
C PHE A 85 17.42 -16.71 23.77
N ASN A 86 16.29 -17.11 23.22
CA ASN A 86 15.24 -16.21 22.78
C ASN A 86 15.85 -15.19 21.83
N ASN A 87 15.61 -13.90 22.03
CA ASN A 87 16.19 -12.92 21.15
C ASN A 87 17.68 -12.80 21.33
N GLY A 88 18.17 -12.90 22.55
CA GLY A 88 19.57 -12.81 22.84
C GLY A 88 19.81 -12.42 24.26
N ILE A 89 21.03 -12.13 24.62
CA ILE A 89 21.41 -11.72 25.95
C ILE A 89 22.49 -10.69 25.93
N PHE A 90 22.54 -9.86 26.96
CA PHE A 90 23.57 -8.89 27.19
C PHE A 90 24.27 -9.40 28.41
N SER A 91 25.56 -9.56 28.35
CA SER A 91 26.32 -10.15 29.42
C SER A 91 27.32 -9.19 30.01
N ARG A 92 27.46 -9.14 31.32
CA ARG A 92 28.47 -8.36 32.02
C ARG A 92 29.35 -9.39 32.70
N VAL A 93 30.62 -9.44 32.40
CA VAL A 93 31.52 -10.47 32.87
C VAL A 93 32.62 -9.96 33.72
N LYS A 94 32.87 -10.56 34.87
CA LYS A 94 33.95 -10.11 35.71
C LYS A 94 35.19 -10.74 35.19
N ASN A 95 36.24 -9.99 35.04
CA ASN A 95 37.51 -10.52 34.66
C ASN A 95 38.24 -10.94 35.92
N THR A 96 38.16 -12.17 36.40
CA THR A 96 38.86 -12.48 37.65
C THR A 96 40.33 -12.57 37.38
N LYS A 97 41.09 -11.78 38.13
CA LYS A 97 42.51 -11.57 37.99
C LYS A 97 43.23 -12.36 39.05
N LEU A 98 44.08 -13.29 38.62
CA LEU A 98 44.85 -14.20 39.46
C LEU A 98 46.34 -13.94 39.34
N TYR A 99 47.08 -14.04 40.42
CA TYR A 99 48.52 -13.85 40.39
C TYR A 99 49.26 -15.14 40.61
N VAL A 100 50.15 -15.50 39.71
CA VAL A 100 51.03 -16.66 39.86
C VAL A 100 52.44 -16.09 39.90
N ASN A 101 53.13 -16.15 41.03
CA ASN A 101 54.45 -15.54 41.18
C ASN A 101 54.39 -14.07 40.77
N LYS A 102 53.36 -13.37 41.25
CA LYS A 102 53.13 -11.95 40.95
C LYS A 102 52.82 -11.64 39.47
N THR A 103 52.70 -12.63 38.60
CA THR A 103 52.32 -12.42 37.20
C THR A 103 50.83 -12.44 37.07
N LEU A 104 50.21 -11.45 36.46
CA LEU A 104 48.76 -11.37 36.30
C LEU A 104 48.20 -12.34 35.26
N TYR A 105 47.07 -12.95 35.54
CA TYR A 105 46.33 -13.83 34.64
C TYR A 105 44.85 -13.47 34.68
N SER A 106 44.14 -13.64 33.57
CA SER A 106 42.70 -13.40 33.45
C SER A 106 41.94 -14.72 33.32
N GLU A 107 40.88 -14.91 34.10
CA GLU A 107 39.93 -16.02 33.99
C GLU A 107 38.47 -15.53 33.99
N PHE A 108 37.65 -16.07 33.09
CA PHE A 108 36.19 -16.03 33.19
C PHE A 108 35.54 -17.19 32.41
N SER A 109 34.29 -17.52 32.75
CA SER A 109 33.58 -18.66 32.17
C SER A 109 33.17 -18.43 30.72
N THR A 110 33.18 -19.49 29.92
CA THR A 110 32.80 -19.50 28.49
C THR A 110 31.28 -19.56 28.31
N ILE A 111 30.68 -18.94 27.28
CA ILE A 111 29.32 -19.33 26.83
C ILE A 111 29.44 -20.31 25.65
N VAL A 112 28.58 -21.33 25.65
CA VAL A 112 28.23 -22.09 24.44
C VAL A 112 26.82 -21.71 24.00
N ILE A 113 26.61 -21.39 22.72
CA ILE A 113 25.34 -20.93 22.19
C ILE A 113 24.94 -21.80 20.98
N GLY A 114 23.70 -22.31 20.97
CA GLY A 114 23.04 -22.74 19.75
C GLY A 114 22.39 -24.13 19.75
N SER A 115 21.22 -24.20 19.11
CA SER A 115 20.49 -25.43 18.77
C SER A 115 20.40 -26.46 19.92
N VAL A 116 20.58 -27.75 19.61
CA VAL A 116 20.58 -28.92 20.49
C VAL A 116 21.94 -29.35 20.98
N PHE A 117 22.98 -28.59 20.59
CA PHE A 117 24.41 -28.75 20.87
C PHE A 117 25.13 -29.97 20.26
N ILE A 118 24.48 -30.73 19.40
CA ILE A 118 25.05 -31.96 18.80
C ILE A 118 25.89 -31.62 17.54
N ASN A 119 26.83 -32.48 17.11
CA ASN A 119 27.66 -32.25 15.93
C ASN A 119 26.85 -32.07 14.65
N ASN A 120 25.55 -32.38 14.63
CA ASN A 120 24.72 -32.14 13.46
C ASN A 120 24.32 -30.66 13.36
N SER A 121 24.61 -29.82 14.36
CA SER A 121 24.27 -28.39 14.43
C SER A 121 25.50 -27.50 14.59
N TYR A 122 25.51 -26.30 13.97
CA TYR A 122 26.51 -25.27 14.30
C TYR A 122 26.26 -24.68 15.69
N THR A 123 27.33 -24.39 16.43
CA THR A 123 27.29 -23.72 17.74
C THR A 123 28.37 -22.67 17.82
N ILE A 124 28.12 -21.57 18.54
CA ILE A 124 29.10 -20.50 18.78
C ILE A 124 29.68 -20.72 20.18
N VAL A 125 31.01 -20.67 20.30
CA VAL A 125 31.71 -20.87 21.58
C VAL A 125 32.71 -19.73 21.80
N VAL A 126 32.77 -19.19 23.02
CA VAL A 126 33.50 -17.96 23.35
C VAL A 126 34.39 -18.17 24.56
N GLN A 127 35.66 -18.55 24.39
CA GLN A 127 36.57 -18.87 25.49
C GLN A 127 37.73 -17.87 25.62
N PRO A 128 38.00 -17.31 26.81
CA PRO A 128 39.21 -16.54 27.06
C PRO A 128 40.43 -17.44 27.25
N HIS A 129 41.56 -16.99 26.73
CA HIS A 129 42.89 -17.58 26.83
C HIS A 129 43.89 -16.53 27.36
N ASN A 130 43.52 -15.86 28.43
CA ASN A 130 44.31 -14.83 29.12
C ASN A 130 44.75 -13.65 28.23
N GLY A 131 43.82 -12.73 27.94
CA GLY A 131 44.08 -11.53 27.11
C GLY A 131 43.79 -11.73 25.61
N VAL A 132 43.65 -12.98 25.20
CA VAL A 132 43.05 -13.39 23.92
C VAL A 132 41.67 -13.98 24.21
N LEU A 133 40.67 -13.62 23.44
CA LEU A 133 39.31 -14.13 23.51
C LEU A 133 38.99 -14.78 22.16
N GLU A 134 38.76 -16.09 22.14
CA GLU A 134 38.56 -16.84 20.90
C GLU A 134 37.08 -17.12 20.68
N ILE A 135 36.55 -16.67 19.54
CA ILE A 135 35.23 -17.08 19.07
C ILE A 135 35.36 -17.96 17.84
N THR A 136 34.80 -19.14 17.93
CA THR A 136 34.66 -20.08 16.83
C THR A 136 33.20 -20.51 16.73
N ALA A 137 32.75 -20.75 15.51
CA ALA A 137 31.39 -21.18 15.24
C ALA A 137 31.40 -22.49 14.47
N CYS A 138 31.29 -23.62 15.18
CA CYS A 138 31.57 -24.95 14.65
C CYS A 138 30.56 -26.01 15.08
N GLN A 139 30.56 -27.10 14.32
CA GLN A 139 29.76 -28.30 14.56
C GLN A 139 30.36 -29.21 15.66
N TYR A 140 30.66 -28.65 16.82
CA TYR A 140 31.32 -29.32 17.94
C TYR A 140 30.54 -30.51 18.55
N THR A 141 31.26 -31.48 19.11
CA THR A 141 30.73 -32.63 19.81
C THR A 141 30.65 -32.30 21.28
N MET A 142 29.64 -31.54 21.67
CA MET A 142 29.52 -31.10 23.05
C MET A 142 29.33 -32.29 24.01
N CYS A 143 30.07 -32.27 25.12
CA CYS A 143 30.05 -33.29 26.14
C CYS A 143 28.77 -33.29 26.96
N GLU A 144 28.50 -34.37 27.67
CA GLU A 144 27.32 -34.44 28.51
C GLU A 144 27.36 -33.41 29.62
N TYR A 145 28.50 -33.26 30.28
CA TYR A 145 28.76 -32.35 31.38
C TYR A 145 29.98 -31.51 31.03
N PRO A 146 29.89 -30.62 30.06
CA PRO A 146 31.01 -29.86 29.59
C PRO A 146 31.49 -28.89 30.63
N HIS A 147 32.78 -28.58 30.65
CA HIS A 147 33.35 -27.62 31.56
C HIS A 147 34.72 -27.18 31.09
N THR A 148 35.22 -26.08 31.64
CA THR A 148 36.52 -25.50 31.33
C THR A 148 37.41 -25.59 32.55
N ILE A 149 38.74 -25.55 32.38
CA ILE A 149 39.64 -25.54 33.51
C ILE A 149 40.34 -24.21 33.56
N CYS A 150 41.17 -24.07 34.54
CA CYS A 150 41.86 -22.86 34.87
C CYS A 150 43.37 -22.96 34.69
N LYS A 151 43.83 -22.57 33.49
CA LYS A 151 45.23 -22.71 33.05
C LYS A 151 46.22 -22.03 33.98
N SER A 152 45.78 -21.05 34.78
CA SER A 152 46.64 -20.28 35.65
C SER A 152 46.99 -21.01 36.94
N LYS A 153 46.01 -21.37 37.76
CA LYS A 153 46.23 -22.03 39.03
C LYS A 153 46.08 -23.54 38.99
N GLY A 154 45.83 -24.11 37.83
CA GLY A 154 45.67 -25.55 37.65
C GLY A 154 44.29 -26.02 38.06
N SER A 155 43.99 -27.27 37.77
CA SER A 155 42.68 -27.86 38.03
C SER A 155 42.78 -29.34 38.33
N SER A 156 41.94 -29.85 39.22
CA SER A 156 41.94 -31.27 39.53
C SER A 156 41.42 -32.12 38.38
N ARG A 157 40.64 -31.53 37.48
CA ARG A 157 40.05 -32.16 36.29
C ARG A 157 40.73 -31.66 35.05
N ASN A 158 40.65 -32.39 33.96
CA ASN A 158 41.19 -31.97 32.68
C ASN A 158 40.06 -31.27 31.93
N GLU A 159 40.35 -30.25 31.10
CA GLU A 159 39.34 -29.52 30.29
C GLU A 159 38.61 -30.48 29.35
N SER A 160 37.27 -30.55 29.39
CA SER A 160 36.57 -31.35 28.42
C SER A 160 35.19 -30.81 28.20
N TRP A 161 35.00 -30.03 27.14
CA TRP A 161 33.69 -29.51 26.77
C TRP A 161 33.24 -30.02 25.40
N HIS A 162 34.19 -30.38 24.54
CA HIS A 162 33.93 -31.03 23.29
C HIS A 162 34.89 -32.17 23.13
N PHE A 163 34.53 -33.19 22.36
CA PHE A 163 35.43 -34.30 22.12
C PHE A 163 35.77 -34.54 20.64
N ASP A 164 36.04 -33.49 19.88
CA ASP A 164 36.39 -33.59 18.47
C ASP A 164 37.83 -33.99 18.25
N LYS A 165 38.07 -35.19 17.72
CA LYS A 165 39.43 -35.66 17.42
C LYS A 165 40.09 -34.84 16.31
N SER A 166 39.37 -34.48 15.26
CA SER A 166 39.85 -33.59 14.19
C SER A 166 38.99 -32.34 14.23
N GLU A 167 39.48 -31.23 13.70
CA GLU A 167 38.78 -29.95 13.74
C GLU A 167 37.39 -30.06 13.05
N PRO A 168 36.28 -29.78 13.75
CA PRO A 168 34.93 -29.88 13.18
C PRO A 168 34.68 -28.74 12.18
N LEU A 169 33.64 -28.87 11.35
CA LEU A 169 33.30 -27.84 10.37
C LEU A 169 32.96 -26.52 11.09
N CYS A 170 33.67 -25.43 10.77
CA CYS A 170 33.43 -24.10 11.32
C CYS A 170 33.08 -23.10 10.21
N LEU A 171 32.09 -22.23 10.45
CA LEU A 171 31.66 -21.19 9.50
C LEU A 171 32.24 -19.80 9.82
N PHE A 172 32.80 -19.63 11.02
CA PHE A 172 33.54 -18.45 11.44
C PHE A 172 34.62 -18.83 12.45
N LYS A 173 35.81 -18.21 12.34
CA LYS A 173 36.92 -18.40 13.28
C LYS A 173 37.68 -17.08 13.45
N LYS A 174 37.75 -16.53 14.66
CA LYS A 174 38.66 -15.42 14.97
C LYS A 174 39.02 -15.34 16.46
N ASN A 175 40.21 -14.81 16.70
CA ASN A 175 40.72 -14.43 17.99
C ASN A 175 40.69 -12.92 18.10
N PHE A 176 40.30 -12.44 19.28
CA PHE A 176 40.23 -11.02 19.57
C PHE A 176 41.05 -10.76 20.80
N THR A 177 41.55 -9.57 21.00
CA THR A 177 42.38 -9.28 22.16
C THR A 177 41.67 -8.37 23.12
N TYR A 178 41.80 -8.55 24.43
CA TYR A 178 41.18 -7.68 25.43
C TYR A 178 42.20 -7.29 26.49
N ASN A 179 42.02 -6.13 27.10
CA ASN A 179 42.96 -5.68 28.11
C ASN A 179 42.82 -6.53 29.34
N VAL A 180 43.84 -7.30 29.69
CA VAL A 180 43.81 -8.16 30.86
C VAL A 180 43.65 -7.42 32.13
N SER A 181 44.08 -6.18 32.25
CA SER A 181 43.88 -5.48 33.49
C SER A 181 42.46 -5.01 33.74
N THR A 182 41.54 -5.05 32.78
CA THR A 182 40.16 -4.57 32.95
C THR A 182 39.40 -5.31 33.98
N ASP A 183 38.47 -4.68 34.68
CA ASP A 183 37.68 -5.36 35.68
C ASP A 183 36.44 -5.99 35.12
N TRP A 184 35.86 -5.46 34.05
CA TRP A 184 34.63 -5.98 33.50
C TRP A 184 34.68 -6.08 32.01
N LEU A 185 34.09 -7.11 31.43
CA LEU A 185 33.87 -7.22 30.00
C LEU A 185 32.39 -7.26 29.75
N TYR A 186 31.93 -6.72 28.62
CA TYR A 186 30.53 -6.71 28.27
C TYR A 186 30.35 -7.30 26.93
N PHE A 187 29.34 -8.15 26.74
CA PHE A 187 29.10 -8.87 25.48
C PHE A 187 27.64 -8.77 25.07
N HIS A 188 27.33 -8.53 23.79
CA HIS A 188 25.98 -8.59 23.28
C HIS A 188 25.89 -9.78 22.39
N PHE A 189 24.98 -10.70 22.61
CA PHE A 189 24.77 -11.82 21.69
C PHE A 189 23.30 -11.87 21.34
N TYR A 190 22.94 -11.83 20.07
CA TYR A 190 21.56 -11.93 19.65
C TYR A 190 21.49 -12.43 18.24
N GLN A 191 20.31 -12.87 17.85
CA GLN A 191 20.07 -13.37 16.52
C GLN A 191 18.97 -12.58 15.88
N GLU A 192 18.95 -12.46 14.58
CA GLU A 192 17.96 -11.68 13.86
C GLU A 192 17.86 -12.23 12.47
N ARG A 193 16.70 -12.72 12.06
CA ARG A 193 16.50 -13.30 10.73
C ARG A 193 17.51 -14.38 10.40
N GLY A 194 17.83 -15.23 11.36
CA GLY A 194 18.77 -16.31 11.14
C GLY A 194 20.22 -15.89 11.14
N THR A 195 20.56 -14.65 11.38
CA THR A 195 21.94 -14.19 11.47
C THR A 195 22.33 -13.96 12.90
N PHE A 196 23.41 -14.56 13.38
CA PHE A 196 23.90 -14.33 14.73
C PHE A 196 24.83 -13.12 14.75
N TYR A 197 24.72 -12.29 15.79
CA TYR A 197 25.54 -11.12 15.98
C TYR A 197 26.21 -11.14 17.34
N ALA A 198 27.44 -10.67 17.40
CA ALA A 198 28.21 -10.60 18.62
C ALA A 198 28.88 -9.24 18.77
N TYR A 199 28.91 -8.68 19.98
CA TYR A 199 29.61 -7.46 20.28
C TYR A 199 30.32 -7.61 21.58
N TYR A 200 31.43 -6.94 21.79
CA TYR A 200 32.16 -7.02 23.01
C TYR A 200 32.85 -5.74 23.34
N ALA A 201 33.18 -5.53 24.57
CA ALA A 201 33.96 -4.41 25.03
C ALA A 201 34.57 -4.79 26.35
N ASP A 202 35.59 -4.09 26.76
CA ASP A 202 36.27 -4.36 28.01
C ASP A 202 36.47 -3.11 28.83
N SER A 203 36.12 -1.95 28.33
CA SER A 203 36.34 -0.71 29.05
C SER A 203 35.10 -0.14 29.74
N GLY A 204 33.96 -0.83 29.77
CA GLY A 204 32.75 -0.25 30.38
C GLY A 204 32.22 0.89 29.54
N MET A 205 31.82 0.57 28.34
CA MET A 205 31.39 1.48 27.30
C MET A 205 30.55 0.71 26.28
N PRO A 206 29.95 1.35 25.29
CA PRO A 206 29.17 0.67 24.28
C PRO A 206 29.99 -0.43 23.65
N THR A 207 29.45 -1.62 23.53
CA THR A 207 30.22 -2.73 23.00
C THR A 207 30.50 -2.53 21.54
N THR A 208 31.66 -2.97 21.08
CA THR A 208 32.13 -2.88 19.71
C THR A 208 31.79 -4.13 18.96
N PHE A 209 31.62 -4.06 17.66
CA PHE A 209 31.23 -5.18 16.87
C PHE A 209 32.25 -6.30 16.78
N LEU A 210 31.90 -7.56 17.07
CA LEU A 210 32.82 -8.68 16.88
C LEU A 210 32.65 -9.21 15.45
N PHE A 211 31.50 -9.83 15.16
CA PHE A 211 31.21 -10.45 13.88
C PHE A 211 29.72 -10.73 13.69
N SER A 212 29.37 -10.99 12.44
CA SER A 212 28.06 -11.45 11.98
C SER A 212 28.22 -12.82 11.34
N LEU A 213 27.31 -13.75 11.62
CA LEU A 213 27.37 -15.10 11.07
C LEU A 213 25.98 -15.54 10.64
N TYR A 214 25.75 -15.71 9.34
CA TYR A 214 24.46 -16.14 8.86
C TYR A 214 24.30 -17.63 9.09
N LEU A 215 23.42 -18.08 9.99
CA LEU A 215 23.21 -19.51 10.22
C LEU A 215 21.95 -20.06 9.54
N GLY A 216 20.92 -19.25 9.29
CA GLY A 216 19.68 -19.79 8.75
C GLY A 216 19.01 -20.75 9.71
N THR A 217 19.30 -20.62 11.00
CA THR A 217 18.83 -21.49 12.07
C THR A 217 18.47 -20.69 13.29
N LEU A 218 17.66 -21.21 14.18
CA LEU A 218 17.32 -20.51 15.41
C LEU A 218 18.20 -20.99 16.53
N LEU A 219 19.05 -20.12 17.05
CA LEU A 219 19.84 -20.41 18.24
C LEU A 219 18.83 -20.57 19.39
N SER A 220 18.50 -21.82 19.76
CA SER A 220 17.56 -22.07 20.81
C SER A 220 18.07 -21.88 22.22
N HIS A 221 19.25 -22.32 22.61
CA HIS A 221 19.67 -22.29 24.01
C HIS A 221 21.06 -21.76 24.20
N TYR A 222 21.44 -21.37 25.39
CA TYR A 222 22.79 -20.95 25.71
C TYR A 222 23.11 -21.43 27.10
N TYR A 223 24.35 -21.60 27.45
CA TYR A 223 24.71 -22.08 28.77
C TYR A 223 26.11 -21.61 29.06
N VAL A 224 26.40 -21.19 30.28
CA VAL A 224 27.72 -20.74 30.68
C VAL A 224 28.47 -21.92 31.23
N LEU A 225 29.58 -22.30 30.58
CA LEU A 225 30.37 -23.47 30.96
C LEU A 225 31.00 -23.29 32.36
N PRO A 226 30.85 -24.26 33.28
CA PRO A 226 31.47 -24.22 34.57
C PRO A 226 32.98 -24.15 34.45
N LEU A 227 33.66 -23.52 35.39
CA LEU A 227 35.10 -23.40 35.41
C LEU A 227 35.63 -24.05 36.67
N THR A 228 36.74 -24.77 36.60
CA THR A 228 37.31 -25.42 37.77
C THR A 228 38.78 -25.10 37.99
N CYS A 229 39.14 -24.56 39.14
CA CYS A 229 40.52 -24.34 39.54
C CYS A 229 40.70 -24.92 40.92
N ASN A 230 41.94 -25.01 41.36
CA ASN A 230 42.26 -25.30 42.74
C ASN A 230 42.25 -23.99 43.56
N ALA A 231 41.84 -22.87 42.96
CA ALA A 231 41.80 -21.56 43.57
C ALA A 231 40.44 -20.91 43.39
N ILE A 232 40.31 -19.60 43.37
CA ILE A 232 39.04 -18.91 43.20
C ILE A 232 38.01 -19.32 44.23
N SER A 233 38.28 -19.11 45.50
CA SER A 233 37.33 -19.41 46.56
C SER A 233 37.69 -18.72 47.86
N SER A 234 36.75 -18.66 48.78
CA SER A 234 36.93 -18.00 50.05
C SER A 234 38.06 -18.56 50.89
N ASN A 235 38.27 -19.86 50.90
CA ASN A 235 39.33 -20.46 51.69
C ASN A 235 40.71 -20.36 51.05
N THR A 236 40.91 -19.62 49.97
CA THR A 236 42.22 -19.59 49.31
C THR A 236 42.65 -18.26 48.72
N ASP A 237 41.79 -17.50 48.10
CA ASP A 237 42.18 -16.22 47.52
C ASP A 237 41.09 -15.17 47.54
N ASN A 238 39.89 -15.52 47.96
CA ASN A 238 38.75 -14.64 47.97
C ASN A 238 38.37 -14.11 46.58
N GLU A 239 38.91 -14.64 45.49
CA GLU A 239 38.45 -14.22 44.19
C GLU A 239 37.21 -14.97 43.81
N THR A 240 36.47 -14.47 42.83
CA THR A 240 35.27 -15.14 42.39
C THR A 240 34.93 -14.82 40.97
N LEU A 241 34.43 -15.80 40.23
CA LEU A 241 33.92 -15.59 38.89
C LEU A 241 32.59 -14.92 38.98
N GLN A 242 32.23 -14.12 38.00
CA GLN A 242 30.90 -13.56 37.91
C GLN A 242 30.58 -13.45 36.46
N TYR A 243 29.39 -13.81 36.06
CA TYR A 243 28.97 -13.79 34.68
C TYR A 243 27.53 -13.39 34.62
N TRP A 244 27.27 -12.11 34.75
CA TRP A 244 25.94 -11.56 34.74
C TRP A 244 25.35 -11.64 33.37
N VAL A 245 24.12 -12.09 33.28
CA VAL A 245 23.39 -12.19 32.02
C VAL A 245 22.03 -11.56 32.15
N THR A 246 21.63 -10.75 31.19
CA THR A 246 20.30 -10.15 31.14
C THR A 246 19.72 -10.38 29.76
N PRO A 247 18.43 -10.66 29.59
CA PRO A 247 17.88 -10.92 28.29
C PRO A 247 17.75 -9.67 27.45
N LEU A 248 17.78 -9.82 26.14
CA LEU A 248 17.61 -8.73 25.18
C LEU A 248 16.19 -8.74 24.65
N SER A 249 15.81 -7.68 23.95
CA SER A 249 14.52 -7.56 23.31
C SER A 249 14.64 -6.53 22.23
N LYS A 250 13.90 -6.68 21.15
CA LYS A 250 13.83 -5.74 20.04
C LYS A 250 13.20 -4.46 20.55
N ARG A 251 13.94 -3.40 20.75
CA ARG A 251 13.42 -2.14 21.25
C ARG A 251 14.06 -0.97 20.56
N GLN A 252 13.57 0.21 20.84
CA GLN A 252 13.99 1.44 20.20
C GLN A 252 14.84 2.25 21.13
N TYR A 253 16.00 2.68 20.68
CA TYR A 253 16.93 3.46 21.49
C TYR A 253 17.38 4.70 20.76
N LEU A 254 17.70 5.73 21.50
CA LEU A 254 18.17 7.00 20.99
C LEU A 254 19.63 7.05 21.33
N LEU A 255 20.50 7.00 20.35
CA LEU A 255 21.93 7.03 20.56
C LEU A 255 22.50 8.40 20.23
N LYS A 256 23.37 9.00 21.03
CA LYS A 256 23.97 10.28 20.70
C LYS A 256 25.44 10.11 20.46
N PHE A 257 25.94 10.54 19.31
CA PHE A 257 27.33 10.51 18.93
C PHE A 257 27.90 11.89 18.87
N ASP A 258 29.02 12.16 19.50
CA ASP A 258 29.67 13.46 19.44
C ASP A 258 30.67 13.46 18.29
N ASN A 259 31.56 14.43 18.21
CA ASN A 259 32.61 14.41 17.20
C ASN A 259 33.45 13.17 17.43
N ARG A 260 34.20 12.68 16.45
CA ARG A 260 34.95 11.42 16.56
C ARG A 260 34.04 10.21 16.64
N GLY A 261 32.74 10.40 16.77
CA GLY A 261 31.77 9.34 16.78
C GLY A 261 31.74 8.43 17.97
N VAL A 262 31.83 8.88 19.22
CA VAL A 262 31.73 7.96 20.36
C VAL A 262 30.40 8.14 21.03
N ILE A 263 29.74 7.08 21.46
CA ILE A 263 28.41 7.21 22.01
C ILE A 263 28.52 7.84 23.36
N THR A 264 28.06 9.06 23.52
CA THR A 264 28.11 9.76 24.80
C THR A 264 26.90 9.49 25.66
N ASN A 265 25.72 9.32 25.06
CA ASN A 265 24.50 9.07 25.76
C ASN A 265 23.61 8.13 25.00
N ALA A 266 22.72 7.46 25.68
CA ALA A 266 21.76 6.58 25.08
C ALA A 266 20.45 6.62 25.87
N VAL A 267 19.31 6.36 25.25
CA VAL A 267 18.03 6.40 25.94
C VAL A 267 17.19 5.21 25.58
N ASP A 268 16.54 4.56 26.54
CA ASP A 268 15.61 3.46 26.26
C ASP A 268 14.25 4.08 26.10
N CYS A 269 13.75 4.20 24.87
CA CYS A 269 12.54 4.94 24.64
C CYS A 269 11.32 4.44 25.35
N SER A 270 11.12 3.16 25.49
CA SER A 270 9.95 2.64 26.18
C SER A 270 10.13 2.56 27.69
N SER A 271 11.24 3.00 28.25
CA SER A 271 11.47 2.87 29.67
C SER A 271 10.63 3.78 30.52
N SER A 272 10.46 5.04 30.14
CA SER A 272 9.67 5.98 30.92
C SER A 272 9.15 7.11 30.08
N PHE A 273 8.28 7.92 30.65
CA PHE A 273 7.66 8.97 29.90
C PHE A 273 8.69 9.93 29.43
N PHE A 274 9.64 10.36 30.22
CA PHE A 274 10.60 11.30 29.70
C PHE A 274 11.41 10.65 28.61
N SER A 275 11.67 9.36 28.68
CA SER A 275 12.39 8.70 27.61
C SER A 275 11.57 8.70 26.35
N GLU A 276 10.26 8.55 26.43
CA GLU A 276 9.48 8.60 25.21
C GLU A 276 9.55 9.97 24.57
N ILE A 277 9.50 11.03 25.34
CA ILE A 277 9.59 12.38 24.83
C ILE A 277 10.93 12.58 24.18
N GLN A 278 12.01 12.12 24.78
CA GLN A 278 13.34 12.25 24.22
C GLN A 278 13.44 11.54 22.92
N CYS A 279 12.82 10.39 22.77
CA CYS A 279 12.89 9.71 21.51
C CYS A 279 12.00 10.33 20.43
N LYS A 280 10.82 10.87 20.78
CA LYS A 280 9.93 11.54 19.81
C LYS A 280 10.64 12.72 19.22
N THR A 281 11.33 13.48 20.02
CA THR A 281 12.04 14.63 19.54
C THR A 281 13.44 14.35 19.10
N LYS A 282 13.93 13.10 19.18
CA LYS A 282 15.31 12.73 18.85
C LYS A 282 16.31 13.73 19.47
N SER A 283 16.11 14.10 20.74
CA SER A 283 16.99 15.02 21.41
C SER A 283 17.15 14.66 22.85
N LEU A 284 18.35 14.77 23.36
CA LEU A 284 18.63 14.42 24.72
C LEU A 284 17.91 15.29 25.70
N LEU A 285 17.81 16.57 25.38
CA LEU A 285 17.02 17.53 26.10
C LEU A 285 15.92 18.02 25.17
N PRO A 286 14.70 17.52 25.27
CA PRO A 286 13.66 17.84 24.31
C PRO A 286 13.23 19.27 24.44
N ASN A 287 12.66 19.85 23.41
CA ASN A 287 12.13 21.18 23.54
C ASN A 287 11.02 21.23 24.57
N THR A 288 10.83 22.39 25.17
CA THR A 288 9.71 22.64 26.04
C THR A 288 8.44 22.45 25.26
N GLY A 289 7.48 21.74 25.79
CA GLY A 289 6.26 21.54 25.03
C GLY A 289 5.34 20.61 25.74
N VAL A 290 4.26 20.29 25.06
CA VAL A 290 3.30 19.27 25.46
C VAL A 290 3.28 18.11 24.47
N TYR A 291 3.50 16.91 24.95
CA TYR A 291 3.71 15.73 24.16
C TYR A 291 2.68 14.70 24.48
N ASP A 292 2.03 14.15 23.49
CA ASP A 292 1.11 13.09 23.74
C ASP A 292 1.83 11.78 23.76
N LEU A 293 2.02 11.23 24.94
CA LEU A 293 2.70 9.97 25.13
C LEU A 293 1.77 8.80 25.15
N SER A 294 2.28 7.69 24.68
CA SER A 294 1.51 6.49 24.51
C SER A 294 1.02 5.95 25.85
N GLY A 295 -0.27 5.71 25.93
CA GLY A 295 -0.96 5.22 27.11
C GLY A 295 -0.79 3.72 27.19
N PHE A 296 0.37 3.30 27.67
CA PHE A 296 0.84 1.91 27.65
C PHE A 296 -0.26 0.94 28.14
N THR A 297 -0.64 -0.09 27.37
CA THR A 297 -1.79 -0.92 27.75
C THR A 297 -1.28 -2.13 28.53
N VAL A 298 -1.56 -2.20 29.85
CA VAL A 298 -1.16 -3.37 30.64
C VAL A 298 -1.90 -4.59 30.09
N LYS A 299 -1.17 -5.70 29.90
CA LYS A 299 -1.70 -6.92 29.27
C LYS A 299 -2.86 -7.50 30.10
N PRO A 300 -3.92 -8.05 29.49
CA PRO A 300 -5.08 -8.56 30.22
C PRO A 300 -4.68 -9.58 31.30
N VAL A 301 -5.37 -9.55 32.44
CA VAL A 301 -4.99 -10.28 33.66
C VAL A 301 -5.55 -11.71 33.73
N ALA A 302 -6.57 -12.01 32.92
CA ALA A 302 -7.21 -13.31 32.82
C ALA A 302 -7.85 -13.48 31.43
N THR A 303 -8.20 -14.73 31.07
CA THR A 303 -8.85 -15.07 29.80
C THR A 303 -10.19 -15.76 30.04
N VAL A 304 -11.15 -15.57 29.13
CA VAL A 304 -12.47 -16.19 29.18
C VAL A 304 -12.82 -16.76 27.81
N HIS A 305 -13.15 -18.04 27.72
CA HIS A 305 -13.63 -18.63 26.47
C HIS A 305 -14.97 -19.32 26.68
N ARG A 306 -15.80 -19.26 25.64
CA ARG A 306 -17.08 -19.98 25.54
C ARG A 306 -17.24 -20.54 24.13
N ARG A 307 -17.83 -21.73 24.04
CA ARG A 307 -18.47 -22.26 22.84
C ARG A 307 -19.61 -23.20 23.23
N ILE A 308 -20.66 -23.27 22.42
CA ILE A 308 -21.71 -24.27 22.61
C ILE A 308 -21.13 -25.65 22.22
N PRO A 309 -21.26 -26.69 23.06
CA PRO A 309 -20.89 -28.06 22.68
C PRO A 309 -21.65 -28.49 21.41
N ASP A 310 -20.94 -28.77 20.33
CA ASP A 310 -21.53 -28.94 19.01
C ASP A 310 -22.33 -30.24 18.90
N LEU A 311 -21.72 -31.35 19.35
CA LEU A 311 -22.40 -32.61 19.63
C LEU A 311 -22.74 -32.71 21.14
N PRO A 312 -23.84 -33.40 21.50
CA PRO A 312 -24.32 -33.46 22.88
C PRO A 312 -23.42 -34.31 23.78
N ASP A 313 -23.62 -34.19 25.09
CA ASP A 313 -22.91 -35.03 26.06
C ASP A 313 -23.32 -36.50 25.93
N CYS A 314 -22.37 -37.43 26.05
CA CYS A 314 -22.62 -38.86 25.96
C CYS A 314 -23.47 -39.40 27.13
N ASP A 315 -23.39 -38.78 28.32
CA ASP A 315 -24.05 -39.26 29.54
C ASP A 315 -23.72 -40.73 29.88
N ILE A 316 -22.44 -41.12 29.79
CA ILE A 316 -22.02 -42.48 30.12
C ILE A 316 -22.40 -42.83 31.55
N ASP A 317 -22.31 -41.85 32.46
CA ASP A 317 -22.65 -42.10 33.86
C ASP A 317 -24.11 -42.46 34.02
N LYS A 318 -25.01 -41.83 33.26
CA LYS A 318 -26.45 -42.03 33.41
C LYS A 318 -26.87 -43.44 32.99
N TRP A 319 -26.05 -44.13 32.19
CA TRP A 319 -26.31 -45.53 31.86
C TRP A 319 -25.50 -46.49 32.72
N LEU A 320 -24.27 -46.14 33.11
CA LEU A 320 -23.47 -46.95 34.05
C LEU A 320 -24.12 -46.98 35.43
N ASN A 321 -24.82 -45.93 35.85
CA ASN A 321 -25.46 -45.89 37.15
C ASN A 321 -26.88 -46.44 37.13
N ASN A 322 -27.36 -46.95 35.99
CA ASN A 322 -28.69 -47.54 35.91
C ASN A 322 -28.78 -48.72 36.88
N PHE A 323 -29.79 -48.71 37.75
CA PHE A 323 -29.92 -49.69 38.83
C PHE A 323 -30.31 -51.07 38.33
N ASN A 324 -30.87 -51.18 37.12
CA ASN A 324 -31.22 -52.47 36.54
C ASN A 324 -30.05 -53.02 35.72
N VAL A 325 -28.97 -53.33 36.44
CA VAL A 325 -27.75 -53.92 35.88
C VAL A 325 -28.02 -55.35 35.36
N PRO A 326 -27.46 -55.73 34.21
CA PRO A 326 -27.56 -57.08 33.70
C PRO A 326 -26.58 -58.03 34.39
N SER A 327 -26.84 -59.32 34.25
CA SER A 327 -25.85 -60.33 34.61
C SER A 327 -24.88 -60.55 33.46
N PRO A 328 -23.71 -61.13 33.74
CA PRO A 328 -22.78 -61.46 32.64
C PRO A 328 -23.39 -62.40 31.61
N LEU A 329 -24.38 -63.20 32.01
CA LEU A 329 -25.08 -64.06 31.05
C LEU A 329 -25.82 -63.23 30.01
N ASN A 330 -26.45 -62.14 30.44
CA ASN A 330 -27.24 -61.29 29.55
C ASN A 330 -26.64 -59.89 29.50
N TRP A 331 -25.33 -59.80 29.32
CA TRP A 331 -24.63 -58.53 29.33
C TRP A 331 -25.21 -57.57 28.31
N GLU A 332 -25.39 -56.31 28.72
CA GLU A 332 -25.89 -55.27 27.85
C GLU A 332 -24.74 -54.59 27.12
N ARG A 333 -25.05 -54.04 25.95
CA ARG A 333 -24.05 -53.36 25.12
C ARG A 333 -24.64 -52.04 24.64
N LYS A 334 -23.91 -50.95 24.88
CA LYS A 334 -24.30 -49.62 24.43
C LYS A 334 -23.14 -48.98 23.71
N ILE A 335 -23.42 -48.37 22.57
CA ILE A 335 -22.43 -47.71 21.71
C ILE A 335 -22.56 -46.20 21.89
N PHE A 336 -21.50 -45.53 22.34
CA PHE A 336 -21.47 -44.08 22.48
C PHE A 336 -20.73 -43.50 21.28
N SER A 337 -21.48 -43.13 20.22
CA SER A 337 -21.04 -42.59 18.92
C SER A 337 -21.58 -41.17 18.74
N ASN A 338 -20.77 -40.29 18.13
CA ASN A 338 -21.12 -38.89 17.86
C ASN A 338 -21.58 -38.12 19.12
N CYS A 339 -20.81 -38.17 20.21
CA CYS A 339 -21.12 -37.48 21.48
C CYS A 339 -19.85 -37.08 22.25
N ASN A 340 -19.94 -36.14 23.20
CA ASN A 340 -18.81 -35.63 23.99
C ASN A 340 -18.83 -36.10 25.45
N PHE A 341 -17.68 -36.39 26.05
CA PHE A 341 -17.60 -36.93 27.43
C PHE A 341 -16.42 -36.39 28.23
N ASN A 342 -16.47 -36.53 29.56
CA ASN A 342 -15.36 -36.20 30.46
C ASN A 342 -15.16 -37.37 31.41
N LEU A 343 -14.13 -38.18 31.15
CA LEU A 343 -13.86 -39.33 32.00
C LEU A 343 -13.49 -38.92 33.43
N SER A 344 -12.92 -37.73 33.61
CA SER A 344 -12.61 -37.27 34.97
C SER A 344 -13.87 -37.13 35.81
N THR A 345 -14.90 -36.49 35.25
CA THR A 345 -16.18 -36.41 35.95
C THR A 345 -16.91 -37.75 35.93
N LEU A 346 -16.74 -38.53 34.85
CA LEU A 346 -17.40 -39.83 34.75
C LEU A 346 -16.99 -40.75 35.88
N LEU A 347 -15.69 -40.81 36.18
CA LEU A 347 -15.23 -41.69 37.26
C LEU A 347 -15.78 -41.25 38.61
N ARG A 348 -15.87 -39.95 38.84
CA ARG A 348 -16.47 -39.45 40.07
C ARG A 348 -17.95 -39.84 40.15
N LEU A 349 -18.67 -39.74 39.04
CA LEU A 349 -20.11 -40.00 39.04
C LEU A 349 -20.46 -41.48 39.11
N VAL A 350 -19.55 -42.40 38.75
CA VAL A 350 -19.81 -43.85 38.82
C VAL A 350 -19.19 -44.54 40.04
N HIS A 351 -18.43 -43.80 40.87
CA HIS A 351 -17.69 -44.34 42.03
C HIS A 351 -16.75 -45.48 41.60
N THR A 352 -15.73 -45.14 40.81
CA THR A 352 -14.82 -46.12 40.22
C THR A 352 -14.05 -46.88 41.30
N ASP A 353 -13.92 -48.19 41.17
CA ASP A 353 -13.06 -49.04 42.03
C ASP A 353 -11.69 -49.29 41.41
N SER A 354 -11.59 -49.41 40.08
CA SER A 354 -10.31 -49.64 39.42
C SER A 354 -10.46 -49.35 37.93
N PHE A 355 -9.46 -48.68 37.36
CA PHE A 355 -9.46 -48.35 35.93
C PHE A 355 -8.14 -48.79 35.33
N SER A 356 -8.22 -49.61 34.28
CA SER A 356 -7.04 -50.04 33.55
C SER A 356 -7.40 -50.16 32.07
N CYS A 357 -6.41 -49.96 31.23
CA CYS A 357 -6.60 -49.99 29.78
C CYS A 357 -5.65 -51.00 29.14
N ASN A 358 -6.16 -51.68 28.12
CA ASN A 358 -5.39 -52.66 27.36
C ASN A 358 -5.16 -52.12 25.95
N ASN A 359 -3.92 -52.20 25.48
CA ASN A 359 -3.49 -51.60 24.22
C ASN A 359 -3.78 -50.10 24.16
N PHE A 360 -3.87 -49.45 25.32
CA PHE A 360 -4.19 -48.04 25.41
C PHE A 360 -3.82 -47.57 26.82
N ASP A 361 -3.90 -46.26 27.03
CA ASP A 361 -3.59 -45.68 28.33
C ASP A 361 -4.70 -44.70 28.72
N GLU A 362 -4.92 -44.59 30.03
CA GLU A 362 -5.96 -43.68 30.52
C GLU A 362 -5.61 -42.23 30.25
N SER A 363 -4.32 -41.91 30.17
CA SER A 363 -3.92 -40.53 29.93
C SER A 363 -4.36 -40.03 28.56
N LYS A 364 -4.26 -40.88 27.54
CA LYS A 364 -4.59 -40.47 26.18
C LYS A 364 -6.09 -40.45 25.92
N ILE A 365 -6.91 -40.95 26.86
CA ILE A 365 -8.36 -40.78 26.74
C ILE A 365 -8.72 -39.31 26.76
N TYR A 366 -8.03 -38.53 27.60
CA TYR A 366 -8.32 -37.10 27.72
C TYR A 366 -8.11 -36.40 26.39
N GLY A 367 -9.08 -35.56 26.01
CA GLY A 367 -8.97 -34.75 24.82
C GLY A 367 -8.87 -35.52 23.51
N SER A 368 -9.28 -36.78 23.49
CA SER A 368 -9.17 -37.59 22.28
C SER A 368 -10.56 -37.92 21.72
N CYS A 369 -10.60 -38.13 20.41
CA CYS A 369 -11.83 -38.45 19.70
C CYS A 369 -11.80 -39.92 19.29
N PHE A 370 -12.99 -40.49 19.06
CA PHE A 370 -13.20 -41.87 18.64
C PHE A 370 -14.33 -42.04 17.59
N LYS A 371 -14.22 -43.03 16.71
CA LYS A 371 -15.29 -43.36 15.78
C LYS A 371 -16.52 -43.77 16.57
N SER A 372 -16.37 -44.59 17.59
CA SER A 372 -17.46 -45.04 18.49
C SER A 372 -16.90 -45.71 19.78
N ILE A 373 -17.63 -45.66 20.92
CA ILE A 373 -17.23 -46.31 22.16
C ILE A 373 -18.25 -47.39 22.48
N VAL A 374 -17.83 -48.64 22.42
CA VAL A 374 -18.67 -49.77 22.77
C VAL A 374 -18.48 -50.07 24.24
N LEU A 375 -19.58 -50.12 24.99
CA LEU A 375 -19.53 -50.21 26.45
C LEU A 375 -20.44 -51.34 26.91
N ASP A 376 -19.84 -52.39 27.46
CA ASP A 376 -20.56 -53.53 28.01
C ASP A 376 -20.36 -53.57 29.52
N LYS A 377 -21.48 -53.67 30.25
CA LYS A 377 -21.52 -53.69 31.72
C LYS A 377 -22.26 -54.92 32.24
N PHE A 378 -21.90 -55.39 33.43
CA PHE A 378 -22.67 -56.37 34.21
C PHE A 378 -22.24 -56.40 35.68
N ALA A 379 -23.12 -56.87 36.57
CA ALA A 379 -22.75 -57.12 37.96
C ALA A 379 -21.78 -58.30 38.09
N ILE A 380 -20.97 -58.33 39.14
CA ILE A 380 -19.94 -59.37 39.34
C ILE A 380 -20.41 -60.37 40.42
N PRO A 381 -20.50 -61.69 40.14
CA PRO A 381 -20.65 -62.69 41.20
C PRO A 381 -19.35 -62.73 42.04
N ASN A 382 -19.43 -62.42 43.34
CA ASN A 382 -18.25 -62.14 44.20
C ASN A 382 -17.11 -63.17 44.09
N SER A 383 -17.41 -64.47 44.18
CA SER A 383 -16.39 -65.52 44.12
C SER A 383 -15.76 -65.71 42.72
N ARG A 384 -16.35 -65.14 41.66
CA ARG A 384 -15.81 -65.19 40.28
C ARG A 384 -15.05 -63.92 39.87
N ARG A 385 -14.71 -63.01 40.80
CA ARG A 385 -14.01 -61.74 40.50
C ARG A 385 -12.73 -61.92 39.66
N SER A 386 -11.98 -63.02 39.84
CA SER A 386 -10.72 -63.24 39.14
C SER A 386 -10.92 -63.64 37.68
N ASP A 387 -12.13 -64.02 37.27
CA ASP A 387 -12.36 -64.45 35.90
C ASP A 387 -12.23 -63.28 34.92
N LEU A 388 -12.57 -62.06 35.35
CA LEU A 388 -12.61 -60.90 34.47
C LEU A 388 -11.22 -60.37 34.11
N GLN A 389 -10.15 -61.07 34.45
CA GLN A 389 -8.80 -60.62 34.15
C GLN A 389 -8.41 -61.06 32.74
N LEU A 390 -7.61 -60.22 32.08
CA LEU A 390 -7.21 -60.48 30.70
C LEU A 390 -6.41 -61.77 30.61
N GLY A 391 -6.74 -62.60 29.62
CA GLY A 391 -6.06 -63.86 29.42
C GLY A 391 -6.50 -64.98 30.31
N SER A 392 -7.48 -64.76 31.19
CA SER A 392 -7.94 -65.80 32.10
C SER A 392 -8.95 -66.70 31.41
N SER A 393 -8.86 -67.99 31.71
CA SER A 393 -9.82 -68.98 31.22
C SER A 393 -10.93 -69.26 32.21
N GLY A 394 -11.31 -68.27 33.02
CA GLY A 394 -12.34 -68.47 34.01
C GLY A 394 -13.71 -68.64 33.39
N PHE A 395 -14.68 -68.95 34.25
CA PHE A 395 -16.03 -69.25 33.78
C PHE A 395 -16.67 -68.05 33.10
N LEU A 396 -16.48 -66.85 33.65
CA LEU A 396 -17.09 -65.65 33.08
C LEU A 396 -16.57 -65.38 31.67
N GLN A 397 -15.26 -65.49 31.48
CA GLN A 397 -14.70 -65.28 30.15
C GLN A 397 -14.93 -66.46 29.21
N SER A 398 -14.99 -67.68 29.73
CA SER A 398 -15.16 -68.85 28.89
C SER A 398 -16.60 -69.02 28.41
N SER A 399 -17.58 -68.58 29.20
CA SER A 399 -18.98 -68.86 28.88
C SER A 399 -19.92 -67.67 29.00
N ASN A 400 -19.49 -66.54 29.56
CA ASN A 400 -20.38 -65.40 29.73
C ASN A 400 -19.99 -64.22 28.87
N TYR A 401 -18.75 -63.74 28.97
CA TYR A 401 -18.33 -62.58 28.18
C TYR A 401 -16.81 -62.62 28.03
N LYS A 402 -16.33 -62.77 26.80
CA LYS A 402 -14.91 -62.80 26.52
C LYS A 402 -14.42 -61.39 26.20
N ILE A 403 -13.44 -60.91 26.95
CA ILE A 403 -12.85 -59.60 26.71
C ILE A 403 -11.78 -59.74 25.65
N ASP A 404 -11.90 -58.95 24.58
CA ASP A 404 -10.94 -59.01 23.47
C ASP A 404 -9.65 -58.33 23.89
N THR A 405 -8.56 -59.10 23.96
CA THR A 405 -7.26 -58.56 24.34
C THR A 405 -6.49 -58.00 23.16
N THR A 406 -6.92 -58.27 21.94
CA THR A 406 -6.23 -57.76 20.75
C THR A 406 -6.57 -56.32 20.44
N SER A 407 -7.80 -55.89 20.69
CA SER A 407 -8.23 -54.53 20.42
C SER A 407 -7.94 -53.64 21.62
N SER A 408 -7.86 -52.33 21.36
CA SER A 408 -7.65 -51.35 22.40
C SER A 408 -8.88 -51.32 23.32
N SER A 409 -8.72 -51.81 24.54
CA SER A 409 -9.82 -51.93 25.48
C SER A 409 -9.42 -51.36 26.83
N CYS A 410 -10.42 -50.92 27.59
CA CYS A 410 -10.23 -50.45 28.96
C CYS A 410 -11.26 -51.11 29.86
N GLN A 411 -10.79 -51.59 31.01
CA GLN A 411 -11.63 -52.31 31.97
C GLN A 411 -11.86 -51.41 33.17
N LEU A 412 -13.12 -51.19 33.53
CA LEU A 412 -13.56 -50.36 34.64
C LEU A 412 -14.31 -51.25 35.64
N TYR A 413 -13.86 -51.26 36.90
CA TYR A 413 -14.56 -51.87 38.02
C TYR A 413 -15.18 -50.74 38.86
N TYR A 414 -16.39 -50.90 39.35
CA TYR A 414 -17.10 -49.85 40.12
C TYR A 414 -18.16 -50.47 41.04
N SER A 415 -18.83 -49.66 41.86
CA SER A 415 -19.95 -50.16 42.66
C SER A 415 -21.08 -49.16 42.87
N LEU A 416 -22.30 -49.68 43.04
CA LEU A 416 -23.53 -48.92 43.25
C LEU A 416 -24.22 -49.36 44.55
N PRO A 417 -24.98 -48.50 45.24
CA PRO A 417 -25.62 -48.83 46.52
C PRO A 417 -26.59 -50.01 46.38
N ALA A 418 -26.38 -51.06 47.18
CA ALA A 418 -27.09 -52.33 47.01
C ALA A 418 -28.60 -52.23 47.25
N ILE A 419 -29.05 -51.24 48.03
CA ILE A 419 -30.47 -50.98 48.25
C ILE A 419 -31.23 -50.54 46.99
N ASN A 420 -30.56 -50.09 45.92
CA ASN A 420 -31.22 -49.69 44.68
C ASN A 420 -30.95 -50.64 43.53
N VAL A 421 -29.80 -51.31 43.52
CA VAL A 421 -29.41 -52.23 42.44
C VAL A 421 -30.28 -53.48 42.47
N THR A 422 -30.91 -53.81 41.33
CA THR A 422 -31.59 -55.08 41.14
C THR A 422 -30.96 -55.79 39.94
N ILE A 423 -30.66 -57.08 40.10
CA ILE A 423 -29.98 -57.84 39.04
C ILE A 423 -31.00 -58.35 38.03
N ASN A 424 -30.77 -58.05 36.75
CA ASN A 424 -31.65 -58.44 35.65
C ASN A 424 -31.14 -59.75 35.06
N ASN A 425 -31.43 -60.84 35.77
CA ASN A 425 -31.00 -62.16 35.32
C ASN A 425 -31.88 -62.64 34.18
N TYR A 426 -31.25 -63.02 33.07
CA TYR A 426 -31.98 -63.45 31.89
C TYR A 426 -31.07 -64.32 31.04
N ASN A 427 -31.67 -65.33 30.39
CA ASN A 427 -30.92 -66.25 29.54
C ASN A 427 -31.11 -65.87 28.09
N PRO A 428 -30.07 -65.42 27.39
CA PRO A 428 -30.23 -65.01 26.00
C PRO A 428 -30.20 -66.15 24.99
N SER A 429 -30.10 -67.40 25.44
CA SER A 429 -30.05 -68.53 24.53
C SER A 429 -31.42 -68.76 23.89
N SER A 430 -31.45 -68.81 22.56
CA SER A 430 -32.73 -69.00 21.87
C SER A 430 -33.22 -70.43 21.98
N TRP A 431 -32.32 -71.41 21.82
CA TRP A 431 -32.73 -72.80 21.88
C TRP A 431 -33.08 -73.27 23.28
N ASN A 432 -32.50 -72.64 24.31
CA ASN A 432 -32.96 -72.90 25.67
C ASN A 432 -34.38 -72.36 25.87
N ARG A 433 -34.66 -71.17 25.36
CA ARG A 433 -36.00 -70.60 25.45
C ARG A 433 -37.02 -71.45 24.69
N ARG A 434 -36.60 -72.03 23.56
CA ARG A 434 -37.52 -72.84 22.76
C ARG A 434 -37.96 -74.10 23.52
N TYR A 435 -37.07 -74.65 24.36
CA TYR A 435 -37.27 -75.96 24.96
C TYR A 435 -37.58 -75.87 26.45
N GLY A 436 -38.40 -74.88 26.85
CA GLY A 436 -39.00 -74.86 28.16
C GLY A 436 -38.40 -73.89 29.15
N PHE A 437 -37.22 -73.35 28.90
CA PHE A 437 -36.61 -72.42 29.85
C PHE A 437 -37.37 -71.11 29.84
N ASN A 438 -37.92 -70.73 31.00
CA ASN A 438 -38.70 -69.49 31.12
C ASN A 438 -37.88 -68.36 31.73
N ASN A 439 -37.37 -68.56 32.95
CA ASN A 439 -36.60 -67.55 33.66
C ASN A 439 -36.04 -68.18 34.93
N PHE A 440 -35.24 -67.39 35.65
CA PHE A 440 -34.70 -67.81 36.93
C PHE A 440 -35.60 -67.34 38.07
N ASN A 441 -35.44 -67.99 39.23
CA ASN A 441 -36.14 -67.63 40.45
C ASN A 441 -35.12 -67.54 41.56
N LEU A 442 -34.48 -66.38 41.67
CA LEU A 442 -33.37 -66.07 42.57
C LEU A 442 -33.64 -64.77 43.32
N SER A 443 -32.76 -64.42 44.26
CA SER A 443 -32.91 -63.22 45.05
C SER A 443 -32.66 -61.96 44.22
N SER A 444 -32.87 -60.81 44.85
CA SER A 444 -32.69 -59.54 44.16
C SER A 444 -31.25 -59.31 43.76
N HIS A 445 -30.30 -59.62 44.67
CA HIS A 445 -28.87 -59.31 44.57
C HIS A 445 -28.02 -60.39 43.89
N SER A 446 -28.59 -61.58 43.67
CA SER A 446 -27.89 -62.74 43.09
C SER A 446 -27.59 -62.54 41.60
N VAL A 447 -26.36 -62.79 41.18
CA VAL A 447 -25.92 -62.71 39.78
C VAL A 447 -25.69 -64.12 39.25
N VAL A 448 -26.40 -64.52 38.19
CA VAL A 448 -26.13 -65.80 37.50
C VAL A 448 -24.85 -65.71 36.67
N TYR A 449 -24.18 -66.84 36.47
CA TYR A 449 -23.14 -67.00 35.46
C TYR A 449 -23.20 -68.39 34.83
N SER A 450 -22.84 -68.50 33.55
CA SER A 450 -22.78 -69.79 32.87
C SER A 450 -21.41 -70.42 33.06
N ARG A 451 -21.39 -71.68 33.48
CA ARG A 451 -20.15 -72.45 33.57
C ARG A 451 -19.77 -73.06 32.24
N TYR A 452 -20.73 -73.71 31.57
CA TYR A 452 -20.51 -74.32 30.26
C TYR A 452 -21.67 -73.92 29.36
N CYS A 453 -21.36 -73.53 28.12
CA CYS A 453 -22.35 -73.16 27.14
C CYS A 453 -22.29 -74.13 25.96
N PHE A 454 -23.46 -74.61 25.54
CA PHE A 454 -23.57 -75.63 24.51
C PHE A 454 -24.23 -75.04 23.27
N SER A 455 -23.59 -75.24 22.12
CA SER A 455 -24.12 -74.80 20.84
C SER A 455 -24.74 -75.98 20.11
N VAL A 456 -25.93 -75.78 19.56
CA VAL A 456 -26.68 -76.84 18.89
C VAL A 456 -27.11 -76.35 17.51
N ASN A 457 -27.38 -77.30 16.64
CA ASN A 457 -27.86 -77.01 15.29
C ASN A 457 -29.34 -76.64 15.32
N ASN A 458 -29.81 -76.07 14.21
CA ASN A 458 -31.22 -75.69 14.10
C ASN A 458 -32.14 -76.90 14.09
N THR A 459 -31.62 -78.08 13.79
CA THR A 459 -32.41 -79.31 13.80
C THR A 459 -32.34 -80.06 15.11
N PHE A 460 -31.63 -79.52 16.10
CA PHE A 460 -31.51 -80.19 17.40
C PHE A 460 -32.84 -80.20 18.13
N CYS A 461 -33.15 -81.34 18.77
CA CYS A 461 -34.32 -81.46 19.59
C CYS A 461 -34.02 -82.51 20.66
N PRO A 462 -34.16 -82.17 21.94
CA PRO A 462 -33.78 -83.13 23.00
C PRO A 462 -34.83 -84.20 23.30
N CYS A 463 -35.99 -84.15 22.65
CA CYS A 463 -37.06 -85.10 22.93
C CYS A 463 -36.97 -86.31 22.03
N ALA A 464 -37.11 -87.50 22.63
CA ALA A 464 -37.10 -88.74 21.88
C ALA A 464 -38.39 -88.93 21.11
N LYS A 465 -38.34 -89.78 20.09
CA LYS A 465 -39.53 -90.05 19.30
C LYS A 465 -40.55 -90.84 20.11
N PRO A 466 -41.83 -90.46 20.06
CA PRO A 466 -42.85 -91.22 20.79
C PRO A 466 -42.92 -92.69 20.40
N SER A 467 -42.75 -92.99 19.11
CA SER A 467 -42.81 -94.37 18.66
C SER A 467 -41.65 -95.18 19.24
N PHE A 468 -40.44 -94.61 19.24
CA PHE A 468 -39.29 -95.30 19.79
C PHE A 468 -39.45 -95.53 21.29
N ALA A 469 -39.95 -94.53 22.00
CA ALA A 469 -40.17 -94.68 23.44
C ALA A 469 -41.22 -95.75 23.72
N SER A 470 -42.30 -95.77 22.94
CA SER A 470 -43.30 -96.82 23.09
C SER A 470 -42.71 -98.19 22.78
N SER A 471 -41.73 -98.24 21.87
CA SER A 471 -41.04 -99.50 21.59
C SER A 471 -40.11 -99.91 22.72
N CYS A 472 -39.67 -98.97 23.55
CA CYS A 472 -38.79 -99.29 24.66
C CYS A 472 -39.58 -99.94 25.80
N LYS A 473 -38.89 -100.79 26.57
CA LYS A 473 -39.46 -101.33 27.78
C LYS A 473 -38.48 -101.33 28.95
N SER A 474 -37.23 -100.92 28.73
CA SER A 474 -36.25 -100.79 29.80
C SER A 474 -35.45 -99.52 29.55
N HIS A 475 -35.28 -98.71 30.60
CA HIS A 475 -34.62 -97.41 30.50
C HIS A 475 -35.26 -96.56 29.39
N LYS A 476 -36.58 -96.54 29.38
CA LYS A 476 -37.32 -95.84 28.34
C LYS A 476 -37.11 -94.34 28.48
N PRO A 477 -36.57 -93.66 27.47
CA PRO A 477 -36.34 -92.22 27.60
C PRO A 477 -37.64 -91.46 27.48
N PRO A 478 -37.73 -90.28 28.08
CA PRO A 478 -38.92 -89.44 27.88
C PRO A 478 -39.04 -89.00 26.42
N SER A 479 -40.28 -88.90 25.96
CA SER A 479 -40.56 -88.57 24.57
C SER A 479 -41.59 -87.45 24.50
N ALA A 480 -41.52 -86.68 23.42
CA ALA A 480 -42.46 -85.60 23.16
C ALA A 480 -42.39 -85.25 21.69
N SER A 481 -43.38 -84.49 21.23
CA SER A 481 -43.44 -84.09 19.83
C SER A 481 -42.45 -82.96 19.58
N CYS A 482 -41.42 -83.25 18.78
CA CYS A 482 -40.41 -82.28 18.45
C CYS A 482 -40.96 -81.27 17.44
N PRO A 483 -40.40 -80.06 17.41
CA PRO A 483 -40.82 -79.08 16.39
C PRO A 483 -40.50 -79.60 14.99
N ILE A 484 -41.32 -79.16 14.03
CA ILE A 484 -41.14 -79.60 12.65
C ILE A 484 -39.78 -79.16 12.13
N GLY A 485 -39.12 -80.08 11.43
CA GLY A 485 -37.78 -79.81 10.92
C GLY A 485 -36.66 -80.05 11.90
N THR A 486 -36.93 -80.68 13.04
CA THR A 486 -35.94 -80.95 14.06
C THR A 486 -35.78 -82.45 14.23
N ASN A 487 -34.54 -82.89 14.46
CA ASN A 487 -34.24 -84.31 14.65
C ASN A 487 -34.43 -84.70 16.10
N TYR A 488 -35.05 -85.86 16.32
CA TYR A 488 -35.36 -86.32 17.66
C TYR A 488 -34.08 -86.74 18.39
N ARG A 489 -34.22 -86.99 19.69
CA ARG A 489 -33.09 -87.37 20.53
C ARG A 489 -32.50 -88.69 20.04
N SER A 490 -31.17 -88.73 19.94
CA SER A 490 -30.49 -89.91 19.43
C SER A 490 -30.57 -91.05 20.44
N CYS A 491 -31.10 -92.19 20.00
CA CYS A 491 -31.27 -93.34 20.86
C CYS A 491 -31.12 -94.62 20.03
N GLU A 492 -30.81 -95.72 20.71
CA GLU A 492 -30.65 -97.02 20.07
C GLU A 492 -31.32 -98.07 20.93
N SER A 493 -31.69 -99.18 20.28
CA SER A 493 -32.25 -100.35 20.96
C SER A 493 -31.24 -101.50 20.87
N THR A 494 -30.83 -102.02 22.03
CA THR A 494 -29.87 -103.10 22.10
C THR A 494 -30.34 -104.13 23.10
N THR A 495 -30.23 -105.41 22.74
CA THR A 495 -30.65 -106.51 23.61
C THR A 495 -29.60 -106.70 24.69
N VAL A 496 -29.93 -106.32 25.92
CA VAL A 496 -29.03 -106.42 27.07
C VAL A 496 -29.75 -107.14 28.20
N LEU A 497 -29.08 -108.15 28.78
CA LEU A 497 -29.58 -108.88 29.94
C LEU A 497 -30.96 -109.51 29.64
N ASP A 498 -30.99 -110.32 28.59
CA ASP A 498 -32.16 -111.10 28.20
C ASP A 498 -33.34 -110.23 27.78
N HIS A 499 -33.15 -108.91 27.77
CA HIS A 499 -34.18 -108.01 27.27
C HIS A 499 -34.10 -107.90 25.75
N THR A 500 -35.22 -107.52 25.14
CA THR A 500 -35.30 -107.41 23.69
C THR A 500 -35.38 -105.97 23.20
N ASP A 501 -35.77 -105.03 24.05
CA ASP A 501 -35.92 -103.64 23.66
C ASP A 501 -35.32 -102.71 24.71
N TRP A 502 -34.16 -103.06 25.25
CA TRP A 502 -33.45 -102.16 26.14
C TRP A 502 -32.87 -101.02 25.33
N CYS A 503 -33.12 -99.79 25.77
CA CYS A 503 -32.84 -98.60 24.97
C CYS A 503 -31.70 -97.80 25.57
N ARG A 504 -30.76 -97.39 24.72
CA ARG A 504 -29.66 -96.53 25.09
C ARG A 504 -29.76 -95.23 24.29
N CYS A 505 -29.39 -94.11 24.91
CA CYS A 505 -29.52 -92.80 24.29
C CYS A 505 -28.23 -92.02 24.47
N SER A 506 -28.07 -91.00 23.64
CA SER A 506 -26.88 -90.16 23.67
C SER A 506 -26.97 -89.15 24.82
N CYS A 507 -25.88 -88.42 25.02
CA CYS A 507 -25.78 -87.39 26.07
C CYS A 507 -26.05 -87.97 27.46
N LEU A 508 -25.56 -89.18 27.72
CA LEU A 508 -25.76 -89.76 29.04
C LEU A 508 -24.50 -89.66 29.86
N PRO A 509 -24.61 -89.39 31.17
CA PRO A 509 -25.84 -89.13 31.94
C PRO A 509 -26.36 -87.72 31.68
N ASP A 510 -25.45 -86.77 31.51
CA ASP A 510 -25.76 -85.40 31.17
C ASP A 510 -24.79 -84.93 30.10
N PRO A 511 -25.20 -83.98 29.25
CA PRO A 511 -24.31 -83.55 28.16
C PRO A 511 -22.97 -83.00 28.63
N ILE A 512 -22.93 -82.36 29.81
CA ILE A 512 -21.67 -81.84 30.32
C ILE A 512 -20.71 -82.97 30.62
N THR A 513 -21.19 -84.03 31.27
CA THR A 513 -20.39 -85.21 31.58
C THR A 513 -20.72 -86.38 30.69
N ALA A 514 -21.06 -86.13 29.42
CA ALA A 514 -21.38 -87.20 28.50
C ALA A 514 -20.16 -88.09 28.27
N TYR A 515 -20.41 -89.40 28.18
CA TYR A 515 -19.31 -90.34 28.01
C TYR A 515 -18.61 -90.16 26.67
N ASP A 516 -19.29 -89.58 25.69
CA ASP A 516 -18.69 -89.31 24.38
C ASP A 516 -19.37 -88.10 23.75
N PRO A 517 -18.67 -86.97 23.65
CA PRO A 517 -19.28 -85.78 23.04
C PRO A 517 -19.62 -85.93 21.57
N ARG A 518 -19.05 -86.93 20.88
CA ARG A 518 -19.31 -87.09 19.46
C ARG A 518 -20.77 -87.39 19.19
N SER A 519 -21.36 -88.30 19.97
CA SER A 519 -22.76 -88.68 19.74
C SER A 519 -23.72 -87.62 20.27
N CYS A 520 -23.35 -86.92 21.34
CA CYS A 520 -24.23 -85.92 21.92
C CYS A 520 -24.42 -84.75 20.96
N SER A 521 -25.67 -84.31 20.82
CA SER A 521 -25.98 -83.21 19.92
C SER A 521 -25.55 -81.86 20.46
N GLN A 522 -25.34 -81.75 21.77
CA GLN A 522 -24.89 -80.50 22.37
C GLN A 522 -23.36 -80.45 22.32
N LYS A 523 -22.83 -79.40 21.70
CA LYS A 523 -21.40 -79.25 21.48
C LYS A 523 -20.85 -78.14 22.36
N LYS A 524 -19.75 -78.42 23.06
CA LYS A 524 -19.11 -77.40 23.87
C LYS A 524 -18.39 -76.40 22.98
N SER A 525 -18.63 -75.12 23.23
CA SER A 525 -18.03 -74.05 22.44
C SER A 525 -17.88 -72.82 23.30
N LEU A 526 -16.69 -72.23 23.32
CA LEU A 526 -16.45 -71.02 24.08
C LEU A 526 -17.15 -69.84 23.43
N VAL A 527 -17.54 -68.87 24.24
CA VAL A 527 -18.25 -67.69 23.76
C VAL A 527 -17.29 -66.82 22.98
N GLY A 528 -17.70 -66.39 21.79
CA GLY A 528 -16.90 -65.47 21.00
C GLY A 528 -16.92 -64.07 21.57
N VAL A 529 -16.04 -63.24 21.04
CA VAL A 529 -15.97 -61.85 21.47
C VAL A 529 -17.24 -61.13 21.03
N GLY A 530 -17.95 -60.55 22.00
CA GLY A 530 -19.19 -59.87 21.71
C GLY A 530 -20.40 -60.75 21.52
N GLU A 531 -20.30 -62.02 21.90
CA GLU A 531 -21.41 -62.96 21.80
C GLU A 531 -21.82 -63.45 23.18
N HIS A 532 -23.11 -63.75 23.33
CA HIS A 532 -23.65 -64.25 24.58
C HIS A 532 -23.43 -65.75 24.69
N CYS A 533 -23.95 -66.34 25.76
CA CYS A 533 -23.81 -67.77 25.97
C CYS A 533 -24.58 -68.54 24.91
N ALA A 534 -23.97 -69.62 24.42
CA ALA A 534 -24.63 -70.45 23.41
C ALA A 534 -25.88 -71.11 23.97
N GLY A 535 -25.82 -71.61 25.20
CA GLY A 535 -26.97 -72.25 25.81
C GLY A 535 -26.60 -73.19 26.94
N PHE A 536 -27.44 -73.26 27.97
CA PHE A 536 -27.19 -74.15 29.09
C PHE A 536 -27.30 -75.60 28.67
N GLY A 537 -26.47 -76.44 29.26
CA GLY A 537 -26.56 -77.87 29.03
C GLY A 537 -27.86 -78.41 29.57
N VAL A 538 -28.75 -78.84 28.69
CA VAL A 538 -30.08 -79.29 29.07
C VAL A 538 -30.06 -80.81 29.24
N ASP A 539 -30.64 -81.28 30.34
CA ASP A 539 -30.73 -82.72 30.60
C ASP A 539 -31.86 -83.28 29.75
N GLU A 540 -31.50 -83.97 28.66
CA GLU A 540 -32.50 -84.53 27.76
C GLU A 540 -33.32 -85.63 28.41
N GLU A 541 -32.84 -86.19 29.53
CA GLU A 541 -33.62 -87.18 30.27
C GLU A 541 -34.79 -86.55 31.03
N LYS A 542 -34.87 -85.23 31.09
CA LYS A 542 -35.98 -84.53 31.74
C LYS A 542 -36.89 -83.83 30.74
N CYS A 543 -36.57 -83.89 29.45
CA CYS A 543 -37.35 -83.23 28.42
C CYS A 543 -38.56 -84.09 28.05
N GLY A 544 -39.76 -83.50 28.15
CA GLY A 544 -40.96 -84.25 27.91
C GLY A 544 -41.32 -85.15 29.08
N VAL A 545 -42.30 -86.01 28.86
CA VAL A 545 -42.76 -86.97 29.86
C VAL A 545 -42.42 -88.38 29.38
N LEU A 546 -42.66 -89.34 30.27
CA LEU A 546 -42.24 -90.72 30.01
C LEU A 546 -42.94 -91.30 28.79
N ASP A 547 -44.24 -91.08 28.66
CA ASP A 547 -45.04 -91.64 27.57
C ASP A 547 -45.67 -90.54 26.73
N GLY A 548 -44.90 -89.48 26.46
CA GLY A 548 -45.40 -88.39 25.65
C GLY A 548 -45.66 -88.77 24.20
N SER A 549 -46.88 -88.53 23.74
CA SER A 549 -47.25 -88.79 22.36
C SER A 549 -46.98 -87.55 21.52
N TYR A 550 -47.50 -87.53 20.30
CA TYR A 550 -47.30 -86.41 19.39
C TYR A 550 -48.18 -85.21 19.73
N ASN A 551 -49.09 -85.35 20.69
CA ASN A 551 -50.00 -84.27 21.05
C ASN A 551 -49.41 -83.28 22.05
N VAL A 552 -48.26 -83.59 22.64
CA VAL A 552 -47.62 -82.72 23.64
C VAL A 552 -46.33 -82.18 23.05
N SER A 553 -46.16 -80.87 23.14
CA SER A 553 -44.99 -80.22 22.56
C SER A 553 -43.72 -80.55 23.36
N CYS A 554 -42.58 -80.52 22.68
CA CYS A 554 -41.32 -80.83 23.31
C CYS A 554 -40.87 -79.68 24.19
N LEU A 555 -40.56 -79.97 25.45
CA LEU A 555 -40.07 -78.98 26.38
C LEU A 555 -39.34 -79.69 27.51
N CYS A 556 -38.50 -78.94 28.21
CA CYS A 556 -37.71 -79.47 29.32
C CYS A 556 -37.95 -78.62 30.57
N SER A 557 -37.89 -79.29 31.72
CA SER A 557 -38.13 -78.62 32.98
C SER A 557 -36.97 -77.68 33.31
N THR A 558 -37.19 -76.82 34.31
CA THR A 558 -36.19 -75.83 34.69
C THR A 558 -34.92 -76.48 35.23
N ASP A 559 -35.05 -77.58 35.97
CA ASP A 559 -33.89 -78.27 36.52
C ASP A 559 -33.11 -79.06 35.49
N ALA A 560 -33.65 -79.20 34.27
CA ALA A 560 -32.91 -79.90 33.22
C ALA A 560 -31.75 -79.06 32.69
N PHE A 561 -31.89 -77.73 32.73
CA PHE A 561 -30.85 -76.85 32.22
C PHE A 561 -29.73 -76.73 33.25
N LEU A 562 -28.60 -77.36 32.96
CA LEU A 562 -27.45 -77.37 33.85
C LEU A 562 -26.38 -76.41 33.34
N GLY A 563 -25.21 -76.42 33.96
CA GLY A 563 -24.09 -75.64 33.50
C GLY A 563 -24.09 -74.18 33.88
N TRP A 564 -24.86 -73.78 34.89
CA TRP A 564 -24.88 -72.41 35.44
C TRP A 564 -24.81 -72.44 36.97
N SER A 565 -24.56 -71.28 37.56
CA SER A 565 -24.43 -71.06 39.01
C SER A 565 -24.72 -69.60 39.32
N TYR A 566 -24.80 -69.21 40.59
CA TYR A 566 -25.01 -67.82 40.99
C TYR A 566 -24.26 -67.45 42.27
N ASP A 567 -23.98 -66.16 42.44
CA ASP A 567 -23.39 -65.59 43.66
C ASP A 567 -23.83 -64.13 43.82
N THR A 568 -23.81 -63.57 45.04
CA THR A 568 -24.12 -62.15 45.26
C THR A 568 -23.00 -61.24 44.75
N CYS A 569 -23.33 -60.00 44.39
CA CYS A 569 -22.36 -58.96 44.06
C CYS A 569 -22.03 -58.01 45.24
N VAL A 570 -22.70 -58.14 46.38
CA VAL A 570 -22.62 -57.14 47.46
C VAL A 570 -21.30 -57.22 48.22
N SER A 571 -20.59 -56.09 48.35
CA SER A 571 -19.52 -55.85 49.32
C SER A 571 -19.71 -54.46 49.95
N ASN A 572 -19.56 -54.32 51.27
CA ASN A 572 -19.70 -53.03 51.97
C ASN A 572 -21.00 -52.26 51.63
N ASN A 573 -22.14 -52.97 51.56
CA ASN A 573 -23.45 -52.45 51.16
C ASN A 573 -23.54 -51.86 49.73
N ARG A 574 -22.61 -52.19 48.84
CA ARG A 574 -22.61 -51.80 47.42
C ARG A 574 -22.44 -53.03 46.52
N CYS A 575 -23.18 -53.12 45.43
CA CYS A 575 -22.98 -54.17 44.41
C CYS A 575 -21.73 -53.85 43.59
N ASN A 576 -20.73 -54.75 43.54
CA ASN A 576 -19.60 -54.63 42.64
C ASN A 576 -20.01 -54.97 41.20
N ILE A 577 -19.70 -54.07 40.28
CA ILE A 577 -20.13 -54.10 38.88
C ILE A 577 -18.90 -53.85 37.99
N PHE A 578 -18.85 -54.47 36.82
CA PHE A 578 -17.75 -54.39 35.87
C PHE A 578 -18.22 -53.81 34.54
N SER A 579 -17.36 -53.06 33.88
CA SER A 579 -17.55 -52.54 32.53
C SER A 579 -16.28 -52.62 31.68
N ASN A 580 -16.43 -52.74 30.37
CA ASN A 580 -15.36 -52.87 29.39
C ASN A 580 -15.51 -51.76 28.36
N PHE A 581 -14.48 -50.92 28.24
CA PHE A 581 -14.47 -49.80 27.31
C PHE A 581 -13.78 -50.23 26.03
N ILE A 582 -14.55 -50.34 24.95
CA ILE A 582 -14.02 -50.68 23.63
C ILE A 582 -13.87 -49.39 22.84
N LEU A 583 -12.64 -49.06 22.45
CA LEU A 583 -12.33 -47.83 21.74
C LEU A 583 -12.15 -48.15 20.25
N ASN A 584 -13.16 -47.85 19.46
CA ASN A 584 -13.11 -48.06 18.02
C ASN A 584 -12.74 -46.76 17.32
N GLY A 585 -11.82 -46.85 16.37
CA GLY A 585 -11.40 -45.69 15.61
C GLY A 585 -10.77 -44.61 16.46
N ILE A 586 -9.76 -44.98 17.24
CA ILE A 586 -9.12 -44.04 18.15
C ILE A 586 -8.48 -42.90 17.35
N ASN A 587 -8.42 -41.72 17.99
CA ASN A 587 -7.82 -40.52 17.39
C ASN A 587 -8.49 -40.16 16.07
N SER A 588 -9.83 -40.38 15.92
CA SER A 588 -10.67 -40.12 14.70
C SER A 588 -12.19 -40.02 14.99
N GLY A 589 -13.07 -39.84 14.00
CA GLY A 589 -14.51 -39.80 14.21
C GLY A 589 -14.98 -38.53 14.88
N THR A 590 -16.02 -38.56 15.71
CA THR A 590 -16.53 -37.34 16.37
C THR A 590 -16.86 -37.52 17.87
N THR A 591 -16.50 -38.66 18.45
CA THR A 591 -16.77 -38.96 19.88
C THR A 591 -15.57 -38.50 20.74
N CYS A 592 -15.51 -37.23 21.15
CA CYS A 592 -14.35 -36.54 21.69
C CYS A 592 -14.51 -36.30 23.19
N SER A 593 -13.40 -35.94 23.81
CA SER A 593 -13.34 -35.66 25.24
C SER A 593 -13.02 -34.19 25.46
N ASN A 594 -13.77 -33.55 26.36
CA ASN A 594 -13.59 -32.14 26.71
C ASN A 594 -12.66 -31.96 27.93
N ASP A 595 -11.95 -33.02 28.37
CA ASP A 595 -11.05 -32.91 29.50
C ASP A 595 -9.86 -32.00 29.17
N LEU A 596 -9.29 -32.16 27.98
CA LEU A 596 -8.24 -31.24 27.53
C LEU A 596 -8.83 -30.07 26.75
N LEU A 597 -9.88 -29.45 27.31
CA LEU A 597 -10.41 -28.18 26.83
C LEU A 597 -10.46 -27.24 28.04
N GLN A 598 -10.14 -25.96 27.83
CA GLN A 598 -10.07 -24.99 28.92
C GLN A 598 -11.43 -24.89 29.62
N PRO A 599 -11.47 -24.95 30.94
CA PRO A 599 -12.75 -24.80 31.65
C PRO A 599 -13.35 -23.42 31.41
N ASN A 600 -14.66 -23.31 31.59
CA ASN A 600 -15.37 -22.04 31.48
C ASN A 600 -14.89 -21.04 32.56
N THR A 601 -14.47 -21.53 33.73
CA THR A 601 -13.99 -20.70 34.85
C THR A 601 -15.04 -19.68 35.31
N GLU A 602 -14.70 -18.40 35.48
CA GLU A 602 -15.63 -17.35 35.92
C GLU A 602 -15.51 -16.09 35.05
N VAL A 603 -16.63 -15.36 34.89
CA VAL A 603 -16.65 -14.11 34.13
C VAL A 603 -16.13 -12.99 35.04
N PHE A 604 -14.83 -12.73 34.98
CA PHE A 604 -14.20 -11.65 35.74
C PHE A 604 -14.75 -10.28 35.34
N THR A 605 -15.06 -9.41 36.31
CA THR A 605 -15.64 -8.08 36.07
C THR A 605 -14.71 -6.95 36.50
N ASP A 606 -14.84 -5.79 35.86
CA ASP A 606 -14.04 -4.59 36.15
C ASP A 606 -12.52 -4.78 35.99
N VAL A 607 -12.09 -5.80 35.23
CA VAL A 607 -10.68 -6.08 34.94
C VAL A 607 -10.49 -6.37 33.47
N CYS A 608 -9.31 -6.06 32.94
CA CYS A 608 -9.01 -6.29 31.53
C CYS A 608 -8.78 -7.78 31.25
N VAL A 609 -9.56 -8.37 30.35
CA VAL A 609 -9.50 -9.80 29.99
C VAL A 609 -9.52 -9.99 28.46
N ASP A 610 -8.72 -10.92 27.95
CA ASP A 610 -8.78 -11.33 26.54
C ASP A 610 -9.76 -12.49 26.39
N TYR A 611 -10.93 -12.20 25.83
CA TYR A 611 -12.01 -13.15 25.65
C TYR A 611 -12.00 -13.79 24.25
N ASP A 612 -12.56 -15.01 24.17
CA ASP A 612 -12.92 -15.70 22.93
C ASP A 612 -14.32 -16.31 23.09
N LEU A 613 -15.35 -15.51 22.79
CA LEU A 613 -16.74 -15.83 23.09
C LEU A 613 -17.46 -16.31 21.84
N TYR A 614 -17.84 -17.58 21.83
CA TYR A 614 -18.60 -18.25 20.76
C TYR A 614 -17.91 -18.18 19.39
N GLY A 615 -16.57 -18.17 19.38
CA GLY A 615 -15.74 -18.20 18.18
C GLY A 615 -15.18 -16.84 17.72
N ILE A 616 -15.51 -15.73 18.40
CA ILE A 616 -14.94 -14.41 18.12
C ILE A 616 -14.08 -13.90 19.27
N THR A 617 -12.89 -13.39 18.96
CA THR A 617 -11.86 -12.98 19.93
C THR A 617 -11.87 -11.47 20.18
N GLY A 618 -11.45 -11.04 21.37
CA GLY A 618 -11.35 -9.62 21.71
C GLY A 618 -10.62 -9.38 23.03
N GLN A 619 -10.48 -8.12 23.41
CA GLN A 619 -10.03 -7.70 24.75
C GLN A 619 -11.06 -6.73 25.32
N GLY A 620 -11.44 -6.90 26.58
CA GLY A 620 -12.44 -6.03 27.19
C GLY A 620 -12.53 -6.14 28.71
N ILE A 621 -13.51 -5.43 29.25
CA ILE A 621 -13.89 -5.36 30.66
C ILE A 621 -15.38 -5.66 30.72
N PHE A 622 -15.75 -6.73 31.41
CA PHE A 622 -17.14 -7.13 31.60
C PHE A 622 -17.76 -6.44 32.81
N LYS A 623 -19.06 -6.13 32.72
CA LYS A 623 -19.87 -5.65 33.85
C LYS A 623 -21.27 -6.22 33.71
N GLU A 624 -21.74 -6.93 34.74
CA GLU A 624 -23.04 -7.59 34.73
C GLU A 624 -24.20 -6.58 34.74
N VAL A 625 -25.26 -6.91 34.00
CA VAL A 625 -26.47 -6.10 33.84
C VAL A 625 -27.64 -7.03 33.66
N SER A 626 -28.79 -6.77 34.29
CA SER A 626 -29.98 -7.60 34.11
C SER A 626 -30.60 -7.37 32.72
N ALA A 627 -30.27 -8.20 31.75
CA ALA A 627 -30.80 -8.09 30.39
C ALA A 627 -31.84 -9.18 30.09
N VAL A 628 -32.83 -8.74 29.35
CA VAL A 628 -33.98 -9.52 28.92
C VAL A 628 -34.04 -9.72 27.41
N TYR A 629 -33.20 -9.07 26.61
CA TYR A 629 -33.31 -9.12 25.15
C TYR A 629 -32.80 -10.42 24.50
N TYR A 630 -31.99 -11.25 25.18
CA TYR A 630 -31.51 -12.52 24.65
C TYR A 630 -32.62 -13.58 24.57
N ASN A 631 -32.82 -14.18 23.40
CA ASN A 631 -33.58 -15.43 23.21
C ASN A 631 -32.68 -16.68 23.33
N SER A 632 -33.28 -17.86 23.24
CA SER A 632 -32.64 -19.17 23.43
C SER A 632 -31.44 -19.38 22.50
N TRP A 633 -31.52 -18.92 21.26
CA TRP A 633 -30.45 -19.05 20.27
C TRP A 633 -29.38 -17.94 20.32
N GLN A 634 -29.55 -16.91 21.15
CA GLN A 634 -28.73 -15.69 21.11
C GLN A 634 -27.71 -15.63 22.25
N ASN A 635 -26.46 -15.31 21.92
CA ASN A 635 -25.33 -15.32 22.84
C ASN A 635 -24.57 -13.98 22.91
N LEU A 636 -24.62 -13.18 21.84
CA LEU A 636 -23.81 -11.97 21.68
C LEU A 636 -24.66 -10.78 21.23
N LEU A 637 -24.44 -9.62 21.83
CA LEU A 637 -25.08 -8.36 21.47
C LEU A 637 -24.11 -7.50 20.66
N TYR A 638 -24.61 -7.02 19.52
CA TYR A 638 -23.89 -6.18 18.58
C TYR A 638 -24.54 -4.79 18.49
N ASP A 639 -23.71 -3.78 18.26
CA ASP A 639 -24.15 -2.43 17.93
C ASP A 639 -24.49 -2.28 16.43
N SER A 640 -24.82 -1.08 15.99
CA SER A 640 -25.08 -0.81 14.57
C SER A 640 -23.85 -1.02 13.68
N ASN A 641 -22.61 -0.78 14.16
CA ASN A 641 -21.46 -0.81 13.29
C ASN A 641 -20.95 -2.23 13.14
N GLY A 642 -21.43 -3.21 13.92
CA GLY A 642 -21.06 -4.60 13.79
C GLY A 642 -19.89 -5.02 14.69
N ASN A 643 -19.76 -4.43 15.87
CA ASN A 643 -18.82 -4.83 16.91
C ASN A 643 -19.55 -5.28 18.19
N ILE A 644 -18.88 -6.09 19.02
CA ILE A 644 -19.50 -6.75 20.16
C ILE A 644 -19.56 -5.77 21.33
N ILE A 645 -20.75 -5.55 21.90
CA ILE A 645 -21.00 -4.62 23.03
C ILE A 645 -21.65 -5.30 24.25
N GLY A 646 -21.97 -6.58 24.14
CA GLY A 646 -22.63 -7.35 25.17
C GLY A 646 -22.58 -8.84 24.90
N PHE A 647 -22.60 -9.66 25.94
CA PHE A 647 -22.68 -11.12 25.82
C PHE A 647 -23.42 -11.75 26.99
N LYS A 648 -23.94 -12.95 26.78
CA LYS A 648 -24.61 -13.76 27.79
C LYS A 648 -23.83 -15.05 27.97
N ASP A 649 -23.54 -15.42 29.21
CA ASP A 649 -22.83 -16.67 29.51
C ASP A 649 -23.82 -17.83 29.54
N PHE A 650 -23.79 -18.70 28.53
CA PHE A 650 -24.69 -19.85 28.41
C PHE A 650 -24.52 -20.88 29.54
N VAL A 651 -23.38 -20.91 30.23
CA VAL A 651 -23.12 -21.82 31.35
C VAL A 651 -23.94 -21.42 32.58
N THR A 652 -24.01 -20.12 32.87
CA THR A 652 -24.66 -19.56 34.05
C THR A 652 -25.91 -18.71 33.81
N ASN A 653 -26.29 -18.47 32.55
CA ASN A 653 -27.41 -17.61 32.14
C ASN A 653 -27.28 -16.16 32.66
N LYS A 654 -26.05 -15.68 32.84
CA LYS A 654 -25.73 -14.32 33.31
C LYS A 654 -25.41 -13.41 32.14
N THR A 655 -26.01 -12.22 32.13
CA THR A 655 -25.85 -11.22 31.05
C THR A 655 -24.92 -10.07 31.44
N TYR A 656 -24.09 -9.63 30.49
CA TYR A 656 -23.08 -8.61 30.71
C TYR A 656 -22.99 -7.62 29.55
N ASN A 657 -22.50 -6.41 29.83
CA ASN A 657 -22.04 -5.44 28.86
C ASN A 657 -20.51 -5.49 28.75
N ILE A 658 -20.00 -5.16 27.58
CA ILE A 658 -18.57 -5.21 27.26
C ILE A 658 -18.08 -3.79 26.96
N PHE A 659 -16.98 -3.39 27.59
CA PHE A 659 -16.26 -2.14 27.37
C PHE A 659 -14.82 -2.48 27.02
N PRO A 660 -14.13 -1.74 26.14
CA PRO A 660 -12.73 -2.04 25.85
C PRO A 660 -11.83 -1.67 27.03
N CYS A 661 -10.70 -2.35 27.16
CA CYS A 661 -9.66 -1.92 28.10
C CYS A 661 -9.18 -0.51 27.72
N TYR A 662 -8.83 0.30 28.70
CA TYR A 662 -8.33 1.66 28.46
C TYR A 662 -7.12 1.63 27.52
N ALA A 663 -7.28 2.25 26.35
CA ALA A 663 -6.21 2.53 25.41
C ALA A 663 -6.25 4.03 25.10
N GLY A 664 -5.48 4.82 25.86
CA GLY A 664 -5.47 6.27 25.74
C GLY A 664 -4.07 6.82 25.54
N ARG A 665 -3.80 7.96 26.16
CA ARG A 665 -2.55 8.70 26.10
C ARG A 665 -2.26 9.38 27.40
N VAL A 666 -1.06 9.88 27.61
CA VAL A 666 -0.81 10.85 28.64
C VAL A 666 -0.23 12.11 28.05
N SER A 667 -0.84 13.28 28.24
CA SER A 667 -0.32 14.56 27.75
C SER A 667 0.73 15.04 28.74
N ALA A 668 2.00 14.99 28.35
CA ALA A 668 3.08 15.34 29.23
C ALA A 668 3.55 16.73 28.85
N ALA A 669 3.62 17.60 29.83
CA ALA A 669 4.13 18.93 29.75
C ALA A 669 5.55 18.91 30.27
N PHE A 670 6.52 19.27 29.42
CA PHE A 670 7.92 19.34 29.80
C PHE A 670 8.46 20.74 29.54
N HIS A 671 9.23 21.28 30.47
CA HIS A 671 9.99 22.50 30.30
C HIS A 671 11.49 22.21 30.31
N GLN A 672 12.21 22.82 29.39
CA GLN A 672 13.63 22.61 29.19
C GLN A 672 14.43 22.83 30.47
N ASN A 673 14.00 23.74 31.34
CA ASN A 673 14.75 24.07 32.56
C ASN A 673 14.38 23.14 33.72
N ALA A 674 13.47 22.20 33.49
CA ALA A 674 12.99 21.27 34.51
C ALA A 674 13.73 19.93 34.44
N SER A 675 13.74 19.23 35.56
CA SER A 675 14.27 17.86 35.69
C SER A 675 13.18 16.79 35.69
N SER A 676 11.90 17.13 35.55
CA SER A 676 10.78 16.16 35.56
C SER A 676 9.66 16.56 34.60
N LEU A 677 8.54 15.87 34.62
CA LEU A 677 7.41 16.11 33.72
C LEU A 677 6.19 16.58 34.50
N ALA A 678 5.26 17.33 33.89
CA ALA A 678 3.91 17.51 34.40
C ALA A 678 2.98 16.67 33.55
N LEU A 679 2.29 15.68 34.14
CA LEU A 679 1.49 14.73 33.37
C LEU A 679 0.01 14.99 33.54
N LEU A 680 -0.70 15.10 32.43
CA LEU A 680 -2.15 15.24 32.40
C LEU A 680 -2.75 13.96 31.82
N TYR A 681 -3.47 13.22 32.67
CA TYR A 681 -4.29 12.09 32.26
C TYR A 681 -5.65 12.61 31.84
N ARG A 682 -5.76 12.97 30.57
CA ARG A 682 -6.92 13.68 30.04
C ARG A 682 -8.21 12.89 30.24
N ASN A 683 -9.22 13.54 30.79
CA ASN A 683 -10.54 13.01 31.06
C ASN A 683 -10.55 11.78 31.99
N LEU A 684 -9.52 11.58 32.82
CA LEU A 684 -9.42 10.46 33.74
C LEU A 684 -9.31 10.99 35.17
N LYS A 685 -10.14 10.49 36.07
CA LYS A 685 -10.08 10.88 37.49
C LYS A 685 -8.86 10.27 38.15
N CYS A 686 -8.31 10.93 39.17
CA CYS A 686 -7.09 10.47 39.81
C CYS A 686 -7.26 9.10 40.48
N SER A 687 -8.43 8.81 41.05
CA SER A 687 -8.72 7.50 41.61
C SER A 687 -8.65 6.39 40.55
N TYR A 688 -9.21 6.59 39.37
CA TYR A 688 -9.09 5.64 38.27
C TYR A 688 -7.63 5.47 37.83
N VAL A 689 -6.86 6.56 37.72
CA VAL A 689 -5.45 6.45 37.33
C VAL A 689 -4.66 5.65 38.36
N LEU A 690 -4.84 5.93 39.65
CA LEU A 690 -4.08 5.26 40.71
C LEU A 690 -4.54 3.83 40.97
N ASN A 691 -5.84 3.51 40.82
CA ASN A 691 -6.36 2.19 41.14
C ASN A 691 -6.45 1.26 39.92
N ASN A 692 -6.41 1.79 38.70
CA ASN A 692 -6.62 1.00 37.47
C ASN A 692 -5.60 1.29 36.36
N ILE A 693 -4.62 2.19 36.53
CA ILE A 693 -3.54 2.39 35.54
C ILE A 693 -2.17 2.11 36.16
N SER A 694 -1.73 2.90 37.15
CA SER A 694 -0.43 2.73 37.81
C SER A 694 -0.29 3.50 39.12
N LEU A 695 0.54 3.01 40.05
CA LEU A 695 0.85 3.71 41.30
C LEU A 695 2.06 4.60 41.07
N THR A 696 1.96 5.88 41.44
CA THR A 696 2.97 6.91 41.16
C THR A 696 3.23 7.76 42.41
N THR A 697 4.51 8.01 42.72
CA THR A 697 4.94 8.75 43.93
C THR A 697 4.85 10.28 43.83
N GLN A 698 4.61 10.81 42.62
CA GLN A 698 4.44 12.24 42.34
C GLN A 698 3.15 12.78 43.00
N PRO A 699 3.09 14.05 43.44
CA PRO A 699 1.86 14.65 43.94
C PRO A 699 0.84 14.83 42.81
N TYR A 700 -0.44 14.78 43.12
CA TYR A 700 -1.50 14.81 42.10
C TYR A 700 -2.76 15.53 42.58
N PHE A 701 -3.60 15.97 41.64
CA PHE A 701 -4.94 16.47 41.92
C PHE A 701 -5.85 16.33 40.70
N ASP A 702 -7.17 16.42 40.89
CA ASP A 702 -8.14 16.36 39.80
C ASP A 702 -8.39 17.77 39.25
N SER A 703 -7.98 18.02 38.02
CA SER A 703 -8.27 19.27 37.33
C SER A 703 -9.53 19.15 36.50
N TYR A 704 -9.94 20.23 35.85
CA TYR A 704 -11.06 20.19 34.92
C TYR A 704 -10.78 19.26 33.73
N LEU A 705 -9.54 19.21 33.26
CA LEU A 705 -9.12 18.42 32.11
C LEU A 705 -8.82 16.96 32.44
N GLY A 706 -8.70 16.58 33.72
CA GLY A 706 -8.30 15.25 34.15
C GLY A 706 -7.27 15.28 35.27
N CYS A 707 -6.80 14.13 35.70
CA CYS A 707 -5.80 14.06 36.76
C CYS A 707 -4.48 14.67 36.33
N VAL A 708 -3.91 15.54 37.16
CA VAL A 708 -2.62 16.20 36.89
C VAL A 708 -1.61 15.77 37.93
N PHE A 709 -0.47 15.24 37.48
CA PHE A 709 0.64 14.81 38.33
C PHE A 709 1.80 15.77 38.23
N ASN A 710 2.47 16.00 39.36
CA ASN A 710 3.69 16.78 39.45
C ASN A 710 3.55 18.25 39.02
N ALA A 711 2.36 18.83 39.19
CA ALA A 711 2.11 20.25 39.03
C ALA A 711 1.20 20.73 40.16
N ASP A 712 1.49 21.88 40.75
CA ASP A 712 0.72 22.41 41.86
C ASP A 712 -0.59 23.07 41.38
N ASN A 713 -1.71 22.85 42.06
CA ASN A 713 -2.99 23.41 41.65
C ASN A 713 -3.07 24.89 42.03
N LEU A 714 -2.98 25.78 41.05
CA LEU A 714 -3.03 27.23 41.23
C LEU A 714 -3.91 27.89 40.17
N THR A 715 -5.11 27.35 39.91
CA THR A 715 -5.99 27.90 38.87
C THR A 715 -6.45 29.33 39.15
N ASP A 716 -6.35 29.80 40.40
CA ASP A 716 -6.55 31.21 40.76
C ASP A 716 -5.51 32.16 40.16
N TYR A 717 -4.26 31.71 40.00
CA TYR A 717 -3.26 32.47 39.29
C TYR A 717 -3.52 32.45 37.79
N SER A 718 -3.02 33.46 37.08
CA SER A 718 -3.18 33.61 35.64
C SER A 718 -1.86 33.94 34.99
N VAL A 719 -1.70 33.58 33.72
CA VAL A 719 -0.55 33.98 32.91
C VAL A 719 -1.01 34.47 31.55
N SER A 720 -0.46 35.59 31.08
CA SER A 720 -0.76 36.18 29.78
C SER A 720 0.03 35.54 28.64
N SER A 721 1.12 34.84 28.94
CA SER A 721 1.89 34.05 27.96
C SER A 721 2.13 32.66 28.50
N CYS A 722 2.01 31.65 27.64
CA CYS A 722 2.03 30.26 28.06
C CYS A 722 2.60 29.38 26.94
N ALA A 723 3.66 28.64 27.25
CA ALA A 723 4.28 27.68 26.33
C ALA A 723 3.75 26.24 26.48
N LEU A 724 3.00 25.94 27.53
CA LEU A 724 2.44 24.62 27.81
C LEU A 724 0.93 24.74 27.99
N ARG A 725 0.23 24.84 26.85
CA ARG A 725 -1.21 25.10 26.84
C ARG A 725 -1.93 23.77 26.89
N MET A 726 -2.56 23.47 28.02
CA MET A 726 -3.25 22.20 28.22
C MET A 726 -4.60 22.12 27.51
N GLY A 727 -5.32 23.23 27.38
CA GLY A 727 -6.65 23.28 26.82
C GLY A 727 -7.65 23.94 27.77
N SER A 728 -8.75 24.46 27.25
CA SER A 728 -9.84 25.09 27.99
C SER A 728 -9.36 26.17 28.97
N GLY A 729 -8.41 27.00 28.55
CA GLY A 729 -7.90 28.10 29.35
C GLY A 729 -6.99 27.71 30.49
N PHE A 730 -6.38 26.53 30.45
CA PHE A 730 -5.42 26.07 31.46
C PHE A 730 -4.02 25.97 30.88
N CYS A 731 -3.04 26.30 31.71
CA CYS A 731 -1.64 26.36 31.36
C CYS A 731 -0.81 25.62 32.41
N VAL A 732 0.32 25.07 32.01
CA VAL A 732 1.34 24.58 32.94
C VAL A 732 2.49 25.58 32.89
N ASP A 733 2.86 26.14 34.02
CA ASP A 733 3.95 27.12 34.11
C ASP A 733 5.07 26.62 34.99
N TYR A 734 6.33 26.79 34.60
CA TYR A 734 7.47 26.31 35.38
C TYR A 734 8.26 27.46 35.99
N ASN A 735 8.70 27.33 37.25
CA ASN A 735 9.63 28.26 37.88
C ASN A 735 11.08 27.78 37.69
N SER A 752 9.32 24.15 40.46
CA SER A 752 8.28 23.19 40.12
C SER A 752 7.28 23.72 39.08
N TYR A 753 6.49 22.82 38.49
CA TYR A 753 5.38 23.17 37.62
C TYR A 753 4.17 23.65 38.43
N ARG A 754 3.39 24.56 37.86
CA ARG A 754 2.14 25.07 38.41
C ARG A 754 1.04 24.93 37.37
N PHE A 755 -0.13 24.47 37.76
CA PHE A 755 -1.32 24.43 36.94
C PHE A 755 -2.12 25.72 37.14
N VAL A 756 -2.09 26.62 36.17
CA VAL A 756 -2.62 27.99 36.28
C VAL A 756 -3.57 28.27 35.14
N THR A 757 -4.40 29.30 35.24
CA THR A 757 -5.24 29.69 34.11
C THR A 757 -4.44 30.48 33.08
N PHE A 758 -4.81 30.33 31.81
CA PHE A 758 -4.21 31.03 30.69
C PHE A 758 -5.15 32.16 30.28
N GLU A 759 -4.72 33.40 30.41
CA GLU A 759 -5.54 34.56 30.03
C GLU A 759 -4.73 35.47 29.12
N PRO A 760 -4.63 35.14 27.82
CA PRO A 760 -3.76 35.86 26.91
C PRO A 760 -4.19 37.29 26.64
N PHE A 761 -5.44 37.63 26.91
CA PHE A 761 -6.00 38.94 26.67
C PHE A 761 -6.75 39.40 27.91
N ASN A 762 -6.56 40.66 28.26
CA ASN A 762 -7.16 41.31 29.41
C ASN A 762 -7.80 42.60 28.96
N VAL A 763 -8.89 42.98 29.62
CA VAL A 763 -9.53 44.28 29.36
C VAL A 763 -8.62 45.36 29.97
N SER A 764 -8.30 46.40 29.21
CA SER A 764 -7.70 47.59 29.81
C SER A 764 -8.75 48.26 30.69
N PHE A 765 -8.47 48.45 31.98
CA PHE A 765 -9.44 49.04 32.89
C PHE A 765 -9.10 50.49 33.17
N VAL A 766 -10.12 51.31 33.35
CA VAL A 766 -10.00 52.69 33.83
C VAL A 766 -10.96 52.93 34.97
N ASN A 767 -10.64 53.78 35.94
CA ASN A 767 -11.52 54.01 37.10
C ASN A 767 -12.48 55.19 36.91
N ASP A 768 -12.67 55.65 35.67
CA ASP A 768 -13.58 56.75 35.33
C ASP A 768 -15.05 56.38 35.57
N SER A 769 -15.89 57.39 35.77
CA SER A 769 -17.31 57.21 36.07
C SER A 769 -18.05 56.55 34.92
N ILE A 770 -19.13 55.83 35.23
CA ILE A 770 -19.89 55.05 34.25
C ILE A 770 -21.11 55.81 33.71
N GLU A 771 -21.51 56.89 34.39
CA GLU A 771 -22.72 57.67 34.10
C GLU A 771 -22.37 59.06 33.57
N SER A 772 -23.37 59.91 33.35
CA SER A 772 -23.18 61.32 33.00
C SER A 772 -23.65 62.23 34.13
N VAL A 773 -22.76 63.12 34.60
CA VAL A 773 -23.09 64.14 35.61
C VAL A 773 -23.22 65.50 34.93
N GLY A 774 -24.34 66.19 35.14
CA GLY A 774 -24.64 67.43 34.42
C GLY A 774 -24.71 67.29 32.89
N GLY A 775 -24.90 66.06 32.38
CA GLY A 775 -24.83 65.77 30.95
C GLY A 775 -23.42 65.50 30.38
N LEU A 776 -22.38 65.38 31.20
CA LEU A 776 -21.00 65.10 30.78
C LEU A 776 -20.50 63.75 31.31
N TYR A 777 -19.81 62.99 30.48
CA TYR A 777 -19.20 61.70 30.80
C TYR A 777 -17.69 61.84 31.04
N GLU A 778 -17.06 60.91 31.73
CA GLU A 778 -15.61 60.93 31.96
C GLU A 778 -14.87 60.07 30.94
N ILE A 779 -13.95 60.69 30.20
CA ILE A 779 -13.21 60.08 29.11
C ILE A 779 -11.73 60.34 29.31
N LYS A 780 -10.86 59.37 29.03
CA LYS A 780 -9.42 59.59 28.97
C LYS A 780 -9.02 59.93 27.53
N ILE A 781 -8.63 61.18 27.30
CA ILE A 781 -8.13 61.64 26.00
C ILE A 781 -6.61 61.75 26.09
N PRO A 782 -5.84 61.25 25.11
CA PRO A 782 -4.39 61.34 25.14
C PRO A 782 -3.86 62.76 25.22
N THR A 783 -2.81 63.01 25.97
CA THR A 783 -2.11 64.30 26.02
C THR A 783 -0.72 64.26 25.41
N ASN A 784 -0.25 63.08 25.04
CA ASN A 784 1.02 62.87 24.36
C ASN A 784 0.98 61.57 23.57
N PHE A 785 1.76 61.45 22.52
CA PHE A 785 1.78 60.27 21.66
C PHE A 785 3.16 59.97 21.08
N THR A 786 3.30 58.77 20.57
CA THR A 786 4.44 58.31 19.80
C THR A 786 3.96 57.53 18.58
N ILE A 787 4.84 57.25 17.64
CA ILE A 787 4.54 56.38 16.51
C ILE A 787 5.19 55.04 16.81
N VAL A 788 4.41 53.95 16.75
CA VAL A 788 4.93 52.58 16.94
C VAL A 788 4.90 51.85 15.62
N GLY A 789 5.96 51.11 15.32
CA GLY A 789 6.10 50.33 14.10
C GLY A 789 5.91 48.86 14.41
N GLN A 790 5.06 48.18 13.67
CA GLN A 790 4.85 46.74 13.79
C GLN A 790 5.05 46.10 12.43
N GLU A 791 5.93 45.12 12.34
CA GLU A 791 6.18 44.39 11.11
C GLU A 791 5.25 43.18 10.97
N GLU A 792 4.97 42.79 9.73
CA GLU A 792 4.19 41.60 9.42
C GLU A 792 4.77 40.94 8.17
N PHE A 793 4.98 39.63 8.19
CA PHE A 793 5.39 38.90 7.00
C PHE A 793 4.19 38.17 6.43
N ILE A 794 3.94 38.34 5.14
CA ILE A 794 2.92 37.60 4.43
C ILE A 794 3.63 36.81 3.34
N GLN A 795 3.49 35.50 3.38
CA GLN A 795 4.12 34.62 2.40
C GLN A 795 3.32 34.69 1.11
N THR A 796 3.98 35.03 0.00
CA THR A 796 3.37 35.12 -1.32
C THR A 796 3.89 34.10 -2.31
N ASN A 797 4.85 33.29 -1.91
CA ASN A 797 5.57 32.36 -2.77
C ASN A 797 6.05 31.16 -1.96
N SER A 798 6.46 30.09 -2.61
CA SER A 798 7.12 28.96 -1.94
C SER A 798 8.11 28.30 -2.88
N PRO A 799 9.05 27.48 -2.40
CA PRO A 799 9.96 26.78 -3.30
C PRO A 799 9.20 25.95 -4.34
N LYS A 800 9.57 26.07 -5.62
CA LYS A 800 8.91 25.34 -6.72
C LYS A 800 9.48 23.95 -6.82
N VAL A 801 8.93 23.02 -6.07
CA VAL A 801 9.41 21.64 -6.06
C VAL A 801 8.95 20.96 -7.35
N THR A 802 9.90 20.36 -8.05
CA THR A 802 9.67 19.48 -9.19
C THR A 802 10.22 18.11 -8.87
N ILE A 803 9.50 17.08 -9.28
CA ILE A 803 9.92 15.70 -9.08
C ILE A 803 10.00 15.04 -10.44
N ASP A 804 11.12 14.40 -10.79
CA ASP A 804 11.13 13.46 -11.90
C ASP A 804 10.56 12.13 -11.42
N CYS A 805 9.29 11.88 -11.66
CA CYS A 805 8.57 10.79 -11.03
C CYS A 805 9.21 9.42 -11.28
N SER A 806 9.60 9.11 -12.52
CA SER A 806 10.20 7.82 -12.82
C SER A 806 11.64 7.68 -12.30
N LEU A 807 12.44 8.74 -12.30
CA LEU A 807 13.76 8.74 -11.65
C LEU A 807 13.64 8.57 -10.14
N PHE A 808 12.65 9.19 -9.50
CA PHE A 808 12.39 8.98 -8.08
C PHE A 808 11.95 7.54 -7.81
N VAL A 809 10.95 7.03 -8.53
CA VAL A 809 10.41 5.69 -8.28
C VAL A 809 11.39 4.58 -8.64
N CYS A 810 12.05 4.66 -9.81
CA CYS A 810 12.86 3.57 -10.38
C CYS A 810 14.33 3.88 -10.61
N SER A 811 14.73 5.13 -10.74
CA SER A 811 16.10 5.56 -11.02
C SER A 811 16.68 4.97 -12.31
N ASN A 812 17.76 4.18 -12.22
CA ASN A 812 18.50 3.67 -13.36
C ASN A 812 17.92 2.34 -13.91
N TYR A 813 17.16 1.59 -13.11
CA TYR A 813 16.91 0.16 -13.34
C TYR A 813 15.77 -0.10 -14.32
N ALA A 814 16.10 -0.59 -15.52
CA ALA A 814 15.14 -0.78 -16.60
C ALA A 814 14.00 -1.74 -16.27
N ALA A 815 14.26 -2.75 -15.44
CA ALA A 815 13.24 -3.69 -14.97
C ALA A 815 12.12 -2.98 -14.20
N CYS A 816 12.47 -1.98 -13.38
CA CYS A 816 11.51 -1.15 -12.68
C CYS A 816 10.72 -0.26 -13.64
N HIS A 817 11.36 0.33 -14.65
CA HIS A 817 10.65 1.13 -15.66
C HIS A 817 9.61 0.34 -16.44
N ASP A 818 9.86 -0.93 -16.76
CA ASP A 818 8.86 -1.79 -17.39
C ASP A 818 7.62 -1.94 -16.50
N LEU A 819 7.80 -2.31 -15.22
CA LEU A 819 6.69 -2.45 -14.28
C LEU A 819 5.99 -1.11 -14.00
N LEU A 820 6.74 -0.02 -13.90
CA LEU A 820 6.16 1.31 -13.72
C LEU A 820 5.32 1.72 -14.91
N SER A 821 5.63 1.28 -16.13
CA SER A 821 4.84 1.64 -17.31
C SER A 821 3.39 1.17 -17.23
N GLU A 822 3.10 0.12 -16.45
CA GLU A 822 1.73 -0.32 -16.17
C GLU A 822 0.92 0.67 -15.34
N TYR A 823 1.58 1.44 -14.46
CA TYR A 823 0.97 2.56 -13.78
C TYR A 823 1.15 3.88 -14.51
N GLY A 824 1.96 3.98 -15.58
CA GLY A 824 2.64 5.20 -16.07
C GLY A 824 1.83 6.50 -16.12
N THR A 825 0.52 6.38 -16.27
CA THR A 825 -0.41 7.49 -16.07
C THR A 825 -0.28 8.15 -14.69
N PHE A 826 0.12 7.43 -13.65
CA PHE A 826 0.39 7.95 -12.30
C PHE A 826 1.54 8.95 -12.35
N CYS A 827 2.66 8.62 -12.98
CA CYS A 827 3.74 9.59 -13.12
C CYS A 827 3.37 10.76 -14.03
N ASP A 828 2.61 10.53 -15.10
CA ASP A 828 2.12 11.64 -15.91
C ASP A 828 1.21 12.57 -15.10
N ASN A 829 0.32 12.04 -14.26
CA ASN A 829 -0.52 12.86 -13.39
C ASN A 829 0.30 13.58 -12.32
N ILE A 830 1.28 12.94 -11.69
CA ILE A 830 2.13 13.59 -10.69
C ILE A 830 2.90 14.74 -11.33
N ASN A 831 3.50 14.53 -12.51
CA ASN A 831 4.18 15.59 -13.23
C ASN A 831 3.20 16.70 -13.64
N SER A 832 2.00 16.35 -14.10
CA SER A 832 1.02 17.36 -14.49
C SER A 832 0.57 18.19 -13.29
N ILE A 833 0.25 17.57 -12.15
CA ILE A 833 -0.23 18.30 -10.98
C ILE A 833 0.86 19.23 -10.45
N LEU A 834 2.10 18.78 -10.35
CA LEU A 834 3.19 19.65 -9.94
C LEU A 834 3.45 20.77 -10.96
N ASP A 835 3.30 20.52 -12.26
CA ASP A 835 3.41 21.57 -13.26
C ASP A 835 2.30 22.62 -13.13
N GLU A 836 1.05 22.25 -12.89
CA GLU A 836 -0.01 23.22 -12.59
C GLU A 836 0.20 23.97 -11.28
N VAL A 837 0.67 23.30 -10.23
CA VAL A 837 1.02 23.95 -8.96
C VAL A 837 2.13 25.00 -9.16
N ASN A 838 3.19 24.65 -9.86
CA ASN A 838 4.26 25.58 -10.16
C ASN A 838 3.84 26.70 -11.11
N GLY A 839 2.94 26.46 -12.06
CA GLY A 839 2.34 27.49 -12.87
C GLY A 839 1.47 28.47 -12.08
N LEU A 840 0.74 27.99 -11.08
CA LEU A 840 0.00 28.83 -10.14
C LEU A 840 0.95 29.70 -9.30
N LEU A 841 2.07 29.17 -8.84
CA LEU A 841 3.10 29.96 -8.13
C LEU A 841 3.72 31.02 -9.03
N ASP A 842 4.03 30.69 -10.28
CA ASP A 842 4.55 31.65 -11.24
C ASP A 842 3.55 32.75 -11.58
N THR A 843 2.29 32.39 -11.81
CA THR A 843 1.23 33.36 -12.06
C THR A 843 0.99 34.24 -10.83
N THR A 844 1.05 33.68 -9.63
CA THR A 844 0.93 34.45 -8.39
C THR A 844 2.07 35.43 -8.24
N GLN A 845 3.31 35.02 -8.48
CA GLN A 845 4.47 35.92 -8.38
C GLN A 845 4.41 37.05 -9.40
N LEU A 846 3.96 36.79 -10.63
CA LEU A 846 3.71 37.84 -11.62
C LEU A 846 2.61 38.80 -11.15
N HIS A 847 1.53 38.30 -10.56
CA HIS A 847 0.45 39.16 -10.10
C HIS A 847 0.84 40.02 -8.89
N VAL A 848 1.66 39.49 -7.99
CA VAL A 848 2.25 40.28 -6.90
C VAL A 848 3.19 41.35 -7.43
N ALA A 849 4.06 41.03 -8.39
CA ALA A 849 4.93 42.01 -9.01
C ALA A 849 4.16 43.09 -9.77
N ASP A 850 3.09 42.73 -10.47
CA ASP A 850 2.22 43.69 -11.14
C ASP A 850 1.57 44.62 -10.12
N THR A 851 1.09 44.09 -9.01
CA THR A 851 0.50 44.90 -7.95
C THR A 851 1.50 45.84 -7.31
N LEU A 852 2.73 45.40 -7.07
CA LEU A 852 3.79 46.27 -6.58
C LEU A 852 4.11 47.37 -7.57
N MET A 853 4.13 47.11 -8.87
CA MET A 853 4.48 48.10 -9.89
C MET A 853 3.30 48.86 -10.48
N GLN A 854 2.07 48.58 -10.04
CA GLN A 854 0.90 49.21 -10.63
C GLN A 854 0.85 50.70 -10.30
N GLY A 855 0.77 51.54 -11.34
CA GLY A 855 0.65 52.98 -11.19
C GLY A 855 1.93 53.68 -10.71
N VAL A 856 3.06 52.98 -10.61
CA VAL A 856 4.31 53.57 -10.12
C VAL A 856 4.93 54.38 -11.24
N THR A 857 5.10 55.67 -11.00
CA THR A 857 5.78 56.62 -11.88
C THR A 857 6.92 57.24 -11.10
N LEU A 858 8.13 57.22 -11.66
CA LEU A 858 9.35 57.72 -11.01
C LEU A 858 9.97 58.82 -11.86
N SER A 859 10.74 59.69 -11.21
CA SER A 859 11.54 60.68 -11.92
C SER A 859 12.84 60.04 -12.43
N SER A 860 13.24 60.39 -13.64
CA SER A 860 14.54 60.02 -14.23
C SER A 860 15.70 60.61 -13.44
N ASN A 861 15.48 61.73 -12.77
CA ASN A 861 16.49 62.46 -12.01
C ASN A 861 16.78 61.82 -10.64
N LEU A 862 16.00 60.82 -10.22
CA LEU A 862 16.10 60.19 -8.91
C LEU A 862 17.35 59.31 -8.81
N ASN A 863 18.22 59.62 -7.84
CA ASN A 863 19.52 58.97 -7.65
C ASN A 863 19.70 58.59 -6.17
N THR A 864 19.46 57.33 -5.82
CA THR A 864 19.33 56.89 -4.43
C THR A 864 20.61 56.99 -3.59
N ASN A 865 21.76 57.18 -4.24
CA ASN A 865 23.02 57.51 -3.56
C ASN A 865 22.97 58.87 -2.85
N LEU A 866 22.10 59.78 -3.30
CA LEU A 866 21.94 61.14 -2.78
C LEU A 866 20.55 61.37 -2.18
N HIS A 867 19.52 60.79 -2.82
CA HIS A 867 18.11 60.99 -2.52
C HIS A 867 17.58 59.88 -1.59
N PHE A 868 17.59 60.12 -0.27
CA PHE A 868 17.24 59.09 0.72
C PHE A 868 16.59 59.59 2.02
N ASP A 869 16.43 60.89 2.21
CA ASP A 869 15.55 61.43 3.24
C ASP A 869 14.85 62.71 2.78
N VAL A 870 13.64 62.93 3.28
CA VAL A 870 12.85 64.13 3.01
C VAL A 870 12.10 64.50 4.28
N ASP A 871 11.91 65.80 4.52
CA ASP A 871 11.04 66.29 5.59
C ASP A 871 11.35 65.68 6.97
N ASN A 872 12.64 65.44 7.24
CA ASN A 872 13.22 64.78 8.41
C ASN A 872 13.00 63.25 8.51
N ILE A 873 12.23 62.63 7.62
CA ILE A 873 12.01 61.18 7.59
C ILE A 873 13.06 60.52 6.71
N ASN A 874 13.86 59.63 7.29
CA ASN A 874 14.96 58.97 6.62
C ASN A 874 14.57 57.54 6.26
N PHE A 875 14.66 57.22 4.97
CA PHE A 875 14.30 55.93 4.41
C PHE A 875 15.45 55.32 3.61
N LYS A 876 16.71 55.74 3.86
CA LYS A 876 17.90 55.16 3.22
C LYS A 876 17.91 53.64 3.31
N SER A 877 17.50 53.07 4.43
CA SER A 877 17.54 51.62 4.59
C SER A 877 16.43 50.90 3.83
N LEU A 878 15.43 51.59 3.30
CA LEU A 878 14.32 51.00 2.55
C LEU A 878 14.49 51.06 1.04
N VAL A 879 15.64 51.55 0.56
CA VAL A 879 15.90 51.81 -0.85
C VAL A 879 17.23 51.20 -1.28
N GLY A 880 17.24 50.49 -2.41
CA GLY A 880 18.45 49.96 -3.03
C GLY A 880 18.99 50.87 -4.12
N CYS A 881 19.39 50.29 -5.25
CA CYS A 881 19.69 51.05 -6.46
C CYS A 881 18.48 51.23 -7.38
N LEU A 882 18.56 52.14 -8.35
CA LEU A 882 17.54 52.28 -9.40
C LEU A 882 18.21 52.32 -10.78
N GLY A 883 17.77 51.46 -11.70
CA GLY A 883 18.17 51.54 -13.11
C GLY A 883 19.66 51.23 -13.40
N PRO A 884 20.21 51.79 -14.49
CA PRO A 884 21.54 51.41 -15.00
C PRO A 884 22.72 52.00 -14.20
N HIS A 885 22.49 52.83 -13.18
CA HIS A 885 23.54 53.37 -12.30
C HIS A 885 24.24 52.31 -11.42
N CYS A 886 23.69 51.10 -11.34
CA CYS A 886 24.12 50.02 -10.45
C CYS A 886 23.75 48.61 -11.00
N GLY A 887 22.78 48.49 -11.92
CA GLY A 887 22.43 47.20 -12.53
C GLY A 887 21.63 46.29 -11.60
N SER A 888 22.21 45.14 -11.21
CA SER A 888 21.66 44.24 -10.20
C SER A 888 21.94 44.79 -8.78
N SER A 889 21.76 43.98 -7.72
CA SER A 889 21.97 44.39 -6.32
C SER A 889 21.15 45.61 -5.90
N SER A 890 19.92 45.71 -6.43
CA SER A 890 18.91 46.71 -6.05
C SER A 890 18.19 46.37 -4.73
N ARG A 891 18.72 45.44 -3.95
CA ARG A 891 18.23 45.11 -2.60
C ARG A 891 18.55 46.25 -1.63
N SER A 892 17.57 46.65 -0.82
CA SER A 892 17.77 47.68 0.19
C SER A 892 18.54 47.16 1.40
N PHE A 893 19.05 48.03 2.27
CA PHE A 893 19.74 47.59 3.50
C PHE A 893 18.82 46.76 4.39
N PHE A 894 17.56 47.15 4.49
CA PHE A 894 16.53 46.42 5.21
C PHE A 894 16.29 45.03 4.63
N GLU A 895 16.10 44.93 3.31
CA GLU A 895 15.92 43.62 2.68
C GLU A 895 17.20 42.80 2.78
N ASP A 896 18.40 43.39 2.72
CA ASP A 896 19.66 42.68 2.92
C ASP A 896 19.72 42.07 4.32
N LEU A 897 19.34 42.83 5.35
CA LEU A 897 19.30 42.35 6.72
C LEU A 897 18.28 41.22 6.89
N LEU A 898 17.22 41.21 6.09
CA LEU A 898 16.19 40.16 6.10
C LEU A 898 16.57 38.93 5.28
N PHE A 899 17.33 39.08 4.19
CA PHE A 899 17.70 37.96 3.31
C PHE A 899 18.95 37.23 3.82
N ASP A 900 19.90 37.90 4.46
CA ASP A 900 21.11 37.27 4.99
C ASP A 900 20.87 36.28 6.13
N LYS A 901 19.70 36.31 6.76
CA LYS A 901 19.29 35.39 7.83
C LYS A 901 18.58 34.14 7.31
N VAL A 902 18.41 34.01 5.99
CA VAL A 902 17.79 32.84 5.34
C VAL A 902 18.73 32.30 4.27
N LYS A 903 19.28 31.11 4.46
CA LYS A 903 20.22 30.53 3.48
C LYS A 903 19.55 30.17 2.17
N LEU A 904 18.51 29.35 2.22
CA LEU A 904 17.86 28.79 1.02
C LEU A 904 16.80 29.72 0.43
N SER A 905 17.18 30.94 0.05
CA SER A 905 16.40 31.72 -0.89
C SER A 905 16.51 31.10 -2.28
N ASP A 906 15.97 31.74 -3.31
CA ASP A 906 16.15 31.34 -4.70
C ASP A 906 17.62 31.29 -5.11
N VAL A 907 18.42 32.30 -4.75
CA VAL A 907 19.87 32.29 -4.96
C VAL A 907 20.56 31.20 -4.15
N GLY A 908 20.04 30.89 -2.97
CA GLY A 908 20.59 29.85 -2.11
C GLY A 908 20.39 28.45 -2.67
N PHE A 909 19.22 28.16 -3.22
CA PHE A 909 18.98 26.93 -3.96
C PHE A 909 19.87 26.84 -5.20
N VAL A 910 19.96 27.90 -6.00
CA VAL A 910 20.81 27.89 -7.19
C VAL A 910 22.26 27.67 -6.83
N GLU A 911 22.80 28.33 -5.80
CA GLU A 911 24.17 28.14 -5.37
C GLU A 911 24.42 26.73 -4.82
N ALA A 912 23.49 26.20 -4.04
CA ALA A 912 23.59 24.85 -3.50
C ALA A 912 23.58 23.80 -4.61
N TYR A 913 22.70 23.94 -5.62
CA TYR A 913 22.71 23.02 -6.74
C TYR A 913 23.91 23.20 -7.66
N ASN A 914 24.43 24.42 -7.83
CA ASN A 914 25.68 24.64 -8.56
C ASN A 914 26.82 23.89 -7.89
N ASN A 915 26.85 23.83 -6.56
CA ASN A 915 27.84 23.07 -5.81
C ASN A 915 27.67 21.54 -5.88
N CYS A 916 26.56 21.00 -6.37
CA CYS A 916 26.41 19.54 -6.45
C CYS A 916 27.37 18.84 -7.38
N THR A 917 27.97 19.54 -8.34
CA THR A 917 29.06 19.02 -9.19
C THR A 917 30.30 19.91 -9.13
N GLY A 918 30.46 20.69 -8.06
CA GLY A 918 31.54 21.67 -7.90
C GLY A 918 32.82 21.11 -7.28
N GLY A 919 32.85 19.81 -6.96
CA GLY A 919 33.94 19.16 -6.23
C GLY A 919 34.02 19.52 -4.74
N SER A 920 32.97 20.14 -4.20
CA SER A 920 32.91 20.61 -2.80
C SER A 920 33.08 19.47 -1.81
N GLU A 921 33.71 19.74 -0.67
CA GLU A 921 34.17 18.71 0.27
C GLU A 921 33.05 17.99 1.04
N ILE A 922 31.90 18.64 1.21
CA ILE A 922 30.78 18.13 2.02
C ILE A 922 29.62 17.71 1.12
N ARG A 923 29.09 16.49 1.34
CA ARG A 923 27.91 15.96 0.66
C ARG A 923 26.63 16.62 1.17
N ASP A 924 26.12 17.59 0.43
CA ASP A 924 24.89 18.31 0.76
C ASP A 924 23.63 17.46 0.46
N LEU A 925 22.66 17.45 1.36
CA LEU A 925 21.39 16.76 1.17
C LEU A 925 20.59 17.27 -0.03
N LEU A 926 20.72 18.54 -0.43
CA LEU A 926 20.08 19.01 -1.67
C LEU A 926 20.61 18.27 -2.90
N CYS A 927 21.87 17.86 -2.90
CA CYS A 927 22.43 17.09 -4.00
C CYS A 927 21.91 15.66 -4.00
N VAL A 928 21.76 15.05 -2.82
CA VAL A 928 21.12 13.75 -2.72
C VAL A 928 19.68 13.82 -3.22
N GLN A 929 18.91 14.83 -2.80
CA GLN A 929 17.55 15.03 -3.28
C GLN A 929 17.50 15.19 -4.79
N SER A 930 18.29 16.08 -5.37
CA SER A 930 18.22 16.37 -6.80
C SER A 930 18.70 15.23 -7.69
N PHE A 931 19.71 14.47 -7.30
CA PHE A 931 20.12 13.28 -8.05
C PHE A 931 19.16 12.11 -7.86
N ASN A 932 18.24 12.17 -6.90
CA ASN A 932 17.05 11.32 -6.82
C ASN A 932 15.81 11.93 -7.46
N GLY A 933 15.94 13.05 -8.18
CA GLY A 933 14.86 13.61 -8.99
C GLY A 933 14.08 14.72 -8.30
N ILE A 934 14.33 15.00 -7.03
CA ILE A 934 13.62 16.02 -6.25
C ILE A 934 14.42 17.32 -6.31
N LYS A 935 13.97 18.31 -7.08
CA LYS A 935 14.70 19.58 -7.26
C LYS A 935 13.81 20.79 -7.15
N VAL A 936 14.28 21.85 -6.48
CA VAL A 936 13.60 23.14 -6.43
C VAL A 936 14.02 23.99 -7.60
N LEU A 937 13.10 24.35 -8.49
CA LEU A 937 13.40 25.27 -9.58
C LEU A 937 13.36 26.71 -9.09
N PRO A 938 14.13 27.62 -9.68
CA PRO A 938 14.03 29.02 -9.33
C PRO A 938 12.67 29.60 -9.77
N PRO A 939 12.16 30.63 -9.09
CA PRO A 939 10.96 31.34 -9.50
C PRO A 939 11.17 32.05 -10.84
N ILE A 940 10.13 32.37 -11.60
CA ILE A 940 10.30 33.04 -12.89
C ILE A 940 10.88 34.43 -12.79
N LEU A 941 10.65 35.14 -11.69
CA LEU A 941 11.26 36.41 -11.37
C LEU A 941 12.18 36.21 -10.17
N SER A 942 13.44 36.63 -10.25
CA SER A 942 14.36 36.50 -9.14
C SER A 942 13.96 37.40 -7.97
N GLU A 943 14.34 37.06 -6.75
CA GLU A 943 14.08 37.95 -5.62
C GLU A 943 14.79 39.29 -5.75
N SER A 944 15.85 39.40 -6.54
CA SER A 944 16.46 40.69 -6.89
C SER A 944 15.52 41.57 -7.71
N GLN A 945 14.76 41.00 -8.65
CA GLN A 945 13.74 41.75 -9.37
C GLN A 945 12.62 42.20 -8.45
N ILE A 946 12.16 41.35 -7.53
CA ILE A 946 11.11 41.74 -6.59
C ILE A 946 11.58 42.81 -5.62
N SER A 947 12.83 42.75 -5.16
CA SER A 947 13.48 43.83 -4.42
C SER A 947 13.55 45.12 -5.24
N GLY A 948 13.81 45.05 -6.54
CA GLY A 948 13.70 46.22 -7.39
C GLY A 948 12.27 46.78 -7.44
N TYR A 949 11.25 45.94 -7.51
CA TYR A 949 9.87 46.37 -7.47
C TYR A 949 9.44 46.97 -6.13
N THR A 950 9.82 46.40 -5.00
CA THR A 950 9.55 46.98 -3.68
C THR A 950 10.31 48.26 -3.43
N THR A 951 11.57 48.40 -3.86
CA THR A 951 12.28 49.68 -3.75
C THR A 951 11.68 50.74 -4.67
N ALA A 952 11.26 50.40 -5.88
CA ALA A 952 10.55 51.33 -6.75
C ALA A 952 9.21 51.77 -6.15
N ALA A 953 8.43 50.85 -5.59
CA ALA A 953 7.19 51.20 -4.90
C ALA A 953 7.43 52.03 -3.65
N THR A 954 8.56 51.84 -2.96
CA THR A 954 8.90 52.64 -1.79
C THR A 954 9.32 54.04 -2.17
N VAL A 955 10.18 54.24 -3.17
CA VAL A 955 10.60 55.60 -3.56
C VAL A 955 9.49 56.36 -4.27
N ALA A 956 8.51 55.67 -4.83
CA ALA A 956 7.33 56.27 -5.43
C ALA A 956 6.46 57.03 -4.42
N ALA A 957 6.64 56.82 -3.13
CA ALA A 957 5.90 57.54 -2.11
C ALA A 957 6.69 58.72 -1.54
N MET A 958 7.97 58.86 -1.88
CA MET A 958 8.89 59.79 -1.21
C MET A 958 9.20 61.05 -2.01
N PHE A 959 9.10 60.99 -3.34
CA PHE A 959 9.47 62.08 -4.25
C PHE A 959 8.39 62.33 -5.30
N PRO A 960 8.28 63.51 -5.92
CA PRO A 960 7.30 63.76 -6.96
C PRO A 960 7.40 62.73 -8.10
N PRO A 961 6.28 62.30 -8.70
CA PRO A 961 4.91 62.77 -8.47
C PRO A 961 4.18 62.10 -7.30
N TRP A 962 4.88 61.45 -6.38
CA TRP A 962 4.33 60.74 -5.22
C TRP A 962 3.28 59.69 -5.61
N SER A 963 3.56 58.93 -6.65
CA SER A 963 2.62 58.03 -7.32
C SER A 963 2.12 56.89 -6.42
N ALA A 964 2.77 56.65 -5.29
CA ALA A 964 2.32 55.69 -4.27
C ALA A 964 2.08 56.31 -2.88
N ALA A 965 1.77 57.61 -2.81
CA ALA A 965 1.49 58.35 -1.58
C ALA A 965 0.32 59.35 -1.75
N ALA A 966 -0.69 58.99 -2.54
CA ALA A 966 -1.84 59.85 -2.83
C ALA A 966 -1.48 61.18 -3.52
N GLY A 967 -0.32 61.25 -4.17
CA GLY A 967 0.06 62.45 -4.91
C GLY A 967 0.51 63.63 -4.04
N ILE A 968 0.81 63.45 -2.75
CA ILE A 968 1.30 64.52 -1.86
C ILE A 968 2.56 64.08 -1.11
N PRO A 969 3.41 65.01 -0.64
CA PRO A 969 4.60 64.68 0.14
C PRO A 969 4.36 63.67 1.25
N PHE A 970 5.29 62.75 1.46
CA PHE A 970 5.14 61.68 2.44
C PHE A 970 4.85 62.19 3.85
N SER A 971 5.57 63.23 4.30
CA SER A 971 5.35 63.78 5.63
C SER A 971 3.98 64.44 5.79
N LEU A 972 3.45 65.04 4.73
CA LEU A 972 2.10 65.58 4.75
C LEU A 972 1.08 64.46 4.77
N ASN A 973 1.31 63.38 4.04
CA ASN A 973 0.43 62.22 4.10
C ASN A 973 0.41 61.63 5.51
N VAL A 974 1.56 61.51 6.17
CA VAL A 974 1.62 61.03 7.56
C VAL A 974 0.86 61.99 8.48
N GLN A 975 1.02 63.29 8.34
CA GLN A 975 0.26 64.25 9.11
C GLN A 975 -1.25 64.16 8.84
N TYR A 976 -1.70 64.07 7.60
CA TYR A 976 -3.13 64.00 7.32
C TYR A 976 -3.73 62.70 7.83
N ARG A 977 -2.99 61.61 7.76
CA ARG A 977 -3.39 60.34 8.34
C ARG A 977 -3.50 60.39 9.84
N ILE A 978 -2.58 61.04 10.55
CA ILE A 978 -2.72 61.21 11.99
C ILE A 978 -3.89 62.14 12.31
N ASN A 979 -4.10 63.20 11.52
CA ASN A 979 -5.19 64.13 11.77
C ASN A 979 -6.56 63.45 11.66
N GLY A 980 -6.72 62.52 10.72
CA GLY A 980 -7.95 61.76 10.53
C GLY A 980 -8.34 60.88 11.71
N LEU A 981 -7.42 60.61 12.64
CA LEU A 981 -7.70 59.86 13.86
C LEU A 981 -8.34 60.72 14.96
N GLY A 982 -8.47 62.03 14.76
CA GLY A 982 -8.97 62.94 15.78
C GLY A 982 -7.86 63.70 16.48
N VAL A 983 -6.79 64.04 15.77
CA VAL A 983 -5.65 64.81 16.29
C VAL A 983 -5.61 66.14 15.58
N THR A 984 -5.54 67.24 16.33
CA THR A 984 -5.62 68.58 15.75
C THR A 984 -4.44 68.83 14.82
N MET A 985 -4.62 69.62 13.76
CA MET A 985 -3.51 70.00 12.88
C MET A 985 -2.45 70.83 13.60
N ASP A 986 -2.82 71.58 14.64
CA ASP A 986 -1.90 72.48 15.31
C ASP A 986 -0.73 71.74 15.95
N VAL A 987 -1.00 70.68 16.72
CA VAL A 987 0.09 69.94 17.35
C VAL A 987 0.88 69.15 16.33
N LEU A 988 0.26 68.77 15.22
CA LEU A 988 0.94 67.99 14.20
C LEU A 988 1.97 68.82 13.45
N ASN A 989 1.63 70.03 13.01
CA ASN A 989 2.60 70.84 12.29
C ASN A 989 3.51 71.64 13.25
N LYS A 990 3.18 71.74 14.53
CA LYS A 990 4.11 72.24 15.56
C LYS A 990 5.14 71.19 15.96
N ASN A 991 4.75 69.92 16.06
CA ASN A 991 5.63 68.82 16.46
C ASN A 991 6.06 67.97 15.26
N GLN A 992 6.22 68.54 14.07
CA GLN A 992 6.56 67.77 12.87
C GLN A 992 7.88 67.01 13.01
N LYS A 993 8.93 67.63 13.54
CA LYS A 993 10.23 66.98 13.72
C LYS A 993 10.20 65.88 14.79
N LEU A 994 9.43 66.07 15.86
CA LEU A 994 9.17 65.02 16.85
C LEU A 994 8.39 63.85 16.25
N ILE A 995 7.43 64.11 15.36
CA ILE A 995 6.72 63.05 14.63
C ILE A 995 7.67 62.33 13.67
N ALA A 996 8.48 63.03 12.90
CA ALA A 996 9.44 62.40 12.00
C ALA A 996 10.51 61.58 12.74
N THR A 997 11.05 62.06 13.85
CA THR A 997 11.95 61.26 14.69
C THR A 997 11.22 60.07 15.32
N ALA A 998 9.98 60.21 15.76
CA ALA A 998 9.23 59.06 16.22
C ALA A 998 9.00 58.04 15.10
N PHE A 999 8.73 58.49 13.88
CA PHE A 999 8.59 57.63 12.71
C PHE A 999 9.88 56.89 12.39
N ASN A 1000 11.03 57.55 12.28
CA ASN A 1000 12.26 56.84 11.92
C ASN A 1000 12.80 56.03 13.11
N ASN A 1001 12.46 56.37 14.36
CA ASN A 1001 12.69 55.50 15.51
C ASN A 1001 11.82 54.25 15.46
N ALA A 1002 10.56 54.34 15.04
CA ALA A 1002 9.73 53.15 14.85
C ALA A 1002 10.30 52.24 13.77
N LEU A 1003 10.77 52.81 12.66
CA LEU A 1003 11.45 52.06 11.63
C LEU A 1003 12.72 51.41 12.14
N LEU A 1004 13.55 52.10 12.91
CA LEU A 1004 14.74 51.50 13.51
C LEU A 1004 14.37 50.39 14.51
N SER A 1005 13.28 50.53 15.25
CA SER A 1005 12.81 49.47 16.14
C SER A 1005 12.44 48.21 15.39
N ILE A 1006 11.78 48.33 14.22
CA ILE A 1006 11.51 47.19 13.34
C ILE A 1006 12.82 46.56 12.85
N GLN A 1007 13.80 47.37 12.43
CA GLN A 1007 15.09 46.85 11.97
C GLN A 1007 15.83 46.11 13.08
N ASN A 1008 15.91 46.67 14.28
CA ASN A 1008 16.64 46.05 15.36
C ASN A 1008 15.89 44.85 15.93
N GLY A 1009 14.59 44.71 15.67
CA GLY A 1009 13.79 43.58 16.13
C GLY A 1009 14.11 42.27 15.42
N PHE A 1010 14.86 42.29 14.31
CA PHE A 1010 15.35 41.08 13.66
C PHE A 1010 16.61 40.51 14.30
N SER A 1011 17.30 41.26 15.17
CA SER A 1011 18.44 40.73 15.94
C SER A 1011 17.99 39.97 17.21
N ALA A 1012 16.68 39.76 17.36
CA ALA A 1012 16.01 39.08 18.46
C ALA A 1012 15.00 38.06 17.91
N PRO A 1013 14.52 37.09 18.69
CA PRO A 1013 13.52 36.10 18.26
C PRO A 1013 12.14 36.75 18.05
N ASN A 1014 11.95 37.49 16.96
CA ASN A 1014 10.66 38.06 16.58
C ASN A 1014 9.85 37.11 15.68
N SER A 1015 8.54 37.32 15.66
CA SER A 1015 7.62 36.41 14.96
C SER A 1015 7.73 36.51 13.44
N ALA A 1016 8.13 37.65 12.87
CA ALA A 1016 8.25 37.78 11.42
C ALA A 1016 9.41 36.97 10.84
N LEU A 1017 10.61 37.08 11.40
CA LEU A 1017 11.74 36.25 10.95
C LEU A 1017 11.51 34.77 11.25
N ALA A 1018 10.90 34.44 12.39
CA ALA A 1018 10.52 33.06 12.67
C ALA A 1018 9.51 32.54 11.65
N LYS A 1019 8.53 33.35 11.25
CA LYS A 1019 7.56 32.98 10.21
C LYS A 1019 8.21 32.79 8.85
N ILE A 1020 9.17 33.63 8.47
CA ILE A 1020 9.95 33.50 7.24
C ILE A 1020 10.76 32.20 7.27
N GLN A 1021 11.52 31.96 8.33
CA GLN A 1021 12.36 30.76 8.44
C GLN A 1021 11.51 29.49 8.55
N SER A 1022 10.28 29.57 9.04
CA SER A 1022 9.36 28.42 9.04
C SER A 1022 9.04 27.94 7.64
N VAL A 1023 8.95 28.82 6.63
CA VAL A 1023 8.66 28.42 5.25
C VAL A 1023 9.76 27.51 4.72
N VAL A 1024 11.01 27.97 4.85
CA VAL A 1024 12.20 27.24 4.42
C VAL A 1024 12.39 25.96 5.22
N ASN A 1025 12.23 25.99 6.53
CA ASN A 1025 12.38 24.80 7.36
C ASN A 1025 11.31 23.75 7.05
N SER A 1026 10.06 24.16 6.83
CA SER A 1026 9.00 23.23 6.44
C SER A 1026 9.24 22.61 5.07
N ASN A 1027 9.70 23.38 4.09
CA ASN A 1027 10.03 22.82 2.79
C ASN A 1027 11.21 21.84 2.88
N ALA A 1028 12.27 22.20 3.59
CA ALA A 1028 13.44 21.32 3.74
C ALA A 1028 13.08 20.03 4.49
N GLN A 1029 12.23 20.09 5.51
CA GLN A 1029 11.74 18.90 6.19
C GLN A 1029 10.83 18.07 5.27
N ALA A 1030 9.96 18.67 4.47
CA ALA A 1030 9.12 17.94 3.53
C ALA A 1030 9.94 17.23 2.45
N LEU A 1031 10.93 17.90 1.85
CA LEU A 1031 11.81 17.29 0.86
C LEU A 1031 12.69 16.21 1.46
N ASN A 1032 13.22 16.42 2.65
CA ASN A 1032 13.98 15.40 3.36
C ASN A 1032 13.11 14.18 3.63
N SER A 1033 11.86 14.36 4.05
CA SER A 1033 10.97 13.22 4.31
C SER A 1033 10.68 12.49 3.00
N LEU A 1034 10.41 13.21 1.91
CA LEU A 1034 10.17 12.61 0.61
C LEU A 1034 11.39 11.83 0.09
N LEU A 1035 12.60 12.33 0.27
CA LEU A 1035 13.80 11.56 -0.04
C LEU A 1035 13.89 10.31 0.83
N GLN A 1036 13.62 10.41 2.13
CA GLN A 1036 13.67 9.24 3.01
C GLN A 1036 12.64 8.18 2.65
N GLN A 1037 11.58 8.51 1.92
CA GLN A 1037 10.66 7.49 1.41
C GLN A 1037 11.36 6.48 0.50
N LEU A 1038 12.50 6.81 -0.13
CA LEU A 1038 13.23 5.85 -0.95
C LEU A 1038 13.92 4.75 -0.15
N PHE A 1039 14.10 4.94 1.15
CA PHE A 1039 14.80 3.99 2.01
C PHE A 1039 13.84 3.10 2.82
N ASN A 1040 12.52 3.27 2.66
CA ASN A 1040 11.52 2.37 3.23
C ASN A 1040 11.37 1.14 2.35
N LYS A 1041 10.99 0.02 2.95
CA LYS A 1041 10.82 -1.24 2.22
C LYS A 1041 9.38 -1.52 1.80
N PHE A 1042 8.38 -0.93 2.47
CA PHE A 1042 6.98 -1.04 2.08
C PHE A 1042 6.49 -2.49 1.96
N GLY A 1043 6.99 -3.38 2.83
CA GLY A 1043 6.68 -4.81 2.78
C GLY A 1043 7.59 -5.65 1.86
N ALA A 1044 8.51 -5.05 1.10
CA ALA A 1044 9.50 -5.77 0.31
C ALA A 1044 10.71 -6.23 1.15
N ILE A 1045 11.53 -7.13 0.61
CA ILE A 1045 12.72 -7.67 1.31
C ILE A 1045 13.82 -6.63 1.49
N SER A 1046 13.91 -5.65 0.60
CA SER A 1046 14.91 -4.57 0.61
C SER A 1046 14.33 -3.30 0.00
N SER A 1047 14.88 -2.14 0.34
CA SER A 1047 14.53 -0.85 -0.26
C SER A 1047 15.37 -0.52 -1.47
N SER A 1048 16.39 -1.33 -1.79
CA SER A 1048 17.28 -1.07 -2.91
C SER A 1048 16.96 -1.97 -4.09
N LEU A 1049 16.64 -1.38 -5.24
CA LEU A 1049 16.38 -2.12 -6.48
C LEU A 1049 17.58 -2.94 -6.94
N GLN A 1050 18.81 -2.52 -6.61
CA GLN A 1050 20.01 -3.31 -6.86
C GLN A 1050 19.97 -4.62 -6.07
N GLU A 1051 19.63 -4.59 -4.78
CA GLU A 1051 19.49 -5.80 -3.96
C GLU A 1051 18.36 -6.70 -4.46
N ILE A 1052 17.22 -6.14 -4.86
CA ILE A 1052 16.12 -6.95 -5.40
C ILE A 1052 16.56 -7.68 -6.67
N LEU A 1053 17.20 -6.98 -7.61
CA LEU A 1053 17.65 -7.57 -8.86
C LEU A 1053 18.90 -8.44 -8.73
N SER A 1054 19.69 -8.31 -7.66
CA SER A 1054 20.86 -9.16 -7.37
C SER A 1054 20.57 -10.31 -6.38
N ARG A 1055 19.37 -10.39 -5.80
CA ARG A 1055 18.98 -11.50 -4.91
C ARG A 1055 18.01 -12.49 -5.56
N LEU A 1056 17.15 -12.03 -6.47
CA LEU A 1056 16.04 -12.84 -7.01
C LEU A 1056 16.06 -12.89 -8.53
N ASP A 1057 15.51 -13.97 -9.07
CA ASP A 1057 15.14 -14.13 -10.47
C ASP A 1057 13.85 -13.36 -10.82
N PRO A 1058 13.60 -13.06 -12.10
CA PRO A 1058 12.52 -12.18 -12.51
C PRO A 1058 11.13 -12.45 -11.92
N PRO A 1059 10.64 -13.71 -11.79
CA PRO A 1059 9.28 -13.94 -11.28
C PRO A 1059 9.00 -13.34 -9.90
N GLU A 1060 9.93 -13.42 -8.95
CA GLU A 1060 9.78 -12.77 -7.65
C GLU A 1060 10.45 -11.40 -7.55
N ALA A 1061 11.47 -11.11 -8.37
CA ALA A 1061 11.92 -9.73 -8.49
C ALA A 1061 10.78 -8.80 -8.90
N GLN A 1062 9.86 -9.23 -9.78
CA GLN A 1062 8.71 -8.43 -10.14
C GLN A 1062 7.81 -8.11 -8.93
N VAL A 1063 7.51 -9.08 -8.06
CA VAL A 1063 6.57 -8.82 -6.96
C VAL A 1063 7.17 -7.90 -5.91
N GLN A 1064 8.47 -8.02 -5.64
CA GLN A 1064 9.20 -7.11 -4.75
C GLN A 1064 9.30 -5.70 -5.33
N ILE A 1065 9.61 -5.55 -6.62
CA ILE A 1065 9.64 -4.23 -7.25
C ILE A 1065 8.24 -3.63 -7.28
N ASP A 1066 7.18 -4.42 -7.44
CA ASP A 1066 5.81 -3.90 -7.37
C ASP A 1066 5.47 -3.36 -5.99
N ARG A 1067 5.92 -3.98 -4.90
CA ARG A 1067 5.75 -3.44 -3.55
C ARG A 1067 6.44 -2.08 -3.42
N LEU A 1068 7.69 -1.94 -3.88
CA LEU A 1068 8.40 -0.67 -3.87
C LEU A 1068 7.73 0.38 -4.76
N ILE A 1069 7.31 0.04 -5.97
CA ILE A 1069 6.57 0.95 -6.84
C ILE A 1069 5.31 1.46 -6.14
N ASN A 1070 4.53 0.59 -5.49
CA ASN A 1070 3.31 1.02 -4.80
C ASN A 1070 3.63 1.91 -3.59
N GLY A 1071 4.60 1.56 -2.77
CA GLY A 1071 5.01 2.39 -1.64
C GLY A 1071 5.51 3.75 -2.09
N ARG A 1072 6.38 3.81 -3.09
CA ARG A 1072 6.90 5.07 -3.63
C ARG A 1072 5.81 5.90 -4.28
N LEU A 1073 4.94 5.32 -5.11
CA LEU A 1073 3.85 6.07 -5.71
C LEU A 1073 2.82 6.58 -4.69
N THR A 1074 2.47 5.82 -3.65
CA THR A 1074 1.60 6.34 -2.59
C THR A 1074 2.25 7.49 -1.82
N ALA A 1075 3.54 7.42 -1.51
CA ALA A 1075 4.26 8.52 -0.92
C ALA A 1075 4.28 9.76 -1.83
N LEU A 1076 4.49 9.57 -3.12
CA LEU A 1076 4.46 10.65 -4.10
C LEU A 1076 3.07 11.28 -4.20
N ASN A 1077 2.00 10.50 -4.20
CA ASN A 1077 0.63 11.02 -4.15
C ASN A 1077 0.34 11.78 -2.86
N ALA A 1078 0.80 11.30 -1.70
CA ALA A 1078 0.64 12.02 -0.44
C ALA A 1078 1.36 13.36 -0.45
N TYR A 1079 2.60 13.40 -0.92
CA TYR A 1079 3.35 14.65 -1.06
C TYR A 1079 2.69 15.60 -2.05
N VAL A 1080 2.19 15.12 -3.19
CA VAL A 1080 1.48 15.96 -4.16
C VAL A 1080 0.19 16.53 -3.56
N SER A 1081 -0.59 15.75 -2.82
CA SER A 1081 -1.81 16.25 -2.17
C SER A 1081 -1.52 17.31 -1.13
N GLN A 1082 -0.49 17.10 -0.30
CA GLN A 1082 -0.05 18.13 0.65
C GLN A 1082 0.45 19.38 -0.07
N GLN A 1083 1.19 19.23 -1.16
CA GLN A 1083 1.67 20.36 -1.94
C GLN A 1083 0.52 21.17 -2.53
N LEU A 1084 -0.53 20.55 -3.04
CA LEU A 1084 -1.73 21.26 -3.51
C LEU A 1084 -2.39 22.06 -2.38
N SER A 1085 -2.54 21.46 -1.19
CA SER A 1085 -3.11 22.18 -0.05
C SER A 1085 -2.27 23.39 0.35
N ASP A 1086 -0.97 23.21 0.51
CA ASP A 1086 -0.07 24.29 0.88
C ASP A 1086 -0.04 25.40 -0.15
N ILE A 1087 -0.13 25.08 -1.45
CA ILE A 1087 -0.08 26.12 -2.47
C ILE A 1087 -1.41 26.88 -2.53
N SER A 1088 -2.55 26.26 -2.21
CA SER A 1088 -3.78 27.01 -2.01
C SER A 1088 -3.65 28.05 -0.89
N LEU A 1089 -3.04 27.69 0.23
CA LEU A 1089 -2.79 28.62 1.34
C LEU A 1089 -1.85 29.75 0.92
N VAL A 1090 -0.82 29.46 0.12
CA VAL A 1090 0.09 30.48 -0.42
C VAL A 1090 -0.63 31.42 -1.36
N LYS A 1091 -1.54 30.93 -2.21
CA LYS A 1091 -2.35 31.79 -3.08
C LYS A 1091 -3.25 32.74 -2.30
N PHE A 1092 -3.89 32.25 -1.26
CA PHE A 1092 -4.75 33.09 -0.41
C PHE A 1092 -3.91 34.13 0.35
N GLY A 1093 -2.75 33.75 0.85
CA GLY A 1093 -1.80 34.69 1.45
C GLY A 1093 -1.27 35.72 0.46
N ALA A 1094 -1.02 35.35 -0.79
CA ALA A 1094 -0.60 36.31 -1.81
C ALA A 1094 -1.71 37.29 -2.20
N ALA A 1095 -2.97 36.85 -2.28
CA ALA A 1095 -4.10 37.74 -2.48
C ALA A 1095 -4.27 38.73 -1.33
N LEU A 1096 -4.10 38.29 -0.08
CA LEU A 1096 -4.08 39.18 1.07
C LEU A 1096 -2.91 40.18 1.01
N ALA A 1097 -1.71 39.75 0.60
CA ALA A 1097 -0.57 40.66 0.48
C ALA A 1097 -0.80 41.70 -0.60
N MET A 1098 -1.42 41.34 -1.71
CA MET A 1098 -1.81 42.27 -2.77
C MET A 1098 -2.85 43.27 -2.26
N GLU A 1099 -3.84 42.83 -1.49
CA GLU A 1099 -4.77 43.74 -0.83
C GLU A 1099 -4.05 44.68 0.14
N LYS A 1100 -3.13 44.20 0.97
CA LYS A 1100 -2.38 45.06 1.89
C LYS A 1100 -1.48 46.04 1.13
N VAL A 1101 -0.86 45.66 0.03
CA VAL A 1101 -0.14 46.63 -0.83
C VAL A 1101 -1.10 47.70 -1.33
N ASN A 1102 -2.22 47.32 -1.91
CA ASN A 1102 -3.16 48.26 -2.50
C ASN A 1102 -3.83 49.19 -1.48
N GLU A 1103 -4.14 48.68 -0.29
CA GLU A 1103 -4.99 49.36 0.68
C GLU A 1103 -4.33 49.72 2.02
N CYS A 1104 -3.02 49.52 2.14
CA CYS A 1104 -2.22 50.03 3.25
C CYS A 1104 -0.97 50.77 2.78
N VAL A 1105 -0.39 50.38 1.65
CA VAL A 1105 0.86 50.97 1.17
C VAL A 1105 0.55 52.05 0.15
N LYS A 1106 -0.13 51.71 -0.94
CA LYS A 1106 -0.43 52.65 -2.04
C LYS A 1106 -1.56 53.60 -1.76
N SER A 1107 -2.38 53.27 -0.79
CA SER A 1107 -3.49 54.07 -0.30
C SER A 1107 -3.86 53.59 1.07
N GLN A 1108 -4.75 54.29 1.75
CA GLN A 1108 -5.19 53.95 3.10
C GLN A 1108 -6.69 53.77 3.12
N SER A 1109 -7.12 52.53 2.98
CA SER A 1109 -8.54 52.20 2.92
C SER A 1109 -9.19 52.37 4.29
N PRO A 1110 -10.43 52.86 4.39
CA PRO A 1110 -11.12 53.09 5.66
C PRO A 1110 -11.56 51.78 6.34
N ARG A 1111 -10.62 50.90 6.68
CA ARG A 1111 -10.84 49.62 7.34
C ARG A 1111 -9.97 49.52 8.58
N ILE A 1112 -10.56 49.27 9.74
CA ILE A 1112 -9.92 49.69 11.00
C ILE A 1112 -8.67 48.89 11.35
N ASN A 1113 -8.78 47.58 11.50
CA ASN A 1113 -7.63 46.76 11.89
C ASN A 1113 -7.09 45.93 10.73
N PHE A 1114 -7.35 46.35 9.49
CA PHE A 1114 -6.90 45.63 8.32
C PHE A 1114 -5.37 45.69 8.18
N CYS A 1115 -4.80 46.88 8.32
CA CYS A 1115 -3.37 47.12 8.23
C CYS A 1115 -2.73 47.08 9.63
N GLY A 1116 -2.83 45.94 10.29
CA GLY A 1116 -2.36 45.79 11.66
C GLY A 1116 -3.27 46.47 12.69
N ASN A 1117 -3.14 46.06 13.95
CA ASN A 1117 -3.92 46.62 15.05
C ASN A 1117 -3.52 48.06 15.41
N GLY A 1118 -4.37 48.75 16.16
CA GLY A 1118 -4.13 50.11 16.61
C GLY A 1118 -4.57 51.16 15.59
N ASN A 1119 -4.26 52.42 15.89
CA ASN A 1119 -4.62 53.54 15.03
C ASN A 1119 -3.68 53.63 13.83
N HIS A 1120 -3.97 52.91 12.76
CA HIS A 1120 -3.07 52.82 11.62
C HIS A 1120 -2.91 54.15 10.91
N ILE A 1121 -1.68 54.63 10.83
CA ILE A 1121 -1.36 55.87 10.12
C ILE A 1121 -1.10 55.50 8.67
N LEU A 1122 -0.15 54.63 8.43
CA LEU A 1122 0.43 54.36 7.12
C LEU A 1122 1.22 53.06 7.17
N SER A 1123 1.43 52.43 6.02
CA SER A 1123 2.20 51.20 5.88
C SER A 1123 3.22 51.27 4.76
N LEU A 1124 4.33 50.55 4.89
CA LEU A 1124 5.38 50.42 3.89
C LEU A 1124 5.66 48.94 3.64
N VAL A 1125 6.13 48.56 2.46
CA VAL A 1125 6.41 47.17 2.11
C VAL A 1125 7.85 46.99 1.66
N GLN A 1126 8.45 45.87 2.02
CA GLN A 1126 9.80 45.49 1.63
C GLN A 1126 9.81 44.03 1.24
N ASN A 1127 10.69 43.64 0.34
CA ASN A 1127 10.77 42.28 -0.12
C ASN A 1127 11.27 41.35 1.00
N ALA A 1128 10.83 40.11 1.03
CA ALA A 1128 11.31 39.13 1.97
C ALA A 1128 11.41 37.77 1.29
N PRO A 1129 12.21 36.84 1.82
CA PRO A 1129 12.29 35.52 1.22
C PRO A 1129 10.91 34.87 1.13
N TYR A 1130 10.46 34.52 -0.06
CA TYR A 1130 9.16 33.92 -0.35
C TYR A 1130 7.94 34.74 0.07
N GLY A 1131 8.03 36.07 0.08
CA GLY A 1131 6.90 36.89 0.49
C GLY A 1131 7.22 38.36 0.58
N LEU A 1132 6.37 39.10 1.26
CA LEU A 1132 6.54 40.53 1.49
C LEU A 1132 6.54 40.78 2.98
N LEU A 1133 7.31 41.76 3.44
CA LEU A 1133 7.27 42.23 4.81
C LEU A 1133 6.63 43.61 4.78
N PHE A 1134 5.58 43.80 5.57
CA PHE A 1134 4.89 45.06 5.72
C PHE A 1134 5.31 45.68 7.04
N MET A 1135 5.62 46.96 7.06
CA MET A 1135 5.84 47.75 8.26
C MET A 1135 4.61 48.62 8.44
N HIS A 1136 3.83 48.36 9.47
CA HIS A 1136 2.63 49.14 9.79
C HIS A 1136 2.95 50.14 10.89
N PHE A 1137 2.70 51.41 10.63
CA PHE A 1137 2.99 52.50 11.57
C PHE A 1137 1.69 53.00 12.18
N SER A 1138 1.65 53.09 13.49
CA SER A 1138 0.43 53.38 14.24
C SER A 1138 0.64 54.56 15.17
N TYR A 1139 -0.43 55.29 15.46
CA TYR A 1139 -0.45 56.36 16.44
C TYR A 1139 -0.70 55.75 17.81
N LYS A 1140 0.26 55.87 18.73
CA LYS A 1140 0.21 55.28 20.06
C LYS A 1140 0.15 56.38 21.11
N PRO A 1141 -0.96 56.54 21.83
CA PRO A 1141 -1.01 57.39 23.01
C PRO A 1141 -0.01 56.96 24.08
N ILE A 1142 0.64 57.92 24.71
CA ILE A 1142 1.67 57.74 25.74
C ILE A 1142 1.12 58.08 27.13
N SER A 1143 0.47 59.23 27.28
CA SER A 1143 -0.13 59.68 28.52
C SER A 1143 -1.53 60.20 28.28
N PHE A 1144 -2.38 60.10 29.30
CA PHE A 1144 -3.81 60.42 29.24
C PHE A 1144 -4.20 61.44 30.28
N LYS A 1145 -5.26 62.19 30.01
CA LYS A 1145 -5.92 63.08 30.96
C LYS A 1145 -7.38 62.68 31.01
N THR A 1146 -7.91 62.45 32.20
CA THR A 1146 -9.35 62.24 32.39
C THR A 1146 -10.05 63.59 32.28
N VAL A 1147 -11.01 63.70 31.37
CA VAL A 1147 -11.69 64.94 31.04
C VAL A 1147 -13.19 64.68 30.96
N LEU A 1148 -13.98 65.59 31.51
CA LEU A 1148 -15.42 65.59 31.33
C LEU A 1148 -15.78 66.07 29.92
N VAL A 1149 -16.45 65.23 29.16
CA VAL A 1149 -16.84 65.51 27.77
C VAL A 1149 -18.34 65.38 27.57
N SER A 1150 -18.83 66.00 26.51
CA SER A 1150 -20.21 65.91 26.07
C SER A 1150 -20.26 65.47 24.61
N PRO A 1151 -21.11 64.49 24.24
CA PRO A 1151 -21.21 64.01 22.88
C PRO A 1151 -22.11 64.87 21.99
N GLY A 1152 -22.66 65.98 22.49
CA GLY A 1152 -23.41 66.93 21.68
C GLY A 1152 -24.08 68.02 22.50
N LEU A 1153 -24.41 69.14 21.88
CA LEU A 1153 -24.96 70.31 22.55
C LEU A 1153 -26.23 70.79 21.87
N CYS A 1154 -27.17 71.28 22.66
CA CYS A 1154 -28.38 71.92 22.18
C CYS A 1154 -28.21 73.43 22.31
N ILE A 1155 -28.00 74.10 21.19
CA ILE A 1155 -27.56 75.50 21.10
C ILE A 1155 -28.62 76.40 20.48
N SER A 1156 -28.49 77.72 20.67
CA SER A 1156 -29.25 78.73 19.92
C SER A 1156 -30.76 78.44 19.91
N GLY A 1157 -31.39 78.37 18.73
CA GLY A 1157 -32.79 78.03 18.51
C GLY A 1157 -33.07 76.53 18.55
N ASP A 1158 -32.63 75.84 19.60
CA ASP A 1158 -32.77 74.38 19.79
C ASP A 1158 -32.10 73.55 18.68
N VAL A 1159 -31.14 74.13 17.97
CA VAL A 1159 -30.33 73.46 16.95
C VAL A 1159 -29.33 72.57 17.68
N GLY A 1160 -29.15 71.34 17.21
CA GLY A 1160 -28.18 70.42 17.76
C GLY A 1160 -26.85 70.51 17.03
N ILE A 1161 -25.77 70.33 17.75
CA ILE A 1161 -24.45 70.12 17.17
C ILE A 1161 -23.79 68.91 17.81
N ALA A 1162 -23.16 68.09 16.99
CA ALA A 1162 -22.36 66.97 17.43
C ALA A 1162 -20.89 67.18 17.03
N PRO A 1163 -19.92 66.81 17.88
CA PRO A 1163 -18.52 67.00 17.58
C PRO A 1163 -18.10 66.09 16.44
N LYS A 1164 -17.28 66.58 15.50
CA LYS A 1164 -16.84 65.79 14.34
C LYS A 1164 -15.46 65.19 14.61
N GLN A 1165 -15.42 63.89 14.89
CA GLN A 1165 -14.20 63.18 15.28
C GLN A 1165 -13.53 63.80 16.52
N GLY A 1166 -14.29 63.95 17.60
CA GLY A 1166 -13.87 64.65 18.79
C GLY A 1166 -14.96 64.73 19.85
N TYR A 1167 -14.82 65.64 20.79
CA TYR A 1167 -15.73 65.85 21.91
C TYR A 1167 -15.93 67.33 22.20
N PHE A 1168 -17.03 67.67 22.87
CA PHE A 1168 -17.22 68.99 23.45
C PHE A 1168 -16.83 68.95 24.92
N ILE A 1169 -16.09 69.96 25.35
CA ILE A 1169 -15.51 70.06 26.69
C ILE A 1169 -15.79 71.44 27.26
N LYS A 1170 -15.69 71.58 28.58
CA LYS A 1170 -15.71 72.85 29.27
C LYS A 1170 -14.28 73.25 29.59
N HIS A 1171 -13.75 74.24 28.88
CA HIS A 1171 -12.41 74.79 29.11
C HIS A 1171 -12.51 76.29 29.38
N ASN A 1172 -11.86 76.79 30.44
CA ASN A 1172 -12.03 78.17 30.92
C ASN A 1172 -13.49 78.55 31.19
N ASP A 1173 -14.29 77.59 31.65
CA ASP A 1173 -15.74 77.76 31.89
C ASP A 1173 -16.58 78.19 30.67
N HIS A 1174 -16.22 77.72 29.47
CA HIS A 1174 -17.06 77.82 28.27
C HIS A 1174 -16.81 76.65 27.32
N TRP A 1175 -17.77 76.38 26.43
CA TRP A 1175 -17.74 75.20 25.59
C TRP A 1175 -16.70 75.32 24.48
N MET A 1176 -15.85 74.31 24.38
CA MET A 1176 -14.77 74.17 23.42
C MET A 1176 -14.80 72.76 22.83
N PHE A 1177 -14.05 72.53 21.75
CA PHE A 1177 -13.95 71.24 21.08
C PHE A 1177 -12.56 70.66 21.28
N THR A 1178 -12.43 69.35 21.44
CA THR A 1178 -11.14 68.67 21.38
C THR A 1178 -11.25 67.46 20.48
N GLY A 1179 -10.18 67.14 19.74
CA GLY A 1179 -10.11 65.88 19.01
C GLY A 1179 -10.11 64.70 19.96
N SER A 1180 -10.64 63.56 19.52
CA SER A 1180 -10.81 62.38 20.37
C SER A 1180 -9.51 61.64 20.66
N SER A 1181 -8.47 61.87 19.86
CA SER A 1181 -7.18 61.20 19.99
C SER A 1181 -6.08 62.09 20.55
N TYR A 1182 -6.34 63.36 20.80
CA TYR A 1182 -5.37 64.26 21.43
C TYR A 1182 -6.07 65.43 22.10
N TYR A 1183 -5.78 65.67 23.37
CA TYR A 1183 -6.40 66.73 24.14
C TYR A 1183 -5.79 68.07 23.79
N TYR A 1184 -6.57 68.88 23.08
CA TYR A 1184 -6.20 70.23 22.65
C TYR A 1184 -7.47 71.03 22.42
N PRO A 1185 -7.94 71.83 23.38
CA PRO A 1185 -9.13 72.63 23.21
C PRO A 1185 -9.02 73.61 22.05
N GLU A 1186 -10.08 73.72 21.25
CA GLU A 1186 -10.24 74.59 20.11
C GLU A 1186 -11.59 75.28 20.17
N PRO A 1187 -11.77 76.45 19.53
CA PRO A 1187 -13.08 77.03 19.39
C PRO A 1187 -13.99 76.11 18.57
N ILE A 1188 -15.27 76.09 18.91
CA ILE A 1188 -16.27 75.35 18.16
C ILE A 1188 -16.58 76.12 16.88
N SER A 1189 -16.48 75.47 15.72
CA SER A 1189 -16.81 76.07 14.42
C SER A 1189 -17.47 75.06 13.50
N ASP A 1190 -17.96 75.50 12.35
CA ASP A 1190 -18.58 74.61 11.38
C ASP A 1190 -17.57 73.61 10.76
N LYS A 1191 -16.26 73.81 10.99
CA LYS A 1191 -15.21 72.89 10.56
C LYS A 1191 -15.21 71.60 11.38
N ASN A 1192 -15.55 71.65 12.68
CA ASN A 1192 -15.48 70.49 13.59
C ASN A 1192 -16.84 70.12 14.21
N VAL A 1193 -17.92 70.26 13.45
CA VAL A 1193 -19.29 70.14 13.94
C VAL A 1193 -20.17 69.51 12.87
N VAL A 1194 -21.11 68.66 13.28
CA VAL A 1194 -22.23 68.21 12.47
C VAL A 1194 -23.49 68.90 12.98
N PHE A 1195 -24.19 69.64 12.13
CA PHE A 1195 -25.40 70.38 12.51
C PHE A 1195 -26.65 69.52 12.38
N MET A 1196 -27.59 69.69 13.30
CA MET A 1196 -28.92 69.08 13.29
C MET A 1196 -29.99 70.14 13.54
N ASN A 1197 -31.06 70.19 12.75
CA ASN A 1197 -32.09 71.22 12.90
C ASN A 1197 -32.84 71.14 14.22
N THR A 1198 -33.05 69.93 14.74
CA THR A 1198 -33.58 69.65 16.07
C THR A 1198 -32.53 68.93 16.88
N CYS A 1199 -32.19 69.41 18.08
CA CYS A 1199 -31.19 68.75 18.92
C CYS A 1199 -31.73 67.43 19.50
N SER A 1200 -30.88 66.42 19.63
CA SER A 1200 -31.29 65.20 20.33
C SER A 1200 -31.53 65.49 21.80
N VAL A 1201 -32.43 64.73 22.43
CA VAL A 1201 -32.54 64.76 23.89
C VAL A 1201 -31.22 64.28 24.49
N ASN A 1202 -30.94 64.69 25.72
CA ASN A 1202 -29.70 64.37 26.46
C ASN A 1202 -28.42 64.95 25.83
N PHE A 1203 -28.53 65.80 24.80
CA PHE A 1203 -27.50 66.77 24.48
C PHE A 1203 -27.52 67.86 25.55
N THR A 1204 -26.35 68.25 26.04
CA THR A 1204 -26.25 69.27 27.09
C THR A 1204 -26.82 70.59 26.59
N LYS A 1205 -27.63 71.27 27.39
CA LYS A 1205 -28.22 72.56 27.00
C LYS A 1205 -27.16 73.67 27.12
N ALA A 1206 -26.85 74.32 26.00
CA ALA A 1206 -25.91 75.43 25.94
C ALA A 1206 -26.45 76.59 25.08
N PRO A 1207 -27.45 77.35 25.55
CA PRO A 1207 -28.08 78.41 24.75
C PRO A 1207 -27.14 79.56 24.36
N LEU A 1208 -26.01 79.70 25.07
CA LEU A 1208 -25.01 80.75 24.85
C LEU A 1208 -24.02 80.42 23.71
N VAL A 1209 -24.13 79.26 23.06
CA VAL A 1209 -23.23 78.87 21.97
C VAL A 1209 -23.77 79.36 20.61
N TYR A 1210 -22.93 80.09 19.87
CA TYR A 1210 -23.19 80.66 18.54
C TYR A 1210 -24.49 81.48 18.47
N VAL B 1 -32.55 -40.94 -9.62
CA VAL B 1 -32.51 -41.58 -8.28
C VAL B 1 -31.77 -40.69 -7.26
N ILE B 2 -32.06 -40.83 -5.96
CA ILE B 2 -31.49 -39.99 -4.88
C ILE B 2 -30.35 -40.73 -4.13
N GLY B 3 -29.43 -41.34 -4.88
CA GLY B 3 -28.50 -42.35 -4.40
C GLY B 3 -28.73 -43.72 -5.07
N ASP B 4 -28.03 -44.76 -4.62
CA ASP B 4 -28.01 -46.06 -5.33
C ASP B 4 -28.25 -47.30 -4.45
N PHE B 5 -28.43 -47.16 -3.13
CA PHE B 5 -28.67 -48.31 -2.27
C PHE B 5 -30.08 -48.93 -2.50
N ASN B 6 -30.15 -50.26 -2.49
CA ASN B 6 -31.38 -51.02 -2.71
C ASN B 6 -32.26 -51.11 -1.44
N CYS B 7 -32.93 -50.01 -1.07
CA CYS B 7 -33.89 -50.02 0.04
C CYS B 7 -35.10 -50.95 -0.23
N THR B 8 -35.65 -50.93 -1.45
CA THR B 8 -37.00 -51.43 -1.73
C THR B 8 -37.26 -51.74 -3.22
N ASN B 9 -38.30 -52.52 -3.51
CA ASN B 9 -38.79 -52.81 -4.87
C ASN B 9 -40.33 -52.79 -4.99
N PHE B 10 -41.06 -52.67 -3.89
CA PHE B 10 -42.53 -52.73 -3.86
C PHE B 10 -43.22 -51.49 -4.49
N ALA B 11 -44.17 -51.74 -5.37
CA ALA B 11 -45.02 -50.77 -6.05
C ALA B 11 -44.27 -49.58 -6.64
N ILE B 12 -43.26 -49.82 -7.48
CA ILE B 12 -42.51 -48.76 -8.18
C ILE B 12 -43.02 -48.69 -9.62
N ASN B 13 -43.41 -47.51 -10.13
CA ASN B 13 -43.85 -47.40 -11.51
C ASN B 13 -43.27 -46.15 -12.15
N ASP B 14 -43.77 -45.71 -13.30
CA ASP B 14 -43.25 -44.53 -13.99
C ASP B 14 -44.37 -43.60 -14.44
N LEU B 15 -45.47 -43.56 -13.74
CA LEU B 15 -46.55 -42.69 -14.19
C LEU B 15 -46.18 -41.23 -14.02
N ASN B 16 -46.50 -40.36 -14.98
CA ASN B 16 -46.20 -38.94 -14.88
C ASN B 16 -47.41 -38.28 -14.25
N THR B 17 -47.34 -38.01 -12.97
CA THR B 17 -48.39 -37.30 -12.24
C THR B 17 -48.10 -35.80 -12.30
N THR B 18 -48.72 -35.02 -11.46
CA THR B 18 -48.54 -33.58 -11.43
C THR B 18 -47.10 -33.16 -11.16
N VAL B 19 -46.65 -32.16 -11.89
CA VAL B 19 -45.37 -31.48 -11.74
C VAL B 19 -45.42 -30.49 -10.57
N PRO B 20 -44.30 -29.98 -10.03
CA PRO B 20 -44.32 -29.01 -8.95
C PRO B 20 -45.16 -27.84 -9.30
N ARG B 21 -45.97 -27.36 -8.38
CA ARG B 21 -46.90 -26.27 -8.70
C ARG B 21 -46.33 -24.94 -8.28
N ILE B 22 -46.48 -23.94 -9.12
CA ILE B 22 -46.01 -22.59 -8.83
C ILE B 22 -47.02 -21.97 -7.91
N SER B 23 -46.58 -21.40 -6.83
CA SER B 23 -47.48 -20.78 -5.88
C SER B 23 -48.00 -19.45 -6.37
N GLU B 24 -49.24 -19.15 -6.06
CA GLU B 24 -49.79 -17.83 -6.31
C GLU B 24 -49.22 -16.88 -5.27
N TYR B 25 -48.82 -17.41 -4.12
CA TYR B 25 -48.23 -16.64 -3.05
C TYR B 25 -46.88 -16.13 -3.47
N VAL B 26 -46.51 -14.93 -3.04
CA VAL B 26 -45.27 -14.27 -3.45
C VAL B 26 -44.45 -13.85 -2.26
N VAL B 27 -43.15 -13.71 -2.42
CA VAL B 27 -42.28 -13.29 -1.32
C VAL B 27 -42.45 -11.82 -1.01
N ASP B 28 -42.80 -11.50 0.23
CA ASP B 28 -42.96 -10.15 0.73
C ASP B 28 -42.18 -10.03 2.00
N VAL B 29 -41.06 -9.34 1.99
CA VAL B 29 -40.22 -9.20 3.17
C VAL B 29 -40.47 -7.94 3.93
N SER B 30 -41.51 -7.19 3.66
CA SER B 30 -41.73 -5.92 4.34
C SER B 30 -41.78 -6.03 5.85
N TYR B 31 -42.23 -7.14 6.41
CA TYR B 31 -42.25 -7.39 7.84
C TYR B 31 -41.24 -8.41 8.27
N GLY B 32 -40.23 -8.60 7.46
CA GLY B 32 -39.14 -9.50 7.78
C GLY B 32 -39.44 -10.95 7.55
N LEU B 33 -40.55 -11.31 6.92
CA LEU B 33 -40.86 -12.72 6.78
C LEU B 33 -39.82 -13.50 6.02
N GLY B 34 -39.28 -13.01 4.93
CA GLY B 34 -38.27 -13.76 4.22
C GLY B 34 -36.87 -13.64 4.79
N THR B 35 -36.65 -13.05 5.96
CA THR B 35 -35.33 -12.79 6.53
C THR B 35 -35.01 -13.68 7.73
N TYR B 36 -33.87 -13.45 8.41
CA TYR B 36 -33.46 -14.21 9.60
C TYR B 36 -32.72 -13.35 10.62
N TYR B 37 -32.74 -13.77 11.88
CA TYR B 37 -31.80 -13.27 12.88
C TYR B 37 -30.39 -13.78 12.58
N ILE B 38 -29.41 -12.89 12.49
CA ILE B 38 -28.05 -13.23 12.05
C ILE B 38 -27.37 -14.09 13.10
N LEU B 39 -27.19 -15.40 12.84
CA LEU B 39 -26.52 -16.33 13.77
C LEU B 39 -27.05 -16.22 15.21
N ASP B 40 -26.20 -16.41 16.22
CA ASP B 40 -26.50 -16.22 17.63
C ASP B 40 -26.37 -14.76 18.09
N ARG B 41 -26.60 -13.79 17.20
CA ARG B 41 -26.33 -12.37 17.43
C ARG B 41 -27.63 -11.59 17.60
N VAL B 42 -27.66 -10.65 18.54
CA VAL B 42 -28.79 -9.74 18.78
C VAL B 42 -28.37 -8.30 18.54
N TYR B 43 -29.28 -7.50 18.00
CA TYR B 43 -29.13 -6.07 17.73
C TYR B 43 -30.32 -5.32 18.33
N LEU B 44 -30.10 -4.15 18.92
CA LEU B 44 -31.14 -3.36 19.59
C LEU B 44 -31.33 -2.01 18.91
N ASN B 45 -32.59 -1.57 18.79
CA ASN B 45 -33.03 -0.26 18.33
C ASN B 45 -32.19 0.37 17.19
N THR B 46 -31.87 -0.40 16.17
CA THR B 46 -30.94 -0.01 15.11
C THR B 46 -31.37 -0.62 13.80
N THR B 47 -31.05 0.05 12.69
CA THR B 47 -31.30 -0.46 11.35
C THR B 47 -29.96 -0.89 10.78
N ILE B 48 -29.82 -2.16 10.44
CA ILE B 48 -28.58 -2.81 10.03
C ILE B 48 -28.65 -3.06 8.52
N LEU B 49 -27.62 -2.71 7.78
CA LEU B 49 -27.54 -2.94 6.36
C LEU B 49 -26.70 -4.18 6.21
N PHE B 50 -27.31 -5.34 6.06
CA PHE B 50 -26.64 -6.65 6.11
C PHE B 50 -26.80 -7.40 4.79
N THR B 51 -25.70 -7.93 4.27
CA THR B 51 -25.71 -8.67 3.01
C THR B 51 -25.65 -10.14 3.29
N GLY B 52 -26.56 -10.90 2.70
CA GLY B 52 -26.61 -12.33 2.91
C GLY B 52 -27.46 -13.00 1.90
N TYR B 53 -27.71 -14.28 2.09
CA TYR B 53 -28.52 -15.07 1.21
C TYR B 53 -29.95 -14.88 1.59
N PHE B 54 -30.71 -14.21 0.73
CA PHE B 54 -32.09 -13.89 0.97
C PHE B 54 -32.90 -14.21 -0.28
N PRO B 55 -34.20 -14.47 -0.15
CA PRO B 55 -35.04 -14.69 -1.29
C PRO B 55 -35.17 -13.43 -2.11
N LYS B 56 -35.38 -13.52 -3.41
CA LYS B 56 -35.56 -12.29 -4.18
C LYS B 56 -36.96 -11.78 -3.86
N SER B 57 -37.14 -10.53 -3.49
CA SER B 57 -38.46 -10.05 -3.19
C SER B 57 -39.37 -10.18 -4.39
N GLY B 58 -40.60 -10.61 -4.21
CA GLY B 58 -41.53 -10.79 -5.30
C GLY B 58 -41.40 -12.11 -6.04
N ALA B 59 -40.64 -13.09 -5.55
CA ALA B 59 -40.53 -14.36 -6.24
C ALA B 59 -41.66 -15.32 -5.87
N ASN B 60 -41.83 -16.39 -6.63
CA ASN B 60 -42.83 -17.41 -6.35
C ASN B 60 -42.16 -18.59 -5.65
N PHE B 61 -42.92 -19.63 -5.41
CA PHE B 61 -42.46 -20.83 -4.79
C PHE B 61 -42.89 -22.02 -5.59
N ARG B 62 -42.19 -23.14 -5.45
CA ARG B 62 -42.58 -24.38 -6.07
C ARG B 62 -42.96 -25.33 -4.98
N ASP B 63 -44.08 -26.02 -5.08
CA ASP B 63 -44.45 -26.99 -4.08
C ASP B 63 -43.84 -28.31 -4.43
N LEU B 64 -42.81 -28.70 -3.72
CA LEU B 64 -42.16 -29.95 -3.99
C LEU B 64 -42.70 -31.10 -3.17
N SER B 65 -43.74 -30.93 -2.38
CA SER B 65 -44.25 -32.03 -1.62
C SER B 65 -44.90 -33.03 -2.54
N LEU B 66 -44.79 -34.30 -2.23
CA LEU B 66 -45.39 -35.36 -3.00
C LEU B 66 -46.03 -36.29 -2.01
N LYS B 67 -47.30 -36.58 -2.24
CA LYS B 67 -48.10 -37.43 -1.39
C LYS B 67 -48.40 -38.72 -2.13
N GLY B 68 -47.97 -39.85 -1.64
CA GLY B 68 -48.30 -41.13 -2.26
C GLY B 68 -49.18 -41.96 -1.35
N THR B 69 -49.75 -43.06 -1.82
CA THR B 69 -50.48 -43.96 -0.92
C THR B 69 -49.79 -45.27 -0.94
N THR B 70 -49.63 -45.88 -2.10
CA THR B 70 -48.96 -47.19 -2.20
C THR B 70 -47.80 -47.18 -3.16
N TYR B 71 -48.01 -46.66 -4.35
CA TYR B 71 -47.01 -46.70 -5.39
C TYR B 71 -46.17 -45.45 -5.36
N LEU B 72 -44.87 -45.60 -5.63
CA LEU B 72 -43.89 -44.53 -5.81
C LEU B 72 -43.49 -44.47 -7.28
N SER B 73 -43.66 -43.32 -7.93
CA SER B 73 -43.25 -43.19 -9.31
C SER B 73 -41.79 -42.86 -9.47
N THR B 74 -41.07 -43.46 -10.40
CA THR B 74 -39.66 -43.14 -10.56
C THR B 74 -39.48 -41.71 -11.00
N LEU B 75 -40.46 -41.13 -11.68
CA LEU B 75 -40.36 -39.75 -12.07
C LEU B 75 -40.33 -38.82 -10.89
N TRP B 76 -40.72 -39.25 -9.67
CA TRP B 76 -40.53 -38.44 -8.46
C TRP B 76 -39.06 -38.22 -8.09
N TYR B 77 -38.12 -39.01 -8.62
CA TYR B 77 -36.70 -38.98 -8.26
C TYR B 77 -35.82 -38.44 -9.41
N GLN B 78 -36.32 -37.43 -10.11
CA GLN B 78 -35.71 -36.81 -11.31
C GLN B 78 -35.76 -35.26 -11.24
N LYS B 79 -35.14 -34.59 -12.21
CA LYS B 79 -34.91 -33.14 -12.29
C LYS B 79 -36.06 -32.24 -11.97
N PRO B 80 -37.29 -32.52 -12.31
CA PRO B 80 -38.29 -31.57 -11.95
C PRO B 80 -38.39 -31.42 -10.44
N PHE B 81 -38.03 -32.45 -9.66
CA PHE B 81 -38.10 -32.44 -8.20
C PHE B 81 -36.73 -32.39 -7.57
N LEU B 82 -35.76 -33.18 -8.01
CA LEU B 82 -34.35 -33.13 -7.56
C LEU B 82 -33.69 -31.85 -8.08
N SER B 83 -33.76 -30.74 -7.33
CA SER B 83 -33.25 -29.48 -7.84
C SER B 83 -31.85 -29.17 -7.39
N ASP B 84 -31.22 -28.20 -8.01
CA ASP B 84 -29.88 -27.81 -7.65
C ASP B 84 -29.93 -26.89 -6.46
N PHE B 85 -29.08 -27.07 -5.48
CA PHE B 85 -29.06 -26.22 -4.31
C PHE B 85 -28.62 -24.83 -4.62
N ASN B 86 -27.59 -24.68 -5.45
CA ASN B 86 -27.03 -23.38 -5.79
C ASN B 86 -26.62 -22.69 -4.49
N ASN B 87 -27.03 -21.46 -4.27
CA ASN B 87 -26.67 -20.79 -3.05
C ASN B 87 -27.51 -21.28 -1.89
N GLY B 88 -28.75 -21.65 -2.14
CA GLY B 88 -29.63 -22.11 -1.11
C GLY B 88 -31.06 -21.98 -1.50
N ILE B 89 -31.92 -22.19 -0.54
CA ILE B 89 -33.36 -22.05 -0.70
C ILE B 89 -34.00 -21.51 0.54
N PHE B 90 -35.12 -20.85 0.40
CA PHE B 90 -35.98 -20.41 1.47
C PHE B 90 -37.21 -21.25 1.31
N SER B 91 -37.72 -21.84 2.36
CA SER B 91 -38.84 -22.75 2.29
C SER B 91 -39.99 -22.32 3.15
N ARG B 92 -41.22 -22.47 2.70
CA ARG B 92 -42.42 -22.19 3.49
C ARG B 92 -43.12 -23.52 3.57
N VAL B 93 -43.36 -24.05 4.75
CA VAL B 93 -43.88 -25.39 4.96
C VAL B 93 -45.20 -25.43 5.64
N LYS B 94 -46.16 -26.15 5.10
CA LYS B 94 -47.45 -26.26 5.73
C LYS B 94 -47.36 -27.30 6.78
N ASN B 95 -47.79 -27.01 7.97
CA ASN B 95 -47.82 -28.01 9.00
C ASN B 95 -49.13 -28.73 8.85
N THR B 96 -49.24 -29.81 8.10
CA THR B 96 -50.55 -30.43 7.92
C THR B 96 -50.91 -31.14 9.20
N LYS B 97 -52.08 -30.83 9.70
CA LYS B 97 -52.56 -31.25 10.99
C LYS B 97 -53.60 -32.32 10.88
N LEU B 98 -53.34 -33.46 11.50
CA LEU B 98 -54.21 -34.64 11.50
C LEU B 98 -54.71 -34.97 12.88
N TYR B 99 -55.92 -35.49 12.95
CA TYR B 99 -56.56 -35.84 14.18
C TYR B 99 -56.80 -37.31 14.29
N VAL B 100 -56.31 -37.93 15.34
CA VAL B 100 -56.60 -39.32 15.63
C VAL B 100 -57.29 -39.30 16.97
N ASN B 101 -58.55 -39.71 17.05
CA ASN B 101 -59.32 -39.67 18.30
C ASN B 101 -59.25 -38.26 18.91
N LYS B 102 -59.47 -37.23 18.08
CA LYS B 102 -59.42 -35.82 18.49
C LYS B 102 -58.06 -35.36 19.06
N THR B 103 -56.97 -36.02 18.74
CA THR B 103 -55.63 -35.62 19.19
C THR B 103 -54.86 -35.07 18.03
N LEU B 104 -54.26 -33.89 18.13
CA LEU B 104 -53.49 -33.30 17.04
C LEU B 104 -52.17 -33.99 16.77
N TYR B 105 -51.83 -34.09 15.50
CA TYR B 105 -50.56 -34.59 15.02
C TYR B 105 -50.05 -33.67 13.93
N SER B 106 -48.76 -33.41 13.92
CA SER B 106 -48.08 -32.51 13.01
C SER B 106 -47.25 -33.33 12.05
N GLU B 107 -47.59 -33.28 10.78
CA GLU B 107 -46.91 -34.02 9.73
C GLU B 107 -46.55 -33.12 8.55
N PHE B 108 -45.35 -33.18 8.02
CA PHE B 108 -44.93 -32.51 6.79
C PHE B 108 -43.73 -33.21 6.19
N SER B 109 -43.40 -32.94 4.95
CA SER B 109 -42.36 -33.68 4.25
C SER B 109 -40.98 -33.27 4.70
N THR B 110 -40.01 -34.14 4.49
CA THR B 110 -38.65 -33.95 4.89
C THR B 110 -37.76 -33.62 3.74
N ILE B 111 -36.55 -33.17 3.98
CA ILE B 111 -35.62 -32.85 2.90
C ILE B 111 -34.29 -33.49 3.10
N VAL B 112 -33.67 -34.04 2.04
CA VAL B 112 -32.22 -34.34 1.99
C VAL B 112 -31.47 -33.27 1.20
N ILE B 113 -30.34 -32.75 1.73
CA ILE B 113 -29.48 -31.77 1.08
C ILE B 113 -28.13 -32.38 0.83
N GLY B 114 -27.48 -32.23 -0.31
CA GLY B 114 -26.09 -32.59 -0.38
C GLY B 114 -25.54 -33.53 -1.41
N SER B 115 -24.54 -33.04 -2.12
CA SER B 115 -23.67 -33.78 -3.01
C SER B 115 -24.38 -34.80 -3.86
N VAL B 116 -23.74 -35.96 -4.07
CA VAL B 116 -24.22 -37.07 -4.93
C VAL B 116 -25.28 -37.97 -4.27
N PHE B 117 -25.60 -37.74 -2.99
CA PHE B 117 -26.41 -38.63 -2.15
C PHE B 117 -25.86 -40.07 -2.10
N ILE B 118 -24.60 -40.23 -1.68
CA ILE B 118 -23.94 -41.53 -1.45
C ILE B 118 -23.15 -41.47 -0.14
N ASN B 119 -22.98 -42.60 0.54
CA ASN B 119 -22.30 -42.76 1.84
C ASN B 119 -20.86 -42.17 1.91
N ASN B 120 -20.21 -41.99 0.77
CA ASN B 120 -18.91 -41.33 0.68
C ASN B 120 -19.00 -39.82 0.98
N SER B 121 -20.20 -39.21 1.02
CA SER B 121 -20.36 -37.79 1.30
C SER B 121 -21.45 -37.49 2.29
N TYR B 122 -21.33 -36.43 3.06
CA TYR B 122 -22.35 -36.06 4.02
C TYR B 122 -23.63 -35.64 3.32
N THR B 123 -24.74 -35.81 4.00
CA THR B 123 -26.09 -35.48 3.57
C THR B 123 -26.79 -34.82 4.72
N ILE B 124 -27.53 -33.76 4.50
CA ILE B 124 -28.27 -33.06 5.53
C ILE B 124 -29.69 -33.51 5.46
N VAL B 125 -30.30 -34.00 6.52
CA VAL B 125 -31.70 -34.42 6.49
C VAL B 125 -32.46 -33.70 7.55
N VAL B 126 -33.59 -33.09 7.25
CA VAL B 126 -34.43 -32.40 8.22
C VAL B 126 -35.75 -33.12 8.25
N GLN B 127 -36.17 -33.65 9.38
CA GLN B 127 -37.38 -34.42 9.48
C GLN B 127 -38.16 -34.11 10.74
N PRO B 128 -39.46 -33.88 10.69
CA PRO B 128 -40.28 -33.64 11.84
C PRO B 128 -40.76 -34.93 12.46
N HIS B 129 -41.09 -34.92 13.73
CA HIS B 129 -41.55 -36.03 14.53
C HIS B 129 -42.65 -35.62 15.44
N ASN B 130 -43.68 -34.99 14.90
CA ASN B 130 -44.82 -34.53 15.66
C ASN B 130 -44.42 -33.60 16.80
N GLY B 131 -43.80 -32.48 16.49
CA GLY B 131 -43.33 -31.48 17.45
C GLY B 131 -41.83 -31.40 17.61
N VAL B 132 -41.14 -32.44 17.23
CA VAL B 132 -39.70 -32.52 17.29
C VAL B 132 -39.17 -32.40 15.90
N LEU B 133 -38.29 -31.47 15.64
CA LEU B 133 -37.67 -31.24 14.35
C LEU B 133 -36.28 -31.76 14.47
N GLU B 134 -35.97 -32.85 13.80
CA GLU B 134 -34.68 -33.50 13.90
C GLU B 134 -33.84 -33.22 12.67
N ILE B 135 -32.65 -32.63 12.85
CA ILE B 135 -31.71 -32.36 11.79
C ILE B 135 -30.45 -33.10 12.11
N THR B 136 -29.99 -33.94 11.21
CA THR B 136 -28.76 -34.67 11.41
C THR B 136 -27.94 -34.59 10.12
N ALA B 137 -26.68 -34.24 10.21
CA ALA B 137 -25.74 -34.16 9.10
C ALA B 137 -24.90 -35.42 9.10
N CYS B 138 -25.34 -36.48 8.46
CA CYS B 138 -24.64 -37.76 8.51
C CYS B 138 -24.32 -38.32 7.15
N GLN B 139 -23.34 -39.20 7.06
CA GLN B 139 -23.07 -39.86 5.80
C GLN B 139 -24.07 -40.97 5.54
N TYR B 140 -25.34 -40.67 5.44
CA TYR B 140 -26.36 -41.70 5.27
C TYR B 140 -26.29 -42.41 3.93
N THR B 141 -26.64 -43.71 3.95
CA THR B 141 -26.63 -44.63 2.81
C THR B 141 -27.87 -44.43 1.93
N MET B 142 -27.93 -43.28 1.26
CA MET B 142 -29.14 -42.88 0.55
C MET B 142 -29.50 -43.83 -0.62
N CYS B 143 -30.78 -44.19 -0.66
CA CYS B 143 -31.34 -45.20 -1.55
C CYS B 143 -31.83 -44.68 -2.90
N GLU B 144 -32.15 -45.60 -3.81
CA GLU B 144 -32.70 -45.25 -5.14
C GLU B 144 -34.05 -44.51 -5.05
N TYR B 145 -34.97 -45.03 -4.24
CA TYR B 145 -36.37 -44.59 -4.14
C TYR B 145 -36.78 -44.28 -2.68
N PRO B 146 -36.21 -43.22 -2.06
CA PRO B 146 -36.45 -42.93 -0.65
C PRO B 146 -37.83 -42.33 -0.39
N HIS B 147 -38.44 -42.62 0.76
CA HIS B 147 -39.63 -41.93 1.27
C HIS B 147 -39.80 -42.11 2.79
N THR B 148 -40.63 -41.29 3.42
CA THR B 148 -40.98 -41.41 4.84
C THR B 148 -42.44 -41.77 4.94
N ILE B 149 -42.85 -42.27 6.08
CA ILE B 149 -44.22 -42.70 6.30
C ILE B 149 -44.85 -41.69 7.21
N CYS B 150 -46.05 -41.97 7.63
CA CYS B 150 -46.87 -41.12 8.43
C CYS B 150 -47.28 -41.80 9.71
N LYS B 151 -46.53 -41.57 10.79
CA LYS B 151 -46.76 -42.27 12.05
C LYS B 151 -48.15 -42.08 12.60
N SER B 152 -48.76 -40.94 12.32
CA SER B 152 -50.07 -40.64 12.86
C SER B 152 -51.17 -41.51 12.28
N LYS B 153 -51.41 -41.46 10.99
CA LYS B 153 -52.46 -42.21 10.32
C LYS B 153 -52.02 -43.54 9.72
N GLY B 154 -50.78 -43.95 9.95
CA GLY B 154 -50.26 -45.19 9.41
C GLY B 154 -49.99 -45.09 7.91
N SER B 155 -49.29 -46.06 7.36
CA SER B 155 -48.93 -46.06 5.96
C SER B 155 -48.91 -47.46 5.40
N SER B 156 -49.19 -47.61 4.11
CA SER B 156 -49.16 -48.90 3.45
C SER B 156 -47.75 -49.43 3.30
N ARG B 157 -46.76 -48.56 3.03
CA ARG B 157 -45.32 -48.87 2.93
C ARG B 157 -44.62 -48.66 4.27
N ASN B 158 -43.39 -49.14 4.42
CA ASN B 158 -42.57 -48.92 5.59
C ASN B 158 -41.61 -47.80 5.25
N GLU B 159 -41.27 -46.93 6.18
CA GLU B 159 -40.34 -45.84 5.88
C GLU B 159 -38.97 -46.32 5.54
N SER B 160 -38.38 -45.86 4.44
CA SER B 160 -36.94 -46.04 4.22
C SER B 160 -36.39 -44.99 3.27
N TRP B 161 -35.17 -44.52 3.53
CA TRP B 161 -34.54 -43.48 2.72
C TRP B 161 -33.02 -43.61 2.74
N HIS B 162 -32.44 -43.77 3.93
CA HIS B 162 -31.16 -44.42 4.17
C HIS B 162 -31.36 -45.94 4.39
N PHE B 163 -30.27 -46.66 4.66
CA PHE B 163 -30.31 -48.08 5.05
C PHE B 163 -29.16 -48.45 6.03
N ASP B 164 -28.80 -47.52 6.92
CA ASP B 164 -27.66 -47.64 7.82
C ASP B 164 -27.96 -48.56 9.00
N LYS B 165 -27.30 -49.71 9.03
CA LYS B 165 -27.45 -50.72 10.10
C LYS B 165 -26.79 -50.32 11.43
N SER B 166 -25.94 -49.30 11.41
CA SER B 166 -25.33 -48.64 12.57
C SER B 166 -25.23 -47.17 12.27
N GLU B 167 -25.14 -46.33 13.29
CA GLU B 167 -25.06 -44.89 13.10
C GLU B 167 -23.83 -44.52 12.27
N PRO B 168 -23.98 -43.85 11.11
CA PRO B 168 -22.83 -43.44 10.33
C PRO B 168 -22.19 -42.20 10.94
N LEU B 169 -21.10 -41.67 10.41
CA LEU B 169 -20.50 -40.48 11.03
C LEU B 169 -21.44 -39.31 10.87
N CYS B 170 -21.56 -38.51 11.91
CA CYS B 170 -22.28 -37.25 11.87
C CYS B 170 -21.39 -36.14 12.45
N LEU B 171 -21.19 -35.05 11.70
CA LEU B 171 -20.52 -33.85 12.22
C LEU B 171 -21.48 -32.98 13.06
N PHE B 172 -22.78 -33.13 12.86
CA PHE B 172 -23.82 -32.46 13.64
C PHE B 172 -25.07 -33.33 13.80
N LYS B 173 -25.68 -33.26 15.00
CA LYS B 173 -26.93 -33.91 15.38
C LYS B 173 -27.63 -33.02 16.41
N LYS B 174 -28.86 -32.55 16.15
CA LYS B 174 -29.70 -31.97 17.22
C LYS B 174 -31.19 -32.04 16.86
N ASN B 175 -32.04 -32.01 17.90
CA ASN B 175 -33.46 -31.99 17.76
C ASN B 175 -33.90 -30.65 18.30
N PHE B 176 -34.92 -30.07 17.71
CA PHE B 176 -35.49 -28.78 18.05
C PHE B 176 -36.97 -28.90 18.19
N THR B 177 -37.64 -28.06 18.95
CA THR B 177 -39.08 -28.17 19.12
C THR B 177 -39.80 -27.11 18.36
N TYR B 178 -40.98 -27.37 17.87
CA TYR B 178 -41.76 -26.36 17.22
C TYR B 178 -43.20 -26.45 17.66
N ASN B 179 -43.92 -25.36 17.60
CA ASN B 179 -45.29 -25.36 18.01
C ASN B 179 -46.12 -26.21 17.07
N VAL B 180 -46.62 -27.35 17.51
CA VAL B 180 -47.43 -28.20 16.66
C VAL B 180 -48.68 -27.54 16.21
N SER B 181 -49.22 -26.58 16.93
CA SER B 181 -50.42 -25.92 16.47
C SER B 181 -50.20 -24.93 15.34
N THR B 182 -48.98 -24.52 15.02
CA THR B 182 -48.70 -23.51 13.99
C THR B 182 -49.12 -23.95 12.63
N ASP B 183 -49.66 -23.05 11.83
CA ASP B 183 -50.13 -23.42 10.52
C ASP B 183 -49.00 -23.50 9.51
N TRP B 184 -47.97 -22.69 9.65
CA TRP B 184 -46.85 -22.64 8.72
C TRP B 184 -45.51 -22.67 9.40
N LEU B 185 -44.48 -23.19 8.76
CA LEU B 185 -43.11 -23.21 9.23
C LEU B 185 -42.22 -22.65 8.16
N TYR B 186 -41.14 -21.97 8.48
CA TYR B 186 -40.27 -21.38 7.48
C TYR B 186 -38.87 -21.78 7.74
N PHE B 187 -38.08 -21.99 6.69
CA PHE B 187 -36.70 -22.43 6.84
C PHE B 187 -35.77 -21.78 5.86
N HIS B 188 -34.57 -21.44 6.29
CA HIS B 188 -33.54 -20.93 5.39
C HIS B 188 -32.48 -21.96 5.31
N PHE B 189 -32.05 -22.36 4.14
CA PHE B 189 -31.01 -23.33 3.97
C PHE B 189 -30.07 -22.78 2.95
N TYR B 190 -28.82 -22.52 3.31
CA TYR B 190 -27.86 -21.95 2.37
C TYR B 190 -26.47 -22.42 2.70
N GLN B 191 -25.52 -22.11 1.83
CA GLN B 191 -24.14 -22.43 2.10
C GLN B 191 -23.29 -21.25 1.74
N GLU B 192 -22.13 -21.11 2.31
CA GLU B 192 -21.26 -19.96 2.09
C GLU B 192 -19.88 -20.38 2.47
N ARG B 193 -18.92 -20.25 1.57
CA ARG B 193 -17.53 -20.54 1.88
C ARG B 193 -17.34 -21.95 2.42
N GLY B 194 -18.11 -22.89 1.90
CA GLY B 194 -18.04 -24.28 2.33
C GLY B 194 -18.72 -24.56 3.65
N THR B 195 -19.37 -23.61 4.29
CA THR B 195 -20.10 -23.82 5.54
C THR B 195 -21.58 -23.83 5.26
N PHE B 196 -22.31 -24.83 5.69
CA PHE B 196 -23.73 -24.93 5.51
C PHE B 196 -24.44 -24.24 6.65
N TYR B 197 -25.56 -23.56 6.41
CA TYR B 197 -26.32 -22.89 7.45
C TYR B 197 -27.80 -23.22 7.33
N ALA B 198 -28.51 -23.15 8.46
CA ALA B 198 -29.91 -23.44 8.52
C ALA B 198 -30.61 -22.54 9.50
N TYR B 199 -31.85 -22.15 9.25
CA TYR B 199 -32.63 -21.33 10.16
C TYR B 199 -34.06 -21.80 10.09
N TYR B 200 -34.85 -21.58 11.12
CA TYR B 200 -36.23 -22.03 11.10
C TYR B 200 -37.07 -21.14 11.94
N ALA B 201 -38.35 -21.19 11.73
CA ALA B 201 -39.33 -20.48 12.48
C ALA B 201 -40.64 -21.19 12.33
N ASP B 202 -41.56 -20.94 13.20
CA ASP B 202 -42.88 -21.53 13.15
C ASP B 202 -43.94 -20.49 13.36
N SER B 203 -43.63 -19.32 13.88
CA SER B 203 -44.65 -18.31 14.11
C SER B 203 -44.90 -17.39 12.93
N GLY B 204 -44.26 -17.58 11.77
CA GLY B 204 -44.47 -16.67 10.64
C GLY B 204 -43.80 -15.33 10.83
N MET B 205 -42.50 -15.34 11.01
CA MET B 205 -41.65 -14.20 11.31
C MET B 205 -40.21 -14.55 10.97
N PRO B 206 -39.22 -13.65 11.06
CA PRO B 206 -37.85 -13.94 10.70
C PRO B 206 -37.35 -15.23 11.30
N THR B 207 -36.77 -16.09 10.51
CA THR B 207 -36.36 -17.38 11.00
C THR B 207 -35.20 -17.27 11.94
N THR B 208 -35.22 -17.98 13.06
CA THR B 208 -34.17 -18.02 14.08
C THR B 208 -33.06 -18.94 13.65
N PHE B 209 -31.85 -18.77 14.15
CA PHE B 209 -30.70 -19.60 13.77
C PHE B 209 -30.78 -21.05 14.28
N LEU B 210 -30.43 -22.03 13.45
CA LEU B 210 -30.41 -23.44 13.85
C LEU B 210 -29.04 -23.95 14.17
N PHE B 211 -28.14 -23.93 13.19
CA PHE B 211 -26.72 -24.27 13.32
C PHE B 211 -25.93 -23.77 12.10
N SER B 212 -24.61 -23.65 12.29
CA SER B 212 -23.62 -23.50 11.21
C SER B 212 -22.78 -24.77 11.17
N LEU B 213 -22.75 -25.50 10.05
CA LEU B 213 -21.97 -26.72 9.92
C LEU B 213 -20.89 -26.53 8.86
N TYR B 214 -19.62 -26.61 9.26
CA TYR B 214 -18.55 -26.48 8.30
C TYR B 214 -18.33 -27.78 7.58
N LEU B 215 -18.64 -27.88 6.29
CA LEU B 215 -18.42 -29.12 5.55
C LEU B 215 -17.24 -29.07 4.62
N GLY B 216 -16.78 -27.90 4.20
CA GLY B 216 -15.66 -27.82 3.28
C GLY B 216 -15.95 -28.52 1.96
N THR B 217 -17.20 -28.54 1.57
CA THR B 217 -17.68 -29.22 0.38
C THR B 217 -18.78 -28.42 -0.28
N LEU B 218 -19.02 -28.63 -1.54
CA LEU B 218 -20.05 -27.90 -2.25
C LEU B 218 -21.35 -28.70 -2.11
N LEU B 219 -22.37 -28.19 -1.46
CA LEU B 219 -23.63 -28.89 -1.29
C LEU B 219 -24.31 -28.79 -2.64
N SER B 220 -24.31 -29.83 -3.42
CA SER B 220 -24.85 -29.79 -4.77
C SER B 220 -26.34 -29.81 -4.96
N HIS B 221 -27.11 -30.76 -4.45
CA HIS B 221 -28.54 -30.86 -4.75
C HIS B 221 -29.41 -30.98 -3.53
N TYR B 222 -30.71 -30.76 -3.66
CA TYR B 222 -31.68 -30.95 -2.59
C TYR B 222 -32.88 -31.65 -3.16
N TYR B 223 -33.61 -32.34 -2.29
CA TYR B 223 -34.78 -33.10 -2.69
C TYR B 223 -35.77 -33.21 -1.54
N VAL B 224 -37.04 -32.88 -1.79
CA VAL B 224 -38.06 -32.99 -0.76
C VAL B 224 -38.58 -34.39 -0.82
N LEU B 225 -38.47 -35.18 0.26
CA LEU B 225 -38.86 -36.59 0.26
C LEU B 225 -40.39 -36.76 0.13
N PRO B 226 -40.88 -37.74 -0.66
CA PRO B 226 -42.28 -38.05 -0.69
C PRO B 226 -42.74 -38.57 0.65
N LEU B 227 -44.00 -38.38 0.98
CA LEU B 227 -44.60 -38.74 2.25
C LEU B 227 -45.77 -39.65 1.94
N THR B 228 -46.02 -40.70 2.72
CA THR B 228 -47.14 -41.61 2.47
C THR B 228 -47.99 -41.94 3.68
N CYS B 229 -49.28 -41.69 3.59
CA CYS B 229 -50.29 -42.07 4.56
C CYS B 229 -51.48 -42.56 3.78
N ASN B 230 -52.43 -43.23 4.40
CA ASN B 230 -53.69 -43.50 3.69
C ASN B 230 -54.55 -42.24 3.70
N ALA B 231 -54.33 -41.35 4.66
CA ALA B 231 -55.00 -40.07 4.76
C ALA B 231 -54.37 -39.07 3.78
N ILE B 232 -54.64 -37.80 3.97
CA ILE B 232 -54.11 -36.70 3.19
C ILE B 232 -54.49 -36.72 1.73
N SER B 233 -55.77 -36.82 1.45
CA SER B 233 -56.31 -36.74 0.10
C SER B 233 -57.75 -36.33 0.12
N SER B 234 -58.31 -36.02 -1.03
CA SER B 234 -59.70 -35.59 -1.17
C SER B 234 -60.69 -36.68 -0.79
N ASN B 235 -60.34 -37.95 -0.97
CA ASN B 235 -61.17 -39.08 -0.60
C ASN B 235 -61.43 -39.18 0.89
N THR B 236 -60.65 -38.49 1.73
CA THR B 236 -60.71 -38.71 3.16
C THR B 236 -60.58 -37.50 4.07
N ASP B 237 -59.73 -36.53 3.78
CA ASP B 237 -59.56 -35.37 4.63
C ASP B 237 -59.69 -34.02 3.99
N ASN B 238 -59.45 -33.96 2.69
CA ASN B 238 -59.23 -32.69 2.02
C ASN B 238 -57.99 -32.00 2.62
N GLU B 239 -57.16 -32.72 3.40
CA GLU B 239 -55.90 -32.19 3.86
C GLU B 239 -54.87 -32.36 2.79
N THR B 240 -53.80 -31.61 2.86
CA THR B 240 -52.78 -31.68 1.84
C THR B 240 -51.47 -31.16 2.31
N LEU B 241 -50.37 -31.77 1.89
CA LEU B 241 -49.01 -31.33 2.17
C LEU B 241 -48.63 -30.21 1.24
N GLN B 242 -47.84 -29.28 1.72
CA GLN B 242 -47.32 -28.24 0.88
C GLN B 242 -45.93 -27.95 1.39
N TYR B 243 -44.99 -27.85 0.48
CA TYR B 243 -43.61 -27.59 0.79
C TYR B 243 -43.10 -26.57 -0.20
N TRP B 244 -43.41 -25.31 0.00
CA TRP B 244 -43.01 -24.27 -0.91
C TRP B 244 -41.55 -24.01 -0.82
N VAL B 245 -40.88 -23.82 -1.94
CA VAL B 245 -39.46 -23.54 -2.00
C VAL B 245 -39.17 -22.44 -2.98
N THR B 246 -38.32 -21.49 -2.64
CA THR B 246 -37.86 -20.42 -3.50
C THR B 246 -36.36 -20.32 -3.39
N PRO B 247 -35.60 -20.02 -4.44
CA PRO B 247 -34.17 -20.00 -4.34
C PRO B 247 -33.66 -18.78 -3.62
N LEU B 248 -32.44 -18.84 -3.14
CA LEU B 248 -31.74 -17.79 -2.44
C LEU B 248 -30.63 -17.24 -3.29
N SER B 249 -30.23 -16.02 -3.03
CA SER B 249 -29.13 -15.41 -3.72
C SER B 249 -28.53 -14.40 -2.81
N LYS B 250 -27.23 -14.17 -2.90
CA LYS B 250 -26.55 -13.18 -2.11
C LYS B 250 -27.04 -11.80 -2.48
N ARG B 251 -27.69 -11.10 -1.57
CA ARG B 251 -28.20 -9.77 -1.82
C ARG B 251 -28.06 -8.92 -0.58
N GLN B 252 -28.47 -7.68 -0.68
CA GLN B 252 -28.36 -6.68 0.35
C GLN B 252 -29.69 -6.39 0.92
N TYR B 253 -29.83 -6.45 2.22
CA TYR B 253 -31.06 -6.21 2.93
C TYR B 253 -30.84 -5.26 4.07
N LEU B 254 -31.80 -4.41 4.30
CA LEU B 254 -31.83 -3.44 5.35
C LEU B 254 -32.76 -4.00 6.37
N LEU B 255 -32.30 -4.34 7.55
CA LEU B 255 -33.06 -4.99 8.62
C LEU B 255 -33.25 -4.01 9.76
N LYS B 256 -34.48 -3.76 10.23
CA LYS B 256 -34.73 -2.85 11.33
C LYS B 256 -35.06 -3.57 12.60
N PHE B 257 -34.28 -3.37 13.65
CA PHE B 257 -34.49 -3.98 14.96
C PHE B 257 -35.01 -2.93 15.94
N ASP B 258 -36.00 -3.26 16.76
CA ASP B 258 -36.57 -2.34 17.75
C ASP B 258 -35.94 -2.50 19.15
N ASN B 259 -36.56 -1.88 20.15
CA ASN B 259 -36.25 -2.14 21.57
C ASN B 259 -36.59 -3.59 21.91
N ARG B 260 -35.66 -4.30 22.57
CA ARG B 260 -35.64 -5.76 22.74
C ARG B 260 -35.40 -6.57 21.45
N GLY B 261 -35.07 -5.91 20.34
CA GLY B 261 -34.25 -6.50 19.27
C GLY B 261 -34.95 -7.51 18.37
N VAL B 262 -36.20 -7.27 18.01
CA VAL B 262 -36.96 -8.13 17.10
C VAL B 262 -37.08 -7.44 15.76
N ILE B 263 -36.89 -8.17 14.65
CA ILE B 263 -36.86 -7.50 13.34
C ILE B 263 -38.30 -7.08 12.98
N THR B 264 -38.58 -5.78 13.03
CA THR B 264 -39.89 -5.22 12.71
C THR B 264 -40.11 -5.03 11.23
N ASN B 265 -39.11 -4.61 10.48
CA ASN B 265 -39.20 -4.38 9.06
C ASN B 265 -37.95 -4.81 8.36
N ALA B 266 -38.03 -5.11 7.08
CA ALA B 266 -36.89 -5.46 6.28
C ALA B 266 -37.09 -4.95 4.86
N VAL B 267 -36.03 -4.61 4.14
CA VAL B 267 -36.15 -4.09 2.79
C VAL B 267 -35.20 -4.81 1.88
N ASP B 268 -35.64 -5.23 0.70
CA ASP B 268 -34.77 -5.86 -0.30
C ASP B 268 -34.19 -4.74 -1.14
N CYS B 269 -32.91 -4.44 -0.98
CA CYS B 269 -32.32 -3.25 -1.54
C CYS B 269 -32.37 -3.12 -3.01
N SER B 270 -32.20 -4.18 -3.78
CA SER B 270 -32.25 -4.08 -5.22
C SER B 270 -33.62 -4.37 -5.78
N SER B 271 -34.64 -4.57 -4.97
CA SER B 271 -35.95 -4.89 -5.50
C SER B 271 -36.60 -3.77 -6.27
N SER B 272 -36.48 -2.52 -5.86
CA SER B 272 -37.10 -1.44 -6.58
C SER B 272 -36.40 -0.14 -6.27
N PHE B 273 -36.76 0.93 -6.96
CA PHE B 273 -36.04 2.15 -6.77
C PHE B 273 -36.23 2.65 -5.38
N PHE B 274 -37.42 2.65 -4.83
CA PHE B 274 -37.55 3.13 -3.47
C PHE B 274 -36.77 2.26 -2.51
N SER B 275 -36.68 0.96 -2.76
CA SER B 275 -35.91 0.11 -1.90
C SER B 275 -34.47 0.47 -1.97
N GLU B 276 -33.98 0.87 -3.11
CA GLU B 276 -32.59 1.28 -3.18
C GLU B 276 -32.35 2.51 -2.33
N ILE B 277 -33.23 3.49 -2.36
CA ILE B 277 -33.08 4.70 -1.58
C ILE B 277 -33.12 4.37 -0.11
N GLN B 278 -34.02 3.50 0.32
CA GLN B 278 -34.12 3.10 1.70
C GLN B 278 -32.83 2.49 2.14
N CYS B 279 -32.18 1.68 1.33
CA CYS B 279 -30.93 1.10 1.75
C CYS B 279 -29.78 2.11 1.74
N LYS B 280 -29.73 3.07 0.82
CA LYS B 280 -28.66 4.09 0.78
C LYS B 280 -28.66 4.88 2.05
N THR B 281 -29.81 5.30 2.50
CA THR B 281 -29.93 6.06 3.71
C THR B 281 -30.04 5.24 4.95
N LYS B 282 -30.09 3.92 4.88
CA LYS B 282 -30.26 3.05 6.05
C LYS B 282 -31.48 3.47 6.84
N SER B 283 -32.58 3.83 6.19
CA SER B 283 -33.80 4.25 6.88
C SER B 283 -35.05 3.80 6.18
N LEU B 284 -36.04 3.37 6.95
CA LEU B 284 -37.29 2.92 6.38
C LEU B 284 -38.02 4.05 5.69
N LEU B 285 -37.86 5.28 6.15
CA LEU B 285 -38.44 6.45 5.52
C LEU B 285 -37.35 7.46 5.25
N PRO B 286 -36.77 7.47 4.06
CA PRO B 286 -35.58 8.23 3.77
C PRO B 286 -35.85 9.70 3.74
N ASN B 287 -34.85 10.54 3.95
CA ASN B 287 -35.12 11.96 3.89
C ASN B 287 -35.52 12.39 2.50
N THR B 288 -36.29 13.46 2.43
CA THR B 288 -36.62 14.08 1.18
C THR B 288 -35.34 14.47 0.48
N GLY B 289 -35.21 14.16 -0.80
CA GLY B 289 -33.96 14.42 -1.45
C GLY B 289 -33.97 13.88 -2.85
N VAL B 290 -32.88 14.16 -3.55
CA VAL B 290 -32.57 13.59 -4.84
C VAL B 290 -31.48 12.53 -4.71
N TYR B 291 -31.72 11.34 -5.20
CA TYR B 291 -30.84 10.22 -5.03
C TYR B 291 -30.45 9.67 -6.35
N ASP B 292 -29.18 9.54 -6.60
CA ASP B 292 -28.72 8.93 -7.80
C ASP B 292 -28.66 7.43 -7.59
N LEU B 293 -29.54 6.68 -8.21
CA LEU B 293 -29.56 5.25 -8.02
C LEU B 293 -28.54 4.56 -8.87
N SER B 294 -28.11 3.37 -8.46
CA SER B 294 -26.88 2.73 -8.93
C SER B 294 -26.90 2.54 -10.43
N GLY B 295 -25.73 2.71 -11.10
CA GLY B 295 -25.78 2.62 -12.54
C GLY B 295 -26.19 1.24 -12.99
N PHE B 296 -27.24 1.18 -13.80
CA PHE B 296 -27.69 -0.05 -14.46
C PHE B 296 -27.08 -0.12 -15.86
N THR B 297 -26.84 -1.33 -16.36
CA THR B 297 -26.52 -1.57 -17.77
C THR B 297 -27.68 -2.35 -18.39
N VAL B 298 -28.10 -1.99 -19.60
CA VAL B 298 -29.21 -2.68 -20.27
C VAL B 298 -28.82 -4.13 -20.54
N LYS B 299 -29.68 -5.09 -20.14
CA LYS B 299 -29.37 -6.52 -20.33
C LYS B 299 -29.40 -6.87 -21.83
N PRO B 300 -28.51 -7.74 -22.31
CA PRO B 300 -28.49 -8.15 -23.71
C PRO B 300 -29.82 -8.79 -24.14
N VAL B 301 -30.28 -8.43 -25.32
CA VAL B 301 -31.54 -8.91 -25.92
C VAL B 301 -31.35 -10.27 -26.59
N ALA B 302 -30.29 -10.38 -27.38
CA ALA B 302 -29.88 -11.59 -28.10
C ALA B 302 -28.39 -11.90 -27.88
N THR B 303 -27.90 -12.95 -28.52
CA THR B 303 -26.49 -13.33 -28.54
C THR B 303 -26.02 -13.44 -29.98
N VAL B 304 -24.82 -12.93 -30.27
CA VAL B 304 -24.20 -13.01 -31.61
C VAL B 304 -22.99 -13.92 -31.52
N HIS B 305 -22.93 -14.98 -32.31
CA HIS B 305 -21.80 -15.91 -32.30
C HIS B 305 -21.35 -16.17 -33.73
N ARG B 306 -20.14 -15.75 -34.08
CA ARG B 306 -19.58 -15.89 -35.43
C ARG B 306 -18.31 -16.73 -35.39
N ARG B 307 -18.25 -17.73 -36.27
CA ARG B 307 -17.12 -18.64 -36.46
C ARG B 307 -16.92 -18.89 -37.94
N ILE B 308 -15.71 -19.20 -38.39
CA ILE B 308 -15.51 -19.53 -39.80
C ILE B 308 -16.04 -20.98 -39.95
N PRO B 309 -16.96 -21.25 -40.89
CA PRO B 309 -17.54 -22.59 -41.04
C PRO B 309 -16.59 -23.52 -41.80
N ASP B 310 -17.04 -24.74 -42.10
CA ASP B 310 -16.42 -25.72 -42.99
C ASP B 310 -14.96 -26.02 -42.62
N LEU B 311 -14.62 -25.83 -41.35
CA LEU B 311 -13.21 -26.15 -41.08
C LEU B 311 -13.07 -27.63 -40.73
N PRO B 312 -11.99 -28.27 -41.18
CA PRO B 312 -11.80 -29.70 -40.89
C PRO B 312 -11.53 -29.93 -39.40
N ASP B 313 -11.82 -31.16 -38.98
CA ASP B 313 -11.52 -31.55 -37.61
C ASP B 313 -10.02 -31.59 -37.38
N CYS B 314 -9.61 -31.18 -36.18
CA CYS B 314 -8.17 -31.13 -35.86
C CYS B 314 -7.55 -32.52 -35.85
N ASP B 315 -8.34 -33.56 -35.56
CA ASP B 315 -7.84 -34.93 -35.45
C ASP B 315 -6.70 -35.01 -34.45
N ILE B 316 -6.83 -34.28 -33.35
CA ILE B 316 -5.79 -34.26 -32.33
C ILE B 316 -5.68 -35.63 -31.66
N ASP B 317 -6.81 -36.31 -31.48
CA ASP B 317 -6.79 -37.62 -30.81
C ASP B 317 -5.99 -38.64 -31.61
N LYS B 318 -6.15 -38.65 -32.93
CA LYS B 318 -5.44 -39.63 -33.75
C LYS B 318 -3.93 -39.44 -33.65
N TRP B 319 -3.47 -38.19 -33.71
CA TRP B 319 -2.05 -37.93 -33.51
C TRP B 319 -1.61 -38.32 -32.09
N LEU B 320 -2.42 -38.05 -31.06
CA LEU B 320 -2.09 -38.47 -29.69
C LEU B 320 -2.11 -39.98 -29.51
N ASN B 321 -3.05 -40.68 -30.14
CA ASN B 321 -3.23 -42.13 -30.11
C ASN B 321 -2.39 -42.84 -31.15
N ASN B 322 -1.52 -42.15 -31.89
CA ASN B 322 -0.56 -42.80 -32.75
C ASN B 322 0.37 -43.65 -31.88
N PHE B 323 0.51 -44.93 -32.23
CA PHE B 323 1.21 -45.93 -31.44
C PHE B 323 2.73 -45.80 -31.55
N ASN B 324 3.23 -44.93 -32.42
CA ASN B 324 4.67 -44.67 -32.51
C ASN B 324 5.03 -43.54 -31.54
N VAL B 325 4.85 -43.80 -30.25
CA VAL B 325 5.02 -42.80 -29.19
C VAL B 325 6.49 -42.40 -29.05
N PRO B 326 6.85 -41.13 -29.23
CA PRO B 326 8.24 -40.70 -29.10
C PRO B 326 8.69 -40.64 -27.65
N SER B 327 10.00 -40.66 -27.44
CA SER B 327 10.61 -40.50 -26.14
C SER B 327 10.71 -39.02 -25.78
N PRO B 328 10.90 -38.71 -24.50
CA PRO B 328 11.17 -37.31 -24.13
C PRO B 328 12.40 -36.74 -24.81
N LEU B 329 13.37 -37.58 -25.15
CA LEU B 329 14.56 -37.10 -25.86
C LEU B 329 14.19 -36.56 -27.25
N ASN B 330 13.29 -37.25 -27.95
CA ASN B 330 12.91 -36.85 -29.29
C ASN B 330 11.42 -36.57 -29.39
N TRP B 331 10.89 -35.80 -28.44
CA TRP B 331 9.47 -35.48 -28.42
C TRP B 331 9.06 -34.81 -29.74
N GLU B 332 7.88 -35.18 -30.22
CA GLU B 332 7.37 -34.68 -31.49
C GLU B 332 6.43 -33.51 -31.27
N ARG B 333 6.32 -32.67 -32.29
CA ARG B 333 5.50 -31.50 -32.26
C ARG B 333 4.58 -31.41 -33.44
N LYS B 334 3.32 -31.12 -33.21
CA LYS B 334 2.37 -30.85 -34.27
C LYS B 334 1.63 -29.57 -33.96
N ILE B 335 1.48 -28.69 -34.94
CA ILE B 335 0.78 -27.45 -34.77
C ILE B 335 -0.53 -27.58 -35.53
N PHE B 336 -1.65 -27.34 -34.85
CA PHE B 336 -3.00 -27.42 -35.39
C PHE B 336 -3.56 -26.02 -35.59
N SER B 337 -4.08 -25.76 -36.78
CA SER B 337 -4.66 -24.47 -37.10
C SER B 337 -5.75 -24.66 -38.14
N ASN B 338 -6.67 -23.69 -38.19
CA ASN B 338 -7.79 -23.70 -39.13
C ASN B 338 -8.61 -24.98 -38.98
N CYS B 339 -8.80 -25.42 -37.74
CA CYS B 339 -9.49 -26.67 -37.49
C CYS B 339 -10.38 -26.53 -36.27
N ASN B 340 -11.34 -27.45 -36.16
CA ASN B 340 -12.26 -27.52 -35.03
C ASN B 340 -12.01 -28.80 -34.25
N PHE B 341 -12.27 -28.74 -32.95
CA PHE B 341 -12.02 -29.88 -32.08
C PHE B 341 -12.99 -29.86 -30.90
N ASN B 342 -13.16 -31.03 -30.27
CA ASN B 342 -13.93 -31.16 -29.05
C ASN B 342 -12.98 -31.59 -27.94
N LEU B 343 -12.90 -30.79 -26.87
CA LEU B 343 -11.94 -31.09 -25.81
C LEU B 343 -12.40 -32.27 -24.96
N SER B 344 -13.72 -32.38 -24.72
CA SER B 344 -14.22 -33.51 -23.94
C SER B 344 -14.06 -34.82 -24.70
N THR B 345 -14.41 -34.82 -25.98
CA THR B 345 -14.19 -36.00 -26.82
C THR B 345 -12.71 -36.34 -26.89
N LEU B 346 -11.86 -35.32 -27.00
CA LEU B 346 -10.42 -35.55 -27.03
C LEU B 346 -9.94 -36.21 -25.74
N LEU B 347 -10.40 -35.71 -24.59
CA LEU B 347 -10.01 -36.31 -23.32
C LEU B 347 -10.55 -37.73 -23.16
N ARG B 348 -11.74 -38.01 -23.69
CA ARG B 348 -12.28 -39.36 -23.63
C ARG B 348 -11.46 -40.32 -24.49
N LEU B 349 -11.16 -39.93 -25.73
CA LEU B 349 -10.52 -40.83 -26.68
C LEU B 349 -9.08 -41.17 -26.30
N VAL B 350 -8.41 -40.31 -25.54
CA VAL B 350 -7.02 -40.53 -25.13
C VAL B 350 -6.89 -41.23 -23.78
N HIS B 351 -8.01 -41.52 -23.10
CA HIS B 351 -8.03 -42.10 -21.75
C HIS B 351 -7.21 -41.24 -20.78
N THR B 352 -7.72 -40.03 -20.50
CA THR B 352 -7.01 -39.05 -19.69
C THR B 352 -6.85 -39.53 -18.26
N ASP B 353 -5.63 -39.44 -17.74
CA ASP B 353 -5.30 -39.68 -16.33
C ASP B 353 -5.34 -38.37 -15.53
N SER B 354 -4.99 -37.23 -16.15
CA SER B 354 -5.02 -35.93 -15.50
C SER B 354 -5.00 -34.86 -16.58
N PHE B 355 -5.56 -33.69 -16.24
CA PHE B 355 -5.58 -32.57 -17.17
C PHE B 355 -5.66 -31.27 -16.39
N SER B 356 -4.68 -30.41 -16.60
CA SER B 356 -4.65 -29.12 -15.92
C SER B 356 -4.00 -28.10 -16.85
N CYS B 357 -4.27 -26.83 -16.59
CA CYS B 357 -3.78 -25.74 -17.42
C CYS B 357 -3.03 -24.72 -16.58
N ASN B 358 -2.01 -24.12 -17.18
CA ASN B 358 -1.19 -23.11 -16.54
C ASN B 358 -1.41 -21.76 -17.22
N ASN B 359 -1.55 -20.69 -16.45
CA ASN B 359 -1.92 -19.32 -16.92
C ASN B 359 -3.23 -19.26 -17.70
N PHE B 360 -4.13 -20.18 -17.43
CA PHE B 360 -5.42 -20.31 -18.12
C PHE B 360 -6.31 -21.19 -17.24
N ASP B 361 -7.47 -21.59 -17.72
CA ASP B 361 -8.28 -22.61 -17.05
C ASP B 361 -8.87 -23.57 -18.08
N GLU B 362 -8.87 -24.86 -17.77
CA GLU B 362 -9.39 -25.87 -18.68
C GLU B 362 -10.84 -25.60 -19.04
N SER B 363 -11.64 -25.08 -18.10
CA SER B 363 -13.04 -24.75 -18.32
C SER B 363 -13.21 -23.62 -19.32
N LYS B 364 -12.18 -22.79 -19.47
CA LYS B 364 -12.18 -21.71 -20.46
C LYS B 364 -11.78 -22.20 -21.84
N ILE B 365 -11.20 -23.38 -22.06
CA ILE B 365 -10.88 -23.89 -23.39
C ILE B 365 -12.15 -24.15 -24.18
N TYR B 366 -13.20 -24.62 -23.51
CA TYR B 366 -14.43 -24.98 -24.19
C TYR B 366 -15.05 -23.76 -24.87
N GLY B 367 -15.26 -23.87 -26.18
CA GLY B 367 -15.83 -22.82 -27.04
C GLY B 367 -14.88 -21.72 -27.50
N SER B 368 -13.68 -21.67 -26.94
CA SER B 368 -12.70 -20.64 -27.27
C SER B 368 -12.07 -20.89 -28.64
N CYS B 369 -11.45 -19.87 -29.18
CA CYS B 369 -10.71 -19.93 -30.44
C CYS B 369 -9.29 -19.57 -30.14
N PHE B 370 -8.38 -20.19 -30.88
CA PHE B 370 -6.96 -19.95 -30.74
C PHE B 370 -6.34 -19.76 -32.11
N LYS B 371 -5.24 -19.01 -32.19
CA LYS B 371 -4.49 -18.82 -33.42
C LYS B 371 -3.90 -20.15 -33.87
N SER B 372 -3.36 -20.90 -32.93
CA SER B 372 -2.84 -22.24 -33.15
C SER B 372 -2.73 -22.98 -31.84
N ILE B 373 -2.74 -24.29 -31.91
CA ILE B 373 -2.50 -25.13 -30.74
C ILE B 373 -1.26 -25.96 -31.03
N VAL B 374 -0.20 -25.71 -30.28
CA VAL B 374 1.06 -26.40 -30.45
C VAL B 374 1.08 -27.57 -29.51
N LEU B 375 1.25 -28.77 -30.03
CA LEU B 375 1.11 -30.00 -29.25
C LEU B 375 2.44 -30.74 -29.24
N ASP B 376 2.96 -31.01 -28.04
CA ASP B 376 4.15 -31.81 -27.85
C ASP B 376 3.78 -33.02 -27.00
N LYS B 377 4.14 -34.22 -27.49
CA LYS B 377 3.86 -35.51 -26.84
C LYS B 377 5.10 -36.34 -26.62
N PHE B 378 5.14 -37.11 -25.55
CA PHE B 378 6.13 -38.18 -25.34
C PHE B 378 5.71 -39.17 -24.25
N ALA B 379 6.22 -40.40 -24.30
CA ALA B 379 6.00 -41.39 -23.25
C ALA B 379 6.73 -41.01 -21.95
N ILE B 380 6.16 -41.36 -20.79
CA ILE B 380 6.72 -40.99 -19.49
C ILE B 380 7.54 -42.17 -18.95
N PRO B 381 8.86 -42.02 -18.69
CA PRO B 381 9.60 -43.02 -17.93
C PRO B 381 9.09 -43.06 -16.48
N ASN B 382 8.70 -44.23 -15.95
CA ASN B 382 7.96 -44.34 -14.70
C ASN B 382 8.60 -43.63 -13.50
N SER B 383 9.89 -43.85 -13.24
CA SER B 383 10.60 -43.23 -12.12
C SER B 383 10.78 -41.72 -12.28
N ARG B 384 10.69 -41.20 -13.51
CA ARG B 384 10.80 -39.76 -13.80
C ARG B 384 9.46 -39.04 -13.90
N ARG B 385 8.34 -39.66 -13.51
CA ARG B 385 7.00 -39.04 -13.54
C ARG B 385 6.96 -37.69 -12.80
N SER B 386 7.71 -37.54 -11.71
CA SER B 386 7.70 -36.30 -10.92
C SER B 386 8.47 -35.17 -11.59
N ASP B 387 9.27 -35.47 -12.61
CA ASP B 387 10.03 -34.42 -13.30
C ASP B 387 9.13 -33.49 -14.10
N LEU B 388 7.89 -33.89 -14.38
CA LEU B 388 7.00 -33.11 -15.21
C LEU B 388 6.25 -32.02 -14.45
N GLN B 389 6.46 -31.90 -13.14
CA GLN B 389 5.87 -30.80 -12.40
C GLN B 389 6.43 -29.47 -12.90
N LEU B 390 5.57 -28.46 -12.90
CA LEU B 390 5.95 -27.16 -13.43
C LEU B 390 7.08 -26.55 -12.60
N GLY B 391 8.13 -26.09 -13.28
CA GLY B 391 9.27 -25.52 -12.61
C GLY B 391 10.26 -26.52 -12.02
N SER B 392 10.02 -27.81 -12.21
CA SER B 392 10.90 -28.82 -11.64
C SER B 392 12.25 -28.84 -12.37
N SER B 393 13.31 -29.11 -11.61
CA SER B 393 14.65 -29.24 -12.14
C SER B 393 15.02 -30.68 -12.42
N GLY B 394 14.03 -31.55 -12.60
CA GLY B 394 14.29 -32.95 -12.88
C GLY B 394 14.92 -33.18 -14.24
N PHE B 395 15.31 -34.42 -14.52
CA PHE B 395 16.04 -34.72 -15.75
C PHE B 395 15.20 -34.41 -16.98
N LEU B 396 13.91 -34.71 -16.93
CA LEU B 396 13.05 -34.51 -18.10
C LEU B 396 13.00 -33.04 -18.51
N GLN B 397 12.82 -32.14 -17.54
CA GLN B 397 12.74 -30.72 -17.86
C GLN B 397 14.12 -30.07 -17.98
N SER B 398 15.14 -30.63 -17.32
CA SER B 398 16.47 -30.06 -17.43
C SER B 398 17.15 -30.41 -18.75
N SER B 399 16.89 -31.59 -19.29
CA SER B 399 17.64 -32.04 -20.46
C SER B 399 16.79 -32.70 -21.55
N ASN B 400 15.48 -32.84 -21.39
CA ASN B 400 14.67 -33.46 -22.43
C ASN B 400 13.59 -32.54 -22.97
N TYR B 401 12.81 -31.91 -22.10
CA TYR B 401 11.70 -31.06 -22.55
C TYR B 401 11.34 -30.09 -21.43
N LYS B 402 11.61 -28.81 -21.65
CA LYS B 402 11.27 -27.77 -20.69
C LYS B 402 9.86 -27.27 -20.96
N ILE B 403 9.02 -27.29 -19.93
CA ILE B 403 7.64 -26.80 -20.06
C ILE B 403 7.61 -25.32 -19.71
N ASP B 404 7.23 -24.49 -20.66
CA ASP B 404 7.18 -23.06 -20.44
C ASP B 404 6.08 -22.69 -19.47
N THR B 405 6.45 -22.22 -18.29
CA THR B 405 5.51 -21.84 -17.25
C THR B 405 4.93 -20.45 -17.45
N THR B 406 5.50 -19.66 -18.35
CA THR B 406 5.00 -18.31 -18.58
C THR B 406 3.85 -18.27 -19.58
N SER B 407 3.84 -19.09 -20.61
CA SER B 407 2.77 -19.11 -21.59
C SER B 407 1.55 -19.85 -21.06
N SER B 408 0.44 -19.71 -21.74
CA SER B 408 -0.82 -20.38 -21.41
C SER B 408 -0.76 -21.80 -21.99
N SER B 409 -0.46 -22.78 -21.15
CA SER B 409 -0.27 -24.15 -21.59
C SER B 409 -1.08 -25.09 -20.71
N CYS B 410 -1.51 -26.20 -21.31
CA CYS B 410 -2.26 -27.24 -20.61
C CYS B 410 -1.51 -28.55 -20.71
N GLN B 411 -1.33 -29.23 -19.59
CA GLN B 411 -0.59 -30.47 -19.52
C GLN B 411 -1.55 -31.64 -19.44
N LEU B 412 -1.50 -32.56 -20.39
CA LEU B 412 -2.33 -33.75 -20.46
C LEU B 412 -1.49 -34.96 -20.08
N TYR B 413 -1.96 -35.74 -19.11
CA TYR B 413 -1.43 -37.07 -18.83
C TYR B 413 -2.46 -38.07 -19.34
N TYR B 414 -2.08 -38.96 -20.22
CA TYR B 414 -2.98 -39.90 -20.90
C TYR B 414 -2.29 -41.24 -21.13
N SER B 415 -3.00 -42.27 -21.54
CA SER B 415 -2.41 -43.61 -21.64
C SER B 415 -2.97 -44.46 -22.77
N LEU B 416 -2.12 -45.32 -23.31
CA LEU B 416 -2.45 -46.28 -24.37
C LEU B 416 -2.20 -47.71 -23.90
N PRO B 417 -2.93 -48.71 -24.43
CA PRO B 417 -2.67 -50.11 -24.10
C PRO B 417 -1.27 -50.50 -24.57
N ALA B 418 -0.41 -50.96 -23.66
CA ALA B 418 1.00 -51.14 -23.94
C ALA B 418 1.27 -52.14 -25.07
N ILE B 419 0.37 -53.10 -25.28
CA ILE B 419 0.52 -54.11 -26.33
C ILE B 419 0.68 -53.53 -27.74
N ASN B 420 0.17 -52.31 -28.02
CA ASN B 420 0.33 -51.69 -29.32
C ASN B 420 1.32 -50.53 -29.33
N VAL B 421 1.72 -50.03 -28.17
CA VAL B 421 2.67 -48.92 -28.07
C VAL B 421 4.07 -49.43 -28.41
N THR B 422 4.72 -48.77 -29.37
CA THR B 422 6.10 -49.04 -29.72
C THR B 422 6.89 -47.75 -29.51
N ILE B 423 7.66 -47.69 -28.42
CA ILE B 423 8.41 -46.49 -28.07
C ILE B 423 9.48 -46.22 -29.12
N ASN B 424 9.48 -45.01 -29.67
CA ASN B 424 10.42 -44.60 -30.71
C ASN B 424 11.50 -43.77 -30.04
N ASN B 425 12.56 -44.44 -29.62
CA ASN B 425 13.71 -43.76 -29.01
C ASN B 425 14.66 -43.32 -30.11
N TYR B 426 14.96 -42.02 -30.16
CA TYR B 426 15.73 -41.45 -31.25
C TYR B 426 16.57 -40.30 -30.70
N ASN B 427 17.79 -40.18 -31.21
CA ASN B 427 18.69 -39.11 -30.78
C ASN B 427 18.66 -37.99 -31.80
N PRO B 428 18.15 -36.81 -31.43
CA PRO B 428 18.06 -35.68 -32.32
C PRO B 428 19.35 -34.90 -32.39
N SER B 429 20.33 -35.15 -31.55
CA SER B 429 21.58 -34.40 -31.59
C SER B 429 22.37 -34.65 -32.84
N SER B 430 22.73 -33.62 -33.59
CA SER B 430 23.44 -33.79 -34.85
C SER B 430 24.89 -34.15 -34.67
N TRP B 431 25.55 -33.56 -33.72
CA TRP B 431 26.97 -33.85 -33.49
C TRP B 431 27.18 -35.24 -32.92
N ASN B 432 26.24 -35.74 -32.11
CA ASN B 432 26.33 -37.14 -31.67
C ASN B 432 26.20 -38.09 -32.86
N ARG B 433 25.32 -37.82 -33.82
CA ARG B 433 25.17 -38.65 -35.01
C ARG B 433 26.39 -38.53 -35.91
N ARG B 434 27.01 -37.36 -35.97
CA ARG B 434 28.19 -37.09 -36.78
C ARG B 434 29.33 -37.94 -36.32
N TYR B 435 29.34 -38.32 -35.06
CA TYR B 435 30.49 -39.00 -34.49
C TYR B 435 30.15 -40.40 -33.96
N GLY B 436 29.29 -41.12 -34.68
CA GLY B 436 29.13 -42.55 -34.47
C GLY B 436 27.82 -43.00 -33.86
N PHE B 437 27.04 -42.10 -33.26
CA PHE B 437 25.77 -42.50 -32.65
C PHE B 437 24.79 -42.92 -33.75
N ASN B 438 24.38 -44.20 -33.72
CA ASN B 438 23.47 -44.73 -34.72
C ASN B 438 22.04 -44.82 -34.20
N ASN B 439 21.82 -45.53 -33.10
CA ASN B 439 20.49 -45.70 -32.54
C ASN B 439 20.63 -46.40 -31.18
N PHE B 440 19.50 -46.66 -30.55
CA PHE B 440 19.44 -47.39 -29.30
C PHE B 440 19.07 -48.86 -29.56
N ASN B 441 19.46 -49.71 -28.61
CA ASN B 441 19.12 -51.13 -28.64
C ASN B 441 18.46 -51.45 -27.30
N LEU B 442 17.16 -51.21 -27.21
CA LEU B 442 16.40 -51.33 -25.97
C LEU B 442 15.08 -52.03 -26.26
N SER B 443 14.35 -52.39 -25.20
CA SER B 443 13.09 -53.10 -25.33
C SER B 443 12.03 -52.21 -25.99
N SER B 444 10.88 -52.83 -26.27
CA SER B 444 9.80 -52.13 -26.96
C SER B 444 9.26 -50.98 -26.12
N HIS B 445 9.20 -51.16 -24.80
CA HIS B 445 8.65 -50.19 -23.83
C HIS B 445 9.70 -49.46 -23.01
N SER B 446 10.99 -49.55 -23.36
CA SER B 446 11.99 -48.64 -22.80
C SER B 446 11.76 -47.23 -23.31
N VAL B 447 11.75 -46.25 -22.42
CA VAL B 447 11.73 -44.84 -22.76
C VAL B 447 13.07 -44.22 -22.38
N VAL B 448 13.85 -43.78 -23.35
CA VAL B 448 15.11 -43.08 -23.07
C VAL B 448 14.86 -41.65 -22.63
N TYR B 449 15.67 -41.15 -21.73
CA TYR B 449 15.66 -39.75 -21.34
C TYR B 449 17.08 -39.25 -21.09
N SER B 450 17.40 -38.05 -21.55
CA SER B 450 18.72 -37.49 -21.27
C SER B 450 18.79 -36.98 -19.83
N ARG B 451 19.96 -37.16 -19.22
CA ARG B 451 20.20 -36.60 -17.89
C ARG B 451 21.08 -35.36 -17.94
N TYR B 452 21.99 -35.28 -18.92
CA TYR B 452 22.83 -34.12 -19.14
C TYR B 452 23.00 -33.91 -20.63
N CYS B 453 22.83 -32.68 -21.08
CA CYS B 453 23.01 -32.32 -22.48
C CYS B 453 24.26 -31.47 -22.64
N PHE B 454 25.03 -31.75 -23.69
CA PHE B 454 26.28 -31.04 -23.95
C PHE B 454 26.25 -30.50 -25.37
N SER B 455 26.46 -29.19 -25.50
CA SER B 455 26.49 -28.52 -26.79
C SER B 455 27.94 -28.20 -27.15
N VAL B 456 28.28 -28.36 -28.43
CA VAL B 456 29.64 -28.19 -28.90
C VAL B 456 29.64 -27.28 -30.12
N ASN B 457 30.80 -26.68 -30.39
CA ASN B 457 30.95 -25.84 -31.56
C ASN B 457 30.95 -26.69 -32.82
N ASN B 458 30.76 -26.07 -33.99
CA ASN B 458 30.81 -26.84 -35.23
C ASN B 458 32.24 -27.24 -35.61
N THR B 459 33.26 -26.74 -34.90
CA THR B 459 34.62 -27.22 -35.09
C THR B 459 35.00 -28.33 -34.11
N PHE B 460 34.05 -28.82 -33.33
CA PHE B 460 34.34 -29.83 -32.33
C PHE B 460 34.64 -31.17 -32.98
N CYS B 461 35.61 -31.89 -32.41
CA CYS B 461 35.95 -33.23 -32.83
C CYS B 461 36.60 -33.92 -31.65
N PRO B 462 36.05 -35.03 -31.17
CA PRO B 462 36.57 -35.67 -29.95
C PRO B 462 37.82 -36.52 -30.16
N CYS B 463 38.32 -36.62 -31.39
CA CYS B 463 39.49 -37.44 -31.67
C CYS B 463 40.76 -36.60 -31.67
N ALA B 464 41.79 -37.10 -31.00
CA ALA B 464 43.07 -36.41 -30.92
C ALA B 464 43.78 -36.45 -32.26
N LYS B 465 44.80 -35.62 -32.40
CA LYS B 465 45.57 -35.57 -33.64
C LYS B 465 46.44 -36.83 -33.76
N PRO B 466 46.36 -37.54 -34.89
CA PRO B 466 47.16 -38.78 -35.01
C PRO B 466 48.65 -38.55 -34.84
N SER B 467 49.17 -37.42 -35.32
CA SER B 467 50.60 -37.13 -35.12
C SER B 467 50.91 -36.96 -33.65
N PHE B 468 50.06 -36.24 -32.92
CA PHE B 468 50.27 -36.06 -31.49
C PHE B 468 50.19 -37.39 -30.75
N ALA B 469 49.21 -38.23 -31.10
CA ALA B 469 49.07 -39.52 -30.45
C ALA B 469 50.29 -40.41 -30.73
N SER B 470 50.81 -40.38 -31.96
CA SER B 470 52.02 -41.12 -32.28
C SER B 470 53.20 -40.60 -31.47
N SER B 471 53.30 -39.28 -31.32
CA SER B 471 54.35 -38.71 -30.48
C SER B 471 54.20 -39.14 -29.02
N CYS B 472 52.99 -39.42 -28.58
CA CYS B 472 52.76 -39.85 -27.21
C CYS B 472 53.34 -41.24 -26.97
N LYS B 473 53.84 -41.46 -25.75
CA LYS B 473 54.26 -42.78 -25.31
C LYS B 473 53.74 -43.12 -23.93
N SER B 474 53.10 -42.19 -23.23
CA SER B 474 52.45 -42.45 -21.96
C SER B 474 51.09 -41.77 -21.95
N HIS B 475 50.07 -42.49 -21.51
CA HIS B 475 48.68 -41.99 -21.53
C HIS B 475 48.29 -41.54 -22.93
N LYS B 476 48.62 -42.36 -23.92
CA LYS B 476 48.37 -42.04 -25.31
C LYS B 476 46.86 -42.02 -25.59
N PRO B 477 46.30 -40.92 -26.05
CA PRO B 477 44.87 -40.88 -26.35
C PRO B 477 44.58 -41.50 -27.70
N PRO B 478 43.39 -42.07 -27.88
CA PRO B 478 43.00 -42.55 -29.22
C PRO B 478 42.88 -41.38 -30.18
N SER B 479 43.21 -41.65 -31.45
CA SER B 479 43.24 -40.61 -32.46
C SER B 479 42.64 -41.12 -33.75
N ALA B 480 42.17 -40.16 -34.56
CA ALA B 480 41.60 -40.46 -35.87
C ALA B 480 41.60 -39.16 -36.67
N SER B 481 41.30 -39.29 -37.97
CA SER B 481 41.26 -38.14 -38.87
C SER B 481 39.96 -37.40 -38.64
N CYS B 482 40.07 -36.18 -38.11
CA CYS B 482 38.90 -35.36 -37.86
C CYS B 482 38.36 -34.77 -39.16
N PRO B 483 37.06 -34.47 -39.22
CA PRO B 483 36.50 -33.85 -40.43
C PRO B 483 37.13 -32.49 -40.68
N ILE B 484 37.14 -32.10 -41.95
CA ILE B 484 37.72 -30.85 -42.40
C ILE B 484 37.05 -29.70 -41.67
N GLY B 485 37.84 -28.74 -41.19
CA GLY B 485 37.28 -27.61 -40.49
C GLY B 485 37.02 -27.82 -39.03
N THR B 486 37.41 -28.96 -38.47
CA THR B 486 37.18 -29.28 -37.07
C THR B 486 38.51 -29.39 -36.33
N ASN B 487 38.57 -28.78 -35.15
CA ASN B 487 39.75 -28.83 -34.32
C ASN B 487 39.86 -30.18 -33.63
N TYR B 488 41.08 -30.71 -33.56
CA TYR B 488 41.32 -31.98 -32.91
C TYR B 488 41.17 -31.86 -31.40
N ARG B 489 41.06 -33.02 -30.74
CA ARG B 489 40.93 -33.06 -29.30
C ARG B 489 42.14 -32.40 -28.64
N SER B 490 41.88 -31.45 -27.74
CA SER B 490 42.95 -30.68 -27.13
C SER B 490 43.77 -31.55 -26.20
N CYS B 491 45.09 -31.57 -26.41
CA CYS B 491 45.98 -32.40 -25.61
C CYS B 491 47.32 -31.69 -25.47
N GLU B 492 48.06 -32.07 -24.43
CA GLU B 492 49.37 -31.48 -24.15
C GLU B 492 50.33 -32.57 -23.70
N SER B 493 51.62 -32.30 -23.86
CA SER B 493 52.68 -33.20 -23.44
C SER B 493 53.45 -32.57 -22.27
N THR B 494 53.60 -33.31 -21.19
CA THR B 494 54.27 -32.83 -19.99
C THR B 494 55.27 -33.87 -19.52
N THR B 495 56.44 -33.40 -19.06
CA THR B 495 57.51 -34.27 -18.61
C THR B 495 57.21 -34.75 -17.20
N VAL B 496 56.48 -35.86 -17.09
CA VAL B 496 56.16 -36.49 -15.81
C VAL B 496 56.56 -37.94 -15.91
N LEU B 497 56.86 -38.55 -14.75
CA LEU B 497 57.33 -39.94 -14.67
C LEU B 497 58.62 -40.12 -15.47
N ASP B 498 59.44 -39.06 -15.53
CA ASP B 498 60.70 -39.06 -16.26
C ASP B 498 60.49 -39.34 -17.74
N HIS B 499 59.25 -39.22 -18.20
CA HIS B 499 58.92 -39.47 -19.60
C HIS B 499 58.86 -38.16 -20.38
N THR B 500 59.50 -38.15 -21.55
CA THR B 500 59.56 -36.96 -22.37
C THR B 500 58.29 -36.73 -23.19
N ASP B 501 57.40 -37.72 -23.28
CA ASP B 501 56.19 -37.63 -24.08
C ASP B 501 54.99 -38.17 -23.31
N TRP B 502 54.89 -37.82 -22.03
CA TRP B 502 53.68 -38.14 -21.27
C TRP B 502 52.60 -37.13 -21.63
N CYS B 503 51.43 -37.64 -22.03
CA CYS B 503 50.40 -36.83 -22.65
C CYS B 503 49.17 -36.72 -21.74
N ARG B 504 48.68 -35.49 -21.60
CA ARG B 504 47.43 -35.20 -20.89
C ARG B 504 46.47 -34.52 -21.84
N CYS B 505 45.19 -34.83 -21.69
CA CYS B 505 44.18 -34.36 -22.62
C CYS B 505 43.01 -33.75 -21.86
N SER B 506 42.17 -33.02 -22.59
CA SER B 506 41.04 -32.32 -22.01
C SER B 506 39.86 -33.27 -21.80
N CYS B 507 38.82 -32.74 -21.14
CA CYS B 507 37.60 -33.49 -20.85
C CYS B 507 37.89 -34.77 -20.07
N LEU B 508 38.80 -34.71 -19.11
CA LEU B 508 39.05 -35.90 -18.32
C LEU B 508 38.36 -35.81 -16.97
N PRO B 509 37.82 -36.94 -16.46
CA PRO B 509 37.75 -38.26 -17.10
C PRO B 509 36.61 -38.34 -18.11
N ASP B 510 35.49 -37.67 -17.84
CA ASP B 510 34.34 -37.65 -18.72
C ASP B 510 33.74 -36.26 -18.70
N PRO B 511 33.02 -35.86 -19.75
CA PRO B 511 32.46 -34.50 -19.79
C PRO B 511 31.52 -34.19 -18.64
N ILE B 512 30.79 -35.18 -18.13
CA ILE B 512 29.88 -34.94 -17.01
C ILE B 512 30.67 -34.58 -15.76
N THR B 513 31.72 -35.36 -15.46
CA THR B 513 32.57 -35.13 -14.29
C THR B 513 33.94 -34.60 -14.68
N ALA B 514 34.00 -33.72 -15.68
CA ALA B 514 35.27 -33.20 -16.15
C ALA B 514 36.00 -32.45 -15.05
N TYR B 515 37.32 -32.64 -14.99
CA TYR B 515 38.11 -31.98 -13.97
C TYR B 515 38.14 -30.46 -14.16
N ASP B 516 37.85 -29.97 -15.36
CA ASP B 516 37.61 -28.54 -15.56
C ASP B 516 36.77 -28.33 -16.81
N PRO B 517 35.53 -27.84 -16.66
CA PRO B 517 34.71 -27.55 -17.85
C PRO B 517 35.26 -26.44 -18.72
N ARG B 518 36.17 -25.60 -18.21
CA ARG B 518 36.69 -24.49 -18.98
C ARG B 518 37.43 -24.96 -20.23
N SER B 519 38.25 -26.00 -20.09
CA SER B 519 39.02 -26.52 -21.23
C SER B 519 38.25 -27.55 -22.03
N CYS B 520 37.29 -28.24 -21.42
CA CYS B 520 36.51 -29.23 -22.15
C CYS B 520 35.61 -28.55 -23.15
N SER B 521 35.70 -28.97 -24.41
CA SER B 521 34.90 -28.36 -25.46
C SER B 521 33.42 -28.65 -25.32
N GLN B 522 33.06 -29.79 -24.74
CA GLN B 522 31.65 -30.12 -24.50
C GLN B 522 31.15 -29.31 -23.32
N LYS B 523 30.17 -28.44 -23.57
CA LYS B 523 29.66 -27.51 -22.58
C LYS B 523 28.30 -27.97 -22.07
N LYS B 524 28.15 -28.02 -20.76
CA LYS B 524 26.85 -28.35 -20.17
C LYS B 524 25.83 -27.28 -20.55
N SER B 525 24.62 -27.72 -20.90
CA SER B 525 23.59 -26.80 -21.36
C SER B 525 22.21 -27.41 -21.11
N LEU B 526 21.39 -26.71 -20.34
CA LEU B 526 20.00 -27.11 -20.17
C LEU B 526 19.21 -26.85 -21.44
N VAL B 527 18.19 -27.66 -21.66
CA VAL B 527 17.33 -27.50 -22.83
C VAL B 527 16.45 -26.27 -22.64
N GLY B 528 16.40 -25.42 -23.65
CA GLY B 528 15.50 -24.29 -23.65
C GLY B 528 14.09 -24.69 -24.01
N VAL B 529 13.21 -23.71 -23.98
CA VAL B 529 11.81 -23.86 -24.30
C VAL B 529 11.73 -24.15 -25.77
N GLY B 530 11.14 -25.26 -26.13
CA GLY B 530 10.93 -25.65 -27.49
C GLY B 530 12.08 -26.36 -28.15
N GLU B 531 13.16 -26.68 -27.46
CA GLU B 531 14.27 -27.35 -28.08
C GLU B 531 14.61 -28.66 -27.45
N HIS B 532 15.15 -29.55 -28.26
CA HIS B 532 15.57 -30.88 -27.84
C HIS B 532 16.94 -30.85 -27.25
N CYS B 533 17.39 -32.01 -26.81
CA CYS B 533 18.70 -32.10 -26.18
C CYS B 533 19.80 -31.72 -27.16
N ALA B 534 20.80 -30.99 -26.65
CA ALA B 534 21.95 -30.64 -27.47
C ALA B 534 22.73 -31.88 -27.89
N GLY B 535 22.91 -32.82 -26.98
CA GLY B 535 23.62 -34.05 -27.27
C GLY B 535 24.12 -34.70 -26.01
N PHE B 536 24.42 -35.99 -26.13
CA PHE B 536 24.95 -36.74 -24.99
C PHE B 536 26.44 -36.49 -24.85
N GLY B 537 26.89 -36.32 -23.61
CA GLY B 537 28.30 -36.20 -23.33
C GLY B 537 29.05 -37.46 -23.73
N VAL B 538 30.08 -37.30 -24.56
CA VAL B 538 30.83 -38.44 -25.08
C VAL B 538 32.19 -38.48 -24.42
N ASP B 539 32.60 -39.66 -23.98
CA ASP B 539 33.92 -39.86 -23.38
C ASP B 539 34.94 -39.88 -24.51
N GLU B 540 35.70 -38.80 -24.64
CA GLU B 540 36.66 -38.67 -25.73
C GLU B 540 37.79 -39.67 -25.63
N GLU B 541 37.98 -40.32 -24.49
CA GLU B 541 38.93 -41.42 -24.38
C GLU B 541 38.50 -42.67 -25.13
N LYS B 542 37.24 -42.71 -25.60
CA LYS B 542 36.71 -43.87 -26.32
C LYS B 542 36.36 -43.54 -27.77
N CYS B 543 36.83 -42.41 -28.29
CA CYS B 543 36.57 -42.03 -29.67
C CYS B 543 37.79 -42.35 -30.53
N GLY B 544 37.55 -42.99 -31.66
CA GLY B 544 38.63 -43.36 -32.54
C GLY B 544 39.34 -44.63 -32.09
N VAL B 545 40.58 -44.77 -32.56
CA VAL B 545 41.41 -45.93 -32.28
C VAL B 545 42.75 -45.44 -31.78
N LEU B 546 43.43 -46.30 -31.00
CA LEU B 546 44.64 -45.89 -30.29
C LEU B 546 45.71 -45.34 -31.22
N ASP B 547 45.95 -46.00 -32.35
CA ASP B 547 47.00 -45.60 -33.28
C ASP B 547 46.44 -45.39 -34.68
N GLY B 548 45.32 -44.70 -34.77
CA GLY B 548 44.71 -44.45 -36.07
C GLY B 548 45.44 -43.34 -36.80
N SER B 549 45.67 -43.55 -38.10
CA SER B 549 46.30 -42.56 -38.95
C SER B 549 45.22 -41.68 -39.59
N TYR B 550 45.59 -40.91 -40.60
CA TYR B 550 44.65 -40.05 -41.30
C TYR B 550 43.73 -40.81 -42.23
N ASN B 551 43.87 -42.14 -42.33
CA ASN B 551 43.08 -42.95 -43.24
C ASN B 551 41.80 -43.49 -42.60
N VAL B 552 41.53 -43.16 -41.35
CA VAL B 552 40.35 -43.64 -40.63
C VAL B 552 39.56 -42.44 -40.12
N SER B 553 38.26 -42.45 -40.35
CA SER B 553 37.40 -41.37 -39.88
C SER B 553 37.20 -41.44 -38.37
N CYS B 554 36.89 -40.29 -37.78
CA CYS B 554 36.70 -40.21 -36.34
C CYS B 554 35.28 -40.61 -35.97
N LEU B 555 35.16 -41.56 -35.03
CA LEU B 555 33.87 -41.95 -34.49
C LEU B 555 34.09 -42.56 -33.12
N CYS B 556 33.03 -42.56 -32.32
CA CYS B 556 33.08 -43.05 -30.95
C CYS B 556 32.20 -44.29 -30.82
N SER B 557 32.56 -45.14 -29.86
CA SER B 557 31.80 -46.37 -29.62
C SER B 557 30.43 -46.04 -29.05
N THR B 558 29.53 -47.02 -29.14
CA THR B 558 28.16 -46.84 -28.66
C THR B 558 28.10 -46.54 -27.17
N ASP B 559 29.01 -47.10 -26.38
CA ASP B 559 29.03 -46.87 -24.94
C ASP B 559 29.84 -45.63 -24.55
N ALA B 560 30.41 -44.91 -25.52
CA ALA B 560 31.15 -43.71 -25.21
C ALA B 560 30.25 -42.54 -24.84
N PHE B 561 28.98 -42.59 -25.24
CA PHE B 561 28.03 -41.51 -24.95
C PHE B 561 27.38 -41.77 -23.60
N LEU B 562 27.68 -40.91 -22.63
CA LEU B 562 27.17 -41.04 -21.29
C LEU B 562 26.04 -40.04 -21.06
N GLY B 563 25.58 -39.95 -19.81
CA GLY B 563 24.62 -38.92 -19.44
C GLY B 563 23.19 -39.17 -19.83
N TRP B 564 22.81 -40.39 -20.14
CA TRP B 564 21.43 -40.76 -20.47
C TRP B 564 21.01 -42.03 -19.72
N SER B 565 19.72 -42.27 -19.62
CA SER B 565 19.12 -43.39 -18.93
C SER B 565 17.82 -43.82 -19.62
N TYR B 566 17.23 -44.94 -19.18
CA TYR B 566 15.93 -45.39 -19.65
C TYR B 566 15.12 -45.99 -18.49
N ASP B 567 13.81 -46.08 -18.69
CA ASP B 567 12.87 -46.74 -17.78
C ASP B 567 11.65 -47.21 -18.59
N THR B 568 10.83 -48.11 -18.06
CA THR B 568 9.56 -48.46 -18.72
C THR B 568 8.52 -47.35 -18.57
N CYS B 569 7.58 -47.24 -19.51
CA CYS B 569 6.40 -46.40 -19.36
C CYS B 569 5.17 -47.15 -18.82
N VAL B 570 5.25 -48.47 -18.69
CA VAL B 570 4.06 -49.31 -18.47
C VAL B 570 3.71 -49.36 -16.98
N SER B 571 2.45 -49.07 -16.67
CA SER B 571 1.83 -49.34 -15.36
C SER B 571 0.43 -49.89 -15.58
N ASN B 572 0.06 -50.97 -14.90
CA ASN B 572 -1.26 -51.60 -15.00
C ASN B 572 -1.69 -51.85 -16.47
N ASN B 573 -0.82 -52.48 -17.25
CA ASN B 573 -0.98 -52.80 -18.69
C ASN B 573 -0.99 -51.58 -19.65
N ARG B 574 -1.01 -50.35 -19.16
CA ARG B 574 -1.05 -49.14 -20.00
C ARG B 574 0.27 -48.38 -19.97
N CYS B 575 0.71 -47.89 -21.11
CA CYS B 575 1.85 -46.97 -21.21
C CYS B 575 1.39 -45.55 -20.85
N ASN B 576 2.02 -44.93 -19.85
CA ASN B 576 1.75 -43.53 -19.51
C ASN B 576 2.42 -42.57 -20.50
N ILE B 577 1.68 -41.58 -20.98
CA ILE B 577 2.11 -40.63 -21.99
C ILE B 577 1.77 -39.22 -21.54
N PHE B 578 2.69 -38.28 -21.74
CA PHE B 578 2.50 -36.87 -21.48
C PHE B 578 2.30 -36.14 -22.80
N SER B 579 1.38 -35.19 -22.81
CA SER B 579 1.14 -34.28 -23.91
C SER B 579 1.03 -32.86 -23.39
N ASN B 580 1.64 -31.91 -24.09
CA ASN B 580 1.68 -30.51 -23.69
C ASN B 580 0.90 -29.69 -24.72
N PHE B 581 -0.23 -29.12 -24.30
CA PHE B 581 -1.03 -28.24 -25.13
C PHE B 581 -0.53 -26.81 -24.94
N ILE B 582 -0.04 -26.13 -25.97
CA ILE B 582 0.37 -24.72 -25.89
C ILE B 582 -0.70 -23.96 -26.66
N LEU B 583 -1.37 -23.06 -26.00
CA LEU B 583 -2.44 -22.22 -26.55
C LEU B 583 -1.85 -20.91 -27.06
N ASN B 584 -1.86 -20.70 -28.37
CA ASN B 584 -1.33 -19.51 -29.00
C ASN B 584 -2.43 -18.64 -29.52
N GLY B 585 -2.31 -17.36 -29.29
CA GLY B 585 -3.31 -16.40 -29.75
C GLY B 585 -4.68 -16.69 -29.18
N ILE B 586 -4.73 -16.87 -27.87
CA ILE B 586 -5.94 -17.21 -27.13
C ILE B 586 -7.04 -16.16 -27.36
N ASN B 587 -8.29 -16.59 -27.44
CA ASN B 587 -9.46 -15.76 -27.77
C ASN B 587 -9.31 -15.03 -29.12
N SER B 588 -8.78 -15.70 -30.12
CA SER B 588 -8.56 -15.16 -31.47
C SER B 588 -8.30 -16.30 -32.46
N GLY B 589 -8.00 -16.02 -33.72
CA GLY B 589 -7.69 -17.05 -34.70
C GLY B 589 -8.89 -17.90 -35.14
N THR B 590 -8.59 -19.08 -35.69
CA THR B 590 -9.56 -20.02 -36.23
C THR B 590 -9.49 -21.42 -35.64
N THR B 591 -8.59 -21.73 -34.69
CA THR B 591 -8.58 -23.04 -34.03
C THR B 591 -9.60 -22.98 -32.90
N CYS B 592 -10.85 -23.28 -33.24
CA CYS B 592 -11.97 -23.15 -32.34
C CYS B 592 -12.49 -24.47 -31.80
N SER B 593 -13.00 -24.45 -30.57
CA SER B 593 -13.52 -25.65 -29.92
C SER B 593 -15.05 -25.64 -30.02
N ASN B 594 -15.62 -26.82 -30.30
CA ASN B 594 -17.05 -26.97 -30.52
C ASN B 594 -17.75 -27.65 -29.34
N ASP B 595 -17.17 -27.59 -28.15
CA ASP B 595 -17.75 -28.27 -27.00
C ASP B 595 -19.09 -27.67 -26.61
N LEU B 596 -19.21 -26.35 -26.60
CA LEU B 596 -20.46 -25.70 -26.20
C LEU B 596 -21.59 -25.91 -27.19
N LEU B 597 -21.29 -26.22 -28.45
CA LEU B 597 -22.28 -26.38 -29.50
C LEU B 597 -23.15 -25.12 -29.60
N GLN B 598 -22.50 -24.03 -30.01
CA GLN B 598 -23.18 -22.77 -30.20
C GLN B 598 -23.30 -22.50 -31.69
N PRO B 599 -24.50 -22.55 -32.27
CA PRO B 599 -24.63 -22.37 -33.72
C PRO B 599 -24.21 -20.97 -34.15
N ASN B 600 -23.74 -20.86 -35.39
CA ASN B 600 -23.33 -19.61 -36.00
C ASN B 600 -24.56 -18.74 -36.29
N THR B 601 -24.77 -17.70 -35.49
CA THR B 601 -25.88 -16.75 -35.63
C THR B 601 -25.58 -15.64 -36.62
N GLU B 602 -26.52 -14.71 -36.75
CA GLU B 602 -26.32 -13.52 -37.58
C GLU B 602 -25.75 -12.40 -36.71
N VAL B 603 -25.43 -11.26 -37.32
CA VAL B 603 -24.91 -10.08 -36.61
C VAL B 603 -26.08 -9.13 -36.38
N PHE B 604 -26.77 -9.28 -35.26
CA PHE B 604 -27.95 -8.47 -34.94
C PHE B 604 -27.53 -7.02 -34.65
N THR B 605 -28.17 -6.06 -35.33
CA THR B 605 -27.82 -4.65 -35.24
C THR B 605 -28.87 -3.86 -34.48
N ASP B 606 -28.46 -2.72 -33.94
CA ASP B 606 -29.32 -1.76 -33.25
C ASP B 606 -29.99 -2.31 -31.98
N VAL B 607 -29.42 -3.37 -31.39
CA VAL B 607 -29.84 -4.01 -30.14
C VAL B 607 -28.63 -4.38 -29.30
N CYS B 608 -28.72 -4.24 -27.98
CA CYS B 608 -27.67 -4.72 -27.08
C CYS B 608 -27.59 -6.24 -27.12
N VAL B 609 -26.41 -6.80 -27.42
CA VAL B 609 -26.22 -8.25 -27.51
C VAL B 609 -24.92 -8.66 -26.81
N ASP B 610 -24.86 -9.92 -26.39
CA ASP B 610 -23.64 -10.59 -25.99
C ASP B 610 -23.01 -11.18 -27.24
N TYR B 611 -21.82 -10.72 -27.63
CA TYR B 611 -21.17 -11.16 -28.85
C TYR B 611 -19.93 -12.01 -28.59
N ASP B 612 -19.68 -12.96 -29.48
CA ASP B 612 -18.46 -13.73 -29.63
C ASP B 612 -18.08 -13.73 -31.11
N LEU B 613 -17.29 -12.75 -31.50
CA LEU B 613 -16.82 -12.56 -32.87
C LEU B 613 -15.50 -13.27 -33.09
N TYR B 614 -15.51 -14.52 -33.54
CA TYR B 614 -14.29 -15.27 -33.83
C TYR B 614 -13.32 -15.30 -32.64
N GLY B 615 -13.86 -15.57 -31.45
CA GLY B 615 -13.12 -15.63 -30.19
C GLY B 615 -13.10 -14.30 -29.42
N ILE B 616 -13.53 -13.19 -30.01
CA ILE B 616 -13.55 -11.88 -29.34
C ILE B 616 -14.90 -11.74 -28.66
N THR B 617 -14.93 -11.96 -27.35
CA THR B 617 -16.15 -11.82 -26.57
C THR B 617 -16.37 -10.39 -26.11
N GLY B 618 -17.62 -10.02 -25.88
CA GLY B 618 -17.97 -8.71 -25.35
C GLY B 618 -19.47 -8.50 -25.31
N GLN B 619 -19.88 -7.28 -24.99
CA GLN B 619 -21.28 -6.90 -24.88
C GLN B 619 -21.45 -5.50 -25.47
N GLY B 620 -22.31 -5.35 -26.46
CA GLY B 620 -22.43 -4.08 -27.18
C GLY B 620 -23.58 -4.05 -28.17
N ILE B 621 -23.67 -2.96 -28.90
CA ILE B 621 -24.64 -2.68 -29.95
C ILE B 621 -23.89 -2.59 -31.28
N PHE B 622 -24.32 -3.34 -32.28
CA PHE B 622 -23.75 -3.29 -33.62
C PHE B 622 -24.54 -2.36 -34.51
N LYS B 623 -23.88 -1.62 -35.39
CA LYS B 623 -24.52 -0.84 -36.46
C LYS B 623 -23.76 -1.06 -37.75
N GLU B 624 -24.40 -1.56 -38.78
CA GLU B 624 -23.74 -1.76 -40.08
C GLU B 624 -23.42 -0.40 -40.71
N VAL B 625 -22.19 -0.25 -41.21
CA VAL B 625 -21.72 0.95 -41.91
C VAL B 625 -20.96 0.54 -43.15
N SER B 626 -20.86 1.41 -44.16
CA SER B 626 -20.11 1.08 -45.39
C SER B 626 -18.66 1.52 -45.18
N ALA B 627 -17.92 0.83 -44.30
CA ALA B 627 -16.53 1.16 -44.02
C ALA B 627 -15.63 0.82 -45.21
N VAL B 628 -14.62 1.64 -45.46
CA VAL B 628 -13.66 1.42 -46.55
C VAL B 628 -12.21 1.25 -46.08
N TYR B 629 -11.91 1.56 -44.83
CA TYR B 629 -10.57 1.52 -44.29
C TYR B 629 -10.02 0.14 -43.99
N TYR B 630 -10.81 -0.94 -44.01
CA TYR B 630 -10.26 -2.26 -43.78
C TYR B 630 -9.50 -2.72 -45.02
N ASN B 631 -8.25 -3.09 -44.89
CA ASN B 631 -7.49 -3.58 -46.04
C ASN B 631 -7.52 -5.11 -46.07
N SER B 632 -6.83 -5.74 -47.03
CA SER B 632 -6.89 -7.20 -47.16
C SER B 632 -6.53 -7.97 -45.89
N TRP B 633 -5.54 -7.49 -45.13
CA TRP B 633 -5.07 -8.14 -43.91
C TRP B 633 -5.71 -7.67 -42.61
N GLN B 634 -6.66 -6.74 -42.62
CA GLN B 634 -7.23 -6.13 -41.42
C GLN B 634 -8.66 -6.51 -41.12
N ASN B 635 -9.03 -6.74 -39.87
CA ASN B 635 -10.39 -7.13 -39.52
C ASN B 635 -11.00 -6.44 -38.33
N LEU B 636 -10.26 -5.68 -37.52
CA LEU B 636 -10.77 -5.05 -36.32
C LEU B 636 -10.44 -3.59 -36.26
N LEU B 637 -11.29 -2.76 -35.70
CA LEU B 637 -11.06 -1.33 -35.57
C LEU B 637 -10.91 -1.02 -34.11
N TYR B 638 -9.84 -0.33 -33.76
CA TYR B 638 -9.50 0.02 -32.41
C TYR B 638 -9.53 1.51 -32.17
N ASP B 639 -9.80 1.92 -30.94
CA ASP B 639 -9.62 3.31 -30.51
C ASP B 639 -8.22 3.48 -29.96
N SER B 640 -7.84 4.68 -29.59
CA SER B 640 -6.50 4.92 -29.05
C SER B 640 -6.23 4.21 -27.70
N ASN B 641 -7.25 3.83 -26.95
CA ASN B 641 -7.18 3.14 -25.66
C ASN B 641 -7.02 1.61 -25.77
N GLY B 642 -7.24 1.05 -26.95
CA GLY B 642 -7.09 -0.38 -27.19
C GLY B 642 -8.36 -1.19 -27.04
N ASN B 643 -9.52 -0.56 -27.07
CA ASN B 643 -10.83 -1.22 -27.10
C ASN B 643 -11.24 -1.53 -28.54
N ILE B 644 -11.95 -2.61 -28.75
CA ILE B 644 -12.56 -2.89 -30.03
C ILE B 644 -13.76 -1.98 -30.21
N ILE B 645 -13.83 -1.25 -31.32
CA ILE B 645 -14.95 -0.35 -31.64
C ILE B 645 -15.58 -0.60 -32.99
N GLY B 646 -15.11 -1.59 -33.73
CA GLY B 646 -15.63 -1.94 -35.05
C GLY B 646 -15.00 -3.22 -35.55
N PHE B 647 -15.64 -3.91 -36.49
CA PHE B 647 -15.08 -5.11 -37.10
C PHE B 647 -15.66 -5.36 -38.50
N LYS B 648 -14.93 -6.14 -39.29
CA LYS B 648 -15.34 -6.58 -40.62
C LYS B 648 -15.55 -8.08 -40.49
N ASP B 649 -16.73 -8.58 -40.83
CA ASP B 649 -17.04 -10.01 -40.72
C ASP B 649 -16.22 -10.84 -41.70
N PHE B 650 -15.57 -11.90 -41.22
CA PHE B 650 -14.74 -12.77 -42.06
C PHE B 650 -15.52 -13.49 -43.17
N VAL B 651 -16.76 -13.91 -42.90
CA VAL B 651 -17.59 -14.67 -43.82
C VAL B 651 -18.33 -13.80 -44.84
N THR B 652 -19.01 -12.75 -44.38
CA THR B 652 -19.83 -11.86 -45.23
C THR B 652 -19.17 -10.57 -45.69
N ASN B 653 -17.95 -10.25 -45.25
CA ASN B 653 -17.25 -9.00 -45.58
C ASN B 653 -18.07 -7.75 -45.22
N LYS B 654 -19.05 -7.87 -44.31
CA LYS B 654 -19.87 -6.75 -43.86
C LYS B 654 -19.16 -6.06 -42.72
N THR B 655 -19.18 -4.74 -42.72
CA THR B 655 -18.50 -3.91 -41.72
C THR B 655 -19.45 -3.25 -40.75
N TYR B 656 -19.12 -3.29 -39.47
CA TYR B 656 -19.96 -2.77 -38.41
C TYR B 656 -19.16 -1.91 -37.43
N ASN B 657 -19.86 -0.99 -36.79
CA ASN B 657 -19.38 -0.26 -35.63
C ASN B 657 -19.97 -0.91 -34.38
N ILE B 658 -19.16 -1.00 -33.34
CA ILE B 658 -19.52 -1.53 -32.03
C ILE B 658 -19.59 -0.37 -31.05
N PHE B 659 -20.77 -0.12 -30.50
CA PHE B 659 -21.04 0.87 -29.46
C PHE B 659 -21.32 0.14 -28.15
N PRO B 660 -20.84 0.60 -26.99
CA PRO B 660 -21.13 -0.09 -25.74
C PRO B 660 -22.63 -0.05 -25.43
N CYS B 661 -23.16 -1.10 -24.82
CA CYS B 661 -24.54 -1.07 -24.34
C CYS B 661 -24.70 0.06 -23.32
N TYR B 662 -25.84 0.74 -23.34
CA TYR B 662 -26.02 1.93 -22.50
C TYR B 662 -25.86 1.58 -21.02
N ALA B 663 -25.14 2.42 -20.30
CA ALA B 663 -25.02 2.36 -18.86
C ALA B 663 -25.28 3.75 -18.28
N GLY B 664 -26.04 3.83 -17.19
CA GLY B 664 -26.34 5.12 -16.60
C GLY B 664 -27.09 4.99 -15.29
N ARG B 665 -27.32 6.11 -14.60
CA ARG B 665 -28.08 6.17 -13.35
C ARG B 665 -29.53 6.52 -13.57
N VAL B 666 -30.36 6.47 -12.55
CA VAL B 666 -31.61 7.21 -12.55
C VAL B 666 -31.62 8.11 -11.37
N SER B 667 -31.82 9.42 -11.56
CA SER B 667 -31.96 10.38 -10.47
C SER B 667 -33.38 10.28 -9.93
N ALA B 668 -33.57 9.82 -8.71
CA ALA B 668 -34.88 9.72 -8.10
C ALA B 668 -35.07 10.86 -7.14
N ALA B 669 -36.16 11.59 -7.30
CA ALA B 669 -36.62 12.59 -6.40
C ALA B 669 -37.66 11.99 -5.47
N PHE B 670 -37.43 12.02 -4.16
CA PHE B 670 -38.36 11.50 -3.19
C PHE B 670 -38.66 12.55 -2.11
N HIS B 671 -39.93 12.70 -1.73
CA HIS B 671 -40.34 13.49 -0.59
C HIS B 671 -40.90 12.62 0.52
N GLN B 672 -40.54 12.89 1.77
CA GLN B 672 -40.92 12.10 2.94
C GLN B 672 -42.41 11.88 3.03
N ASN B 673 -43.23 12.85 2.65
CA ASN B 673 -44.68 12.76 2.79
C ASN B 673 -45.32 11.96 1.65
N ALA B 674 -44.53 11.53 0.66
CA ALA B 674 -44.98 10.75 -0.47
C ALA B 674 -44.86 9.25 -0.20
N SER B 675 -45.49 8.45 -1.04
CA SER B 675 -45.37 6.99 -1.05
C SER B 675 -44.58 6.43 -2.24
N SER B 676 -44.32 7.23 -3.27
CA SER B 676 -43.68 6.82 -4.51
C SER B 676 -42.57 7.78 -4.89
N LEU B 677 -41.93 7.58 -6.03
CA LEU B 677 -40.74 8.30 -6.41
C LEU B 677 -41.01 9.05 -7.69
N ALA B 678 -40.32 10.15 -7.95
CA ALA B 678 -40.27 10.75 -9.28
C ALA B 678 -38.92 10.42 -9.91
N LEU B 679 -38.92 9.80 -11.08
CA LEU B 679 -37.69 9.30 -11.67
C LEU B 679 -37.28 10.18 -12.83
N LEU B 680 -36.03 10.61 -12.89
CA LEU B 680 -35.46 11.31 -14.03
C LEU B 680 -34.35 10.45 -14.63
N TYR B 681 -34.55 10.03 -15.87
CA TYR B 681 -33.55 9.38 -16.69
C TYR B 681 -32.81 10.45 -17.47
N ARG B 682 -31.70 10.91 -16.90
CA ARG B 682 -31.00 12.08 -17.44
C ARG B 682 -30.50 11.83 -18.86
N ASN B 683 -30.77 12.76 -19.75
CA ASN B 683 -30.36 12.79 -21.15
C ASN B 683 -30.89 11.61 -21.99
N LEU B 684 -32.01 11.00 -21.58
CA LEU B 684 -32.64 9.90 -22.31
C LEU B 684 -34.04 10.29 -22.74
N LYS B 685 -34.41 9.98 -23.98
CA LYS B 685 -35.78 10.16 -24.46
C LYS B 685 -36.67 9.04 -23.95
N CYS B 686 -37.93 9.33 -23.69
CA CYS B 686 -38.84 8.35 -23.11
C CYS B 686 -39.07 7.14 -24.01
N SER B 687 -39.09 7.33 -25.33
CA SER B 687 -39.17 6.22 -26.28
C SER B 687 -37.99 5.27 -26.11
N TYR B 688 -36.78 5.78 -25.95
CA TYR B 688 -35.60 4.96 -25.66
C TYR B 688 -35.75 4.25 -24.31
N VAL B 689 -36.18 4.93 -23.25
CA VAL B 689 -36.33 4.31 -21.93
C VAL B 689 -37.33 3.15 -21.99
N LEU B 690 -38.52 3.41 -22.52
CA LEU B 690 -39.58 2.41 -22.60
C LEU B 690 -39.25 1.25 -23.55
N ASN B 691 -38.64 1.51 -24.70
CA ASN B 691 -38.40 0.45 -25.67
C ASN B 691 -37.08 -0.30 -25.41
N ASN B 692 -36.14 0.25 -24.63
CA ASN B 692 -34.79 -0.33 -24.49
C ASN B 692 -34.26 -0.44 -23.06
N ILE B 693 -34.96 0.05 -22.03
CA ILE B 693 -34.51 -0.06 -20.63
C ILE B 693 -35.52 -0.83 -19.79
N SER B 694 -36.75 -0.31 -19.66
CA SER B 694 -37.81 -0.97 -18.87
C SER B 694 -39.21 -0.41 -19.16
N LEU B 695 -40.20 -1.29 -19.28
CA LEU B 695 -41.60 -0.87 -19.36
C LEU B 695 -42.11 -0.54 -17.94
N THR B 696 -43.04 0.40 -17.82
CA THR B 696 -43.61 0.79 -16.52
C THR B 696 -45.02 1.35 -16.67
N THR B 697 -45.77 1.37 -15.57
CA THR B 697 -47.17 1.81 -15.49
C THR B 697 -47.32 3.25 -14.97
N GLN B 698 -46.21 3.92 -14.66
CA GLN B 698 -46.19 5.32 -14.21
C GLN B 698 -46.38 6.26 -15.42
N PRO B 699 -46.99 7.44 -15.25
CA PRO B 699 -47.06 8.45 -16.30
C PRO B 699 -45.67 9.00 -16.59
N TYR B 700 -45.42 9.48 -17.80
CA TYR B 700 -44.10 9.94 -18.21
C TYR B 700 -44.17 11.09 -19.23
N PHE B 701 -43.09 11.85 -19.35
CA PHE B 701 -42.93 12.84 -20.41
C PHE B 701 -41.45 13.16 -20.64
N ASP B 702 -41.14 13.74 -21.79
CA ASP B 702 -39.79 14.17 -22.13
C ASP B 702 -39.55 15.60 -21.62
N SER B 703 -38.73 15.76 -20.59
CA SER B 703 -38.35 17.07 -20.09
C SER B 703 -37.05 17.55 -20.75
N TYR B 704 -36.60 18.75 -20.40
CA TYR B 704 -35.31 19.24 -20.87
C TYR B 704 -34.14 18.38 -20.36
N LEU B 705 -34.21 17.93 -19.11
CA LEU B 705 -33.14 17.13 -18.50
C LEU B 705 -33.15 15.66 -18.89
N GLY B 706 -34.23 15.14 -19.45
CA GLY B 706 -34.41 13.73 -19.80
C GLY B 706 -35.83 13.24 -19.55
N CYS B 707 -36.07 11.95 -19.72
CA CYS B 707 -37.38 11.37 -19.47
C CYS B 707 -37.72 11.41 -17.99
N VAL B 708 -38.91 11.90 -17.64
CA VAL B 708 -39.38 12.03 -16.27
C VAL B 708 -40.60 11.14 -16.08
N PHE B 709 -40.58 10.31 -15.04
CA PHE B 709 -41.67 9.43 -14.65
C PHE B 709 -42.29 9.86 -13.33
N ASN B 710 -43.60 9.69 -13.22
CA ASN B 710 -44.35 9.93 -12.01
C ASN B 710 -44.28 11.37 -11.50
N ALA B 711 -44.22 12.34 -12.42
CA ALA B 711 -44.30 13.76 -12.12
C ALA B 711 -45.05 14.48 -13.23
N ASP B 712 -46.00 15.34 -12.87
CA ASP B 712 -46.76 16.13 -13.84
C ASP B 712 -45.90 17.25 -14.45
N ASN B 713 -45.92 17.43 -15.77
CA ASN B 713 -45.15 18.46 -16.45
C ASN B 713 -45.82 19.82 -16.25
N LEU B 714 -45.27 20.67 -15.39
CA LEU B 714 -45.84 21.97 -15.05
C LEU B 714 -44.74 23.05 -15.05
N THR B 715 -43.89 23.07 -16.06
CA THR B 715 -42.78 24.04 -16.14
C THR B 715 -43.23 25.50 -16.21
N ASP B 716 -44.49 25.75 -16.59
CA ASP B 716 -45.12 27.07 -16.49
C ASP B 716 -45.30 27.54 -15.03
N TYR B 717 -45.65 26.63 -14.12
CA TYR B 717 -45.67 26.93 -12.70
C TYR B 717 -44.23 27.15 -12.19
N SER B 718 -44.07 27.89 -11.11
CA SER B 718 -42.74 28.22 -10.57
C SER B 718 -42.72 28.21 -9.05
N VAL B 719 -41.57 27.90 -8.45
CA VAL B 719 -41.41 27.90 -6.98
C VAL B 719 -40.14 28.64 -6.60
N SER B 720 -40.14 29.29 -5.44
CA SER B 720 -39.01 30.07 -4.94
C SER B 720 -38.15 29.32 -3.93
N SER B 721 -38.71 28.34 -3.25
CA SER B 721 -37.98 27.39 -2.39
C SER B 721 -38.21 25.98 -2.90
N CYS B 722 -37.14 25.19 -2.96
CA CYS B 722 -37.18 23.87 -3.57
C CYS B 722 -36.27 22.91 -2.82
N ALA B 723 -36.80 21.76 -2.41
CA ALA B 723 -36.02 20.72 -1.73
C ALA B 723 -35.48 19.65 -2.68
N LEU B 724 -36.06 19.53 -3.88
CA LEU B 724 -35.69 18.52 -4.87
C LEU B 724 -35.25 19.20 -6.17
N ARG B 725 -34.01 19.70 -6.18
CA ARG B 725 -33.45 20.48 -7.29
C ARG B 725 -32.86 19.54 -8.33
N MET B 726 -33.36 19.59 -9.56
CA MET B 726 -32.97 18.67 -10.63
C MET B 726 -31.80 19.15 -11.46
N GLY B 727 -31.59 20.46 -11.57
CA GLY B 727 -30.63 21.07 -12.49
C GLY B 727 -31.31 21.97 -13.50
N SER B 728 -30.57 22.91 -14.06
CA SER B 728 -31.02 23.85 -15.10
C SER B 728 -32.30 24.60 -14.72
N GLY B 729 -32.45 24.98 -13.45
CA GLY B 729 -33.63 25.69 -12.99
C GLY B 729 -34.91 24.87 -13.00
N PHE B 730 -34.83 23.56 -12.73
CA PHE B 730 -35.99 22.70 -12.58
C PHE B 730 -36.01 22.09 -11.20
N CYS B 731 -37.22 21.88 -10.70
CA CYS B 731 -37.52 21.40 -9.37
C CYS B 731 -38.60 20.33 -9.45
N VAL B 732 -38.61 19.42 -8.49
CA VAL B 732 -39.73 18.51 -8.26
C VAL B 732 -40.43 18.93 -6.97
N ASP B 733 -41.71 19.24 -7.05
CA ASP B 733 -42.52 19.71 -5.92
C ASP B 733 -43.60 18.70 -5.56
N TYR B 734 -43.74 18.35 -4.29
CA TYR B 734 -44.74 17.39 -3.85
C TYR B 734 -45.90 18.06 -3.10
N ASN B 735 -47.13 17.62 -3.34
CA ASN B 735 -48.31 18.07 -2.61
C ASN B 735 -48.54 17.19 -1.37
N SER B 752 -49.41 14.39 -5.41
CA SER B 752 -48.47 13.96 -6.44
C SER B 752 -47.21 14.82 -6.53
N TYR B 753 -46.29 14.45 -7.44
CA TYR B 753 -45.09 15.20 -7.77
C TYR B 753 -45.35 16.07 -9.01
N ARG B 754 -44.90 17.31 -8.96
CA ARG B 754 -44.97 18.28 -10.05
C ARG B 754 -43.57 18.67 -10.50
N PHE B 755 -43.30 18.61 -11.79
CA PHE B 755 -42.04 19.06 -12.38
C PHE B 755 -42.16 20.52 -12.79
N VAL B 756 -41.53 21.43 -12.05
CA VAL B 756 -41.75 22.88 -12.13
C VAL B 756 -40.44 23.62 -12.27
N THR B 757 -40.47 24.87 -12.75
CA THR B 757 -39.26 25.69 -12.78
C THR B 757 -38.92 26.21 -11.40
N PHE B 758 -37.63 26.29 -11.08
CA PHE B 758 -37.13 26.84 -9.83
C PHE B 758 -36.68 28.27 -10.06
N GLU B 759 -37.29 29.24 -9.38
CA GLU B 759 -36.96 30.66 -9.51
C GLU B 759 -36.74 31.24 -8.11
N PRO B 760 -35.54 31.06 -7.53
CA PRO B 760 -35.29 31.43 -6.15
C PRO B 760 -35.25 32.93 -5.91
N PHE B 761 -34.99 33.74 -6.94
CA PHE B 761 -34.88 35.18 -6.82
C PHE B 761 -35.78 35.89 -7.81
N ASN B 762 -36.60 36.80 -7.32
CA ASN B 762 -37.44 37.66 -8.13
C ASN B 762 -36.86 39.06 -8.14
N VAL B 763 -37.28 39.84 -9.12
CA VAL B 763 -37.06 41.27 -9.17
C VAL B 763 -38.19 41.91 -8.38
N SER B 764 -37.88 42.81 -7.45
CA SER B 764 -38.92 43.68 -6.90
C SER B 764 -39.42 44.59 -8.01
N PHE B 765 -40.73 44.63 -8.23
CA PHE B 765 -41.31 45.42 -9.32
C PHE B 765 -42.09 46.60 -8.76
N VAL B 766 -42.03 47.71 -9.48
CA VAL B 766 -42.83 48.92 -9.23
C VAL B 766 -43.56 49.31 -10.51
N ASN B 767 -44.68 50.01 -10.42
CA ASN B 767 -45.43 50.45 -11.59
C ASN B 767 -45.06 51.87 -12.05
N ASP B 768 -44.03 52.48 -11.47
CA ASP B 768 -43.59 53.84 -11.77
C ASP B 768 -42.97 53.94 -13.17
N SER B 769 -43.08 55.09 -13.82
CA SER B 769 -42.51 55.30 -15.15
C SER B 769 -40.98 55.35 -15.12
N ILE B 770 -40.34 54.96 -16.22
CA ILE B 770 -38.89 55.05 -16.38
C ILE B 770 -38.45 56.33 -17.10
N GLU B 771 -39.37 57.05 -17.73
CA GLU B 771 -39.11 58.34 -18.36
C GLU B 771 -39.03 59.48 -17.32
N SER B 772 -38.59 60.65 -17.77
CA SER B 772 -38.57 61.87 -16.98
C SER B 772 -39.57 62.89 -17.55
N VAL B 773 -40.65 63.17 -16.82
CA VAL B 773 -41.61 64.20 -17.19
C VAL B 773 -41.09 65.57 -16.75
N GLY B 774 -40.99 66.52 -17.68
CA GLY B 774 -40.23 67.75 -17.41
C GLY B 774 -38.75 67.42 -17.25
N GLY B 775 -38.27 67.47 -16.02
CA GLY B 775 -36.96 66.96 -15.62
C GLY B 775 -37.00 66.08 -14.38
N LEU B 776 -38.15 65.46 -14.10
CA LEU B 776 -38.42 64.73 -12.86
C LEU B 776 -38.75 63.26 -13.16
N TYR B 777 -38.20 62.37 -12.35
CA TYR B 777 -38.41 60.93 -12.42
C TYR B 777 -39.31 60.48 -11.27
N GLU B 778 -39.95 59.32 -11.38
CA GLU B 778 -40.78 58.78 -10.32
C GLU B 778 -39.98 57.80 -9.48
N ILE B 779 -39.93 58.03 -8.18
CA ILE B 779 -39.20 57.22 -7.20
C ILE B 779 -40.09 56.91 -6.02
N LYS B 780 -40.01 55.70 -5.49
CA LYS B 780 -40.66 55.35 -4.23
C LYS B 780 -39.67 55.56 -3.09
N ILE B 781 -39.95 56.56 -2.26
CA ILE B 781 -39.14 56.91 -1.09
C ILE B 781 -39.86 56.39 0.14
N PRO B 782 -39.20 55.73 1.10
CA PRO B 782 -39.86 55.27 2.32
C PRO B 782 -40.52 56.38 3.13
N THR B 783 -41.71 56.16 3.68
CA THR B 783 -42.38 57.08 4.61
C THR B 783 -42.39 56.56 6.04
N ASN B 784 -42.10 55.29 6.24
CA ASN B 784 -41.97 54.67 7.54
C ASN B 784 -40.92 53.56 7.47
N PHE B 785 -40.35 53.18 8.60
CA PHE B 785 -39.30 52.18 8.66
C PHE B 785 -39.34 51.41 9.97
N THR B 786 -38.51 50.38 10.03
CA THR B 786 -38.24 49.57 11.20
C THR B 786 -36.80 49.10 11.15
N ILE B 787 -36.31 48.55 12.24
CA ILE B 787 -35.00 47.90 12.28
C ILE B 787 -35.26 46.40 12.23
N VAL B 788 -34.59 45.69 11.33
CA VAL B 788 -34.65 44.23 11.25
C VAL B 788 -33.29 43.68 11.62
N GLY B 789 -33.28 42.56 12.35
CA GLY B 789 -32.08 41.86 12.74
C GLY B 789 -31.90 40.61 11.90
N GLN B 790 -30.67 40.27 11.59
CA GLN B 790 -30.31 39.10 10.79
C GLN B 790 -29.11 38.44 11.42
N GLU B 791 -29.21 37.17 11.75
CA GLU B 791 -28.11 36.39 12.28
C GLU B 791 -27.14 35.96 11.17
N GLU B 792 -25.91 35.69 11.52
CA GLU B 792 -24.96 35.04 10.64
C GLU B 792 -23.97 34.29 11.52
N PHE B 793 -23.92 32.97 11.39
CA PHE B 793 -22.88 32.20 12.05
C PHE B 793 -21.71 32.09 11.11
N ILE B 794 -20.51 32.43 11.59
CA ILE B 794 -19.28 32.22 10.86
C ILE B 794 -18.43 31.26 11.68
N GLN B 795 -18.06 30.14 11.08
CA GLN B 795 -17.23 29.16 11.75
C GLN B 795 -15.80 29.68 11.82
N THR B 796 -15.25 29.78 13.01
CA THR B 796 -13.87 30.21 13.25
C THR B 796 -13.00 29.12 13.82
N ASN B 797 -13.58 27.97 14.17
CA ASN B 797 -12.91 26.90 14.87
C ASN B 797 -13.45 25.55 14.42
N SER B 798 -12.74 24.48 14.71
CA SER B 798 -13.19 23.12 14.46
C SER B 798 -12.76 22.22 15.60
N PRO B 799 -13.41 21.08 15.87
CA PRO B 799 -12.90 20.16 16.87
C PRO B 799 -11.47 19.73 16.53
N LYS B 800 -10.57 19.73 17.51
CA LYS B 800 -9.16 19.40 17.30
C LYS B 800 -8.98 17.90 17.37
N VAL B 801 -9.11 17.23 16.24
CA VAL B 801 -8.97 15.79 16.16
C VAL B 801 -7.50 15.41 16.26
N THR B 802 -7.20 14.49 17.15
CA THR B 802 -5.88 13.87 17.28
C THR B 802 -6.05 12.38 17.07
N ILE B 803 -5.17 11.78 16.28
CA ILE B 803 -5.16 10.35 16.03
C ILE B 803 -3.82 9.81 16.47
N ASP B 804 -3.82 8.83 17.38
CA ASP B 804 -2.65 7.98 17.58
C ASP B 804 -2.58 6.99 16.43
N CYS B 805 -1.87 7.36 15.38
CA CYS B 805 -1.72 6.55 14.18
C CYS B 805 -1.21 5.14 14.48
N SER B 806 -0.38 4.95 15.50
CA SER B 806 0.19 3.64 15.81
C SER B 806 -0.87 2.73 16.41
N LEU B 807 -1.63 3.25 17.38
CA LEU B 807 -2.74 2.55 18.01
C LEU B 807 -3.90 2.34 17.02
N PHE B 808 -4.16 3.29 16.13
CA PHE B 808 -5.14 3.14 15.07
C PHE B 808 -4.75 2.03 14.09
N VAL B 809 -3.57 2.11 13.48
CA VAL B 809 -3.15 1.14 12.46
C VAL B 809 -2.93 -0.25 13.07
N CYS B 810 -2.20 -0.34 14.18
CA CYS B 810 -1.70 -1.61 14.72
C CYS B 810 -2.14 -1.98 16.13
N SER B 811 -2.91 -1.16 16.83
CA SER B 811 -3.49 -1.52 18.12
C SER B 811 -2.43 -2.02 19.13
N ASN B 812 -2.68 -3.13 19.82
CA ASN B 812 -1.79 -3.71 20.83
C ASN B 812 -0.65 -4.58 20.23
N TYR B 813 -0.66 -4.89 18.93
CA TYR B 813 -0.01 -6.11 18.40
C TYR B 813 1.38 -5.86 17.84
N ALA B 814 2.40 -6.41 18.51
CA ALA B 814 3.80 -6.21 18.14
C ALA B 814 4.13 -6.71 16.73
N ALA B 815 3.50 -7.78 16.27
CA ALA B 815 3.67 -8.29 14.91
C ALA B 815 3.29 -7.25 13.84
N CYS B 816 2.27 -6.43 14.12
CA CYS B 816 1.87 -5.33 13.25
C CYS B 816 2.83 -4.15 13.36
N HIS B 817 3.23 -3.75 14.58
CA HIS B 817 4.13 -2.62 14.76
C HIS B 817 5.48 -2.81 14.07
N ASP B 818 6.04 -4.02 14.08
CA ASP B 818 7.28 -4.30 13.36
C ASP B 818 7.11 -4.07 11.85
N LEU B 819 6.02 -4.57 11.28
CA LEU B 819 5.71 -4.40 9.86
C LEU B 819 5.36 -2.94 9.48
N LEU B 820 4.74 -2.19 10.38
CA LEU B 820 4.54 -0.75 10.21
C LEU B 820 5.84 0.03 10.30
N SER B 821 6.77 -0.35 11.18
CA SER B 821 8.08 0.31 11.27
C SER B 821 8.87 0.13 9.98
N GLU B 822 8.74 -1.03 9.35
CA GLU B 822 9.29 -1.30 8.00
C GLU B 822 8.67 -0.44 6.87
N TYR B 823 7.42 -0.08 7.03
CA TYR B 823 6.67 0.91 6.24
C TYR B 823 7.14 2.35 6.39
N GLY B 824 8.02 2.66 7.34
CA GLY B 824 8.72 3.93 7.40
C GLY B 824 8.22 4.84 8.52
N THR B 825 8.26 6.14 8.26
CA THR B 825 7.85 7.20 9.20
C THR B 825 6.45 7.70 8.89
N PHE B 826 5.51 6.81 8.56
CA PHE B 826 4.13 7.19 8.26
C PHE B 826 3.45 7.86 9.45
N CYS B 827 3.64 7.30 10.65
CA CYS B 827 3.19 7.91 11.88
C CYS B 827 3.84 9.26 12.15
N ASP B 828 5.16 9.38 12.02
CA ASP B 828 5.86 10.65 12.18
C ASP B 828 5.25 11.71 11.24
N ASN B 829 4.99 11.38 9.98
CA ASN B 829 4.38 12.30 9.04
C ASN B 829 2.93 12.68 9.43
N ILE B 830 2.09 11.69 9.71
CA ILE B 830 0.67 11.90 10.02
C ILE B 830 0.52 12.68 11.32
N ASN B 831 1.28 12.38 12.37
CA ASN B 831 1.25 13.14 13.62
C ASN B 831 1.75 14.55 13.40
N SER B 832 2.78 14.74 12.58
CA SER B 832 3.28 16.08 12.28
C SER B 832 2.23 16.92 11.55
N ILE B 833 1.52 16.34 10.57
CA ILE B 833 0.47 17.07 9.85
C ILE B 833 -0.69 17.42 10.78
N LEU B 834 -1.15 16.48 11.60
CA LEU B 834 -2.26 16.73 12.51
C LEU B 834 -1.89 17.71 13.63
N ASP B 835 -0.67 17.65 14.13
CA ASP B 835 -0.24 18.62 15.11
C ASP B 835 -0.06 20.01 14.50
N GLU B 836 0.42 20.12 13.27
CA GLU B 836 0.47 21.40 12.56
C GLU B 836 -0.93 21.95 12.32
N VAL B 837 -1.90 21.11 11.93
CA VAL B 837 -3.30 21.51 11.76
C VAL B 837 -3.92 21.97 13.07
N ASN B 838 -3.71 21.25 14.16
CA ASN B 838 -4.24 21.63 15.47
C ASN B 838 -3.57 22.87 16.04
N GLY B 839 -2.26 23.04 15.85
CA GLY B 839 -1.56 24.26 16.23
C GLY B 839 -2.04 25.47 15.43
N LEU B 840 -2.37 25.26 14.15
CA LEU B 840 -2.96 26.28 13.29
C LEU B 840 -4.36 26.68 13.75
N LEU B 841 -5.19 25.73 14.20
CA LEU B 841 -6.48 26.04 14.81
C LEU B 841 -6.33 26.80 16.13
N ASP B 842 -5.37 26.44 16.98
CA ASP B 842 -5.08 27.17 18.21
C ASP B 842 -4.58 28.59 17.93
N THR B 843 -3.69 28.76 16.96
CA THR B 843 -3.22 30.08 16.52
C THR B 843 -4.36 30.91 15.98
N THR B 844 -5.26 30.30 15.22
CA THR B 844 -6.45 30.97 14.69
C THR B 844 -7.37 31.42 15.82
N GLN B 845 -7.60 30.59 16.83
CA GLN B 845 -8.44 30.95 17.96
C GLN B 845 -7.85 32.09 18.79
N LEU B 846 -6.54 32.12 19.01
CA LEU B 846 -5.85 33.25 19.64
C LEU B 846 -6.01 34.53 18.83
N HIS B 847 -5.90 34.46 17.51
CA HIS B 847 -6.06 35.62 16.65
C HIS B 847 -7.49 36.18 16.64
N VAL B 848 -8.49 35.30 16.70
CA VAL B 848 -9.89 35.72 16.89
C VAL B 848 -10.11 36.38 18.24
N ALA B 849 -9.60 35.80 19.32
CA ALA B 849 -9.71 36.39 20.65
C ALA B 849 -9.00 37.74 20.76
N ASP B 850 -7.83 37.86 20.15
CA ASP B 850 -7.11 39.13 20.09
C ASP B 850 -7.93 40.17 19.34
N THR B 851 -8.52 39.80 18.20
CA THR B 851 -9.37 40.67 17.42
C THR B 851 -10.59 41.13 18.19
N LEU B 852 -11.25 40.25 18.95
CA LEU B 852 -12.38 40.64 19.78
C LEU B 852 -11.98 41.61 20.87
N MET B 853 -10.83 41.43 21.50
CA MET B 853 -10.38 42.24 22.63
C MET B 853 -9.51 43.43 22.24
N GLN B 854 -9.22 43.63 20.96
CA GLN B 854 -8.35 44.70 20.53
C GLN B 854 -9.01 46.04 20.77
N GLY B 855 -8.31 46.91 21.48
CA GLY B 855 -8.76 48.26 21.78
C GLY B 855 -9.92 48.34 22.78
N VAL B 856 -10.21 47.30 23.56
CA VAL B 856 -11.34 47.33 24.50
C VAL B 856 -10.86 47.92 25.83
N THR B 857 -11.49 49.00 26.25
CA THR B 857 -11.28 49.66 27.52
C THR B 857 -12.60 49.76 28.25
N LEU B 858 -12.69 49.23 29.47
CA LEU B 858 -13.90 49.25 30.27
C LEU B 858 -13.67 50.03 31.56
N SER B 859 -14.67 50.72 32.07
CA SER B 859 -14.60 51.29 33.41
C SER B 859 -14.55 50.18 34.47
N SER B 860 -13.78 50.36 35.53
CA SER B 860 -13.77 49.43 36.67
C SER B 860 -15.04 49.56 37.52
N ASN B 861 -15.71 50.70 37.48
CA ASN B 861 -16.99 50.93 38.17
C ASN B 861 -18.18 50.23 37.50
N LEU B 862 -17.97 49.65 36.32
CA LEU B 862 -18.98 48.93 35.55
C LEU B 862 -19.39 47.63 36.25
N ASN B 863 -20.69 47.42 36.44
CA ASN B 863 -21.23 46.22 37.06
C ASN B 863 -22.59 45.84 36.44
N THR B 864 -22.57 44.83 35.58
CA THR B 864 -23.74 44.46 34.78
C THR B 864 -24.79 43.68 35.58
N ASN B 865 -24.56 43.45 36.87
CA ASN B 865 -25.61 43.11 37.82
C ASN B 865 -26.57 44.29 38.09
N LEU B 866 -26.20 45.53 37.72
CA LEU B 866 -27.03 46.72 37.87
C LEU B 866 -27.24 47.49 36.56
N HIS B 867 -26.21 47.61 35.71
CA HIS B 867 -26.34 48.41 34.49
C HIS B 867 -26.69 47.52 33.30
N PHE B 868 -27.98 47.42 33.01
CA PHE B 868 -28.53 46.49 32.03
C PHE B 868 -28.67 47.12 30.65
N ASP B 869 -29.30 48.28 30.59
CA ASP B 869 -29.70 48.98 29.39
C ASP B 869 -29.27 50.45 29.42
N VAL B 870 -29.16 51.07 28.24
CA VAL B 870 -28.85 52.50 28.11
C VAL B 870 -29.68 53.10 27.00
N ASP B 871 -30.19 54.30 27.19
CA ASP B 871 -30.92 55.05 26.17
C ASP B 871 -32.08 54.28 25.55
N ASN B 872 -32.80 53.55 26.40
CA ASN B 872 -33.93 52.67 26.09
C ASN B 872 -33.55 51.40 25.30
N ILE B 873 -32.26 51.10 25.09
CA ILE B 873 -31.79 49.92 24.34
C ILE B 873 -31.28 48.89 25.34
N ASN B 874 -31.90 47.72 25.38
CA ASN B 874 -31.64 46.68 26.33
C ASN B 874 -30.58 45.68 25.84
N PHE B 875 -29.43 45.66 26.49
CA PHE B 875 -28.34 44.74 26.18
C PHE B 875 -28.21 43.62 27.22
N LYS B 876 -29.19 43.43 28.11
CA LYS B 876 -29.08 42.45 29.20
C LYS B 876 -28.85 41.05 28.68
N SER B 877 -29.55 40.66 27.62
CA SER B 877 -29.38 39.34 27.04
C SER B 877 -28.05 39.13 26.34
N LEU B 878 -27.30 40.18 25.98
CA LEU B 878 -26.03 40.07 25.26
C LEU B 878 -24.80 40.15 26.15
N VAL B 879 -24.99 40.28 27.46
CA VAL B 879 -23.93 40.55 28.42
C VAL B 879 -23.97 39.55 29.57
N GLY B 880 -22.84 38.92 29.88
CA GLY B 880 -22.71 38.08 31.08
C GLY B 880 -22.20 38.87 32.28
N CYS B 881 -21.52 38.20 33.21
CA CYS B 881 -20.83 38.88 34.29
C CYS B 881 -19.39 39.26 33.89
N LEU B 882 -19.00 40.49 34.21
CA LEU B 882 -17.63 41.00 33.99
C LEU B 882 -16.78 40.78 35.25
N GLY B 883 -15.53 40.35 35.04
CA GLY B 883 -14.56 40.10 36.11
C GLY B 883 -14.39 38.62 36.42
N PRO B 884 -13.17 38.16 36.73
CA PRO B 884 -12.86 36.73 36.94
C PRO B 884 -13.52 36.14 38.20
N HIS B 885 -13.99 36.98 39.13
CA HIS B 885 -14.66 36.56 40.38
C HIS B 885 -15.99 35.83 40.14
N CYS B 886 -16.59 35.98 38.96
CA CYS B 886 -17.80 35.26 38.55
C CYS B 886 -17.52 33.86 37.97
N GLY B 887 -16.25 33.47 37.81
CA GLY B 887 -15.89 32.16 37.27
C GLY B 887 -16.24 32.05 35.79
N SER B 888 -16.92 30.98 35.39
CA SER B 888 -17.34 30.73 34.01
C SER B 888 -18.68 31.38 33.65
N SER B 889 -19.30 32.14 34.56
CA SER B 889 -20.64 32.75 34.38
C SER B 889 -20.63 33.97 33.44
N SER B 890 -19.53 34.26 32.76
CA SER B 890 -19.38 35.35 31.79
C SER B 890 -20.15 35.11 30.47
N ARG B 891 -20.75 33.94 30.27
CA ARG B 891 -21.65 33.67 29.14
C ARG B 891 -22.93 34.48 29.27
N SER B 892 -23.38 35.13 28.20
CA SER B 892 -24.62 35.91 28.22
C SER B 892 -25.87 35.03 28.11
N PHE B 893 -27.06 35.56 28.36
CA PHE B 893 -28.30 34.80 28.16
C PHE B 893 -28.47 34.38 26.69
N PHE B 894 -28.13 35.24 25.75
CA PHE B 894 -28.14 34.95 24.33
C PHE B 894 -27.18 33.80 24.00
N GLU B 895 -25.94 33.85 24.47
CA GLU B 895 -24.99 32.78 24.24
C GLU B 895 -25.40 31.50 24.97
N ASP B 896 -25.97 31.56 26.17
CA ASP B 896 -26.44 30.37 26.89
C ASP B 896 -27.52 29.67 26.05
N LEU B 897 -28.48 30.41 25.53
CA LEU B 897 -29.56 29.89 24.71
C LEU B 897 -29.04 29.30 23.40
N LEU B 898 -27.94 29.81 22.86
CA LEU B 898 -27.27 29.29 21.67
C LEU B 898 -26.39 28.04 21.96
N PHE B 899 -25.73 27.98 23.10
CA PHE B 899 -24.89 26.84 23.49
C PHE B 899 -25.72 25.67 24.04
N ASP B 900 -26.91 25.89 24.58
CA ASP B 900 -27.77 24.81 25.07
C ASP B 900 -28.38 23.92 23.97
N LYS B 901 -28.31 24.35 22.71
CA LYS B 901 -28.83 23.59 21.56
C LYS B 901 -27.78 22.77 20.82
N VAL B 902 -26.52 22.81 21.27
CA VAL B 902 -25.42 22.02 20.71
C VAL B 902 -24.81 21.17 21.82
N LYS B 903 -24.96 19.85 21.72
CA LYS B 903 -24.49 18.95 22.76
C LYS B 903 -22.97 18.88 22.78
N LEU B 904 -22.34 18.73 21.62
CA LEU B 904 -20.89 18.54 21.48
C LEU B 904 -20.17 19.88 21.25
N SER B 905 -20.26 20.77 22.23
CA SER B 905 -19.32 21.88 22.35
C SER B 905 -18.00 21.38 22.93
N ASP B 906 -17.05 22.25 23.24
CA ASP B 906 -15.82 21.87 23.94
C ASP B 906 -16.11 21.26 25.32
N VAL B 907 -17.03 21.82 26.10
CA VAL B 907 -17.47 21.25 27.37
C VAL B 907 -18.20 19.94 27.14
N GLY B 908 -18.94 19.83 26.04
CA GLY B 908 -19.64 18.61 25.67
C GLY B 908 -18.70 17.45 25.36
N PHE B 909 -17.62 17.70 24.63
CA PHE B 909 -16.59 16.72 24.40
C PHE B 909 -15.87 16.35 25.69
N VAL B 910 -15.56 17.31 26.55
CA VAL B 910 -14.95 17.01 27.85
C VAL B 910 -15.86 16.14 28.71
N GLU B 911 -17.15 16.44 28.80
CA GLU B 911 -18.10 15.61 29.54
C GLU B 911 -18.29 14.24 28.90
N ALA B 912 -18.35 14.13 27.58
CA ALA B 912 -18.48 12.84 26.91
C ALA B 912 -17.25 11.95 27.15
N TYR B 913 -16.04 12.50 27.09
CA TYR B 913 -14.85 11.70 27.37
C TYR B 913 -14.66 11.44 28.87
N ASN B 914 -15.18 12.29 29.75
CA ASN B 914 -15.18 12.01 31.18
C ASN B 914 -16.03 10.77 31.49
N ASN B 915 -17.15 10.62 30.79
CA ASN B 915 -18.05 9.49 30.99
C ASN B 915 -17.55 8.16 30.40
N CYS B 916 -16.40 8.12 29.71
CA CYS B 916 -15.89 6.88 29.12
C CYS B 916 -15.42 5.86 30.18
N THR B 917 -14.84 6.31 31.28
CA THR B 917 -14.41 5.46 32.41
C THR B 917 -15.28 5.61 33.65
N GLY B 918 -16.51 6.12 33.51
CA GLY B 918 -17.42 6.37 34.65
C GLY B 918 -18.26 5.17 35.08
N GLY B 919 -18.10 4.02 34.41
CA GLY B 919 -18.90 2.81 34.70
C GLY B 919 -20.31 2.83 34.12
N SER B 920 -20.66 3.79 33.25
CA SER B 920 -22.00 3.89 32.63
C SER B 920 -22.31 2.68 31.74
N GLU B 921 -23.57 2.25 31.66
CA GLU B 921 -23.99 1.18 30.75
C GLU B 921 -24.17 1.64 29.29
N ILE B 922 -24.29 2.95 29.06
CA ILE B 922 -24.50 3.52 27.72
C ILE B 922 -23.22 3.38 26.88
N ARG B 923 -23.36 2.97 25.63
CA ARG B 923 -22.22 2.89 24.69
C ARG B 923 -22.17 4.10 23.78
N ASP B 924 -21.50 5.15 24.24
CA ASP B 924 -21.24 6.32 23.44
C ASP B 924 -20.19 6.02 22.37
N LEU B 925 -20.45 6.43 21.13
CA LEU B 925 -19.54 6.21 20.02
C LEU B 925 -18.22 6.96 20.20
N LEU B 926 -18.21 8.11 20.87
CA LEU B 926 -16.98 8.86 21.15
C LEU B 926 -16.02 8.05 22.02
N CYS B 927 -16.52 7.26 22.96
CA CYS B 927 -15.67 6.42 23.78
C CYS B 927 -15.01 5.32 22.94
N VAL B 928 -15.76 4.71 22.03
CA VAL B 928 -15.21 3.73 21.09
C VAL B 928 -14.14 4.37 20.21
N GLN B 929 -14.36 5.60 19.72
CA GLN B 929 -13.37 6.30 18.92
C GLN B 929 -12.11 6.59 19.73
N SER B 930 -12.25 7.08 20.96
CA SER B 930 -11.10 7.44 21.78
C SER B 930 -10.28 6.22 22.17
N PHE B 931 -10.91 5.09 22.48
CA PHE B 931 -10.20 3.85 22.79
C PHE B 931 -9.54 3.22 21.55
N ASN B 932 -9.93 3.62 20.34
CA ASN B 932 -9.22 3.29 19.10
C ASN B 932 -8.19 4.35 18.69
N GLY B 933 -7.96 5.36 19.53
CA GLY B 933 -6.91 6.35 19.34
C GLY B 933 -7.38 7.65 18.70
N ILE B 934 -8.67 7.84 18.50
CA ILE B 934 -9.25 9.02 17.84
C ILE B 934 -9.98 9.86 18.87
N LYS B 935 -9.33 10.92 19.38
CA LYS B 935 -9.90 11.80 20.43
C LYS B 935 -9.84 13.26 20.00
N VAL B 936 -10.84 14.03 20.40
CA VAL B 936 -10.90 15.47 20.17
C VAL B 936 -10.38 16.17 21.40
N LEU B 937 -9.31 16.95 21.24
CA LEU B 937 -8.79 17.76 22.33
C LEU B 937 -9.58 19.05 22.46
N PRO B 938 -9.67 19.62 23.67
CA PRO B 938 -10.31 20.91 23.83
C PRO B 938 -9.47 22.02 23.19
N PRO B 939 -10.08 23.13 22.77
CA PRO B 939 -9.34 24.27 22.26
C PRO B 939 -8.55 24.93 23.38
N ILE B 940 -7.49 25.66 23.07
CA ILE B 940 -6.63 26.26 24.11
C ILE B 940 -7.35 27.29 24.96
N LEU B 941 -8.30 28.03 24.40
CA LEU B 941 -9.20 28.91 25.12
C LEU B 941 -10.58 28.29 25.22
N SER B 942 -11.15 28.21 26.41
CA SER B 942 -12.50 27.66 26.55
C SER B 942 -13.54 28.57 25.90
N GLU B 943 -14.67 28.02 25.48
CA GLU B 943 -15.76 28.84 24.97
C GLU B 943 -16.31 29.80 26.03
N SER B 944 -16.13 29.52 27.32
CA SER B 944 -16.42 30.47 28.39
C SER B 944 -15.52 31.69 28.31
N GLN B 945 -14.22 31.55 28.04
CA GLN B 945 -13.33 32.69 27.83
C GLN B 945 -13.70 33.47 26.59
N ILE B 946 -14.03 32.81 25.49
CA ILE B 946 -14.41 33.52 24.27
C ILE B 946 -15.72 34.27 24.49
N SER B 947 -16.68 33.72 25.23
CA SER B 947 -17.88 34.45 25.64
C SER B 947 -17.57 35.62 26.57
N GLY B 948 -16.55 35.53 27.41
CA GLY B 948 -16.09 36.68 28.17
C GLY B 948 -15.56 37.79 27.26
N TYR B 949 -14.80 37.45 26.24
CA TYR B 949 -14.30 38.40 25.25
C TYR B 949 -15.40 39.04 24.40
N THR B 950 -16.40 38.29 23.93
CA THR B 950 -17.57 38.87 23.24
C THR B 950 -18.44 39.69 24.17
N THR B 951 -18.54 39.33 25.44
CA THR B 951 -19.17 40.20 26.45
C THR B 951 -18.41 41.50 26.63
N ALA B 952 -17.09 41.47 26.77
CA ALA B 952 -16.31 42.69 26.90
C ALA B 952 -16.42 43.56 25.64
N ALA B 953 -16.36 42.97 24.45
CA ALA B 953 -16.59 43.68 23.21
C ALA B 953 -17.99 44.29 23.11
N THR B 954 -19.01 43.65 23.67
CA THR B 954 -20.38 44.19 23.69
C THR B 954 -20.52 45.33 24.69
N VAL B 955 -20.03 45.19 25.92
CA VAL B 955 -20.19 46.26 26.91
C VAL B 955 -19.30 47.47 26.61
N ALA B 956 -18.25 47.28 25.83
CA ALA B 956 -17.42 48.35 25.29
C ALA B 956 -18.15 49.28 24.33
N ALA B 957 -19.36 48.94 23.90
CA ALA B 957 -20.14 49.81 23.04
C ALA B 957 -21.18 50.65 23.78
N MET B 958 -21.65 50.21 24.96
CA MET B 958 -22.80 50.84 25.62
C MET B 958 -22.40 51.92 26.63
N PHE B 959 -21.23 51.83 27.24
CA PHE B 959 -20.80 52.72 28.33
C PHE B 959 -19.49 53.41 28.01
N PRO B 960 -19.19 54.58 28.58
CA PRO B 960 -17.93 55.26 28.35
C PRO B 960 -16.76 54.38 28.79
N PRO B 961 -15.62 54.39 28.08
CA PRO B 961 -15.28 55.28 26.97
C PRO B 961 -15.80 54.90 25.59
N TRP B 962 -16.75 53.96 25.48
CA TRP B 962 -17.32 53.48 24.22
C TRP B 962 -16.25 53.03 23.22
N SER B 963 -15.28 52.24 23.70
CA SER B 963 -14.07 51.90 22.96
C SER B 963 -14.29 51.02 21.73
N ALA B 964 -15.50 50.47 21.55
CA ALA B 964 -15.89 49.70 20.38
C ALA B 964 -17.16 50.25 19.70
N ALA B 965 -17.44 51.54 19.84
CA ALA B 965 -18.59 52.22 19.23
C ALA B 965 -18.26 53.61 18.69
N ALA B 966 -17.05 53.80 18.15
CA ALA B 966 -16.56 55.10 17.68
C ALA B 966 -16.47 56.17 18.78
N GLY B 967 -16.37 55.78 20.05
CA GLY B 967 -16.15 56.72 21.14
C GLY B 967 -17.34 57.62 21.44
N ILE B 968 -18.55 57.24 21.06
CA ILE B 968 -19.79 57.97 21.37
C ILE B 968 -20.85 57.00 21.90
N PRO B 969 -21.88 57.47 22.60
CA PRO B 969 -22.97 56.62 23.09
C PRO B 969 -23.60 55.74 22.01
N PHE B 970 -24.00 54.53 22.36
CA PHE B 970 -24.49 53.56 21.39
C PHE B 970 -25.72 54.07 20.63
N SER B 971 -26.66 54.71 21.30
CA SER B 971 -27.85 55.26 20.64
C SER B 971 -27.49 56.34 19.62
N LEU B 972 -26.50 57.19 19.91
CA LEU B 972 -26.00 58.19 18.98
C LEU B 972 -25.31 57.53 17.79
N ASN B 973 -24.52 56.48 18.00
CA ASN B 973 -23.92 55.76 16.89
C ASN B 973 -24.98 55.12 15.98
N VAL B 974 -26.02 54.51 16.54
CA VAL B 974 -27.15 53.98 15.76
C VAL B 974 -27.84 55.11 15.00
N GLN B 975 -28.11 56.24 15.63
CA GLN B 975 -28.72 57.38 14.95
C GLN B 975 -27.87 57.92 13.80
N TYR B 976 -26.57 58.10 14.01
CA TYR B 976 -25.69 58.62 12.96
C TYR B 976 -25.56 57.63 11.81
N ARG B 977 -25.54 56.33 12.10
CA ARG B 977 -25.56 55.29 11.07
C ARG B 977 -26.86 55.26 10.27
N ILE B 978 -28.02 55.42 10.89
CA ILE B 978 -29.27 55.53 10.13
C ILE B 978 -29.29 56.82 9.31
N ASN B 979 -28.78 57.93 9.83
CA ASN B 979 -28.73 59.18 9.08
C ASN B 979 -27.83 59.08 7.84
N GLY B 980 -26.72 58.33 7.94
CA GLY B 980 -25.82 58.10 6.82
C GLY B 980 -26.44 57.37 5.63
N LEU B 981 -27.60 56.73 5.80
CA LEU B 981 -28.34 56.07 4.72
C LEU B 981 -29.25 57.04 3.95
N GLY B 982 -29.36 58.30 4.37
CA GLY B 982 -30.26 59.25 3.72
C GLY B 982 -31.52 59.50 4.52
N VAL B 983 -31.44 59.45 5.84
CA VAL B 983 -32.56 59.70 6.76
C VAL B 983 -32.29 60.99 7.50
N THR B 984 -33.22 61.94 7.49
CA THR B 984 -32.98 63.24 8.15
C THR B 984 -32.82 63.06 9.65
N MET B 985 -32.05 63.92 10.31
CA MET B 985 -31.86 63.79 11.75
C MET B 985 -33.13 64.07 12.54
N ASP B 986 -34.03 64.90 12.02
CA ASP B 986 -35.22 65.33 12.76
C ASP B 986 -36.12 64.15 13.12
N VAL B 987 -36.41 63.29 12.15
CA VAL B 987 -37.22 62.11 12.42
C VAL B 987 -36.47 61.10 13.26
N LEU B 988 -35.15 61.11 13.29
CA LEU B 988 -34.39 60.19 14.13
C LEU B 988 -34.41 60.60 15.59
N ASN B 989 -34.23 61.89 15.88
CA ASN B 989 -34.13 62.30 17.28
C ASN B 989 -35.50 62.68 17.88
N LYS B 990 -36.57 62.67 17.08
CA LYS B 990 -37.96 62.70 17.59
C LYS B 990 -38.59 61.31 17.73
N ASN B 991 -38.02 60.30 17.08
CA ASN B 991 -38.45 58.91 17.19
C ASN B 991 -37.38 58.05 17.85
N GLN B 992 -36.56 58.61 18.76
CA GLN B 992 -35.48 57.85 19.39
C GLN B 992 -36.03 56.67 20.18
N LYS B 993 -37.11 56.86 20.93
CA LYS B 993 -37.77 55.79 21.69
C LYS B 993 -38.31 54.69 20.78
N LEU B 994 -38.93 55.07 19.67
CA LEU B 994 -39.42 54.13 18.66
C LEU B 994 -38.28 53.33 18.02
N ILE B 995 -37.18 53.98 17.68
CA ILE B 995 -35.98 53.31 17.13
C ILE B 995 -35.37 52.38 18.16
N ALA B 996 -35.27 52.77 19.43
CA ALA B 996 -34.78 51.90 20.48
C ALA B 996 -35.69 50.68 20.69
N THR B 997 -37.01 50.85 20.67
CA THR B 997 -37.92 49.70 20.70
C THR B 997 -37.77 48.83 19.47
N ALA B 998 -37.59 49.39 18.29
CA ALA B 998 -37.36 48.60 17.08
C ALA B 998 -36.06 47.81 17.17
N PHE B 999 -34.98 48.39 17.72
CA PHE B 999 -33.73 47.68 17.96
C PHE B 999 -33.93 46.55 18.98
N ASN B 1000 -34.64 46.79 20.09
CA ASN B 1000 -34.94 45.74 21.06
C ASN B 1000 -35.76 44.62 20.43
N ASN B 1001 -36.76 44.94 19.62
CA ASN B 1001 -37.57 43.94 18.96
C ASN B 1001 -36.79 43.18 17.89
N ALA B 1002 -35.87 43.82 17.17
CA ALA B 1002 -35.02 43.12 16.21
C ALA B 1002 -34.13 42.10 16.91
N LEU B 1003 -33.50 42.49 18.02
CA LEU B 1003 -32.71 41.59 18.84
C LEU B 1003 -33.56 40.46 19.44
N LEU B 1004 -34.76 40.74 19.95
CA LEU B 1004 -35.66 39.70 20.44
C LEU B 1004 -36.08 38.75 19.32
N SER B 1005 -36.34 39.25 18.13
CA SER B 1005 -36.66 38.39 16.99
C SER B 1005 -35.51 37.45 16.63
N ILE B 1006 -34.25 37.92 16.73
CA ILE B 1006 -33.09 37.05 16.54
C ILE B 1006 -33.07 35.96 17.61
N GLN B 1007 -33.29 36.31 18.89
CA GLN B 1007 -33.28 35.34 19.98
C GLN B 1007 -34.39 34.30 19.81
N ASN B 1008 -35.59 34.72 19.44
CA ASN B 1008 -36.72 33.81 19.30
C ASN B 1008 -36.63 32.98 18.01
N GLY B 1009 -35.86 33.40 17.01
CA GLY B 1009 -35.69 32.65 15.78
C GLY B 1009 -34.94 31.34 15.96
N PHE B 1010 -34.18 31.16 17.04
CA PHE B 1010 -33.50 29.91 17.38
C PHE B 1010 -34.45 28.84 17.93
N SER B 1011 -35.59 29.21 18.48
CA SER B 1011 -36.61 28.24 18.92
C SER B 1011 -37.29 27.50 17.76
N ALA B 1012 -37.13 27.98 16.52
CA ALA B 1012 -37.63 27.40 15.28
C ALA B 1012 -36.46 26.93 14.38
N PRO B 1013 -36.71 26.20 13.28
CA PRO B 1013 -35.67 25.86 12.31
C PRO B 1013 -34.95 27.11 11.79
N ASN B 1014 -33.66 27.24 12.09
CA ASN B 1014 -32.91 28.46 11.83
C ASN B 1014 -31.63 28.15 11.05
N SER B 1015 -31.28 28.99 10.07
CA SER B 1015 -30.14 28.72 9.18
C SER B 1015 -28.82 28.73 9.93
N ALA B 1016 -28.61 29.65 10.88
CA ALA B 1016 -27.38 29.70 11.65
C ALA B 1016 -27.25 28.52 12.62
N LEU B 1017 -28.30 28.18 13.35
CA LEU B 1017 -28.32 27.05 14.27
C LEU B 1017 -28.08 25.74 13.50
N ALA B 1018 -28.69 25.60 12.33
CA ALA B 1018 -28.42 24.49 11.42
C ALA B 1018 -26.97 24.48 10.96
N LYS B 1019 -26.35 25.63 10.68
CA LYS B 1019 -24.94 25.73 10.30
C LYS B 1019 -24.02 25.29 11.42
N ILE B 1020 -24.27 25.68 12.67
CA ILE B 1020 -23.52 25.21 13.83
C ILE B 1020 -23.68 23.70 14.03
N GLN B 1021 -24.91 23.19 13.97
CA GLN B 1021 -25.15 21.75 14.09
C GLN B 1021 -24.51 20.99 12.91
N SER B 1022 -24.43 21.57 11.72
CA SER B 1022 -23.77 20.95 10.57
C SER B 1022 -22.26 20.81 10.80
N VAL B 1023 -21.63 21.77 11.47
CA VAL B 1023 -20.22 21.66 11.84
C VAL B 1023 -20.00 20.45 12.75
N VAL B 1024 -20.80 20.33 13.81
CA VAL B 1024 -20.72 19.20 14.74
C VAL B 1024 -21.05 17.87 14.07
N ASN B 1025 -22.10 17.81 13.25
CA ASN B 1025 -22.51 16.59 12.56
C ASN B 1025 -21.50 16.16 11.50
N SER B 1026 -20.91 17.09 10.76
CA SER B 1026 -19.88 16.75 9.77
C SER B 1026 -18.63 16.19 10.45
N ASN B 1027 -18.21 16.76 11.57
CA ASN B 1027 -17.11 16.22 12.35
C ASN B 1027 -17.42 14.82 12.89
N ALA B 1028 -18.60 14.60 13.46
CA ALA B 1028 -18.99 13.30 14.00
C ALA B 1028 -19.08 12.24 12.90
N GLN B 1029 -19.59 12.59 11.72
CA GLN B 1029 -19.65 11.72 10.57
C GLN B 1029 -18.25 11.36 10.04
N ALA B 1030 -17.32 12.31 9.94
CA ALA B 1030 -15.95 12.03 9.53
C ALA B 1030 -15.22 11.13 10.54
N LEU B 1031 -15.37 11.37 11.83
CA LEU B 1031 -14.76 10.55 12.87
C LEU B 1031 -15.35 9.14 12.86
N ASN B 1032 -16.66 9.01 12.67
CA ASN B 1032 -17.29 7.71 12.55
C ASN B 1032 -16.78 6.99 11.30
N SER B 1033 -16.65 7.67 10.16
CA SER B 1033 -16.12 7.05 8.94
C SER B 1033 -14.69 6.58 9.14
N LEU B 1034 -13.82 7.35 9.78
CA LEU B 1034 -12.48 6.91 10.13
C LEU B 1034 -12.49 5.69 11.06
N LEU B 1035 -13.36 5.64 12.05
CA LEU B 1035 -13.49 4.45 12.90
C LEU B 1035 -13.98 3.24 12.10
N GLN B 1036 -14.93 3.41 11.18
CA GLN B 1036 -15.41 2.29 10.35
C GLN B 1036 -14.31 1.73 9.48
N GLN B 1037 -13.32 2.53 9.08
CA GLN B 1037 -12.19 2.04 8.32
C GLN B 1037 -11.36 1.00 9.10
N LEU B 1038 -11.49 0.86 10.42
CA LEU B 1038 -10.86 -0.23 11.19
C LEU B 1038 -11.54 -1.58 11.03
N PHE B 1039 -12.76 -1.62 10.49
CA PHE B 1039 -13.53 -2.85 10.27
C PHE B 1039 -13.64 -3.23 8.80
N ASN B 1040 -12.92 -2.56 7.91
CA ASN B 1040 -12.83 -2.92 6.50
C ASN B 1040 -11.75 -3.98 6.27
N LYS B 1041 -12.06 -5.06 5.53
CA LYS B 1041 -11.11 -6.16 5.32
C LYS B 1041 -9.98 -5.79 4.35
N PHE B 1042 -10.22 -4.87 3.40
CA PHE B 1042 -9.22 -4.43 2.42
C PHE B 1042 -8.63 -5.60 1.61
N GLY B 1043 -9.43 -6.63 1.32
CA GLY B 1043 -8.96 -7.85 0.65
C GLY B 1043 -8.22 -8.85 1.54
N ALA B 1044 -8.09 -8.62 2.86
CA ALA B 1044 -7.51 -9.61 3.78
C ALA B 1044 -8.56 -10.62 4.26
N ILE B 1045 -8.12 -11.66 4.98
CA ILE B 1045 -9.01 -12.71 5.52
C ILE B 1045 -10.00 -12.19 6.57
N SER B 1046 -9.61 -11.19 7.37
CA SER B 1046 -10.42 -10.54 8.38
C SER B 1046 -9.91 -9.13 8.65
N SER B 1047 -10.74 -8.27 9.22
CA SER B 1047 -10.32 -6.95 9.67
C SER B 1047 -9.77 -6.94 11.10
N SER B 1048 -9.78 -8.06 11.81
CA SER B 1048 -9.24 -8.16 13.17
C SER B 1048 -7.83 -8.75 13.17
N LEU B 1049 -6.86 -8.01 13.69
CA LEU B 1049 -5.47 -8.48 13.81
C LEU B 1049 -5.36 -9.65 14.77
N GLN B 1050 -6.18 -9.69 15.82
CA GLN B 1050 -6.25 -10.84 16.71
C GLN B 1050 -6.80 -12.07 15.98
N GLU B 1051 -7.89 -11.94 15.21
CA GLU B 1051 -8.42 -13.06 14.44
C GLU B 1051 -7.41 -13.57 13.42
N ILE B 1052 -6.63 -12.69 12.78
CA ILE B 1052 -5.57 -13.08 11.85
C ILE B 1052 -4.51 -13.88 12.59
N LEU B 1053 -4.02 -13.39 13.73
CA LEU B 1053 -2.95 -14.05 14.48
C LEU B 1053 -3.41 -15.26 15.33
N SER B 1054 -4.71 -15.40 15.61
CA SER B 1054 -5.29 -16.57 16.31
C SER B 1054 -5.70 -17.67 15.33
N ARG B 1055 -5.55 -17.48 14.00
CA ARG B 1055 -5.88 -18.48 12.99
C ARG B 1055 -4.81 -18.79 11.95
N LEU B 1056 -3.75 -17.99 11.83
CA LEU B 1056 -2.79 -18.15 10.73
C LEU B 1056 -1.35 -17.98 11.24
N ASP B 1057 -0.41 -18.76 10.69
CA ASP B 1057 1.00 -18.72 11.05
C ASP B 1057 1.81 -17.53 10.46
N PRO B 1058 2.96 -17.17 11.05
CA PRO B 1058 3.62 -15.90 10.81
C PRO B 1058 3.90 -15.48 9.35
N PRO B 1059 4.47 -16.34 8.47
CA PRO B 1059 4.79 -15.96 7.11
C PRO B 1059 3.61 -15.42 6.29
N GLU B 1060 2.48 -16.13 6.26
CA GLU B 1060 1.26 -15.62 5.65
C GLU B 1060 0.48 -14.63 6.51
N ALA B 1061 0.58 -14.68 7.84
CA ALA B 1061 -0.01 -13.65 8.69
C ALA B 1061 0.57 -12.28 8.36
N GLN B 1062 1.86 -12.22 8.06
CA GLN B 1062 2.53 -11.00 7.65
C GLN B 1062 1.95 -10.46 6.34
N VAL B 1063 1.58 -11.31 5.39
CA VAL B 1063 0.93 -10.85 4.14
C VAL B 1063 -0.42 -10.23 4.45
N GLN B 1064 -1.26 -10.87 5.27
CA GLN B 1064 -2.58 -10.32 5.61
C GLN B 1064 -2.48 -9.03 6.41
N ILE B 1065 -1.57 -8.96 7.39
CA ILE B 1065 -1.34 -7.73 8.14
C ILE B 1065 -0.88 -6.60 7.19
N ASP B 1066 -0.08 -6.91 6.18
CA ASP B 1066 0.33 -5.93 5.18
C ASP B 1066 -0.87 -5.35 4.42
N ARG B 1067 -1.85 -6.19 4.05
CA ARG B 1067 -3.10 -5.71 3.44
C ARG B 1067 -3.85 -4.76 4.35
N LEU B 1068 -3.95 -5.06 5.65
CA LEU B 1068 -4.60 -4.15 6.60
C LEU B 1068 -3.80 -2.86 6.80
N ILE B 1069 -2.48 -2.92 6.95
CA ILE B 1069 -1.65 -1.72 7.06
C ILE B 1069 -1.84 -0.83 5.83
N ASN B 1070 -1.83 -1.38 4.62
CA ASN B 1070 -2.07 -0.57 3.43
C ASN B 1070 -3.43 0.09 3.43
N GLY B 1071 -4.48 -0.64 3.78
CA GLY B 1071 -5.82 -0.07 3.87
C GLY B 1071 -5.93 1.01 4.93
N ARG B 1072 -5.43 0.78 6.14
CA ARG B 1072 -5.51 1.74 7.25
C ARG B 1072 -4.65 2.97 7.02
N LEU B 1073 -3.44 2.84 6.51
CA LEU B 1073 -2.63 3.98 6.10
C LEU B 1073 -3.28 4.76 4.95
N THR B 1074 -3.92 4.09 3.99
CA THR B 1074 -4.67 4.79 2.94
C THR B 1074 -5.85 5.57 3.52
N ALA B 1075 -6.59 5.00 4.47
CA ALA B 1075 -7.67 5.69 5.16
C ALA B 1075 -7.18 6.90 5.95
N LEU B 1076 -6.06 6.80 6.68
CA LEU B 1076 -5.46 7.94 7.36
C LEU B 1076 -5.01 9.03 6.39
N ASN B 1077 -4.36 8.67 5.29
CA ASN B 1077 -3.95 9.65 4.28
C ASN B 1077 -5.16 10.38 3.69
N ALA B 1078 -6.24 9.66 3.38
CA ALA B 1078 -7.47 10.27 2.89
C ALA B 1078 -8.10 11.19 3.95
N TYR B 1079 -8.14 10.76 5.22
CA TYR B 1079 -8.66 11.59 6.30
C TYR B 1079 -7.82 12.84 6.53
N VAL B 1080 -6.50 12.74 6.50
CA VAL B 1080 -5.60 13.88 6.63
C VAL B 1080 -5.78 14.85 5.47
N SER B 1081 -5.94 14.37 4.24
CA SER B 1081 -6.23 15.24 3.09
C SER B 1081 -7.56 15.99 3.26
N GLN B 1082 -8.61 15.31 3.71
CA GLN B 1082 -9.89 15.96 3.99
C GLN B 1082 -9.76 16.98 5.14
N GLN B 1083 -9.02 16.65 6.20
CA GLN B 1083 -8.83 17.53 7.34
C GLN B 1083 -8.04 18.78 6.97
N LEU B 1084 -7.00 18.67 6.15
CA LEU B 1084 -6.27 19.84 5.64
C LEU B 1084 -7.19 20.75 4.83
N SER B 1085 -8.01 20.17 3.95
CA SER B 1085 -8.99 20.95 3.19
C SER B 1085 -10.00 21.64 4.11
N ASP B 1086 -10.55 20.95 5.10
CA ASP B 1086 -11.54 21.54 6.01
C ASP B 1086 -10.92 22.67 6.83
N ILE B 1087 -9.69 22.50 7.31
CA ILE B 1087 -9.03 23.54 8.09
C ILE B 1087 -8.67 24.73 7.23
N SER B 1088 -8.38 24.57 5.95
CA SER B 1088 -8.26 25.72 5.04
C SER B 1088 -9.56 26.53 4.96
N LEU B 1089 -10.72 25.87 4.89
CA LEU B 1089 -12.02 26.52 4.91
C LEU B 1089 -12.28 27.21 6.26
N VAL B 1090 -11.86 26.62 7.37
CA VAL B 1090 -11.96 27.25 8.70
C VAL B 1090 -11.06 28.47 8.81
N LYS B 1091 -9.84 28.45 8.25
CA LYS B 1091 -8.99 29.65 8.17
C LYS B 1091 -9.65 30.77 7.37
N PHE B 1092 -10.26 30.46 6.24
CA PHE B 1092 -11.02 31.44 5.46
C PHE B 1092 -12.18 32.00 6.27
N GLY B 1093 -12.95 31.16 6.95
CA GLY B 1093 -14.05 31.60 7.80
C GLY B 1093 -13.60 32.44 9.00
N ALA B 1094 -12.49 32.08 9.65
CA ALA B 1094 -11.97 32.85 10.78
C ALA B 1094 -11.40 34.20 10.33
N ALA B 1095 -10.73 34.27 9.18
CA ALA B 1095 -10.33 35.55 8.61
C ALA B 1095 -11.53 36.42 8.27
N LEU B 1096 -12.58 35.87 7.70
CA LEU B 1096 -13.81 36.61 7.44
C LEU B 1096 -14.48 37.07 8.74
N ALA B 1097 -14.52 36.25 9.78
CA ALA B 1097 -15.08 36.62 11.06
C ALA B 1097 -14.28 37.72 11.76
N MET B 1098 -12.95 37.69 11.71
CA MET B 1098 -12.14 38.78 12.23
C MET B 1098 -12.40 40.06 11.45
N GLU B 1099 -12.51 39.98 10.13
CA GLU B 1099 -12.86 41.12 9.29
C GLU B 1099 -14.24 41.69 9.58
N LYS B 1100 -15.25 40.86 9.81
CA LYS B 1100 -16.58 41.29 10.23
C LYS B 1100 -16.57 41.90 11.63
N VAL B 1101 -15.80 41.39 12.57
CA VAL B 1101 -15.64 42.06 13.87
C VAL B 1101 -15.08 43.46 13.68
N ASN B 1102 -13.98 43.60 12.94
CA ASN B 1102 -13.32 44.87 12.76
C ASN B 1102 -14.15 45.88 11.96
N GLU B 1103 -14.90 45.42 10.97
CA GLU B 1103 -15.54 46.28 9.99
C GLU B 1103 -17.07 46.30 10.01
N CYS B 1104 -17.68 45.61 10.96
CA CYS B 1104 -19.12 45.70 11.27
C CYS B 1104 -19.39 45.94 12.75
N VAL B 1105 -18.56 45.44 13.68
CA VAL B 1105 -18.82 45.53 15.12
C VAL B 1105 -18.08 46.69 15.75
N LYS B 1106 -16.74 46.71 15.66
CA LYS B 1106 -15.92 47.78 16.21
C LYS B 1106 -16.00 49.08 15.43
N SER B 1107 -16.38 48.99 14.16
CA SER B 1107 -16.57 50.11 13.26
C SER B 1107 -17.48 49.70 12.12
N GLN B 1108 -17.82 50.63 11.24
CA GLN B 1108 -18.71 50.42 10.11
C GLN B 1108 -18.00 50.83 8.84
N SER B 1109 -17.32 49.89 8.20
CA SER B 1109 -16.59 50.16 6.96
C SER B 1109 -17.57 50.48 5.83
N PRO B 1110 -17.25 51.40 4.91
CA PRO B 1110 -18.15 51.81 3.83
C PRO B 1110 -18.22 50.78 2.70
N ARG B 1111 -18.63 49.54 3.03
CA ARG B 1111 -18.77 48.41 2.11
C ARG B 1111 -20.21 47.92 2.14
N ILE B 1112 -20.87 47.82 0.99
CA ILE B 1112 -22.33 47.87 0.98
C ILE B 1112 -23.00 46.63 1.58
N ASN B 1113 -22.71 45.44 1.06
CA ASN B 1113 -23.35 44.21 1.53
C ASN B 1113 -22.38 43.32 2.31
N PHE B 1114 -21.31 43.89 2.84
CA PHE B 1114 -20.31 43.14 3.59
C PHE B 1114 -20.90 42.62 4.91
N CYS B 1115 -21.58 43.48 5.65
CA CYS B 1115 -22.19 43.14 6.93
C CYS B 1115 -23.65 42.74 6.77
N GLY B 1116 -23.90 41.69 6.00
CA GLY B 1116 -25.25 41.26 5.67
C GLY B 1116 -25.93 42.15 4.65
N ASN B 1117 -27.08 41.71 4.15
CA ASN B 1117 -27.85 42.41 3.12
C ASN B 1117 -28.56 43.67 3.65
N GLY B 1118 -29.05 44.49 2.73
CA GLY B 1118 -29.88 45.66 3.06
C GLY B 1118 -29.08 46.87 3.50
N ASN B 1119 -29.78 47.90 3.95
CA ASN B 1119 -29.20 49.13 4.44
C ASN B 1119 -28.62 48.90 5.84
N HIS B 1120 -27.38 48.46 5.93
CA HIS B 1120 -26.78 48.05 7.19
C HIS B 1120 -26.55 49.23 8.15
N ILE B 1121 -27.11 49.16 9.35
CA ILE B 1121 -26.92 50.20 10.36
C ILE B 1121 -25.67 49.87 11.14
N LEU B 1122 -25.64 48.70 11.78
CA LEU B 1122 -24.68 48.36 12.80
C LEU B 1122 -24.73 46.85 13.05
N SER B 1123 -23.68 46.30 13.64
CA SER B 1123 -23.61 44.88 13.95
C SER B 1123 -23.11 44.64 15.36
N LEU B 1124 -23.53 43.54 15.96
CA LEU B 1124 -23.06 43.06 17.26
C LEU B 1124 -22.59 41.62 17.13
N VAL B 1125 -21.74 41.14 18.04
CA VAL B 1125 -21.19 39.79 18.00
C VAL B 1125 -21.45 39.07 19.30
N GLN B 1126 -21.74 37.78 19.22
CA GLN B 1126 -21.89 36.88 20.36
C GLN B 1126 -21.10 35.61 20.08
N ASN B 1127 -20.67 34.93 21.13
CA ASN B 1127 -19.95 33.68 20.98
C ASN B 1127 -20.90 32.60 20.49
N ALA B 1128 -20.43 31.66 19.69
CA ALA B 1128 -21.20 30.49 19.29
C ALA B 1128 -20.28 29.26 19.32
N PRO B 1129 -20.82 28.03 19.40
CA PRO B 1129 -19.98 26.85 19.34
C PRO B 1129 -19.19 26.83 18.04
N TYR B 1130 -17.87 26.73 18.14
CA TYR B 1130 -16.94 26.72 17.00
C TYR B 1130 -17.01 27.94 16.08
N GLY B 1131 -17.29 29.12 16.60
CA GLY B 1131 -17.40 30.29 15.75
C GLY B 1131 -17.98 31.49 16.46
N LEU B 1132 -18.48 32.45 15.68
CA LEU B 1132 -19.08 33.66 16.20
C LEU B 1132 -20.42 33.83 15.52
N LEU B 1133 -21.35 34.40 16.26
CA LEU B 1133 -22.63 34.79 15.73
C LEU B 1133 -22.64 36.30 15.59
N PHE B 1134 -22.88 36.80 14.39
CA PHE B 1134 -23.04 38.22 14.14
C PHE B 1134 -24.52 38.53 14.03
N MET B 1135 -24.96 39.59 14.67
CA MET B 1135 -26.30 40.12 14.52
C MET B 1135 -26.19 41.41 13.74
N HIS B 1136 -26.59 41.39 12.48
CA HIS B 1136 -26.58 42.56 11.62
C HIS B 1136 -27.91 43.25 11.73
N PHE B 1137 -27.93 44.53 12.08
CA PHE B 1137 -29.15 45.31 12.16
C PHE B 1137 -29.25 46.23 10.96
N SER B 1138 -30.37 46.20 10.26
CA SER B 1138 -30.55 46.92 9.00
C SER B 1138 -31.76 47.83 9.08
N TYR B 1139 -31.70 48.95 8.38
CA TYR B 1139 -32.81 49.88 8.23
C TYR B 1139 -33.74 49.31 7.15
N LYS B 1140 -34.94 48.92 7.55
CA LYS B 1140 -35.93 48.32 6.67
C LYS B 1140 -37.06 49.31 6.45
N PRO B 1141 -37.27 49.82 5.24
CA PRO B 1141 -38.49 50.53 4.90
C PRO B 1141 -39.74 49.66 5.07
N ILE B 1142 -40.82 50.27 5.56
CA ILE B 1142 -42.11 49.62 5.83
C ILE B 1142 -43.12 50.04 4.79
N SER B 1143 -43.32 51.34 4.61
CA SER B 1143 -44.24 51.92 3.64
C SER B 1143 -43.51 52.90 2.75
N PHE B 1144 -43.97 53.03 1.51
CA PHE B 1144 -43.34 53.85 0.49
C PHE B 1144 -44.32 54.86 -0.06
N LYS B 1145 -43.82 55.98 -0.58
CA LYS B 1145 -44.58 57.01 -1.26
C LYS B 1145 -43.94 57.27 -2.62
N THR B 1146 -44.74 57.22 -3.67
CA THR B 1146 -44.26 57.58 -5.00
C THR B 1146 -44.18 59.09 -5.09
N VAL B 1147 -43.03 59.60 -5.48
CA VAL B 1147 -42.76 61.04 -5.53
C VAL B 1147 -41.94 61.34 -6.77
N LEU B 1148 -42.29 62.45 -7.44
CA LEU B 1148 -41.50 63.01 -8.52
C LEU B 1148 -40.26 63.70 -7.97
N VAL B 1149 -39.08 63.24 -8.35
CA VAL B 1149 -37.79 63.74 -7.89
C VAL B 1149 -36.95 64.27 -9.04
N SER B 1150 -36.00 65.15 -8.74
CA SER B 1150 -35.00 65.64 -9.68
C SER B 1150 -33.62 65.33 -9.14
N PRO B 1151 -32.70 64.72 -9.91
CA PRO B 1151 -31.38 64.33 -9.43
C PRO B 1151 -30.39 65.50 -9.35
N GLY B 1152 -30.85 66.71 -9.64
CA GLY B 1152 -30.07 67.94 -9.63
C GLY B 1152 -30.89 69.12 -10.13
N LEU B 1153 -30.42 70.33 -9.88
CA LEU B 1153 -31.04 71.58 -10.32
C LEU B 1153 -30.02 72.54 -10.89
N CYS B 1154 -30.46 73.37 -11.83
CA CYS B 1154 -29.71 74.50 -12.34
C CYS B 1154 -30.31 75.82 -11.82
N ILE B 1155 -29.60 76.53 -10.95
CA ILE B 1155 -30.14 77.62 -10.13
C ILE B 1155 -29.42 78.95 -10.38
N SER B 1156 -30.08 80.08 -10.12
CA SER B 1156 -29.47 81.42 -10.17
C SER B 1156 -28.70 81.71 -11.48
N GLY B 1157 -27.40 81.99 -11.41
CA GLY B 1157 -26.51 82.20 -12.55
C GLY B 1157 -26.02 80.91 -13.20
N ASP B 1158 -26.93 79.98 -13.52
CA ASP B 1158 -26.61 78.68 -14.13
C ASP B 1158 -25.65 77.80 -13.31
N VAL B 1159 -25.64 77.98 -11.99
CA VAL B 1159 -24.88 77.15 -11.06
C VAL B 1159 -25.62 75.83 -10.87
N GLY B 1160 -24.93 74.71 -10.88
CA GLY B 1160 -25.51 73.41 -10.66
C GLY B 1160 -25.46 73.02 -9.20
N ILE B 1161 -26.49 72.33 -8.75
CA ILE B 1161 -26.52 71.71 -7.43
C ILE B 1161 -27.01 70.28 -7.57
N ALA B 1162 -26.40 69.36 -6.84
CA ALA B 1162 -26.83 67.97 -6.74
C ALA B 1162 -27.14 67.65 -5.29
N PRO B 1163 -28.19 66.88 -5.00
CA PRO B 1163 -28.56 66.55 -3.63
C PRO B 1163 -27.53 65.60 -3.00
N LYS B 1164 -27.29 65.70 -1.69
CA LYS B 1164 -26.41 64.78 -0.95
C LYS B 1164 -27.25 63.69 -0.31
N GLN B 1165 -27.08 62.43 -0.71
CA GLN B 1165 -27.78 61.28 -0.14
C GLN B 1165 -29.32 61.44 -0.17
N GLY B 1166 -29.86 62.00 -1.25
CA GLY B 1166 -31.27 62.38 -1.33
C GLY B 1166 -31.66 62.89 -2.69
N TYR B 1167 -32.78 63.60 -2.74
CA TYR B 1167 -33.34 64.11 -3.98
C TYR B 1167 -33.92 65.49 -3.83
N PHE B 1168 -34.08 66.23 -4.92
CA PHE B 1168 -34.83 67.47 -4.96
C PHE B 1168 -36.25 67.19 -5.40
N ILE B 1169 -37.22 67.67 -4.64
CA ILE B 1169 -38.64 67.41 -4.83
C ILE B 1169 -39.42 68.71 -4.84
N LYS B 1170 -40.57 68.70 -5.48
CA LYS B 1170 -41.50 69.84 -5.48
C LYS B 1170 -42.51 69.65 -4.37
N HIS B 1171 -42.43 70.47 -3.32
CA HIS B 1171 -43.37 70.48 -2.19
C HIS B 1171 -43.92 71.89 -1.99
N ASN B 1172 -45.23 72.06 -1.90
CA ASN B 1172 -45.91 73.37 -1.85
C ASN B 1172 -45.52 74.32 -3.00
N ASP B 1173 -45.31 73.76 -4.20
CA ASP B 1173 -44.76 74.47 -5.37
C ASP B 1173 -43.38 75.14 -5.14
N HIS B 1174 -42.59 74.60 -4.21
CA HIS B 1174 -41.22 75.02 -3.94
C HIS B 1174 -40.27 73.84 -4.11
N TRP B 1175 -39.05 74.12 -4.55
CA TRP B 1175 -37.99 73.14 -4.62
C TRP B 1175 -37.42 72.95 -3.22
N MET B 1176 -37.55 71.74 -2.70
CA MET B 1176 -36.94 71.32 -1.45
C MET B 1176 -36.22 69.99 -1.58
N PHE B 1177 -35.58 69.54 -0.52
CA PHE B 1177 -34.76 68.34 -0.49
C PHE B 1177 -35.45 67.31 0.39
N THR B 1178 -35.30 66.03 0.06
CA THR B 1178 -35.66 64.93 0.96
C THR B 1178 -34.53 63.93 0.96
N GLY B 1179 -34.25 63.32 2.11
CA GLY B 1179 -33.31 62.21 2.19
C GLY B 1179 -33.80 61.03 1.37
N SER B 1180 -32.88 60.24 0.83
CA SER B 1180 -33.24 59.15 -0.10
C SER B 1180 -33.91 57.98 0.60
N SER B 1181 -33.68 57.78 1.90
CA SER B 1181 -34.21 56.65 2.65
C SER B 1181 -35.35 56.98 3.58
N TYR B 1182 -35.79 58.22 3.67
CA TYR B 1182 -36.97 58.61 4.42
C TYR B 1182 -37.54 59.90 3.86
N TYR B 1183 -38.83 59.92 3.54
CA TYR B 1183 -39.49 61.06 2.93
C TYR B 1183 -39.76 62.11 4.00
N TYR B 1184 -39.05 63.23 3.92
CA TYR B 1184 -39.19 64.35 4.83
C TYR B 1184 -38.74 65.62 4.12
N PRO B 1185 -39.64 66.35 3.47
CA PRO B 1185 -39.26 67.58 2.79
C PRO B 1185 -38.68 68.60 3.77
N GLU B 1186 -37.47 69.07 3.48
CA GLU B 1186 -36.73 70.08 4.26
C GLU B 1186 -36.04 71.06 3.31
N PRO B 1187 -35.75 72.29 3.71
CA PRO B 1187 -35.27 73.31 2.79
C PRO B 1187 -33.91 72.98 2.18
N ILE B 1188 -33.67 73.43 0.95
CA ILE B 1188 -32.37 73.28 0.30
C ILE B 1188 -31.37 74.18 1.00
N SER B 1189 -30.21 73.64 1.37
CA SER B 1189 -29.13 74.41 1.98
C SER B 1189 -27.77 73.83 1.58
N ASP B 1190 -26.68 74.51 1.93
CA ASP B 1190 -25.34 74.01 1.70
C ASP B 1190 -25.03 72.73 2.50
N LYS B 1191 -25.86 72.38 3.49
CA LYS B 1191 -25.70 71.15 4.27
C LYS B 1191 -26.05 69.90 3.46
N ASN B 1192 -27.03 69.98 2.56
CA ASN B 1192 -27.55 68.81 1.81
C ASN B 1192 -27.34 68.93 0.29
N VAL B 1193 -26.27 69.59 -0.14
CA VAL B 1193 -26.02 69.92 -1.55
C VAL B 1193 -24.55 69.82 -1.89
N VAL B 1194 -24.24 69.28 -3.07
CA VAL B 1194 -22.94 69.38 -3.75
C VAL B 1194 -23.06 70.46 -4.81
N PHE B 1195 -22.21 71.49 -4.75
CA PHE B 1195 -22.19 72.59 -5.71
C PHE B 1195 -21.33 72.30 -6.93
N MET B 1196 -21.77 72.74 -8.11
CA MET B 1196 -21.05 72.65 -9.37
C MET B 1196 -21.09 74.02 -10.07
N ASN B 1197 -19.97 74.56 -10.55
CA ASN B 1197 -19.95 75.91 -11.13
C ASN B 1197 -20.77 76.04 -12.42
N THR B 1198 -20.96 74.93 -13.14
CA THR B 1198 -21.84 74.81 -14.30
C THR B 1198 -22.81 73.68 -14.06
N CYS B 1199 -24.09 73.91 -14.25
CA CYS B 1199 -25.09 72.83 -14.18
C CYS B 1199 -24.99 71.92 -15.40
N SER B 1200 -25.17 70.61 -15.22
CA SER B 1200 -25.24 69.71 -16.37
C SER B 1200 -26.47 69.97 -17.23
N VAL B 1201 -26.45 69.59 -18.50
CA VAL B 1201 -27.69 69.57 -19.29
C VAL B 1201 -28.66 68.60 -18.63
N ASN B 1202 -29.96 68.82 -18.84
CA ASN B 1202 -31.05 68.03 -18.28
C ASN B 1202 -31.16 68.08 -16.76
N PHE B 1203 -30.34 68.88 -16.05
CA PHE B 1203 -30.69 69.31 -14.71
C PHE B 1203 -31.88 70.25 -14.81
N THR B 1204 -32.85 70.11 -13.91
CA THR B 1204 -34.09 70.90 -14.00
C THR B 1204 -33.78 72.38 -13.78
N LYS B 1205 -34.30 73.28 -14.62
CA LYS B 1205 -34.05 74.71 -14.53
C LYS B 1205 -34.89 75.33 -13.43
N ALA B 1206 -34.25 75.88 -12.40
CA ALA B 1206 -34.89 76.52 -11.26
C ALA B 1206 -34.28 77.90 -11.01
N PRO B 1207 -34.53 78.90 -11.89
CA PRO B 1207 -33.81 80.18 -11.86
C PRO B 1207 -33.96 80.95 -10.55
N LEU B 1208 -35.11 80.80 -9.88
CA LEU B 1208 -35.46 81.52 -8.67
C LEU B 1208 -35.14 80.78 -7.36
N VAL B 1209 -34.40 79.67 -7.42
CA VAL B 1209 -33.91 78.98 -6.21
C VAL B 1209 -32.63 79.67 -5.70
N TYR B 1210 -32.62 80.02 -4.41
CA TYR B 1210 -31.52 80.68 -3.70
C TYR B 1210 -31.08 81.99 -4.36
N VAL C 1 30.11 -21.68 -43.46
CA VAL C 1 29.11 -22.62 -44.01
C VAL C 1 27.77 -22.35 -43.38
N ILE C 2 26.68 -22.39 -44.12
CA ILE C 2 25.35 -22.20 -43.54
C ILE C 2 24.86 -23.52 -42.98
N GLY C 3 24.58 -24.50 -43.81
CA GLY C 3 24.19 -25.83 -43.36
C GLY C 3 25.36 -26.76 -43.37
N ASP C 4 25.18 -28.03 -43.08
CA ASP C 4 26.31 -28.96 -43.05
C ASP C 4 26.24 -29.97 -44.19
N PHE C 5 25.38 -29.77 -45.17
CA PHE C 5 25.24 -30.71 -46.26
C PHE C 5 26.07 -30.31 -47.45
N ASN C 6 26.89 -31.24 -47.95
CA ASN C 6 27.75 -31.00 -49.08
C ASN C 6 26.99 -31.13 -50.41
N CYS C 7 26.27 -30.10 -50.80
CA CYS C 7 25.51 -30.09 -52.02
C CYS C 7 26.42 -30.08 -53.26
N THR C 8 27.56 -29.41 -53.20
CA THR C 8 28.49 -29.35 -54.33
C THR C 8 29.90 -28.92 -53.94
N ASN C 9 30.88 -29.22 -54.78
CA ASN C 9 32.26 -28.78 -54.65
C ASN C 9 32.73 -28.13 -55.96
N PHE C 10 31.82 -27.66 -56.80
CA PHE C 10 32.13 -27.06 -58.09
C PHE C 10 32.42 -25.58 -57.98
N ALA C 11 33.55 -25.06 -58.45
CA ALA C 11 33.84 -23.64 -58.42
C ALA C 11 33.69 -23.02 -57.03
N ILE C 12 34.50 -23.45 -56.09
CA ILE C 12 34.52 -22.93 -54.74
C ILE C 12 35.91 -22.39 -54.48
N ASN C 13 36.03 -21.19 -53.94
CA ASN C 13 37.33 -20.63 -53.59
C ASN C 13 37.21 -19.90 -52.27
N ASP C 14 38.26 -19.20 -51.84
CA ASP C 14 38.28 -18.48 -50.58
C ASP C 14 38.66 -17.01 -50.80
N LEU C 15 38.23 -16.41 -51.90
CA LEU C 15 38.57 -15.03 -52.21
C LEU C 15 37.78 -14.05 -51.37
N ASN C 16 38.45 -13.07 -50.81
CA ASN C 16 37.85 -11.98 -50.06
C ASN C 16 37.46 -10.91 -51.03
N THR C 17 36.42 -11.17 -51.81
CA THR C 17 35.96 -10.28 -52.85
C THR C 17 35.34 -8.98 -52.34
N THR C 18 34.59 -9.01 -51.26
CA THR C 18 33.92 -7.83 -50.72
C THR C 18 33.49 -7.99 -49.28
N VAL C 19 33.03 -6.91 -48.67
CA VAL C 19 32.49 -6.81 -47.31
C VAL C 19 31.15 -6.07 -47.38
N PRO C 20 30.20 -6.25 -46.46
CA PRO C 20 28.94 -5.56 -46.51
C PRO C 20 29.08 -4.04 -46.51
N ARG C 21 28.56 -3.39 -47.54
CA ARG C 21 28.59 -1.94 -47.64
C ARG C 21 27.69 -1.29 -46.64
N ILE C 22 28.10 -0.16 -46.09
CA ILE C 22 27.32 0.62 -45.15
C ILE C 22 26.56 1.65 -45.97
N SER C 23 25.25 1.74 -45.81
CA SER C 23 24.44 2.67 -46.58
C SER C 23 24.62 4.13 -46.20
N GLU C 24 24.68 4.99 -47.20
CA GLU C 24 24.66 6.43 -46.99
C GLU C 24 23.26 6.88 -46.55
N TYR C 25 22.24 6.13 -46.94
CA TYR C 25 20.86 6.29 -46.54
C TYR C 25 20.71 5.85 -45.09
N VAL C 26 19.95 6.54 -44.26
CA VAL C 26 19.73 6.19 -42.86
C VAL C 26 18.27 6.00 -42.58
N VAL C 27 17.95 5.32 -41.50
CA VAL C 27 16.56 5.08 -41.12
C VAL C 27 15.87 6.39 -40.82
N ASP C 28 14.78 6.65 -41.51
CA ASP C 28 13.95 7.85 -41.38
C ASP C 28 12.50 7.43 -41.29
N VAL C 29 11.99 7.34 -40.08
CA VAL C 29 10.62 6.90 -39.85
C VAL C 29 9.63 8.03 -39.83
N SER C 30 10.03 9.25 -40.16
CA SER C 30 9.18 10.42 -40.09
C SER C 30 7.93 10.32 -40.94
N TYR C 31 7.92 9.48 -41.97
CA TYR C 31 6.78 9.28 -42.85
C TYR C 31 6.25 7.87 -42.82
N GLY C 32 6.49 7.14 -41.75
CA GLY C 32 5.99 5.79 -41.55
C GLY C 32 6.88 4.68 -42.05
N LEU C 33 7.85 4.94 -42.92
CA LEU C 33 8.73 3.90 -43.42
C LEU C 33 9.56 3.34 -42.27
N GLY C 34 9.70 2.04 -42.16
CA GLY C 34 10.37 1.44 -41.02
C GLY C 34 9.39 1.02 -39.94
N THR C 35 8.12 1.36 -40.06
CA THR C 35 7.07 0.93 -39.15
C THR C 35 6.18 -0.09 -39.83
N TYR C 36 5.24 -0.67 -39.10
CA TYR C 36 4.31 -1.65 -39.65
C TYR C 36 2.92 -1.43 -39.11
N TYR C 37 1.88 -1.84 -39.83
CA TYR C 37 0.53 -1.80 -39.30
C TYR C 37 0.42 -2.87 -38.24
N ILE C 38 -0.25 -2.59 -37.14
CA ILE C 38 -0.35 -3.50 -36.01
C ILE C 38 -1.30 -4.66 -36.29
N LEU C 39 -0.76 -5.82 -36.65
CA LEU C 39 -1.53 -7.03 -36.90
C LEU C 39 -2.66 -6.77 -37.88
N ASP C 40 -3.87 -7.17 -37.54
CA ASP C 40 -5.09 -6.98 -38.31
C ASP C 40 -5.91 -5.78 -37.82
N ARG C 41 -5.37 -4.93 -36.97
CA ARG C 41 -6.02 -3.78 -36.37
C ARG C 41 -5.97 -2.55 -37.22
N VAL C 42 -7.01 -1.75 -37.16
CA VAL C 42 -7.13 -0.48 -37.85
C VAL C 42 -7.28 0.63 -36.85
N TYR C 43 -6.51 1.69 -36.94
CA TYR C 43 -6.62 2.87 -36.10
C TYR C 43 -6.99 4.01 -37.02
N LEU C 44 -7.95 4.84 -36.70
CA LEU C 44 -8.38 5.91 -37.59
C LEU C 44 -8.23 7.27 -36.96
N ASN C 45 -7.61 8.21 -37.64
CA ASN C 45 -7.44 9.59 -37.22
C ASN C 45 -6.97 9.70 -35.78
N THR C 46 -5.81 9.16 -35.45
CA THR C 46 -5.35 9.18 -34.06
C THR C 46 -3.86 8.98 -33.98
N THR C 47 -3.27 9.30 -32.84
CA THR C 47 -1.87 9.07 -32.54
C THR C 47 -1.82 8.09 -31.40
N ILE C 48 -1.00 7.06 -31.50
CA ILE C 48 -0.84 6.06 -30.45
C ILE C 48 0.62 5.88 -30.12
N LEU C 49 0.94 5.60 -28.87
CA LEU C 49 2.29 5.28 -28.45
C LEU C 49 2.38 3.77 -28.49
N PHE C 50 2.96 3.20 -29.51
CA PHE C 50 3.06 1.76 -29.67
C PHE C 50 4.46 1.24 -29.41
N THR C 51 4.62 0.25 -28.55
CA THR C 51 5.92 -0.34 -28.28
C THR C 51 6.09 -1.59 -29.09
N GLY C 52 6.86 -1.53 -30.17
CA GLY C 52 7.06 -2.66 -31.06
C GLY C 52 8.51 -2.93 -31.34
N TYR C 53 8.77 -3.69 -32.39
CA TYR C 53 10.14 -3.99 -32.79
C TYR C 53 10.42 -3.11 -33.96
N PHE C 54 11.17 -2.04 -33.76
CA PHE C 54 11.41 -1.05 -34.80
C PHE C 54 12.87 -0.75 -34.99
N PRO C 55 13.28 -0.26 -36.14
CA PRO C 55 14.65 0.11 -36.36
C PRO C 55 14.98 1.39 -35.61
N LYS C 56 16.23 1.62 -35.24
CA LYS C 56 16.64 2.85 -34.58
C LYS C 56 16.61 3.98 -35.58
N SER C 57 16.03 5.12 -35.25
CA SER C 57 16.01 6.25 -36.18
C SER C 57 17.40 6.79 -36.38
N GLY C 58 17.81 7.05 -37.62
CA GLY C 58 19.14 7.52 -37.93
C GLY C 58 20.20 6.43 -38.05
N ALA C 59 19.88 5.16 -37.86
CA ALA C 59 20.84 4.08 -38.03
C ALA C 59 21.08 3.79 -39.51
N ASN C 60 22.20 3.17 -39.86
CA ASN C 60 22.52 2.80 -41.23
C ASN C 60 22.08 1.39 -41.51
N PHE C 61 22.16 1.01 -42.77
CA PHE C 61 21.88 -0.31 -43.28
C PHE C 61 23.14 -0.97 -43.78
N ARG C 62 23.16 -2.30 -43.83
CA ARG C 62 24.28 -3.08 -44.40
C ARG C 62 23.78 -3.79 -45.61
N ASP C 63 24.45 -3.70 -46.75
CA ASP C 63 24.02 -4.44 -47.94
C ASP C 63 24.60 -5.83 -47.89
N LEU C 64 23.78 -6.82 -47.66
CA LEU C 64 24.21 -8.21 -47.56
C LEU C 64 24.03 -9.00 -48.83
N SER C 65 23.56 -8.38 -49.90
CA SER C 65 23.39 -9.08 -51.16
C SER C 65 24.73 -9.51 -51.71
N LEU C 66 24.79 -10.67 -52.36
CA LEU C 66 26.02 -11.21 -52.90
C LEU C 66 25.77 -11.78 -54.28
N LYS C 67 26.00 -11.02 -55.34
CA LYS C 67 25.81 -11.53 -56.69
C LYS C 67 27.02 -12.30 -57.15
N GLY C 68 26.91 -13.55 -57.55
CA GLY C 68 28.02 -14.34 -58.12
C GLY C 68 27.80 -14.66 -59.59
N THR C 69 28.77 -15.18 -60.32
CA THR C 69 28.54 -15.64 -61.70
C THR C 69 28.80 -17.12 -61.85
N THR C 70 29.99 -17.58 -61.46
CA THR C 70 30.46 -18.97 -61.54
C THR C 70 30.89 -19.51 -60.21
N TYR C 71 31.81 -18.82 -59.54
CA TYR C 71 32.33 -19.28 -58.27
C TYR C 71 31.62 -18.67 -57.08
N LEU C 72 31.79 -19.32 -55.94
CA LEU C 72 31.30 -18.93 -54.65
C LEU C 72 32.49 -18.91 -53.72
N SER C 73 32.63 -17.89 -52.89
CA SER C 73 33.74 -17.84 -51.97
C SER C 73 33.30 -18.41 -50.64
N THR C 74 34.07 -19.23 -49.97
CA THR C 74 33.66 -19.75 -48.67
C THR C 74 33.52 -18.63 -47.67
N LEU C 75 34.17 -17.49 -47.87
CA LEU C 75 34.05 -16.35 -46.98
C LEU C 75 32.69 -15.71 -47.06
N TRP C 76 31.94 -15.94 -48.13
CA TRP C 76 30.59 -15.41 -48.27
C TRP C 76 29.63 -16.06 -47.30
N TYR C 77 29.99 -17.16 -46.65
CA TYR C 77 29.14 -17.90 -45.73
C TYR C 77 29.64 -17.89 -44.29
N GLN C 78 30.24 -16.81 -43.88
CA GLN C 78 30.79 -16.60 -42.55
C GLN C 78 30.42 -15.21 -42.07
N LYS C 79 30.87 -14.81 -40.88
CA LYS C 79 30.68 -13.42 -40.45
C LYS C 79 31.49 -12.56 -41.43
N PRO C 80 31.05 -11.34 -41.72
CA PRO C 80 29.87 -10.71 -41.21
C PRO C 80 28.61 -10.98 -42.01
N PHE C 81 28.61 -11.80 -43.05
CA PHE C 81 27.42 -12.05 -43.83
C PHE C 81 26.41 -12.87 -43.03
N LEU C 82 26.84 -13.94 -42.38
CA LEU C 82 26.01 -14.74 -41.48
C LEU C 82 25.88 -13.96 -40.20
N SER C 83 24.83 -13.17 -40.09
CA SER C 83 24.59 -12.27 -38.98
C SER C 83 23.65 -12.83 -37.94
N ASP C 84 23.78 -12.38 -36.71
CA ASP C 84 22.88 -12.78 -35.63
C ASP C 84 21.53 -12.11 -35.79
N PHE C 85 20.45 -12.82 -35.56
CA PHE C 85 19.12 -12.28 -35.69
C PHE C 85 18.75 -11.33 -34.59
N ASN C 86 19.13 -11.63 -33.35
CA ASN C 86 18.81 -10.83 -32.19
C ASN C 86 17.30 -10.66 -32.13
N ASN C 87 16.80 -9.45 -31.93
CA ASN C 87 15.37 -9.24 -31.89
C ASN C 87 14.73 -9.30 -33.25
N GLY C 88 15.47 -9.08 -34.32
CA GLY C 88 14.92 -9.09 -35.65
C GLY C 88 15.63 -8.10 -36.54
N ILE C 89 15.14 -7.94 -37.75
CA ILE C 89 15.70 -7.01 -38.72
C ILE C 89 14.64 -6.29 -39.55
N PHE C 90 14.99 -5.11 -40.06
CA PHE C 90 14.20 -4.34 -40.98
C PHE C 90 15.02 -4.35 -42.23
N SER C 91 14.46 -4.77 -43.34
CA SER C 91 15.18 -4.86 -44.58
C SER C 91 14.60 -3.99 -45.67
N ARG C 92 15.44 -3.25 -46.37
CA ARG C 92 15.09 -2.46 -47.52
C ARG C 92 15.69 -3.22 -48.68
N VAL C 93 14.88 -3.79 -49.55
CA VAL C 93 15.34 -4.64 -50.63
C VAL C 93 15.14 -4.04 -51.99
N LYS C 94 16.17 -3.95 -52.82
CA LYS C 94 16.02 -3.42 -54.17
C LYS C 94 15.42 -4.50 -55.02
N ASN C 95 14.38 -4.20 -55.76
CA ASN C 95 13.80 -5.13 -56.70
C ASN C 95 14.58 -4.96 -57.98
N THR C 96 15.53 -5.83 -58.30
CA THR C 96 16.28 -5.66 -59.55
C THR C 96 15.45 -6.14 -60.71
N LYS C 97 15.26 -5.28 -61.70
CA LYS C 97 14.38 -5.51 -62.83
C LYS C 97 15.22 -5.80 -64.05
N LEU C 98 15.12 -7.02 -64.57
CA LEU C 98 15.85 -7.50 -65.74
C LEU C 98 14.94 -7.67 -66.93
N TYR C 99 15.36 -7.32 -68.12
CA TYR C 99 14.58 -7.53 -69.32
C TYR C 99 15.21 -8.62 -70.16
N VAL C 100 14.50 -9.68 -70.52
CA VAL C 100 15.10 -10.72 -71.37
C VAL C 100 15.24 -10.15 -72.76
N ASN C 101 14.13 -9.86 -73.43
CA ASN C 101 14.14 -9.19 -74.73
C ASN C 101 13.40 -7.87 -74.58
N LYS C 102 12.16 -7.92 -74.10
CA LYS C 102 11.34 -6.73 -73.82
C LYS C 102 10.52 -6.91 -72.55
N THR C 103 10.22 -8.15 -72.15
CA THR C 103 9.43 -8.41 -70.94
C THR C 103 10.24 -8.16 -69.70
N LEU C 104 9.59 -7.80 -68.61
CA LEU C 104 10.21 -7.47 -67.34
C LEU C 104 10.20 -8.65 -66.38
N TYR C 105 11.32 -8.88 -65.72
CA TYR C 105 11.48 -9.89 -64.68
C TYR C 105 11.97 -9.26 -63.41
N SER C 106 11.52 -9.74 -62.28
CA SER C 106 11.89 -9.24 -60.96
C SER C 106 12.76 -10.26 -60.26
N GLU C 107 13.96 -9.88 -59.88
CA GLU C 107 14.89 -10.76 -59.21
C GLU C 107 15.42 -10.08 -57.95
N PHE C 108 15.53 -10.77 -56.83
CA PHE C 108 16.21 -10.23 -55.65
C PHE C 108 16.66 -11.37 -54.75
N SER C 109 17.56 -11.08 -53.84
CA SER C 109 18.15 -12.05 -52.93
C SER C 109 17.13 -12.74 -52.04
N THR C 110 17.40 -13.98 -51.68
CA THR C 110 16.58 -14.78 -50.79
C THR C 110 17.17 -14.73 -49.42
N ILE C 111 16.38 -14.52 -48.40
CA ILE C 111 16.88 -14.50 -47.03
C ILE C 111 16.44 -15.77 -46.32
N VAL C 112 17.33 -16.36 -45.53
CA VAL C 112 17.02 -17.53 -44.74
C VAL C 112 17.21 -17.15 -43.30
N ILE C 113 16.28 -17.52 -42.44
CA ILE C 113 16.30 -17.21 -41.03
C ILE C 113 16.19 -18.51 -40.29
N GLY C 114 17.01 -18.78 -39.30
CA GLY C 114 16.97 -20.05 -38.60
C GLY C 114 17.86 -20.05 -37.40
N SER C 115 18.31 -21.20 -36.97
CA SER C 115 19.23 -21.30 -35.84
C SER C 115 20.54 -21.96 -36.21
N VAL C 116 20.51 -23.19 -36.67
CA VAL C 116 21.70 -23.95 -37.02
C VAL C 116 21.63 -24.44 -38.45
N PHE C 117 20.52 -24.22 -39.12
CA PHE C 117 20.28 -24.53 -40.51
C PHE C 117 20.42 -26.01 -40.87
N ILE C 118 20.21 -26.92 -39.94
CA ILE C 118 20.25 -28.35 -40.20
C ILE C 118 18.84 -28.88 -40.07
N ASN C 119 18.53 -30.03 -40.65
CA ASN C 119 17.17 -30.57 -40.71
C ASN C 119 16.55 -31.06 -39.41
N ASN C 120 17.16 -30.86 -38.26
CA ASN C 120 16.57 -31.17 -36.99
C ASN C 120 15.96 -29.88 -36.36
N SER C 121 16.03 -28.76 -37.06
CA SER C 121 15.49 -27.47 -36.66
C SER C 121 14.87 -26.78 -37.85
N TYR C 122 13.95 -25.86 -37.65
CA TYR C 122 13.26 -25.14 -38.70
C TYR C 122 14.00 -23.94 -39.23
N THR C 123 13.97 -23.74 -40.52
CA THR C 123 14.57 -22.61 -41.20
C THR C 123 13.50 -21.93 -42.03
N ILE C 124 13.30 -20.64 -41.85
CA ILE C 124 12.34 -19.85 -42.58
C ILE C 124 13.04 -19.32 -43.81
N VAL C 125 12.51 -19.53 -44.98
CA VAL C 125 13.10 -19.10 -46.23
C VAL C 125 12.12 -18.20 -46.95
N VAL C 126 12.54 -17.02 -47.38
CA VAL C 126 11.70 -16.08 -48.11
C VAL C 126 12.34 -15.88 -49.47
N GLN C 127 11.83 -16.54 -50.49
CA GLN C 127 12.39 -16.51 -51.81
C GLN C 127 11.42 -15.95 -52.85
N PRO C 128 11.83 -15.00 -53.68
CA PRO C 128 10.98 -14.50 -54.72
C PRO C 128 11.11 -15.31 -56.00
N HIS C 129 10.01 -15.44 -56.72
CA HIS C 129 9.86 -16.11 -57.98
C HIS C 129 9.11 -15.19 -58.92
N ASN C 130 9.79 -14.19 -59.46
CA ASN C 130 9.25 -13.26 -60.42
C ASN C 130 7.83 -12.74 -60.11
N GLY C 131 7.67 -12.03 -59.01
CA GLY C 131 6.38 -11.48 -58.61
C GLY C 131 5.59 -12.31 -57.60
N VAL C 132 6.04 -13.51 -57.30
CA VAL C 132 5.50 -14.42 -56.32
C VAL C 132 6.54 -14.54 -55.24
N LEU C 133 6.25 -14.21 -54.02
CA LEU C 133 7.13 -14.34 -52.88
C LEU C 133 6.74 -15.57 -52.11
N GLU C 134 7.52 -16.62 -52.18
CA GLU C 134 7.27 -17.89 -51.53
C GLU C 134 7.96 -17.92 -50.19
N ILE C 135 7.20 -18.15 -49.14
CA ILE C 135 7.69 -18.24 -47.80
C ILE C 135 7.39 -19.62 -47.27
N THR C 136 8.38 -20.27 -46.73
CA THR C 136 8.30 -21.60 -46.16
C THR C 136 9.08 -21.66 -44.87
N ALA C 137 8.72 -22.54 -43.97
CA ALA C 137 9.42 -22.73 -42.73
C ALA C 137 9.46 -24.22 -42.49
N CYS C 138 10.50 -24.89 -42.95
CA CYS C 138 10.63 -26.32 -42.87
C CYS C 138 11.96 -26.75 -42.30
N GLN C 139 12.06 -28.01 -41.90
CA GLN C 139 13.28 -28.62 -41.44
C GLN C 139 14.13 -28.92 -42.66
N TYR C 140 14.58 -27.90 -43.36
CA TYR C 140 15.34 -28.01 -44.59
C TYR C 140 16.73 -28.51 -44.36
N THR C 141 17.28 -29.29 -45.28
CA THR C 141 18.65 -29.73 -45.19
C THR C 141 19.44 -28.73 -45.99
N MET C 142 19.84 -27.62 -45.36
CA MET C 142 20.54 -26.54 -46.03
C MET C 142 21.92 -26.94 -46.47
N CYS C 143 22.35 -26.49 -47.63
CA CYS C 143 23.67 -26.76 -48.14
C CYS C 143 24.75 -26.02 -47.38
N GLU C 144 26.00 -26.43 -47.53
CA GLU C 144 27.10 -25.73 -46.90
C GLU C 144 27.25 -24.33 -47.50
N TYR C 145 27.06 -24.21 -48.81
CA TYR C 145 27.17 -22.99 -49.60
C TYR C 145 25.87 -22.77 -50.37
N PRO C 146 24.79 -22.38 -49.72
CA PRO C 146 23.54 -22.19 -50.40
C PRO C 146 23.56 -21.00 -51.31
N HIS C 147 22.79 -21.01 -52.37
CA HIS C 147 22.68 -19.90 -53.29
C HIS C 147 21.48 -20.11 -54.18
N THR C 148 21.06 -19.08 -54.85
CA THR C 148 19.95 -19.12 -55.80
C THR C 148 20.44 -18.66 -57.15
N ILE C 149 19.57 -18.58 -58.15
CA ILE C 149 19.97 -18.16 -59.48
C ILE C 149 18.98 -17.25 -60.16
N CYS C 150 19.43 -16.59 -61.21
CA CYS C 150 18.53 -15.86 -62.07
C CYS C 150 17.66 -16.86 -62.82
N LYS C 151 16.40 -16.57 -63.05
CA LYS C 151 15.56 -17.45 -63.88
C LYS C 151 15.39 -16.83 -65.25
N SER C 152 15.47 -15.51 -65.34
CA SER C 152 15.29 -14.79 -66.59
C SER C 152 16.54 -14.89 -67.43
N LYS C 153 17.66 -14.45 -66.89
CA LYS C 153 18.96 -14.55 -67.52
C LYS C 153 19.53 -15.89 -67.11
N GLY C 154 20.48 -16.40 -67.86
CA GLY C 154 21.07 -17.69 -67.55
C GLY C 154 21.84 -17.67 -66.25
N SER C 155 22.24 -18.82 -65.78
CA SER C 155 23.16 -18.95 -64.66
C SER C 155 24.04 -20.14 -64.92
N SER C 156 25.34 -19.98 -64.87
CA SER C 156 26.30 -21.07 -65.11
C SER C 156 26.31 -22.15 -64.02
N ARG C 157 25.61 -21.89 -62.92
CA ARG C 157 25.47 -22.74 -61.75
C ARG C 157 24.01 -23.10 -61.53
N ASN C 158 23.70 -24.31 -61.09
CA ASN C 158 22.34 -24.74 -60.80
C ASN C 158 21.94 -24.28 -59.41
N GLU C 159 20.70 -23.85 -59.20
CA GLU C 159 20.26 -23.39 -57.89
C GLU C 159 20.36 -24.49 -56.86
N SER C 160 20.96 -24.21 -55.72
CA SER C 160 21.08 -25.22 -54.71
C SER C 160 21.27 -24.59 -53.35
N TRP C 161 20.22 -24.56 -52.55
CA TRP C 161 20.30 -24.06 -51.19
C TRP C 161 19.88 -25.11 -50.18
N HIS C 162 19.17 -26.14 -50.58
CA HIS C 162 18.82 -27.25 -49.74
C HIS C 162 18.86 -28.53 -50.54
N PHE C 163 19.10 -29.65 -49.89
CA PHE C 163 19.09 -30.97 -50.48
C PHE C 163 18.08 -31.85 -49.77
N ASP C 164 16.84 -31.84 -50.22
CA ASP C 164 15.76 -32.63 -49.65
C ASP C 164 15.04 -33.36 -50.76
N LYS C 165 15.46 -34.59 -51.06
CA LYS C 165 14.84 -35.39 -52.12
C LYS C 165 13.37 -35.67 -51.82
N SER C 166 13.03 -35.89 -50.56
CA SER C 166 11.68 -36.08 -50.03
C SER C 166 11.25 -34.79 -49.33
N GLU C 167 9.99 -34.36 -49.38
CA GLU C 167 9.57 -33.10 -48.75
C GLU C 167 9.80 -33.12 -47.23
N PRO C 168 10.47 -32.11 -46.66
CA PRO C 168 10.71 -32.08 -45.24
C PRO C 168 9.46 -31.61 -44.49
N LEU C 169 9.47 -31.68 -43.17
CA LEU C 169 8.38 -31.20 -42.36
C LEU C 169 8.32 -29.70 -42.42
N CYS C 170 7.24 -29.12 -42.91
CA CYS C 170 7.03 -27.69 -43.00
C CYS C 170 5.99 -27.20 -42.00
N LEU C 171 6.35 -26.30 -41.08
CA LEU C 171 5.37 -25.69 -40.18
C LEU C 171 4.52 -24.65 -40.89
N PHE C 172 5.06 -23.98 -41.88
CA PHE C 172 4.39 -22.95 -42.63
C PHE C 172 4.83 -23.01 -44.07
N LYS C 173 3.94 -22.71 -44.99
CA LYS C 173 4.19 -22.70 -46.41
C LYS C 173 3.11 -21.90 -47.07
N LYS C 174 3.43 -20.76 -47.64
CA LYS C 174 2.45 -19.91 -48.30
C LYS C 174 3.11 -18.98 -49.29
N ASN C 175 2.37 -18.56 -50.28
CA ASN C 175 2.82 -17.69 -51.33
C ASN C 175 2.07 -16.38 -51.23
N PHE C 176 2.79 -15.30 -51.49
CA PHE C 176 2.28 -13.96 -51.48
C PHE C 176 2.71 -13.31 -52.77
N THR C 177 2.05 -12.28 -53.23
CA THR C 177 2.40 -11.61 -54.47
C THR C 177 2.95 -10.24 -54.18
N TYR C 178 3.76 -9.69 -55.06
CA TYR C 178 4.25 -8.34 -54.92
C TYR C 178 4.26 -7.69 -56.27
N ASN C 179 4.22 -6.38 -56.30
CA ASN C 179 4.18 -5.63 -57.54
C ASN C 179 5.57 -5.71 -58.15
N VAL C 180 5.66 -6.34 -59.30
CA VAL C 180 6.90 -6.57 -60.03
C VAL C 180 7.59 -5.31 -60.47
N SER C 181 6.90 -4.28 -60.92
CA SER C 181 7.55 -3.06 -61.36
C SER C 181 8.02 -2.15 -60.23
N THR C 182 7.90 -2.51 -58.96
CA THR C 182 8.37 -1.68 -57.82
C THR C 182 9.86 -1.54 -57.77
N ASP C 183 10.38 -0.53 -57.10
CA ASP C 183 11.82 -0.38 -56.95
C ASP C 183 12.33 -0.93 -55.64
N TRP C 184 11.54 -0.86 -54.57
CA TRP C 184 11.94 -1.28 -53.25
C TRP C 184 10.86 -2.08 -52.55
N LEU C 185 11.24 -3.12 -51.84
CA LEU C 185 10.38 -3.93 -51.00
C LEU C 185 10.92 -3.82 -49.60
N TYR C 186 10.08 -3.70 -48.61
CA TYR C 186 10.50 -3.62 -47.23
C TYR C 186 10.01 -4.81 -46.48
N PHE C 187 10.78 -5.34 -45.54
CA PHE C 187 10.35 -6.48 -44.75
C PHE C 187 10.69 -6.28 -43.29
N HIS C 188 9.80 -6.66 -42.39
CA HIS C 188 10.05 -6.68 -40.97
C HIS C 188 10.08 -8.13 -40.56
N PHE C 189 11.15 -8.59 -39.94
CA PHE C 189 11.24 -9.95 -39.43
C PHE C 189 11.65 -9.88 -37.98
N TYR C 190 10.87 -10.39 -37.06
CA TYR C 190 11.23 -10.34 -35.65
C TYR C 190 10.60 -11.47 -34.90
N GLN C 191 11.06 -11.70 -33.68
CA GLN C 191 10.51 -12.74 -32.83
C GLN C 191 10.20 -12.20 -31.45
N GLU C 192 9.12 -12.66 -30.86
CA GLU C 192 8.68 -12.26 -29.54
C GLU C 192 8.02 -13.44 -28.86
N ARG C 193 8.47 -13.83 -27.67
CA ARG C 193 7.89 -14.92 -26.89
C ARG C 193 7.73 -16.21 -27.68
N GLY C 194 8.75 -16.59 -28.41
CA GLY C 194 8.78 -17.79 -29.22
C GLY C 194 8.00 -17.74 -30.51
N THR C 195 7.48 -16.61 -30.93
CA THR C 195 6.70 -16.48 -32.15
C THR C 195 7.39 -15.60 -33.13
N PHE C 196 7.60 -16.05 -34.35
CA PHE C 196 8.21 -15.29 -35.41
C PHE C 196 7.15 -14.52 -36.15
N TYR C 197 7.38 -13.25 -36.43
CA TYR C 197 6.46 -12.42 -37.16
C TYR C 197 7.14 -11.87 -38.39
N ALA C 198 6.42 -11.78 -39.49
CA ALA C 198 6.91 -11.23 -40.74
C ALA C 198 5.95 -10.20 -41.30
N TYR C 199 6.45 -9.10 -41.79
CA TYR C 199 5.65 -8.07 -42.42
C TYR C 199 6.36 -7.64 -43.68
N TYR C 200 5.67 -7.12 -44.66
CA TYR C 200 6.30 -6.65 -45.88
C TYR C 200 5.48 -5.59 -46.55
N ALA C 201 6.06 -4.88 -47.48
CA ALA C 201 5.38 -3.89 -48.27
C ALA C 201 6.19 -3.67 -49.51
N ASP C 202 5.58 -3.69 -50.67
CA ASP C 202 6.20 -3.49 -51.96
C ASP C 202 5.98 -2.06 -52.42
N SER C 203 6.37 -1.09 -51.61
CA SER C 203 6.32 0.36 -51.84
C SER C 203 6.90 1.04 -50.62
N GLY C 204 7.12 2.34 -50.64
CA GLY C 204 7.67 3.06 -49.50
C GLY C 204 6.64 3.40 -48.43
N MET C 205 5.90 2.42 -47.95
CA MET C 205 4.88 2.57 -46.92
C MET C 205 5.23 1.70 -45.71
N PRO C 206 4.52 1.78 -44.58
CA PRO C 206 4.73 0.89 -43.48
C PRO C 206 4.46 -0.53 -43.93
N THR C 207 5.15 -1.52 -43.42
CA THR C 207 4.93 -2.89 -43.84
C THR C 207 3.62 -3.44 -43.30
N THR C 208 3.07 -4.45 -43.96
CA THR C 208 1.80 -5.10 -43.67
C THR C 208 2.04 -6.53 -43.21
N PHE C 209 1.19 -7.07 -42.35
CA PHE C 209 1.37 -8.40 -41.81
C PHE C 209 1.35 -9.52 -42.84
N LEU C 210 2.39 -10.34 -42.87
CA LEU C 210 2.48 -11.48 -43.77
C LEU C 210 1.96 -12.71 -43.06
N PHE C 211 2.62 -13.12 -41.99
CA PHE C 211 2.29 -14.30 -41.22
C PHE C 211 2.98 -14.29 -39.88
N SER C 212 2.44 -15.06 -38.96
CA SER C 212 2.94 -15.29 -37.63
C SER C 212 3.17 -16.78 -37.47
N LEU C 213 4.29 -17.21 -36.94
CA LEU C 213 4.56 -18.61 -36.73
C LEU C 213 5.10 -18.90 -35.36
N TYR C 214 4.50 -19.80 -34.59
CA TYR C 214 5.05 -20.16 -33.31
C TYR C 214 6.14 -21.18 -33.49
N LEU C 215 7.27 -20.98 -32.83
CA LEU C 215 8.42 -21.87 -32.89
C LEU C 215 8.87 -22.26 -31.52
N GLY C 216 8.64 -21.47 -30.50
CA GLY C 216 9.08 -21.73 -29.14
C GLY C 216 10.56 -21.43 -28.99
N THR C 217 11.38 -21.92 -29.90
CA THR C 217 12.82 -21.69 -29.91
C THR C 217 13.12 -20.32 -30.42
N LEU C 218 14.32 -19.84 -30.17
CA LEU C 218 14.78 -18.54 -30.63
C LEU C 218 15.55 -18.70 -31.93
N LEU C 219 15.16 -18.00 -32.96
CA LEU C 219 15.93 -17.93 -34.19
C LEU C 219 17.18 -17.17 -33.83
N SER C 220 18.36 -17.65 -34.22
CA SER C 220 19.60 -17.01 -33.85
C SER C 220 20.34 -16.41 -34.99
N HIS C 221 20.09 -16.79 -36.24
CA HIS C 221 20.87 -16.27 -37.35
C HIS C 221 20.04 -16.10 -38.58
N TYR C 222 20.47 -15.22 -39.45
CA TYR C 222 19.87 -15.02 -40.74
C TYR C 222 20.99 -14.88 -41.75
N TYR C 223 20.69 -15.09 -43.00
CA TYR C 223 21.68 -15.01 -44.04
C TYR C 223 21.01 -14.69 -45.34
N VAL C 224 21.53 -13.76 -46.11
CA VAL C 224 20.98 -13.44 -47.41
C VAL C 224 21.75 -14.28 -48.40
N LEU C 225 21.09 -15.17 -49.10
CA LEU C 225 21.72 -16.10 -50.01
C LEU C 225 22.32 -15.42 -51.21
N PRO C 226 23.52 -15.80 -51.66
CA PRO C 226 24.08 -15.29 -52.88
C PRO C 226 23.20 -15.70 -54.04
N LEU C 227 23.12 -14.88 -55.07
CA LEU C 227 22.37 -15.16 -56.26
C LEU C 227 23.36 -15.19 -57.39
N THR C 228 23.44 -16.27 -58.14
CA THR C 228 24.38 -16.40 -59.24
C THR C 228 23.67 -16.23 -60.53
N CYS C 229 24.17 -15.40 -61.42
CA CYS C 229 23.46 -15.11 -62.64
C CYS C 229 24.42 -14.55 -63.68
N ASN C 230 24.29 -14.89 -64.94
CA ASN C 230 25.19 -14.38 -65.98
C ASN C 230 24.96 -12.91 -66.35
N ALA C 231 24.11 -12.20 -65.63
CA ALA C 231 23.78 -10.79 -65.82
C ALA C 231 24.05 -10.01 -64.53
N ILE C 232 23.48 -8.85 -64.29
CA ILE C 232 23.65 -8.10 -63.05
C ILE C 232 25.10 -7.72 -62.73
N SER C 233 25.81 -7.11 -63.65
CA SER C 233 27.19 -6.67 -63.42
C SER C 233 27.56 -5.53 -64.34
N SER C 234 28.59 -4.77 -64.01
CA SER C 234 28.96 -3.61 -64.80
C SER C 234 29.36 -3.95 -66.22
N ASN C 235 29.96 -5.10 -66.44
CA ASN C 235 30.39 -5.49 -67.78
C ASN C 235 29.27 -6.09 -68.62
N THR C 236 28.05 -6.16 -68.12
CA THR C 236 26.94 -6.84 -68.82
C THR C 236 25.66 -6.03 -68.89
N ASP C 237 25.25 -5.32 -67.85
CA ASP C 237 24.02 -4.52 -67.85
C ASP C 237 23.98 -3.38 -66.84
N ASN C 238 25.02 -3.20 -66.03
CA ASN C 238 25.11 -2.19 -64.99
C ASN C 238 24.04 -2.32 -63.92
N GLU C 239 23.30 -3.40 -63.87
CA GLU C 239 22.31 -3.64 -62.84
C GLU C 239 22.99 -4.09 -61.55
N THR C 240 22.29 -4.21 -60.43
CA THR C 240 22.93 -4.53 -59.16
C THR C 240 21.96 -5.05 -58.12
N LEU C 241 22.28 -6.08 -57.34
CA LEU C 241 21.42 -6.53 -56.24
C LEU C 241 21.67 -5.66 -55.03
N GLN C 242 20.67 -5.41 -54.20
CA GLN C 242 20.89 -4.74 -52.94
C GLN C 242 19.92 -5.29 -51.93
N TYR C 243 20.40 -5.71 -50.78
CA TYR C 243 19.55 -6.22 -49.74
C TYR C 243 20.01 -5.56 -48.47
N TRP C 244 19.50 -4.39 -48.17
CA TRP C 244 19.90 -3.62 -47.01
C TRP C 244 19.24 -4.14 -45.77
N VAL C 245 19.96 -4.22 -44.66
CA VAL C 245 19.45 -4.74 -43.40
C VAL C 245 19.83 -3.84 -42.25
N THR C 246 18.91 -3.57 -41.32
CA THR C 246 19.16 -2.83 -40.10
C THR C 246 18.52 -3.56 -38.94
N PRO C 247 19.09 -3.62 -37.74
CA PRO C 247 18.51 -4.37 -36.66
C PRO C 247 17.28 -3.72 -36.05
N LEU C 248 16.42 -4.53 -35.46
CA LEU C 248 15.24 -4.10 -34.72
C LEU C 248 15.52 -4.19 -33.24
N SER C 249 14.72 -3.53 -32.44
CA SER C 249 14.80 -3.59 -30.98
C SER C 249 13.45 -3.20 -30.41
N LYS C 250 13.14 -3.60 -29.19
CA LYS C 250 11.89 -3.25 -28.52
C LYS C 250 11.97 -1.76 -28.28
N ARG C 251 11.09 -1.00 -28.90
CA ARG C 251 11.19 0.46 -28.93
C ARG C 251 9.84 1.13 -28.98
N GLN C 252 9.60 2.16 -28.20
CA GLN C 252 8.34 2.88 -28.24
C GLN C 252 8.33 3.86 -29.39
N TYR C 253 7.30 3.86 -30.22
CA TYR C 253 7.13 4.76 -31.34
C TYR C 253 5.82 5.47 -31.25
N LEU C 254 5.73 6.65 -31.82
CA LEU C 254 4.49 7.38 -31.91
C LEU C 254 4.02 7.12 -33.31
N LEU C 255 2.83 6.59 -33.51
CA LEU C 255 2.28 6.32 -34.81
C LEU C 255 1.11 7.23 -35.07
N LYS C 256 1.06 7.97 -36.17
CA LYS C 256 -0.02 8.88 -36.54
C LYS C 256 -0.81 8.27 -37.67
N PHE C 257 -2.09 8.04 -37.49
CA PHE C 257 -3.01 7.49 -38.47
C PHE C 257 -3.93 8.55 -39.02
N ASP C 258 -4.18 8.62 -40.31
CA ASP C 258 -5.12 9.61 -40.85
C ASP C 258 -6.54 9.07 -40.85
N ASN C 259 -7.51 9.71 -41.47
CA ASN C 259 -8.89 9.27 -41.47
C ASN C 259 -9.13 8.00 -42.29
N ARG C 260 -8.16 7.54 -43.07
CA ARG C 260 -8.24 6.32 -43.87
C ARG C 260 -7.47 5.20 -43.23
N GLY C 261 -6.92 5.42 -42.06
CA GLY C 261 -6.16 4.43 -41.34
C GLY C 261 -4.73 4.26 -41.78
N VAL C 262 -4.18 5.12 -42.62
CA VAL C 262 -2.81 5.01 -43.12
C VAL C 262 -1.85 5.67 -42.16
N ILE C 263 -0.71 5.05 -41.86
CA ILE C 263 0.28 5.66 -40.98
C ILE C 263 0.96 6.75 -41.78
N THR C 264 0.67 8.00 -41.51
CA THR C 264 1.25 9.11 -42.24
C THR C 264 2.57 9.50 -41.69
N ASN C 265 2.75 9.42 -40.38
CA ASN C 265 3.96 9.80 -39.69
C ASN C 265 4.26 8.89 -38.53
N ALA C 266 5.51 8.81 -38.16
CA ALA C 266 5.95 8.07 -37.02
C ALA C 266 7.11 8.77 -36.36
N VAL C 267 7.32 8.57 -35.07
CA VAL C 267 8.42 9.18 -34.35
C VAL C 267 9.10 8.14 -33.50
N ASP C 268 10.41 8.00 -33.56
CA ASP C 268 11.13 7.10 -32.66
C ASP C 268 11.35 7.85 -31.36
N CYS C 269 10.61 7.51 -30.32
CA CYS C 269 10.60 8.27 -29.09
C CYS C 269 11.94 8.44 -28.42
N SER C 270 12.79 7.43 -28.37
CA SER C 270 14.07 7.59 -27.71
C SER C 270 15.16 8.13 -28.62
N SER C 271 14.90 8.44 -29.88
CA SER C 271 15.97 8.85 -30.78
C SER C 271 16.65 10.16 -30.42
N SER C 272 15.93 11.15 -29.95
CA SER C 272 16.47 12.45 -29.61
C SER C 272 15.63 13.16 -28.58
N PHE C 273 16.10 14.30 -28.07
CA PHE C 273 15.32 15.14 -27.16
C PHE C 273 14.02 15.63 -27.80
N PHE C 274 14.03 16.05 -29.06
CA PHE C 274 12.80 16.50 -29.67
C PHE C 274 11.86 15.34 -29.86
N SER C 275 12.32 14.16 -30.20
CA SER C 275 11.45 13.01 -30.33
C SER C 275 10.84 12.65 -29.01
N GLU C 276 11.51 12.85 -27.90
CA GLU C 276 10.96 12.61 -26.59
C GLU C 276 9.81 13.56 -26.28
N ILE C 277 9.89 14.82 -26.65
CA ILE C 277 8.83 15.81 -26.50
C ILE C 277 7.64 15.45 -27.38
N GLN C 278 7.89 15.05 -28.61
CA GLN C 278 6.84 14.63 -29.50
C GLN C 278 6.12 13.44 -28.91
N CYS C 279 6.80 12.47 -28.30
CA CYS C 279 6.09 11.37 -27.70
C CYS C 279 5.41 11.75 -26.40
N LYS C 280 5.99 12.61 -25.57
CA LYS C 280 5.38 13.02 -24.31
C LYS C 280 4.07 13.73 -24.54
N THR C 281 4.02 14.61 -25.51
CA THR C 281 2.83 15.37 -25.85
C THR C 281 1.95 14.66 -26.84
N LYS C 282 2.35 13.50 -27.33
CA LYS C 282 1.64 12.69 -28.33
C LYS C 282 1.29 13.51 -29.56
N SER C 283 2.18 14.37 -30.02
CA SER C 283 1.88 15.19 -31.19
C SER C 283 3.12 15.43 -32.02
N LEU C 284 2.95 15.55 -33.33
CA LEU C 284 4.05 15.78 -34.25
C LEU C 284 4.68 17.13 -34.05
N LEU C 285 3.90 18.18 -33.79
CA LEU C 285 4.42 19.50 -33.48
C LEU C 285 3.96 19.92 -32.09
N PRO C 286 4.76 19.74 -31.05
CA PRO C 286 4.37 20.07 -29.70
C PRO C 286 4.11 21.54 -29.49
N ASN C 287 3.34 21.92 -28.48
CA ASN C 287 3.14 23.33 -28.20
C ASN C 287 4.43 24.01 -27.77
N THR C 288 4.53 25.30 -27.94
CA THR C 288 5.59 26.07 -27.33
C THR C 288 5.50 25.90 -25.85
N GLY C 289 6.60 25.61 -25.19
CA GLY C 289 6.67 25.49 -23.76
C GLY C 289 7.98 24.93 -23.41
N VAL C 290 8.26 24.76 -22.13
CA VAL C 290 9.54 24.22 -21.62
C VAL C 290 9.34 22.83 -21.01
N TYR C 291 10.04 21.83 -21.54
CA TYR C 291 9.80 20.47 -21.19
C TYR C 291 10.98 19.97 -20.41
N ASP C 292 10.74 19.47 -19.23
CA ASP C 292 11.76 18.80 -18.50
C ASP C 292 11.77 17.36 -18.93
N LEU C 293 12.80 16.97 -19.65
CA LEU C 293 12.96 15.63 -20.17
C LEU C 293 13.38 14.64 -19.11
N SER C 294 13.27 13.36 -19.42
CA SER C 294 13.54 12.28 -18.49
C SER C 294 14.98 12.34 -18.03
N GLY C 295 15.19 12.23 -16.72
CA GLY C 295 16.50 12.31 -16.11
C GLY C 295 17.36 11.13 -16.53
N PHE C 296 18.55 11.41 -17.07
CA PHE C 296 19.58 10.39 -17.30
C PHE C 296 20.59 10.36 -16.15
N THR C 297 21.27 9.23 -16.01
CA THR C 297 22.27 8.98 -14.96
C THR C 297 23.58 8.57 -15.63
N VAL C 298 24.72 9.12 -15.19
CA VAL C 298 26.01 8.70 -15.75
C VAL C 298 26.28 7.25 -15.36
N LYS C 299 26.56 6.39 -16.35
CA LYS C 299 26.77 4.97 -16.08
C LYS C 299 28.07 4.78 -15.29
N PRO C 300 28.11 3.89 -14.29
CA PRO C 300 29.32 3.68 -13.50
C PRO C 300 30.43 3.12 -14.38
N VAL C 301 31.64 3.66 -14.25
CA VAL C 301 32.79 3.34 -15.09
C VAL C 301 33.45 2.05 -14.61
N ALA C 302 33.75 1.99 -13.31
CA ALA C 302 34.39 0.85 -12.66
C ALA C 302 33.49 0.19 -11.62
N THR C 303 33.96 -0.94 -11.08
CA THR C 303 33.35 -1.62 -9.92
C THR C 303 34.37 -1.75 -8.79
N VAL C 304 33.99 -1.39 -7.55
CA VAL C 304 34.82 -1.53 -6.36
C VAL C 304 34.20 -2.54 -5.38
N HIS C 305 34.97 -3.53 -4.93
CA HIS C 305 34.51 -4.57 -4.02
C HIS C 305 35.38 -4.64 -2.77
N ARG C 306 34.78 -4.73 -1.58
CA ARG C 306 35.47 -5.02 -0.32
C ARG C 306 34.68 -5.96 0.59
N ARG C 307 35.37 -6.94 1.16
CA ARG C 307 34.86 -7.82 2.22
C ARG C 307 35.96 -8.08 3.25
N ILE C 308 35.64 -7.92 4.54
CA ILE C 308 36.40 -8.58 5.60
C ILE C 308 36.04 -10.06 5.56
N PRO C 309 37.00 -10.99 5.47
CA PRO C 309 36.70 -12.42 5.47
C PRO C 309 36.35 -12.92 6.88
N ASP C 310 35.88 -14.16 6.99
CA ASP C 310 35.29 -14.70 8.23
C ASP C 310 36.18 -15.79 8.85
N LEU C 311 37.33 -16.04 8.21
CA LEU C 311 38.26 -17.13 8.44
C LEU C 311 39.70 -16.63 8.24
N PRO C 312 40.70 -17.21 8.90
CA PRO C 312 42.10 -16.81 8.76
C PRO C 312 42.66 -17.22 7.40
N ASP C 313 43.79 -16.64 7.00
CA ASP C 313 44.60 -17.22 5.92
C ASP C 313 45.29 -18.50 6.40
N CYS C 314 45.40 -19.52 5.53
CA CYS C 314 45.87 -20.85 5.93
C CYS C 314 47.38 -20.92 6.27
N ASP C 315 48.20 -19.97 5.78
CA ASP C 315 49.67 -19.95 5.98
C ASP C 315 50.42 -21.20 5.46
N ILE C 316 49.87 -21.89 4.45
CA ILE C 316 50.48 -23.11 3.88
C ILE C 316 51.90 -22.82 3.38
N ASP C 317 52.12 -21.66 2.77
CA ASP C 317 53.42 -21.20 2.30
C ASP C 317 54.43 -21.10 3.45
N LYS C 318 54.04 -20.53 4.60
CA LYS C 318 54.92 -20.40 5.77
C LYS C 318 55.24 -21.77 6.39
N TRP C 319 54.33 -22.73 6.33
CA TRP C 319 54.60 -24.08 6.82
C TRP C 319 55.46 -24.92 5.86
N LEU C 320 55.22 -24.83 4.55
CA LEU C 320 56.08 -25.47 3.54
C LEU C 320 57.48 -24.83 3.50
N ASN C 321 57.60 -23.53 3.78
CA ASN C 321 58.89 -22.85 3.88
C ASN C 321 59.63 -23.10 5.21
N ASN C 322 59.12 -23.93 6.13
CA ASN C 322 59.82 -24.22 7.38
C ASN C 322 61.17 -24.92 7.09
N PHE C 323 62.26 -24.43 7.67
CA PHE C 323 63.60 -24.92 7.38
C PHE C 323 63.93 -26.23 8.08
N ASN C 324 63.09 -26.67 9.02
CA ASN C 324 63.28 -27.95 9.70
C ASN C 324 62.44 -29.04 9.04
N VAL C 325 62.76 -29.34 7.77
CA VAL C 325 62.07 -30.34 6.95
C VAL C 325 62.40 -31.77 7.40
N PRO C 326 61.42 -32.68 7.44
CA PRO C 326 61.63 -34.06 7.85
C PRO C 326 62.17 -34.92 6.71
N SER C 327 62.64 -36.12 7.07
CA SER C 327 63.03 -37.13 6.08
C SER C 327 61.85 -38.03 5.76
N PRO C 328 61.87 -38.68 4.59
CA PRO C 328 60.87 -39.69 4.28
C PRO C 328 60.44 -40.56 5.45
N LEU C 329 61.40 -40.97 6.28
CA LEU C 329 61.10 -41.85 7.40
C LEU C 329 60.17 -41.19 8.41
N ASN C 330 60.37 -39.91 8.68
CA ASN C 330 59.61 -39.19 9.70
C ASN C 330 58.82 -38.03 9.12
N TRP C 331 58.11 -38.27 8.01
CA TRP C 331 57.43 -37.19 7.31
C TRP C 331 56.39 -36.52 8.20
N GLU C 332 56.25 -35.22 8.05
CA GLU C 332 55.33 -34.42 8.84
C GLU C 332 54.00 -34.26 8.12
N ARG C 333 52.93 -34.27 8.89
CA ARG C 333 51.58 -34.11 8.36
C ARG C 333 50.89 -32.95 9.10
N LYS C 334 50.32 -32.03 8.33
CA LYS C 334 49.56 -30.91 8.88
C LYS C 334 48.19 -30.88 8.22
N ILE C 335 47.12 -30.66 8.99
CA ILE C 335 45.74 -30.57 8.47
C ILE C 335 45.40 -29.11 8.35
N PHE C 336 45.08 -28.67 7.13
CA PHE C 336 44.65 -27.31 6.86
C PHE C 336 43.15 -27.32 6.63
N SER C 337 42.42 -26.53 7.40
CA SER C 337 40.95 -26.52 7.37
C SER C 337 40.38 -25.17 7.80
N ASN C 338 39.18 -24.84 7.31
CA ASN C 338 38.41 -23.67 7.73
C ASN C 338 39.24 -22.37 7.68
N CYS C 339 39.92 -22.14 6.56
CA CYS C 339 40.81 -21.01 6.31
C CYS C 339 40.82 -20.69 4.82
N ASN C 340 41.15 -19.46 4.45
CA ASN C 340 41.32 -19.07 3.05
C ASN C 340 42.77 -19.24 2.56
N PHE C 341 42.95 -19.51 1.27
CA PHE C 341 44.28 -19.55 0.64
C PHE C 341 44.23 -19.03 -0.79
N ASN C 342 45.40 -18.71 -1.35
CA ASN C 342 45.59 -18.32 -2.74
C ASN C 342 46.74 -19.12 -3.34
N LEU C 343 46.48 -20.11 -4.20
CA LEU C 343 47.51 -21.10 -4.47
C LEU C 343 48.55 -20.60 -5.45
N SER C 344 48.24 -19.57 -6.22
CA SER C 344 49.24 -19.01 -7.12
C SER C 344 50.37 -18.35 -6.32
N THR C 345 50.02 -17.55 -5.32
CA THR C 345 51.04 -16.99 -4.44
C THR C 345 51.70 -18.09 -3.61
N LEU C 346 50.96 -19.14 -3.25
CA LEU C 346 51.57 -20.30 -2.58
C LEU C 346 52.68 -20.88 -3.47
N LEU C 347 52.42 -21.10 -4.76
CA LEU C 347 53.42 -21.66 -5.63
C LEU C 347 54.58 -20.70 -5.85
N ARG C 348 54.28 -19.40 -5.95
CA ARG C 348 55.34 -18.41 -6.12
C ARG C 348 56.24 -18.36 -4.89
N LEU C 349 55.66 -18.45 -3.69
CA LEU C 349 56.43 -18.33 -2.46
C LEU C 349 57.23 -19.57 -2.13
N VAL C 350 56.77 -20.78 -2.49
CA VAL C 350 57.54 -22.02 -2.21
C VAL C 350 58.60 -22.30 -3.27
N HIS C 351 58.60 -21.56 -4.40
CA HIS C 351 59.43 -21.82 -5.58
C HIS C 351 59.18 -23.23 -6.12
N THR C 352 58.00 -23.43 -6.71
CA THR C 352 57.59 -24.75 -7.19
C THR C 352 58.51 -25.23 -8.31
N ASP C 353 58.93 -26.49 -8.25
CA ASP C 353 59.69 -27.19 -9.30
C ASP C 353 58.74 -27.90 -10.28
N SER C 354 57.66 -28.51 -9.78
CA SER C 354 56.69 -29.22 -10.60
C SER C 354 55.44 -29.45 -9.77
N PHE C 355 54.28 -29.14 -10.34
CA PHE C 355 53.01 -29.32 -9.65
C PHE C 355 52.10 -30.15 -10.53
N SER C 356 51.63 -31.28 -10.00
CA SER C 356 50.74 -32.15 -10.74
C SER C 356 49.74 -32.77 -9.78
N CYS C 357 48.58 -33.13 -10.32
CA CYS C 357 47.47 -33.64 -9.51
C CYS C 357 47.06 -35.01 -10.02
N ASN C 358 46.50 -35.81 -9.11
CA ASN C 358 46.04 -37.16 -9.41
C ASN C 358 44.57 -37.28 -9.00
N ASN C 359 43.75 -37.83 -9.88
CA ASN C 359 42.29 -37.84 -9.75
C ASN C 359 41.72 -36.43 -9.67
N PHE C 360 42.45 -35.44 -10.15
CA PHE C 360 42.07 -34.04 -10.03
C PHE C 360 42.95 -33.23 -10.96
N ASP C 361 42.63 -31.94 -11.09
CA ASP C 361 43.40 -31.03 -11.92
C ASP C 361 43.70 -29.76 -11.14
N GLU C 362 44.85 -29.16 -11.46
CA GLU C 362 45.26 -27.92 -10.79
C GLU C 362 44.26 -26.80 -11.05
N SER C 363 43.64 -26.78 -12.23
CA SER C 363 42.77 -25.67 -12.60
C SER C 363 41.54 -25.59 -11.70
N LYS C 364 40.93 -26.72 -11.35
CA LYS C 364 39.73 -26.69 -10.53
C LYS C 364 40.01 -26.47 -9.05
N ILE C 365 41.29 -26.46 -8.64
CA ILE C 365 41.61 -26.01 -7.29
C ILE C 365 41.17 -24.56 -7.13
N TYR C 366 41.32 -23.76 -8.18
CA TYR C 366 40.95 -22.36 -8.15
C TYR C 366 39.45 -22.23 -7.92
N GLY C 367 39.07 -21.52 -6.86
CA GLY C 367 37.67 -21.26 -6.58
C GLY C 367 36.90 -22.39 -5.92
N SER C 368 37.16 -23.64 -6.28
CA SER C 368 36.52 -24.76 -5.62
C SER C 368 37.25 -25.05 -4.31
N CYS C 369 36.49 -25.46 -3.30
CA CYS C 369 37.02 -25.54 -1.95
C CYS C 369 36.48 -26.76 -1.20
N PHE C 370 37.16 -27.12 -0.10
CA PHE C 370 37.12 -28.46 0.46
C PHE C 370 36.91 -28.49 1.99
N LYS C 371 36.46 -29.64 2.50
CA LYS C 371 36.34 -29.90 3.94
C LYS C 371 37.68 -29.77 4.66
N SER C 372 38.76 -30.30 4.08
CA SER C 372 40.14 -30.02 4.52
C SER C 372 41.18 -30.39 3.46
N ILE C 373 42.40 -29.85 3.60
CA ILE C 373 43.57 -30.25 2.82
C ILE C 373 44.52 -31.02 3.74
N VAL C 374 44.87 -32.24 3.36
CA VAL C 374 45.90 -33.04 4.03
C VAL C 374 47.22 -32.77 3.34
N LEU C 375 48.22 -32.26 4.07
CA LEU C 375 49.51 -31.93 3.50
C LEU C 375 50.67 -32.64 4.21
N ASP C 376 51.39 -33.47 3.44
CA ASP C 376 52.57 -34.21 3.90
C ASP C 376 53.77 -33.72 3.12
N LYS C 377 54.84 -33.36 3.85
CA LYS C 377 56.06 -32.79 3.27
C LYS C 377 57.30 -33.51 3.76
N PHE C 378 58.32 -33.59 2.91
CA PHE C 378 59.67 -34.05 3.28
C PHE C 378 60.71 -33.70 2.22
N ALA C 379 61.99 -33.67 2.61
CA ALA C 379 63.09 -33.50 1.66
C ALA C 379 63.30 -34.76 0.81
N ILE C 380 63.89 -34.61 -0.39
CA ILE C 380 64.07 -35.73 -1.32
C ILE C 380 65.55 -36.12 -1.39
N PRO C 381 65.96 -37.35 -1.05
CA PRO C 381 67.30 -37.84 -1.33
C PRO C 381 67.53 -37.88 -2.86
N ASN C 382 68.56 -37.21 -3.38
CA ASN C 382 68.71 -36.92 -4.81
C ASN C 382 68.58 -38.16 -5.72
N SER C 383 69.28 -39.24 -5.41
CA SER C 383 69.25 -40.48 -6.19
C SER C 383 67.92 -41.24 -6.09
N ARG C 384 67.04 -40.89 -5.14
CA ARG C 384 65.71 -41.50 -4.96
C ARG C 384 64.55 -40.67 -5.53
N ARG C 385 64.81 -39.62 -6.29
CA ARG C 385 63.78 -38.75 -6.90
C ARG C 385 62.72 -39.53 -7.67
N SER C 386 63.08 -40.62 -8.35
CA SER C 386 62.11 -41.35 -9.17
C SER C 386 61.15 -42.21 -8.34
N ASP C 387 61.46 -42.45 -7.07
CA ASP C 387 60.59 -43.30 -6.25
C ASP C 387 59.25 -42.65 -5.98
N LEU C 388 59.21 -41.32 -5.84
CA LEU C 388 57.98 -40.61 -5.48
C LEU C 388 56.99 -40.47 -6.63
N GLN C 389 57.21 -41.17 -7.74
CA GLN C 389 56.28 -41.13 -8.86
C GLN C 389 55.13 -42.12 -8.61
N LEU C 390 53.97 -41.79 -9.18
CA LEU C 390 52.79 -42.62 -8.97
C LEU C 390 52.99 -44.01 -9.56
N GLY C 391 52.58 -45.03 -8.81
CA GLY C 391 52.71 -46.40 -9.24
C GLY C 391 54.07 -47.01 -9.03
N SER C 392 55.03 -46.26 -8.46
CA SER C 392 56.38 -46.76 -8.27
C SER C 392 56.46 -47.63 -7.02
N SER C 393 57.24 -48.70 -7.12
CA SER C 393 57.58 -49.54 -5.98
C SER C 393 58.93 -49.18 -5.38
N GLY C 394 59.37 -47.93 -5.54
CA GLY C 394 60.66 -47.52 -5.06
C GLY C 394 60.74 -47.50 -3.55
N PHE C 395 61.97 -47.36 -3.06
CA PHE C 395 62.22 -47.48 -1.62
C PHE C 395 61.45 -46.43 -0.83
N LEU C 396 61.38 -45.20 -1.35
CA LEU C 396 60.66 -44.13 -0.65
C LEU C 396 59.19 -44.49 -0.48
N GLN C 397 58.57 -45.00 -1.53
CA GLN C 397 57.18 -45.43 -1.42
C GLN C 397 57.04 -46.81 -0.75
N SER C 398 58.01 -47.71 -0.95
CA SER C 398 57.90 -49.05 -0.40
C SER C 398 58.03 -49.08 1.11
N SER C 399 58.87 -48.21 1.69
CA SER C 399 59.17 -48.29 3.11
C SER C 399 59.05 -46.98 3.87
N ASN C 400 58.79 -45.86 3.20
CA ASN C 400 58.75 -44.58 3.90
C ASN C 400 57.40 -43.90 3.84
N TYR C 401 56.78 -43.80 2.66
CA TYR C 401 55.51 -43.09 2.55
C TYR C 401 54.80 -43.51 1.27
N LYS C 402 53.61 -44.11 1.41
CA LYS C 402 52.73 -44.38 0.28
C LYS C 402 52.08 -43.08 -0.17
N ILE C 403 52.16 -42.80 -1.48
CA ILE C 403 51.38 -41.73 -2.07
C ILE C 403 50.08 -42.31 -2.61
N ASP C 404 48.97 -42.03 -1.93
CA ASP C 404 47.69 -42.64 -2.25
C ASP C 404 47.25 -42.20 -3.65
N THR C 405 47.16 -43.15 -4.57
CA THR C 405 46.75 -42.85 -5.93
C THR C 405 45.24 -42.96 -6.14
N THR C 406 44.49 -43.43 -5.15
CA THR C 406 43.05 -43.58 -5.30
C THR C 406 42.29 -42.30 -5.00
N SER C 407 42.67 -41.57 -3.96
CA SER C 407 41.99 -40.34 -3.58
C SER C 407 42.44 -39.20 -4.49
N SER C 408 41.64 -38.14 -4.51
CA SER C 408 41.99 -36.93 -5.24
C SER C 408 43.19 -36.27 -4.57
N SER C 409 44.36 -36.40 -5.18
CA SER C 409 45.60 -35.95 -4.57
C SER C 409 46.43 -35.18 -5.59
N CYS C 410 47.34 -34.35 -5.07
CA CYS C 410 48.24 -33.57 -5.90
C CYS C 410 49.66 -33.68 -5.35
N GLN C 411 50.63 -33.83 -6.24
CA GLN C 411 52.04 -33.94 -5.88
C GLN C 411 52.74 -32.66 -6.34
N LEU C 412 53.39 -32.00 -5.38
CA LEU C 412 54.06 -30.72 -5.54
C LEU C 412 55.53 -30.89 -5.16
N TYR C 413 56.41 -30.62 -6.10
CA TYR C 413 57.83 -30.51 -5.92
C TYR C 413 58.20 -29.03 -5.81
N TYR C 414 59.10 -28.68 -4.89
CA TYR C 414 59.58 -27.33 -4.64
C TYR C 414 60.99 -27.35 -4.06
N SER C 415 61.66 -26.20 -3.96
CA SER C 415 63.01 -26.16 -3.39
C SER C 415 63.27 -24.94 -2.52
N LEU C 416 64.09 -25.11 -1.47
CA LEU C 416 64.44 -24.08 -0.49
C LEU C 416 65.97 -23.87 -0.45
N PRO C 417 66.44 -22.65 -0.15
CA PRO C 417 67.88 -22.34 -0.15
C PRO C 417 68.63 -23.18 0.90
N ALA C 418 69.66 -23.90 0.45
CA ALA C 418 70.32 -24.93 1.26
C ALA C 418 71.03 -24.39 2.51
N ILE C 419 71.38 -23.10 2.54
CA ILE C 419 72.03 -22.46 3.69
C ILE C 419 71.13 -22.37 4.93
N ASN C 420 69.80 -22.48 4.80
CA ASN C 420 68.85 -22.41 5.89
C ASN C 420 68.23 -23.74 6.26
N VAL C 421 68.09 -24.65 5.29
CA VAL C 421 67.45 -25.96 5.49
C VAL C 421 68.35 -26.85 6.33
N THR C 422 67.81 -27.44 7.40
CA THR C 422 68.44 -28.52 8.14
C THR C 422 67.50 -29.71 8.17
N ILE C 423 67.95 -30.87 7.71
CA ILE C 423 67.10 -32.06 7.62
C ILE C 423 66.89 -32.64 9.02
N ASN C 424 65.64 -32.91 9.36
CA ASN C 424 65.26 -33.48 10.66
C ASN C 424 65.12 -34.98 10.50
N ASN C 425 66.25 -35.67 10.62
CA ASN C 425 66.27 -37.12 10.49
C ASN C 425 65.87 -37.76 11.83
N TYR C 426 64.70 -38.39 11.85
CA TYR C 426 64.20 -39.02 13.05
C TYR C 426 63.56 -40.35 12.69
N ASN C 427 63.63 -41.30 13.62
CA ASN C 427 63.07 -42.63 13.40
C ASN C 427 61.80 -42.78 14.22
N PRO C 428 60.62 -42.80 13.60
CA PRO C 428 59.38 -42.98 14.37
C PRO C 428 59.10 -44.42 14.77
N SER C 429 60.01 -45.34 14.51
CA SER C 429 59.81 -46.74 14.89
C SER C 429 59.84 -46.87 16.41
N SER C 430 58.74 -47.37 16.98
CA SER C 430 58.66 -47.52 18.43
C SER C 430 59.55 -48.64 18.94
N TRP C 431 59.51 -49.79 18.26
CA TRP C 431 60.28 -50.94 18.72
C TRP C 431 61.78 -50.81 18.43
N ASN C 432 62.15 -49.99 17.46
CA ASN C 432 63.57 -49.65 17.30
C ASN C 432 64.03 -48.75 18.44
N ARG C 433 63.22 -47.77 18.81
CA ARG C 433 63.56 -46.90 19.94
C ARG C 433 63.63 -47.68 21.24
N ARG C 434 62.75 -48.68 21.40
CA ARG C 434 62.76 -49.49 22.62
C ARG C 434 64.07 -50.27 22.76
N TYR C 435 64.59 -50.79 21.65
CA TYR C 435 65.72 -51.72 21.67
C TYR C 435 67.03 -51.05 21.24
N GLY C 436 67.24 -49.80 21.64
CA GLY C 436 68.56 -49.20 21.58
C GLY C 436 68.75 -48.08 20.57
N PHE C 437 67.86 -47.94 19.59
CA PHE C 437 68.04 -46.90 18.57
C PHE C 437 67.75 -45.54 19.19
N ASN C 438 68.76 -44.66 19.17
CA ASN C 438 68.63 -43.33 19.76
C ASN C 438 68.40 -42.25 18.71
N ASN C 439 69.33 -42.09 17.77
CA ASN C 439 69.24 -41.04 16.77
C ASN C 439 70.31 -41.29 15.71
N PHE C 440 70.21 -40.53 14.62
CA PHE C 440 71.19 -40.61 13.54
C PHE C 440 72.31 -39.60 13.75
N ASN C 441 73.46 -39.90 13.15
CA ASN C 441 74.63 -39.02 13.18
C ASN C 441 75.14 -38.89 11.73
N LEU C 442 74.58 -37.95 11.00
CA LEU C 442 74.84 -37.70 9.59
C LEU C 442 75.05 -36.20 9.36
N SER C 443 75.34 -35.82 8.11
CA SER C 443 75.51 -34.43 7.75
C SER C 443 74.18 -33.68 7.87
N SER C 444 74.28 -32.35 7.81
CA SER C 444 73.09 -31.51 7.96
C SER C 444 72.11 -31.73 6.82
N HIS C 445 72.61 -31.89 5.58
CA HIS C 445 71.79 -31.98 4.35
C HIS C 445 71.43 -33.40 3.92
N SER C 446 71.95 -34.41 4.60
CA SER C 446 71.64 -35.82 4.31
C SER C 446 70.23 -36.18 4.74
N VAL C 447 69.45 -36.74 3.81
CA VAL C 447 68.08 -37.22 4.06
C VAL C 447 68.12 -38.73 4.22
N VAL C 448 67.76 -39.26 5.38
CA VAL C 448 67.62 -40.71 5.56
C VAL C 448 66.37 -41.24 4.86
N TYR C 449 66.42 -42.50 4.44
CA TYR C 449 65.25 -43.23 3.99
C TYR C 449 65.35 -44.71 4.32
N SER C 450 64.20 -45.34 4.55
CA SER C 450 64.15 -46.76 4.86
C SER C 450 64.05 -47.58 3.59
N ARG C 451 64.82 -48.67 3.53
CA ARG C 451 64.75 -49.59 2.39
C ARG C 451 63.81 -50.75 2.67
N TYR C 452 63.91 -51.34 3.87
CA TYR C 452 63.04 -52.43 4.28
C TYR C 452 62.57 -52.18 5.71
N CYS C 453 61.26 -52.15 5.91
CA CYS C 453 60.66 -51.95 7.22
C CYS C 453 60.07 -53.27 7.70
N PHE C 454 60.28 -53.56 8.98
CA PHE C 454 59.86 -54.83 9.58
C PHE C 454 58.85 -54.56 10.69
N SER C 455 57.71 -55.23 10.62
CA SER C 455 56.67 -55.14 11.64
C SER C 455 56.81 -56.31 12.60
N VAL C 456 56.84 -56.01 13.89
CA VAL C 456 57.02 -57.01 14.93
C VAL C 456 55.87 -56.92 15.93
N ASN C 457 55.62 -58.03 16.61
CA ASN C 457 54.58 -58.08 17.62
C ASN C 457 55.04 -57.36 18.89
N ASN C 458 54.09 -57.12 19.79
CA ASN C 458 54.41 -56.51 21.07
C ASN C 458 55.27 -57.41 21.95
N THR C 459 55.27 -58.72 21.68
CA THR C 459 56.05 -59.67 22.45
C THR C 459 57.43 -59.92 21.87
N PHE C 460 57.81 -59.22 20.80
CA PHE C 460 59.12 -59.41 20.20
C PHE C 460 60.22 -58.91 21.11
N CYS C 461 61.36 -59.59 21.10
CA CYS C 461 62.55 -59.16 21.80
C CYS C 461 63.75 -59.80 21.11
N PRO C 462 64.76 -59.01 20.72
CA PRO C 462 65.89 -59.56 19.95
C PRO C 462 66.96 -60.22 20.80
N CYS C 463 66.86 -60.19 22.12
CA CYS C 463 67.90 -60.73 22.98
C CYS C 463 67.55 -62.15 23.43
N ALA C 464 68.53 -63.04 23.34
CA ALA C 464 68.36 -64.42 23.75
C ALA C 464 68.35 -64.52 25.28
N LYS C 465 67.81 -65.63 25.77
CA LYS C 465 67.76 -65.85 27.21
C LYS C 465 69.17 -66.08 27.76
N PRO C 466 69.52 -65.49 28.90
CA PRO C 466 70.84 -65.74 29.49
C PRO C 466 71.11 -67.21 29.77
N SER C 467 70.09 -67.95 30.21
CA SER C 467 70.29 -69.37 30.52
C SER C 467 70.64 -70.15 29.26
N PHE C 468 69.96 -69.87 28.15
CA PHE C 468 70.24 -70.58 26.91
C PHE C 468 71.66 -70.29 26.43
N ALA C 469 72.06 -69.02 26.45
CA ALA C 469 73.42 -68.67 26.02
C ALA C 469 74.47 -69.29 26.93
N SER C 470 74.22 -69.29 28.25
CA SER C 470 75.14 -69.94 29.17
C SER C 470 75.23 -71.44 28.91
N SER C 471 74.13 -72.04 28.43
CA SER C 471 74.17 -73.45 28.05
C SER C 471 74.88 -73.66 26.72
N CYS C 472 75.10 -72.61 25.95
CA CYS C 472 75.78 -72.72 24.67
C CYS C 472 77.29 -72.73 24.85
N LYS C 473 77.99 -73.40 23.94
CA LYS C 473 79.44 -73.36 23.91
C LYS C 473 80.00 -73.16 22.51
N SER C 474 79.17 -73.21 21.46
CA SER C 474 79.61 -72.97 20.11
C SER C 474 78.59 -72.06 19.42
N HIS C 475 79.08 -70.97 18.83
CA HIS C 475 78.23 -69.95 18.22
C HIS C 475 77.18 -69.45 19.21
N LYS C 476 77.66 -69.02 20.37
CA LYS C 476 76.79 -68.57 21.44
C LYS C 476 76.14 -67.23 21.08
N PRO C 477 74.82 -67.13 21.06
CA PRO C 477 74.19 -65.86 20.73
C PRO C 477 74.26 -64.90 21.91
N PRO C 478 74.24 -63.60 21.66
CA PRO C 478 74.22 -62.64 22.77
C PRO C 478 72.92 -62.72 23.56
N SER C 479 73.02 -62.42 24.85
CA SER C 479 71.89 -62.55 25.76
C SER C 479 71.74 -61.29 26.60
N ALA C 480 70.50 -61.00 26.97
CA ALA C 480 70.18 -59.88 27.85
C ALA C 480 68.78 -60.12 28.43
N SER C 481 68.45 -59.31 29.44
CA SER C 481 67.14 -59.42 30.09
C SER C 481 66.10 -58.70 29.24
N CYS C 482 65.22 -59.48 28.61
CA CYS C 482 64.15 -58.91 27.81
C CYS C 482 63.11 -58.24 28.70
N PRO C 483 62.42 -57.22 28.18
CA PRO C 483 61.34 -56.60 28.94
C PRO C 483 60.25 -57.61 29.25
N ILE C 484 59.59 -57.40 30.40
CA ILE C 484 58.58 -58.35 30.88
C ILE C 484 57.45 -58.44 29.86
N GLY C 485 57.00 -59.67 29.60
CA GLY C 485 55.95 -59.92 28.64
C GLY C 485 56.41 -60.10 27.22
N THR C 486 57.71 -60.15 26.98
CA THR C 486 58.26 -60.34 25.64
C THR C 486 59.04 -61.66 25.58
N ASN C 487 58.85 -62.39 24.50
CA ASN C 487 59.54 -63.66 24.30
C ASN C 487 60.96 -63.41 23.82
N TYR C 488 61.90 -64.19 24.34
CA TYR C 488 63.31 -64.01 24.01
C TYR C 488 63.59 -64.43 22.58
N ARG C 489 64.82 -64.18 22.14
CA ARG C 489 65.23 -64.54 20.79
C ARG C 489 65.18 -66.05 20.62
N SER C 490 64.32 -66.49 19.70
CA SER C 490 64.12 -67.93 19.50
C SER C 490 65.41 -68.58 19.01
N CYS C 491 65.82 -69.66 19.67
CA CYS C 491 67.06 -70.33 19.35
C CYS C 491 66.91 -71.82 19.64
N GLU C 492 67.81 -72.60 19.06
CA GLU C 492 67.80 -74.05 19.22
C GLU C 492 69.22 -74.54 19.46
N SER C 493 69.33 -75.67 20.17
CA SER C 493 70.60 -76.33 20.43
C SER C 493 70.62 -77.66 19.70
N THR C 494 71.65 -77.87 18.87
CA THR C 494 71.79 -79.06 18.07
C THR C 494 73.21 -79.59 18.16
N THR C 495 73.34 -80.92 18.23
CA THR C 495 74.65 -81.55 18.30
C THR C 495 75.26 -81.61 16.90
N VAL C 496 76.25 -80.75 16.65
CA VAL C 496 76.89 -80.65 15.33
C VAL C 496 78.39 -80.75 15.52
N LEU C 497 79.02 -81.63 14.75
CA LEU C 497 80.48 -81.80 14.73
C LEU C 497 81.01 -82.15 16.13
N ASP C 498 80.45 -83.22 16.68
CA ASP C 498 80.88 -83.78 17.96
C ASP C 498 80.65 -82.82 19.13
N HIS C 499 80.04 -81.67 18.86
CA HIS C 499 79.67 -80.76 19.93
C HIS C 499 78.30 -81.16 20.50
N THR C 500 78.10 -80.84 21.78
CA THR C 500 76.88 -81.22 22.46
C THR C 500 75.88 -80.09 22.62
N ASP C 501 76.34 -78.84 22.61
CA ASP C 501 75.47 -77.69 22.81
C ASP C 501 75.74 -76.60 21.78
N TRP C 502 75.95 -77.01 20.53
CA TRP C 502 76.05 -76.04 19.45
C TRP C 502 74.68 -75.41 19.21
N CYS C 503 74.63 -74.08 19.17
CA CYS C 503 73.38 -73.34 19.22
C CYS C 503 73.10 -72.64 17.90
N ARG C 504 71.87 -72.77 17.42
CA ARG C 504 71.39 -72.10 16.23
C ARG C 504 70.20 -71.23 16.59
N CYS C 505 70.07 -70.09 15.92
CA CYS C 505 69.03 -69.13 16.20
C CYS C 505 68.32 -68.72 14.92
N SER C 506 67.15 -68.11 15.08
CA SER C 506 66.38 -67.62 13.95
C SER C 506 66.96 -66.29 13.46
N CYS C 507 66.39 -65.78 12.37
CA CYS C 507 66.82 -64.52 11.75
C CYS C 507 68.31 -64.55 11.39
N LEU C 508 68.79 -65.69 10.92
CA LEU C 508 70.21 -65.70 10.56
C LEU C 508 70.39 -65.69 9.06
N PRO C 509 71.43 -65.00 8.55
CA PRO C 509 72.44 -64.23 9.29
C PRO C 509 71.88 -62.88 9.77
N ASP C 510 71.03 -62.26 8.97
CA ASP C 510 70.35 -61.03 9.32
C ASP C 510 68.90 -61.13 8.86
N PRO C 511 67.98 -60.39 9.51
CA PRO C 511 66.57 -60.52 9.14
C PRO C 511 66.27 -60.17 7.69
N ILE C 512 67.01 -59.22 7.10
CA ILE C 512 66.78 -58.89 5.70
C ILE C 512 67.15 -60.05 4.80
N THR C 513 68.30 -60.69 5.06
CA THR C 513 68.74 -61.84 4.29
C THR C 513 68.57 -63.15 5.06
N ALA C 514 67.51 -63.27 5.85
CA ALA C 514 67.27 -64.49 6.60
C ALA C 514 67.01 -65.65 5.66
N TYR C 515 67.51 -66.84 6.05
CA TYR C 515 67.32 -68.02 5.22
C TYR C 515 65.86 -68.42 5.11
N ASP C 516 65.08 -68.15 6.15
CA ASP C 516 63.64 -68.42 6.11
C ASP C 516 62.89 -67.38 6.94
N PRO C 517 62.02 -66.59 6.32
CA PRO C 517 61.24 -65.60 7.09
C PRO C 517 60.28 -66.23 8.09
N ARG C 518 59.96 -67.53 7.94
CA ARG C 518 58.96 -68.16 8.80
C ARG C 518 59.41 -68.16 10.25
N SER C 519 60.68 -68.49 10.50
CA SER C 519 61.20 -68.55 11.86
C SER C 519 61.46 -67.15 12.43
N CYS C 520 61.92 -66.23 11.58
CA CYS C 520 62.29 -64.91 12.05
C CYS C 520 61.07 -64.13 12.53
N SER C 521 61.18 -63.52 13.71
CA SER C 521 60.08 -62.74 14.27
C SER C 521 59.83 -61.46 13.48
N GLN C 522 60.86 -60.88 12.85
CA GLN C 522 60.70 -59.67 12.07
C GLN C 522 60.07 -60.03 10.72
N LYS C 523 58.93 -59.40 10.42
CA LYS C 523 58.18 -59.67 9.20
C LYS C 523 58.28 -58.48 8.26
N LYS C 524 58.65 -58.74 7.01
CA LYS C 524 58.67 -57.69 6.00
C LYS C 524 57.26 -57.15 5.78
N SER C 525 57.12 -55.83 5.85
CA SER C 525 55.82 -55.20 5.73
C SER C 525 55.97 -53.87 5.00
N LEU C 526 55.19 -53.69 3.95
CA LEU C 526 55.16 -52.41 3.25
C LEU C 526 54.37 -51.39 4.07
N VAL C 527 54.83 -50.14 4.02
CA VAL C 527 54.17 -49.06 4.77
C VAL C 527 52.78 -48.85 4.19
N GLY C 528 51.79 -48.76 5.06
CA GLY C 528 50.43 -48.49 4.62
C GLY C 528 50.25 -47.03 4.25
N VAL C 529 49.04 -46.73 3.77
CA VAL C 529 48.70 -45.36 3.39
C VAL C 529 48.62 -44.51 4.65
N GLY C 530 49.49 -43.50 4.74
CA GLY C 530 49.50 -42.65 5.91
C GLY C 530 50.18 -43.23 7.14
N GLU C 531 50.99 -44.28 6.97
CA GLU C 531 51.67 -44.93 8.08
C GLU C 531 53.17 -44.82 7.90
N HIS C 532 53.86 -44.52 9.00
CA HIS C 532 55.31 -44.43 9.00
C HIS C 532 55.93 -45.82 8.95
N CYS C 533 57.26 -45.86 8.96
CA CYS C 533 57.96 -47.14 8.89
C CYS C 533 57.72 -47.97 10.14
N ALA C 534 57.50 -49.27 9.93
CA ALA C 534 57.34 -50.18 11.07
C ALA C 534 58.63 -50.27 11.87
N GLY C 535 59.78 -50.35 11.20
CA GLY C 535 61.05 -50.41 11.88
C GLY C 535 62.18 -50.97 11.05
N PHE C 536 63.40 -50.50 11.30
CA PHE C 536 64.56 -50.97 10.56
C PHE C 536 64.85 -52.43 10.89
N GLY C 537 65.41 -53.15 9.93
CA GLY C 537 65.83 -54.52 10.15
C GLY C 537 67.02 -54.55 11.10
N VAL C 538 66.79 -55.04 12.33
CA VAL C 538 67.82 -55.04 13.36
C VAL C 538 68.48 -56.41 13.39
N ASP C 539 69.81 -56.42 13.43
CA ASP C 539 70.58 -57.65 13.54
C ASP C 539 70.57 -58.08 15.00
N GLU C 540 69.82 -59.13 15.31
CA GLU C 540 69.68 -59.57 16.68
C GLU C 540 70.99 -60.11 17.26
N GLU C 541 71.95 -60.45 16.40
CA GLU C 541 73.25 -60.91 16.88
C GLU C 541 74.06 -59.80 17.53
N LYS C 542 73.63 -58.54 17.39
CA LYS C 542 74.31 -57.42 18.02
C LYS C 542 73.51 -56.83 19.19
N CYS C 543 72.43 -57.49 19.59
CA CYS C 543 71.60 -57.03 20.70
C CYS C 543 72.02 -57.73 21.98
N GLY C 544 72.21 -56.94 23.04
CA GLY C 544 72.76 -57.47 24.26
C GLY C 544 74.25 -57.73 24.15
N VAL C 545 74.78 -58.47 25.12
CA VAL C 545 76.19 -58.84 25.16
C VAL C 545 76.30 -60.35 25.19
N LEU C 546 77.54 -60.84 25.06
CA LEU C 546 77.78 -62.27 24.86
C LEU C 546 77.21 -63.11 26.00
N ASP C 547 77.55 -62.78 27.24
CA ASP C 547 77.14 -63.55 28.40
C ASP C 547 76.31 -62.70 29.36
N GLY C 548 75.44 -61.86 28.80
CA GLY C 548 74.60 -60.99 29.61
C GLY C 548 73.63 -61.74 30.50
N SER C 549 73.62 -61.38 31.78
CA SER C 549 72.70 -61.96 32.75
C SER C 549 71.38 -61.19 32.71
N TYR C 550 70.53 -61.43 33.71
CA TYR C 550 69.24 -60.75 33.80
C TYR C 550 69.36 -59.34 34.37
N ASN C 551 70.57 -58.89 34.72
CA ASN C 551 70.77 -57.56 35.27
C ASN C 551 70.98 -56.49 34.19
N VAL C 552 71.11 -56.89 32.93
CA VAL C 552 71.33 -55.96 31.82
C VAL C 552 70.09 -55.96 30.93
N SER C 553 69.55 -54.78 30.67
CA SER C 553 68.38 -54.66 29.82
C SER C 553 68.74 -54.94 28.37
N CYS C 554 67.73 -55.34 27.58
CA CYS C 554 67.96 -55.69 26.19
C CYS C 554 68.00 -54.44 25.33
N LEU C 555 69.10 -54.28 24.58
CA LEU C 555 69.24 -53.19 23.64
C LEU C 555 70.21 -53.62 22.54
N CYS C 556 70.15 -52.91 21.42
CA CYS C 556 70.97 -53.22 20.25
C CYS C 556 71.86 -52.03 19.91
N SER C 557 73.01 -52.34 19.31
CA SER C 557 73.96 -51.30 18.92
C SER C 557 73.42 -50.48 17.75
N THR C 558 74.06 -49.33 17.52
CA THR C 558 73.61 -48.44 16.45
C THR C 558 73.76 -49.07 15.08
N ASP C 559 74.77 -49.92 14.89
CA ASP C 559 74.97 -50.57 13.60
C ASP C 559 74.14 -51.83 13.44
N ALA C 560 73.43 -52.27 14.48
CA ALA C 560 72.60 -53.46 14.37
C ALA C 560 71.39 -53.22 13.49
N PHE C 561 70.94 -51.97 13.38
CA PHE C 561 69.75 -51.64 12.59
C PHE C 561 70.15 -51.43 11.14
N LEU C 562 69.78 -52.37 10.28
CA LEU C 562 70.06 -52.31 8.86
C LEU C 562 68.82 -51.90 8.09
N GLY C 563 68.90 -51.97 6.77
CA GLY C 563 67.76 -51.65 5.92
C GLY C 563 67.48 -50.18 5.73
N TRP C 564 68.46 -49.29 5.96
CA TRP C 564 68.31 -47.86 5.72
C TRP C 564 69.53 -47.29 5.00
N SER C 565 69.36 -46.11 4.43
CA SER C 565 70.37 -45.39 3.64
C SER C 565 70.10 -43.88 3.68
N TYR C 566 70.98 -43.06 3.12
CA TYR C 566 70.85 -41.62 3.04
C TYR C 566 71.41 -41.04 1.75
N ASP C 567 70.93 -39.86 1.35
CA ASP C 567 71.51 -39.06 0.26
C ASP C 567 71.23 -37.57 0.50
N THR C 568 72.04 -36.68 -0.06
CA THR C 568 71.77 -35.23 -0.01
C THR C 568 70.55 -34.87 -0.86
N CYS C 569 69.84 -33.82 -0.49
CA CYS C 569 68.76 -33.23 -1.28
C CYS C 569 69.21 -32.02 -2.15
N VAL C 570 70.46 -31.58 -2.04
CA VAL C 570 70.89 -30.32 -2.63
C VAL C 570 71.12 -30.46 -4.15
N SER C 571 70.49 -29.57 -4.92
CA SER C 571 70.79 -29.32 -6.34
C SER C 571 70.84 -27.81 -6.60
N ASN C 572 71.84 -27.30 -7.32
CA ASN C 572 71.96 -25.88 -7.65
C ASN C 572 71.85 -24.92 -6.43
N ASN C 573 72.43 -25.32 -5.29
CA ASN C 573 72.36 -24.64 -3.98
C ASN C 573 70.97 -24.55 -3.33
N ARG C 574 70.00 -25.37 -3.75
CA ARG C 574 68.67 -25.50 -3.12
C ARG C 574 68.37 -26.97 -2.77
N CYS C 575 67.81 -27.24 -1.60
CA CYS C 575 67.31 -28.58 -1.27
C CYS C 575 65.99 -28.84 -1.99
N ASN C 576 65.89 -29.91 -2.79
CA ASN C 576 64.63 -30.32 -3.39
C ASN C 576 63.75 -31.06 -2.36
N ILE C 577 62.48 -30.65 -2.28
CA ILE C 577 61.52 -31.05 -1.24
C ILE C 577 60.17 -31.35 -1.91
N PHE C 578 59.45 -32.32 -1.37
CA PHE C 578 58.20 -32.87 -1.88
C PHE C 578 57.03 -32.55 -0.95
N SER C 579 55.84 -32.31 -1.51
CA SER C 579 54.58 -32.21 -0.78
C SER C 579 53.45 -33.00 -1.45
N ASN C 580 52.57 -33.65 -0.68
CA ASN C 580 51.48 -34.45 -1.20
C ASN C 580 50.16 -33.87 -0.70
N PHE C 581 49.48 -33.05 -1.49
CA PHE C 581 48.20 -32.43 -1.13
C PHE C 581 47.06 -33.43 -1.37
N ILE C 582 46.45 -33.93 -0.30
CA ILE C 582 45.25 -34.76 -0.33
C ILE C 582 44.06 -33.85 -0.02
N LEU C 583 43.04 -33.91 -0.86
CA LEU C 583 41.88 -33.02 -0.77
C LEU C 583 40.69 -33.81 -0.25
N ASN C 584 40.32 -33.57 1.00
CA ASN C 584 39.16 -34.22 1.61
C ASN C 584 37.92 -33.35 1.44
N GLY C 585 36.81 -33.98 1.05
CA GLY C 585 35.55 -33.28 0.93
C GLY C 585 35.56 -32.15 -0.09
N ILE C 586 36.05 -32.43 -1.29
CA ILE C 586 36.13 -31.40 -2.33
C ILE C 586 34.75 -30.83 -2.62
N ASN C 587 34.73 -29.58 -3.08
CA ASN C 587 33.50 -28.85 -3.37
C ASN C 587 32.57 -28.80 -2.16
N SER C 588 33.07 -28.56 -0.93
CA SER C 588 32.27 -28.45 0.31
C SER C 588 33.09 -27.80 1.46
N GLY C 589 32.49 -27.59 2.63
CA GLY C 589 33.17 -26.98 3.78
C GLY C 589 33.64 -25.54 3.54
N THR C 590 34.69 -25.13 4.26
CA THR C 590 35.14 -23.73 4.36
C THR C 590 36.66 -23.54 4.24
N THR C 591 37.38 -24.50 3.63
CA THR C 591 38.84 -24.36 3.38
C THR C 591 39.06 -23.82 1.97
N CYS C 592 38.91 -22.51 1.75
CA CYS C 592 38.56 -21.98 0.43
C CYS C 592 39.58 -21.07 -0.26
N SER C 593 39.88 -21.45 -1.50
CA SER C 593 40.63 -20.68 -2.48
C SER C 593 39.91 -19.36 -2.75
N ASN C 594 40.55 -18.23 -2.46
CA ASN C 594 40.09 -16.90 -2.87
C ASN C 594 40.73 -16.47 -4.21
N ASP C 595 41.24 -17.44 -4.97
CA ASP C 595 41.88 -17.24 -6.27
C ASP C 595 40.91 -16.69 -7.29
N LEU C 596 39.75 -17.34 -7.46
CA LEU C 596 38.71 -16.81 -8.34
C LEU C 596 37.75 -15.91 -7.58
N LEU C 597 38.29 -14.93 -6.86
CA LEU C 597 37.52 -13.86 -6.23
C LEU C 597 37.94 -12.53 -6.87
N GLN C 598 37.01 -11.61 -7.06
CA GLN C 598 37.32 -10.30 -7.65
C GLN C 598 38.45 -9.61 -6.86
N PRO C 599 39.56 -9.25 -7.52
CA PRO C 599 40.73 -8.71 -6.84
C PRO C 599 40.44 -7.30 -6.30
N ASN C 600 41.17 -6.90 -5.25
CA ASN C 600 40.96 -5.62 -4.59
C ASN C 600 41.16 -4.40 -5.53
N THR C 601 41.90 -4.58 -6.62
CA THR C 601 42.05 -3.61 -7.72
C THR C 601 42.54 -2.25 -7.21
N GLU C 602 41.78 -1.17 -7.39
CA GLU C 602 42.10 0.17 -6.90
C GLU C 602 40.79 0.90 -6.56
N VAL C 603 40.83 1.82 -5.60
CA VAL C 603 39.71 2.72 -5.32
C VAL C 603 39.82 3.92 -6.27
N PHE C 604 39.16 3.86 -7.41
CA PHE C 604 39.12 4.95 -8.38
C PHE C 604 38.41 6.18 -7.79
N THR C 605 38.98 7.38 -7.90
CA THR C 605 38.40 8.61 -7.34
C THR C 605 37.92 9.57 -8.43
N ASP C 606 37.04 10.50 -8.06
CA ASP C 606 36.49 11.52 -8.98
C ASP C 606 35.73 10.95 -10.20
N VAL C 607 35.34 9.68 -10.16
CA VAL C 607 34.55 9.00 -11.20
C VAL C 607 33.44 8.18 -10.54
N CYS C 608 32.32 8.00 -11.24
CA CYS C 608 31.22 7.18 -10.77
C CYS C 608 31.59 5.69 -10.81
N VAL C 609 31.39 4.95 -9.72
CA VAL C 609 31.65 3.51 -9.65
C VAL C 609 30.44 2.81 -9.05
N ASP C 610 30.17 1.60 -9.52
CA ASP C 610 29.34 0.67 -8.79
C ASP C 610 30.18 0.10 -7.64
N TYR C 611 29.60 -0.14 -6.47
CA TYR C 611 30.37 -0.64 -5.35
C TYR C 611 29.61 -1.68 -4.54
N ASP C 612 30.38 -2.53 -3.86
CA ASP C 612 29.93 -3.46 -2.82
C ASP C 612 30.95 -3.38 -1.69
N LEU C 613 30.61 -2.64 -0.64
CA LEU C 613 31.50 -2.36 0.47
C LEU C 613 30.97 -3.04 1.73
N TYR C 614 31.66 -4.06 2.21
CA TYR C 614 31.36 -4.72 3.48
C TYR C 614 29.89 -5.22 3.60
N GLY C 615 29.28 -5.57 2.47
CA GLY C 615 27.94 -6.14 2.40
C GLY C 615 26.84 -5.18 1.91
N ILE C 616 27.14 -3.93 1.59
CA ILE C 616 26.16 -2.99 1.04
C ILE C 616 26.64 -2.40 -0.27
N THR C 617 25.72 -2.28 -1.23
CA THR C 617 26.02 -1.87 -2.60
C THR C 617 25.51 -0.46 -2.90
N GLY C 618 25.88 0.11 -4.04
CA GLY C 618 25.37 1.39 -4.53
C GLY C 618 26.23 1.96 -5.66
N GLN C 619 25.80 3.07 -6.26
CA GLN C 619 26.65 3.84 -7.16
C GLN C 619 27.07 5.15 -6.53
N GLY C 620 28.33 5.53 -6.65
CA GLY C 620 28.82 6.79 -6.09
C GLY C 620 30.18 7.20 -6.62
N ILE C 621 30.62 8.38 -6.21
CA ILE C 621 31.91 9.00 -6.54
C ILE C 621 32.73 9.03 -5.25
N PHE C 622 33.97 8.57 -5.31
CA PHE C 622 34.84 8.52 -4.15
C PHE C 622 35.86 9.65 -4.18
N LYS C 623 36.07 10.32 -3.06
CA LYS C 623 37.11 11.33 -2.86
C LYS C 623 37.92 10.96 -1.64
N GLU C 624 39.24 10.85 -1.78
CA GLU C 624 40.08 10.55 -0.62
C GLU C 624 40.13 11.74 0.34
N VAL C 625 40.11 11.46 1.64
CA VAL C 625 40.20 12.43 2.73
C VAL C 625 41.04 11.86 3.87
N SER C 626 41.52 12.69 4.80
CA SER C 626 42.21 12.22 5.98
C SER C 626 41.20 12.10 7.13
N ALA C 627 40.74 10.89 7.42
CA ALA C 627 39.78 10.61 8.48
C ALA C 627 40.42 9.85 9.63
N VAL C 628 40.12 10.36 10.82
CA VAL C 628 40.62 9.92 12.12
C VAL C 628 39.58 9.24 12.98
N TYR C 629 38.33 9.18 12.54
CA TYR C 629 37.28 8.63 13.34
C TYR C 629 37.05 7.13 13.16
N TYR C 630 37.59 6.44 12.17
CA TYR C 630 37.36 4.98 12.04
C TYR C 630 38.18 4.20 13.08
N ASN C 631 37.54 3.37 13.91
CA ASN C 631 38.25 2.52 14.87
C ASN C 631 38.57 1.12 14.31
N SER C 632 39.10 0.18 15.10
CA SER C 632 39.53 -1.12 14.60
C SER C 632 38.40 -1.95 14.01
N TRP C 633 37.19 -1.82 14.53
CA TRP C 633 36.07 -2.54 14.02
C TRP C 633 35.21 -1.77 13.04
N GLN C 634 35.54 -0.55 12.63
CA GLN C 634 34.64 0.24 11.80
C GLN C 634 35.16 0.50 10.42
N ASN C 635 34.30 0.44 9.41
CA ASN C 635 34.65 0.52 7.99
C ASN C 635 33.84 1.57 7.22
N LEU C 636 32.67 1.96 7.68
CA LEU C 636 31.71 2.76 6.93
C LEU C 636 31.31 4.02 7.71
N LEU C 637 31.13 5.14 7.03
CA LEU C 637 30.66 6.39 7.63
C LEU C 637 29.24 6.64 7.16
N TYR C 638 28.35 6.93 8.12
CA TYR C 638 26.91 7.07 7.91
C TYR C 638 26.39 8.44 8.35
N ASP C 639 25.37 8.96 7.68
CA ASP C 639 24.66 10.17 8.11
C ASP C 639 23.54 9.89 9.13
N SER C 640 22.93 10.96 9.63
CA SER C 640 21.83 10.92 10.60
C SER C 640 20.65 10.06 10.15
N ASN C 641 20.47 9.90 8.84
CA ASN C 641 19.31 9.28 8.22
C ASN C 641 19.57 7.83 7.82
N GLY C 642 20.72 7.27 8.17
CA GLY C 642 21.06 5.88 7.87
C GLY C 642 21.59 5.64 6.46
N ASN C 643 22.06 6.69 5.76
CA ASN C 643 22.68 6.58 4.46
C ASN C 643 24.21 6.47 4.56
N ILE C 644 24.85 5.83 3.58
CA ILE C 644 26.30 5.88 3.36
C ILE C 644 26.75 7.30 2.96
N ILE C 645 27.86 7.75 3.55
CA ILE C 645 28.55 8.99 3.14
C ILE C 645 30.08 8.87 3.10
N GLY C 646 30.65 7.70 3.45
CA GLY C 646 32.07 7.46 3.37
C GLY C 646 32.47 6.03 3.73
N PHE C 647 33.72 5.66 3.48
CA PHE C 647 34.28 4.38 3.89
C PHE C 647 35.79 4.42 4.11
N LYS C 648 36.31 3.43 4.83
CA LYS C 648 37.72 3.08 4.94
C LYS C 648 37.99 1.83 4.11
N ASP C 649 39.00 1.84 3.27
CA ASP C 649 39.53 0.66 2.61
C ASP C 649 40.44 -0.12 3.57
N PHE C 650 40.02 -1.29 4.04
CA PHE C 650 40.82 -2.11 4.96
C PHE C 650 42.13 -2.64 4.34
N VAL C 651 42.24 -2.69 3.01
CA VAL C 651 43.43 -3.19 2.31
C VAL C 651 44.55 -2.16 2.31
N THR C 652 44.23 -0.87 2.38
CA THR C 652 45.19 0.24 2.23
C THR C 652 45.17 1.24 3.39
N ASN C 653 44.21 1.11 4.31
CA ASN C 653 43.92 2.05 5.40
C ASN C 653 43.62 3.49 4.91
N LYS C 654 43.17 3.61 3.66
CA LYS C 654 42.81 4.90 3.04
C LYS C 654 41.33 5.14 3.20
N THR C 655 40.97 6.38 3.54
CA THR C 655 39.59 6.80 3.81
C THR C 655 39.05 7.71 2.73
N TYR C 656 37.78 7.52 2.38
CA TYR C 656 37.10 8.22 1.31
C TYR C 656 35.73 8.73 1.75
N ASN C 657 35.34 9.93 1.32
CA ASN C 657 33.94 10.31 1.30
C ASN C 657 33.26 9.75 0.05
N ILE C 658 31.97 9.47 0.15
CA ILE C 658 31.14 8.95 -0.94
C ILE C 658 30.08 9.99 -1.30
N PHE C 659 29.98 10.33 -2.58
CA PHE C 659 29.00 11.26 -3.15
C PHE C 659 28.12 10.51 -4.16
N PRO C 660 26.84 10.87 -4.35
CA PRO C 660 25.99 10.19 -5.32
C PRO C 660 26.44 10.50 -6.76
N CYS C 661 26.40 9.54 -7.69
CA CYS C 661 26.67 9.84 -9.09
C CYS C 661 25.64 10.84 -9.62
N TYR C 662 26.06 11.75 -10.49
CA TYR C 662 25.16 12.74 -11.07
C TYR C 662 23.99 12.08 -11.81
N ALA C 663 22.81 12.64 -11.58
CA ALA C 663 21.61 12.32 -12.32
C ALA C 663 20.77 13.57 -12.45
N GLY C 664 20.33 13.91 -13.65
CA GLY C 664 19.63 15.15 -13.85
C GLY C 664 18.92 15.19 -15.19
N ARG C 665 18.03 16.16 -15.33
CA ARG C 665 17.19 16.35 -16.52
C ARG C 665 17.77 17.41 -17.42
N VAL C 666 17.19 17.55 -18.58
CA VAL C 666 17.45 18.70 -19.44
C VAL C 666 16.17 19.51 -19.57
N SER C 667 16.20 20.80 -19.31
CA SER C 667 15.07 21.66 -19.55
C SER C 667 15.13 22.13 -20.98
N ALA C 668 14.31 21.54 -21.85
CA ALA C 668 14.29 21.83 -23.27
C ALA C 668 13.22 22.84 -23.57
N ALA C 669 13.60 23.99 -24.07
CA ALA C 669 12.70 25.03 -24.50
C ALA C 669 12.40 24.82 -25.98
N PHE C 670 11.14 24.61 -26.32
CA PHE C 670 10.70 24.44 -27.69
C PHE C 670 9.78 25.56 -28.01
N HIS C 671 9.91 26.23 -29.13
CA HIS C 671 8.93 27.15 -29.66
C HIS C 671 8.29 26.49 -30.84
N GLN C 672 6.99 26.62 -31.02
CA GLN C 672 6.31 25.94 -32.08
C GLN C 672 6.87 26.27 -33.46
N ASN C 673 7.35 27.47 -33.72
CA ASN C 673 7.80 27.88 -35.04
C ASN C 673 9.18 27.29 -35.33
N ALA C 674 9.90 26.85 -34.32
CA ALA C 674 11.28 26.46 -34.49
C ALA C 674 11.39 25.08 -35.12
N SER C 675 12.54 24.80 -35.70
CA SER C 675 12.92 23.46 -36.17
C SER C 675 13.95 22.78 -35.27
N SER C 676 14.24 23.31 -34.07
CA SER C 676 15.16 22.73 -33.08
C SER C 676 14.75 23.03 -31.64
N LEU C 677 15.62 22.76 -30.67
CA LEU C 677 15.42 23.03 -29.24
C LEU C 677 16.52 23.92 -28.65
N ALA C 678 16.22 24.72 -27.63
CA ALA C 678 17.21 25.34 -26.76
C ALA C 678 17.27 24.53 -25.47
N LEU C 679 18.44 24.01 -25.09
CA LEU C 679 18.57 23.10 -23.94
C LEU C 679 19.27 23.80 -22.79
N LEU C 680 18.70 23.73 -21.60
CA LEU C 680 19.31 24.21 -20.37
C LEU C 680 19.62 23.04 -19.45
N TYR C 681 20.90 22.82 -19.19
CA TYR C 681 21.39 21.85 -18.22
C TYR C 681 21.51 22.56 -16.88
N ARG C 682 20.47 22.50 -16.05
CA ARG C 682 20.34 23.37 -14.89
C ARG C 682 21.43 23.06 -13.87
N ASN C 683 22.10 24.08 -13.37
CA ASN C 683 23.16 24.04 -12.37
C ASN C 683 24.37 23.18 -12.74
N LEU C 684 24.67 23.08 -14.03
CA LEU C 684 25.84 22.38 -14.56
C LEU C 684 26.63 23.34 -15.44
N LYS C 685 27.95 23.34 -15.31
CA LYS C 685 28.81 24.15 -16.17
C LYS C 685 29.06 23.44 -17.50
N CYS C 686 29.23 24.16 -18.59
CA CYS C 686 29.36 23.53 -19.91
C CYS C 686 30.53 22.58 -20.03
N SER C 687 31.63 22.83 -19.31
CA SER C 687 32.75 21.90 -19.20
C SER C 687 32.29 20.54 -18.68
N TYR C 688 31.49 20.50 -17.61
CA TYR C 688 30.95 19.27 -17.06
C TYR C 688 30.00 18.58 -18.03
N VAL C 689 29.13 19.32 -18.70
CA VAL C 689 28.18 18.72 -19.65
C VAL C 689 28.92 18.05 -20.80
N LEU C 690 29.86 18.76 -21.42
CA LEU C 690 30.63 18.26 -22.55
C LEU C 690 31.58 17.13 -22.17
N ASN C 691 32.25 17.21 -21.02
CA ASN C 691 33.19 16.17 -20.59
C ASN C 691 32.50 14.93 -20.05
N ASN C 692 31.44 15.09 -19.24
CA ASN C 692 30.93 14.02 -18.38
C ASN C 692 29.49 13.58 -18.70
N ILE C 693 28.72 14.32 -19.50
CA ILE C 693 27.35 13.93 -19.92
C ILE C 693 27.33 13.54 -21.39
N SER C 694 27.54 14.48 -22.32
CA SER C 694 27.58 14.21 -23.76
C SER C 694 28.17 15.36 -24.57
N LEU C 695 29.07 15.05 -25.50
CA LEU C 695 29.57 16.00 -26.50
C LEU C 695 28.46 16.36 -27.50
N THR C 696 28.49 17.57 -28.04
CA THR C 696 27.58 18.02 -29.10
C THR C 696 28.19 19.15 -29.92
N THR C 697 27.70 19.33 -31.15
CA THR C 697 28.15 20.37 -32.09
C THR C 697 27.38 21.68 -31.99
N GLN C 698 26.34 21.77 -31.14
CA GLN C 698 25.56 23.00 -30.97
C GLN C 698 26.39 24.07 -30.25
N PRO C 699 26.17 25.36 -30.52
CA PRO C 699 26.82 26.43 -29.76
C PRO C 699 26.32 26.42 -28.32
N TYR C 700 27.14 26.84 -27.36
CA TYR C 700 26.82 26.79 -25.95
C TYR C 700 27.46 27.92 -25.15
N PHE C 701 26.91 28.24 -23.99
CA PHE C 701 27.53 29.15 -23.02
C PHE C 701 27.05 28.88 -21.59
N ASP C 702 27.80 29.34 -20.61
CA ASP C 702 27.48 29.19 -19.19
C ASP C 702 26.60 30.35 -18.73
N SER C 703 25.31 30.10 -18.50
CA SER C 703 24.40 31.11 -17.96
C SER C 703 24.34 31.04 -16.43
N TYR C 704 23.59 31.94 -15.80
CA TYR C 704 23.38 31.90 -14.36
C TYR C 704 22.67 30.62 -13.91
N LEU C 705 21.74 30.14 -14.72
CA LEU C 705 20.95 28.94 -14.43
C LEU C 705 21.65 27.62 -14.74
N GLY C 706 22.72 27.61 -15.53
CA GLY C 706 23.42 26.43 -16.00
C GLY C 706 23.87 26.56 -17.45
N CYS C 707 24.40 25.49 -18.04
CA CYS C 707 24.83 25.51 -19.44
C CYS C 707 23.65 25.58 -20.40
N VAL C 708 23.67 26.50 -21.36
CA VAL C 708 22.63 26.69 -22.36
C VAL C 708 23.16 26.35 -23.74
N PHE C 709 22.45 25.50 -24.49
CA PHE C 709 22.82 25.08 -25.84
C PHE C 709 21.82 25.61 -26.87
N ASN C 710 22.32 25.97 -28.05
CA ASN C 710 21.54 26.41 -29.19
C ASN C 710 20.70 27.67 -28.94
N ALA C 711 21.17 28.56 -28.07
CA ALA C 711 20.58 29.87 -27.85
C ALA C 711 21.67 30.91 -27.69
N ASP C 712 21.50 32.07 -28.32
CA ASP C 712 22.48 33.16 -28.22
C ASP C 712 22.40 33.84 -26.87
N ASN C 713 23.55 34.10 -26.24
CA ASN C 713 23.60 34.78 -24.95
C ASN C 713 23.34 36.26 -25.14
N LEU C 714 22.15 36.74 -24.81
CA LEU C 714 21.74 38.13 -24.97
C LEU C 714 21.07 38.63 -23.70
N THR C 715 21.68 38.37 -22.54
CA THR C 715 21.13 38.78 -21.25
C THR C 715 21.04 40.30 -21.07
N ASP C 716 21.80 41.08 -21.84
CA ASP C 716 21.66 42.53 -21.93
C ASP C 716 20.37 42.95 -22.67
N TYR C 717 19.90 42.17 -23.63
CA TYR C 717 18.58 42.39 -24.21
C TYR C 717 17.49 41.95 -23.22
N SER C 718 16.29 42.51 -23.35
CA SER C 718 15.18 42.26 -22.43
C SER C 718 13.86 42.12 -23.19
N VAL C 719 12.94 41.32 -22.66
CA VAL C 719 11.58 41.16 -23.16
C VAL C 719 10.57 41.27 -22.03
N SER C 720 9.45 41.93 -22.28
CA SER C 720 8.38 42.14 -21.30
C SER C 720 7.34 41.03 -21.29
N SER C 721 7.29 40.19 -22.32
CA SER C 721 6.46 39.00 -22.38
C SER C 721 7.30 37.81 -22.80
N CYS C 722 7.00 36.64 -22.27
CA CYS C 722 7.84 35.48 -22.49
C CYS C 722 7.06 34.18 -22.31
N ALA C 723 7.07 33.30 -23.30
CA ALA C 723 6.47 31.97 -23.17
C ALA C 723 7.43 30.94 -22.56
N LEU C 724 8.72 31.03 -22.87
CA LEU C 724 9.72 30.08 -22.41
C LEU C 724 10.48 30.63 -21.22
N ARG C 725 9.81 30.70 -20.08
CA ARG C 725 10.37 31.28 -18.86
C ARG C 725 11.28 30.27 -18.19
N MET C 726 12.56 30.60 -18.03
CA MET C 726 13.58 29.68 -17.51
C MET C 726 13.88 29.89 -16.03
N GLY C 727 13.45 30.99 -15.41
CA GLY C 727 13.68 31.22 -13.99
C GLY C 727 14.65 32.36 -13.73
N SER C 728 14.58 32.94 -12.55
CA SER C 728 15.42 34.04 -12.09
C SER C 728 15.48 35.20 -13.08
N GLY C 729 14.37 35.55 -13.70
CA GLY C 729 14.33 36.68 -14.64
C GLY C 729 14.99 36.39 -15.98
N PHE C 730 15.11 35.14 -16.39
CA PHE C 730 15.64 34.75 -17.69
C PHE C 730 14.55 34.08 -18.53
N CYS C 731 14.61 34.30 -19.83
CA CYS C 731 13.66 33.88 -20.83
C CYS C 731 14.40 33.30 -22.03
N VAL C 732 13.78 32.38 -22.76
CA VAL C 732 14.24 31.98 -24.09
C VAL C 732 13.27 32.55 -25.11
N ASP C 733 13.76 33.36 -26.02
CA ASP C 733 12.96 34.03 -27.04
C ASP C 733 13.33 33.51 -28.42
N TYR C 734 12.36 33.19 -29.29
CA TYR C 734 12.60 32.72 -30.64
C TYR C 734 12.14 33.75 -31.68
N ASN C 735 12.96 34.06 -32.67
CA ASN C 735 12.60 34.95 -33.79
C ASN C 735 12.94 34.38 -35.17
N SER C 752 16.33 31.94 -34.86
CA SER C 752 17.06 31.27 -33.77
C SER C 752 16.49 31.56 -32.38
N TYR C 753 16.93 30.79 -31.39
CA TYR C 753 16.63 31.03 -29.97
C TYR C 753 17.64 32.00 -29.36
N ARG C 754 17.18 32.84 -28.44
CA ARG C 754 17.98 33.83 -27.72
C ARG C 754 17.72 33.68 -26.23
N PHE C 755 18.76 33.69 -25.40
CA PHE C 755 18.66 33.72 -23.96
C PHE C 755 18.67 35.16 -23.47
N VAL C 756 17.54 35.63 -22.97
CA VAL C 756 17.20 37.06 -22.81
C VAL C 756 16.73 37.28 -21.38
N THR C 757 16.94 38.45 -20.79
CA THR C 757 16.29 38.75 -19.49
C THR C 757 14.79 38.98 -19.63
N PHE C 758 14.01 38.51 -18.68
CA PHE C 758 12.57 38.70 -18.59
C PHE C 758 12.26 39.84 -17.63
N GLU C 759 11.74 40.95 -18.13
CA GLU C 759 11.38 42.13 -17.34
C GLU C 759 9.94 42.50 -17.64
N PRO C 760 8.96 41.83 -17.02
CA PRO C 760 7.56 42.04 -17.34
C PRO C 760 7.03 43.40 -16.89
N PHE C 761 7.70 44.04 -15.93
CA PHE C 761 7.27 45.31 -15.35
C PHE C 761 8.43 46.28 -15.25
N ASN C 762 8.17 47.51 -15.62
CA ASN C 762 9.05 48.66 -15.42
C ASN C 762 8.19 49.82 -14.92
N VAL C 763 8.82 50.81 -14.30
CA VAL C 763 8.13 52.01 -13.87
C VAL C 763 7.92 52.92 -15.07
N SER C 764 6.83 53.69 -15.08
CA SER C 764 6.76 54.81 -16.01
C SER C 764 7.75 55.87 -15.55
N PHE C 765 8.53 56.42 -16.47
CA PHE C 765 9.54 57.43 -16.15
C PHE C 765 9.10 58.79 -16.65
N VAL C 766 9.35 59.82 -15.85
CA VAL C 766 9.21 61.22 -16.24
C VAL C 766 10.52 61.94 -15.97
N ASN C 767 10.80 63.05 -16.64
CA ASN C 767 12.04 63.83 -16.45
C ASN C 767 11.82 65.09 -15.60
N ASP C 768 10.71 65.18 -14.87
CA ASP C 768 10.42 66.30 -13.97
C ASP C 768 11.40 66.35 -12.80
N SER C 769 11.59 67.52 -12.21
CA SER C 769 12.52 67.73 -11.12
C SER C 769 12.06 66.97 -9.87
N ILE C 770 13.02 66.42 -9.14
CA ILE C 770 12.84 65.74 -7.85
C ILE C 770 12.84 66.71 -6.65
N GLU C 771 13.43 67.89 -6.81
CA GLU C 771 13.53 68.93 -5.78
C GLU C 771 12.29 69.86 -5.79
N SER C 772 12.26 70.88 -4.94
CA SER C 772 11.20 71.91 -4.93
C SER C 772 11.79 73.31 -5.05
N VAL C 773 11.72 73.92 -6.25
CA VAL C 773 12.11 75.32 -6.44
C VAL C 773 11.08 76.26 -5.82
N GLY C 774 11.53 77.28 -5.09
CA GLY C 774 10.61 77.98 -4.20
C GLY C 774 9.97 76.99 -3.22
N GLY C 775 8.65 77.01 -3.11
CA GLY C 775 7.89 75.95 -2.44
C GLY C 775 7.15 75.00 -3.39
N LEU C 776 7.48 74.98 -4.69
CA LEU C 776 6.72 74.30 -5.72
C LEU C 776 7.46 73.09 -6.28
N TYR C 777 6.72 72.01 -6.50
CA TYR C 777 7.18 70.77 -7.12
C TYR C 777 6.71 70.68 -8.57
N GLU C 778 7.33 69.80 -9.35
CA GLU C 778 7.02 69.63 -10.77
C GLU C 778 6.23 68.34 -10.99
N ILE C 779 5.00 68.46 -11.52
CA ILE C 779 4.05 67.35 -11.62
C ILE C 779 3.45 67.28 -13.02
N LYS C 780 3.34 66.08 -13.60
CA LYS C 780 2.52 65.82 -14.78
C LYS C 780 1.07 65.69 -14.35
N ILE C 781 0.22 66.61 -14.79
CA ILE C 781 -1.22 66.59 -14.58
C ILE C 781 -1.88 66.27 -15.92
N PRO C 782 -2.84 65.34 -16.02
CA PRO C 782 -3.54 65.08 -17.27
C PRO C 782 -4.18 66.33 -17.84
N THR C 783 -4.16 66.53 -19.15
CA THR C 783 -4.87 67.64 -19.81
C THR C 783 -5.94 67.12 -20.76
N ASN C 784 -6.04 65.81 -20.90
CA ASN C 784 -7.05 65.13 -21.70
C ASN C 784 -7.15 63.68 -21.26
N PHE C 785 -8.31 63.06 -21.39
CA PHE C 785 -8.55 61.71 -20.90
C PHE C 785 -9.50 60.93 -21.79
N THR C 786 -9.54 59.63 -21.56
CA THR C 786 -10.49 58.69 -22.14
C THR C 786 -10.90 57.68 -21.08
N ILE C 787 -11.87 56.86 -21.40
CA ILE C 787 -12.31 55.76 -20.55
C ILE C 787 -11.80 54.49 -21.19
N VAL C 788 -11.11 53.65 -20.41
CA VAL C 788 -10.68 52.33 -20.87
C VAL C 788 -11.46 51.28 -20.14
N GLY C 789 -11.86 50.23 -20.83
CA GLY C 789 -12.58 49.10 -20.26
C GLY C 789 -11.68 47.89 -20.24
N GLN C 790 -11.48 47.31 -19.07
CA GLN C 790 -10.76 46.06 -18.88
C GLN C 790 -11.73 45.01 -18.37
N GLU C 791 -11.86 43.90 -19.08
CA GLU C 791 -12.64 42.78 -18.64
C GLU C 791 -11.84 41.85 -17.71
N GLU C 792 -12.54 41.22 -16.79
CA GLU C 792 -11.99 40.25 -15.86
C GLU C 792 -12.98 39.11 -15.69
N PHE C 793 -12.53 37.87 -15.81
CA PHE C 793 -13.37 36.70 -15.54
C PHE C 793 -13.04 36.19 -14.16
N ILE C 794 -14.05 36.01 -13.32
CA ILE C 794 -13.89 35.36 -12.02
C ILE C 794 -14.73 34.10 -12.05
N GLN C 795 -14.09 32.97 -11.81
CA GLN C 795 -14.76 31.69 -11.80
C GLN C 795 -15.55 31.55 -10.51
N THR C 796 -16.85 31.42 -10.60
CA THR C 796 -17.72 31.26 -9.44
C THR C 796 -18.33 29.87 -9.34
N ASN C 797 -18.05 29.00 -10.31
CA ASN C 797 -18.67 27.70 -10.45
C ASN C 797 -17.74 26.74 -11.19
N SER C 798 -18.07 25.46 -11.18
CA SER C 798 -17.31 24.41 -11.84
C SER C 798 -18.24 23.34 -12.40
N PRO C 799 -17.87 22.55 -13.41
CA PRO C 799 -18.67 21.42 -13.81
C PRO C 799 -18.86 20.45 -12.63
N LYS C 800 -20.11 20.06 -12.34
CA LYS C 800 -20.42 19.21 -11.18
C LYS C 800 -20.19 17.76 -11.56
N VAL C 801 -18.98 17.26 -11.34
CA VAL C 801 -18.63 15.90 -11.70
C VAL C 801 -19.22 14.97 -10.66
N THR C 802 -19.99 14.00 -11.13
CA THR C 802 -20.51 12.89 -10.36
C THR C 802 -19.87 11.62 -10.88
N ILE C 803 -19.36 10.80 -9.98
CA ILE C 803 -18.78 9.52 -10.32
C ILE C 803 -19.61 8.44 -9.67
N ASP C 804 -20.16 7.52 -10.45
CA ASP C 804 -20.64 6.26 -9.90
C ASP C 804 -19.43 5.37 -9.63
N CYS C 805 -18.96 5.37 -8.39
CA CYS C 805 -17.79 4.60 -7.99
C CYS C 805 -17.94 3.10 -8.29
N SER C 806 -19.14 2.55 -8.17
CA SER C 806 -19.37 1.14 -8.46
C SER C 806 -19.24 0.84 -9.95
N LEU C 807 -19.95 1.56 -10.81
CA LEU C 807 -19.89 1.41 -12.27
C LEU C 807 -18.52 1.78 -12.84
N PHE C 808 -17.80 2.70 -12.21
CA PHE C 808 -16.42 3.02 -12.60
C PHE C 808 -15.49 1.85 -12.30
N VAL C 809 -15.45 1.38 -11.05
CA VAL C 809 -14.50 0.32 -10.66
C VAL C 809 -14.84 -1.02 -11.30
N CYS C 810 -16.12 -1.38 -11.42
CA CYS C 810 -16.60 -2.68 -11.89
C CYS C 810 -17.80 -2.50 -12.85
N SER C 811 -17.63 -2.57 -14.17
CA SER C 811 -18.69 -2.14 -15.10
C SER C 811 -20.03 -2.86 -14.88
N ASN C 812 -20.07 -4.17 -15.00
CA ASN C 812 -21.23 -5.00 -14.65
C ASN C 812 -20.84 -6.43 -14.25
N TYR C 813 -19.59 -6.61 -13.83
CA TYR C 813 -18.99 -7.90 -13.50
C TYR C 813 -19.24 -8.24 -12.04
N ALA C 814 -20.11 -9.22 -11.77
CA ALA C 814 -20.52 -9.56 -10.41
C ALA C 814 -19.33 -10.00 -9.53
N ALA C 815 -18.34 -10.68 -10.10
CA ALA C 815 -17.12 -11.07 -9.40
C ALA C 815 -16.32 -9.87 -8.88
N CYS C 816 -16.26 -8.79 -9.66
CA CYS C 816 -15.66 -7.54 -9.24
C CYS C 816 -16.49 -6.85 -8.17
N HIS C 817 -17.81 -6.76 -8.34
CA HIS C 817 -18.68 -6.15 -7.33
C HIS C 817 -18.63 -6.85 -5.98
N ASP C 818 -18.53 -8.18 -5.94
CA ASP C 818 -18.36 -8.91 -4.69
C ASP C 818 -17.06 -8.54 -3.99
N LEU C 819 -15.94 -8.50 -4.73
CA LEU C 819 -14.63 -8.14 -4.21
C LEU C 819 -14.60 -6.66 -3.77
N LEU C 820 -15.21 -5.76 -4.54
CA LEU C 820 -15.36 -4.35 -4.16
C LEU C 820 -16.21 -4.18 -2.90
N SER C 821 -17.29 -4.94 -2.76
CA SER C 821 -18.14 -4.90 -1.56
C SER C 821 -17.37 -5.39 -0.33
N GLU C 822 -16.57 -6.43 -0.50
CA GLU C 822 -15.66 -6.95 0.53
C GLU C 822 -14.60 -5.92 0.94
N TYR C 823 -14.25 -5.00 0.04
CA TYR C 823 -13.33 -3.89 0.30
C TYR C 823 -13.83 -2.87 1.30
N GLY C 824 -15.14 -2.72 1.48
CA GLY C 824 -15.76 -1.90 2.52
C GLY C 824 -16.53 -0.70 1.98
N THR C 825 -16.52 0.41 2.71
CA THR C 825 -17.34 1.59 2.41
C THR C 825 -16.58 2.64 1.61
N PHE C 826 -15.64 2.21 0.76
CA PHE C 826 -14.81 3.13 0.00
C PHE C 826 -15.63 3.95 -0.99
N CYS C 827 -16.52 3.30 -1.75
CA CYS C 827 -17.39 4.02 -2.67
C CYS C 827 -18.39 4.93 -1.97
N ASP C 828 -18.90 4.55 -0.81
CA ASP C 828 -19.78 5.42 -0.03
C ASP C 828 -19.07 6.71 0.38
N ASN C 829 -17.79 6.62 0.77
CA ASN C 829 -16.98 7.80 1.06
C ASN C 829 -16.76 8.64 -0.21
N ILE C 830 -16.40 8.05 -1.34
CA ILE C 830 -16.20 8.82 -2.58
C ILE C 830 -17.49 9.52 -3.01
N ASN C 831 -18.65 8.86 -2.96
CA ASN C 831 -19.94 9.50 -3.24
C ASN C 831 -20.26 10.60 -2.26
N SER C 832 -20.00 10.39 -0.98
CA SER C 832 -20.27 11.40 0.04
C SER C 832 -19.44 12.66 -0.16
N ILE C 833 -18.14 12.52 -0.44
CA ILE C 833 -17.27 13.66 -0.69
C ILE C 833 -17.69 14.42 -1.95
N LEU C 834 -17.98 13.73 -3.05
CA LEU C 834 -18.41 14.38 -4.27
C LEU C 834 -19.79 15.03 -4.11
N ASP C 835 -20.69 14.43 -3.38
CA ASP C 835 -21.97 15.07 -3.13
C ASP C 835 -21.84 16.29 -2.25
N GLU C 836 -21.00 16.26 -1.23
CA GLU C 836 -20.71 17.45 -0.42
C GLU C 836 -20.06 18.56 -1.25
N VAL C 837 -19.11 18.24 -2.12
CA VAL C 837 -18.48 19.20 -3.03
C VAL C 837 -19.51 19.80 -3.99
N ASN C 838 -20.37 18.99 -4.57
CA ASN C 838 -21.43 19.45 -5.46
C ASN C 838 -22.51 20.25 -4.74
N GLY C 839 -22.80 19.95 -3.48
CA GLY C 839 -23.63 20.77 -2.62
C GLY C 839 -23.02 22.13 -2.31
N LEU C 840 -21.71 22.22 -2.13
CA LEU C 840 -21.03 23.51 -2.01
C LEU C 840 -21.09 24.30 -3.31
N LEU C 841 -20.94 23.69 -4.47
CA LEU C 841 -21.11 24.38 -5.76
C LEU C 841 -22.54 24.89 -5.95
N ASP C 842 -23.55 24.11 -5.62
CA ASP C 842 -24.96 24.55 -5.68
C ASP C 842 -25.24 25.69 -4.71
N THR C 843 -24.78 25.57 -3.46
CA THR C 843 -24.92 26.62 -2.45
C THR C 843 -24.24 27.91 -2.88
N THR C 844 -23.05 27.79 -3.46
CA THR C 844 -22.29 28.93 -3.98
C THR C 844 -23.01 29.60 -5.15
N GLN C 845 -23.57 28.84 -6.08
CA GLN C 845 -24.33 29.44 -7.18
C GLN C 845 -25.56 30.19 -6.68
N LEU C 846 -26.24 29.71 -5.64
CA LEU C 846 -27.31 30.46 -5.00
C LEU C 846 -26.81 31.73 -4.32
N HIS C 847 -25.68 31.71 -3.62
CA HIS C 847 -25.14 32.94 -3.03
C HIS C 847 -24.75 33.96 -4.09
N VAL C 848 -24.23 33.54 -5.24
CA VAL C 848 -23.94 34.44 -6.36
C VAL C 848 -25.21 35.00 -6.97
N ALA C 849 -26.20 34.17 -7.25
CA ALA C 849 -27.48 34.62 -7.78
C ALA C 849 -28.21 35.55 -6.80
N ASP C 850 -28.17 35.25 -5.50
CA ASP C 850 -28.69 36.12 -4.46
C ASP C 850 -27.95 37.46 -4.45
N THR C 851 -26.62 37.44 -4.52
CA THR C 851 -25.81 38.65 -4.57
C THR C 851 -26.11 39.51 -5.78
N LEU C 852 -26.31 38.95 -6.97
CA LEU C 852 -26.71 39.72 -8.14
C LEU C 852 -28.08 40.35 -7.96
N MET C 853 -29.04 39.63 -7.41
CA MET C 853 -30.43 40.08 -7.29
C MET C 853 -30.71 40.96 -6.07
N GLN C 854 -29.86 40.91 -5.04
CA GLN C 854 -29.99 41.68 -3.82
C GLN C 854 -30.22 43.16 -4.11
N GLY C 855 -31.35 43.67 -3.63
CA GLY C 855 -31.71 45.08 -3.71
C GLY C 855 -32.16 45.55 -5.08
N VAL C 856 -32.30 44.68 -6.07
CA VAL C 856 -32.71 45.09 -7.43
C VAL C 856 -34.21 45.34 -7.44
N THR C 857 -34.58 46.55 -7.85
CA THR C 857 -35.94 46.98 -8.12
C THR C 857 -36.00 47.51 -9.54
N LEU C 858 -36.91 46.99 -10.37
CA LEU C 858 -37.10 47.40 -11.76
C LEU C 858 -38.53 47.88 -11.96
N SER C 859 -38.75 48.79 -12.90
CA SER C 859 -40.10 49.21 -13.24
C SER C 859 -40.77 48.18 -14.13
N SER C 860 -42.06 47.96 -13.93
CA SER C 860 -42.92 47.10 -14.76
C SER C 860 -43.09 47.66 -16.18
N ASN C 861 -42.83 48.94 -16.38
CA ASN C 861 -42.88 49.59 -17.69
C ASN C 861 -41.62 49.35 -18.53
N LEU C 862 -40.62 48.65 -18.01
CA LEU C 862 -39.42 48.29 -18.75
C LEU C 862 -39.75 47.35 -19.91
N ASN C 863 -39.17 47.60 -21.08
CA ASN C 863 -39.27 46.69 -22.21
C ASN C 863 -37.93 46.59 -22.96
N THR C 864 -37.49 45.36 -23.24
CA THR C 864 -36.24 45.09 -23.96
C THR C 864 -36.27 45.63 -25.39
N ASN C 865 -37.43 45.55 -26.05
CA ASN C 865 -37.54 45.86 -27.48
C ASN C 865 -37.41 47.36 -27.79
N LEU C 866 -37.71 48.26 -26.84
CA LEU C 866 -37.78 49.70 -27.09
C LEU C 866 -36.75 50.52 -26.30
N HIS C 867 -36.28 50.05 -25.12
CA HIS C 867 -35.41 50.84 -24.26
C HIS C 867 -33.93 50.44 -24.36
N PHE C 868 -33.24 51.07 -25.32
CA PHE C 868 -31.85 50.77 -25.65
C PHE C 868 -30.84 51.43 -24.71
N ASP C 869 -30.89 52.75 -24.66
CA ASP C 869 -29.84 53.60 -24.12
C ASP C 869 -30.39 54.81 -23.38
N VAL C 870 -29.59 55.35 -22.46
CA VAL C 870 -29.93 56.52 -21.67
C VAL C 870 -28.76 57.47 -21.67
N ASP C 871 -29.00 58.77 -21.89
CA ASP C 871 -27.97 59.82 -21.84
C ASP C 871 -26.76 59.54 -22.73
N ASN C 872 -27.02 59.05 -23.94
CA ASN C 872 -26.07 58.67 -24.97
C ASN C 872 -25.20 57.45 -24.64
N ILE C 873 -25.48 56.70 -23.57
CA ILE C 873 -24.68 55.53 -23.18
C ILE C 873 -25.51 54.28 -23.50
N ASN C 874 -24.98 53.44 -24.39
CA ASN C 874 -25.71 52.34 -24.99
C ASN C 874 -25.41 50.98 -24.37
N PHE C 875 -26.44 50.34 -23.81
CA PHE C 875 -26.35 48.97 -23.30
C PHE C 875 -27.32 47.99 -23.94
N LYS C 876 -27.73 48.18 -25.19
CA LYS C 876 -28.56 47.15 -25.84
C LYS C 876 -27.84 45.81 -25.92
N SER C 877 -26.52 45.82 -25.93
CA SER C 877 -25.74 44.60 -25.97
C SER C 877 -25.53 43.95 -24.60
N LEU C 878 -25.67 44.68 -23.49
CA LEU C 878 -25.55 44.12 -22.14
C LEU C 878 -26.87 43.63 -21.56
N VAL C 879 -27.98 44.01 -22.18
CA VAL C 879 -29.33 43.74 -21.68
C VAL C 879 -29.99 42.71 -22.58
N GLY C 880 -30.42 41.59 -22.01
CA GLY C 880 -31.20 40.59 -22.71
C GLY C 880 -32.71 40.81 -22.56
N CYS C 881 -33.50 39.79 -22.87
CA CYS C 881 -34.94 39.84 -22.68
C CYS C 881 -35.32 39.91 -21.19
N LEU C 882 -36.38 40.65 -20.87
CA LEU C 882 -36.91 40.87 -19.52
C LEU C 882 -38.32 40.31 -19.37
N GLY C 883 -38.61 39.72 -18.21
CA GLY C 883 -39.95 39.24 -17.86
C GLY C 883 -40.30 37.87 -18.46
N PRO C 884 -41.44 37.28 -18.08
CA PRO C 884 -41.85 35.95 -18.51
C PRO C 884 -42.48 35.92 -19.91
N HIS C 885 -42.55 37.06 -20.62
CA HIS C 885 -43.16 37.18 -21.95
C HIS C 885 -42.44 36.32 -23.00
N CYS C 886 -41.10 36.28 -22.92
CA CYS C 886 -40.23 35.45 -23.76
C CYS C 886 -39.64 34.20 -23.08
N GLY C 887 -39.79 34.04 -21.76
CA GLY C 887 -39.22 32.91 -21.02
C GLY C 887 -37.69 32.89 -21.04
N SER C 888 -37.11 31.96 -21.80
CA SER C 888 -35.67 31.85 -22.04
C SER C 888 -35.17 32.97 -22.97
N SER C 889 -33.90 32.91 -23.42
CA SER C 889 -33.28 33.96 -24.27
C SER C 889 -33.20 35.34 -23.58
N SER C 890 -33.23 35.36 -22.25
CA SER C 890 -32.87 36.52 -21.40
C SER C 890 -31.36 36.81 -21.41
N ARG C 891 -30.54 35.96 -22.04
CA ARG C 891 -29.13 36.20 -22.33
C ARG C 891 -28.94 37.42 -23.23
N SER C 892 -27.96 38.27 -22.93
CA SER C 892 -27.69 39.47 -23.72
C SER C 892 -26.81 39.18 -24.94
N PHE C 893 -26.67 40.14 -25.86
CA PHE C 893 -25.79 39.97 -27.04
C PHE C 893 -24.34 39.74 -26.62
N PHE C 894 -23.87 40.47 -25.62
CA PHE C 894 -22.54 40.30 -25.04
C PHE C 894 -22.37 38.89 -24.46
N GLU C 895 -23.32 38.41 -23.68
CA GLU C 895 -23.26 37.07 -23.10
C GLU C 895 -23.41 36.01 -24.20
N ASP C 896 -24.21 36.23 -25.24
CA ASP C 896 -24.33 35.30 -26.36
C ASP C 896 -22.98 35.16 -27.07
N LEU C 897 -22.31 36.27 -27.33
CA LEU C 897 -21.00 36.29 -27.96
C LEU C 897 -19.93 35.60 -27.10
N LEU C 898 -20.06 35.67 -25.78
CA LEU C 898 -19.25 34.93 -24.81
C LEU C 898 -19.55 33.43 -24.74
N PHE C 899 -20.82 33.04 -24.72
CA PHE C 899 -21.27 31.64 -24.63
C PHE C 899 -21.16 30.88 -25.95
N ASP C 900 -21.17 31.54 -27.11
CA ASP C 900 -20.97 30.89 -28.40
C ASP C 900 -19.52 30.44 -28.66
N LYS C 901 -18.55 30.91 -27.87
CA LYS C 901 -17.14 30.53 -27.96
C LYS C 901 -16.70 29.48 -26.95
N VAL C 902 -17.63 28.91 -26.19
CA VAL C 902 -17.39 27.79 -25.27
C VAL C 902 -18.39 26.68 -25.53
N LYS C 903 -17.95 25.52 -26.01
CA LYS C 903 -18.89 24.45 -26.39
C LYS C 903 -19.52 23.81 -25.15
N LEU C 904 -18.71 23.46 -24.15
CA LEU C 904 -19.16 22.71 -22.97
C LEU C 904 -19.54 23.64 -21.81
N SER C 905 -20.55 24.47 -22.02
CA SER C 905 -21.30 25.11 -20.93
C SER C 905 -22.32 24.09 -20.38
N ASP C 906 -23.25 24.50 -19.52
CA ASP C 906 -24.27 23.60 -19.00
C ASP C 906 -25.16 23.03 -20.12
N VAL C 907 -25.62 23.86 -21.05
CA VAL C 907 -26.39 23.41 -22.21
C VAL C 907 -25.53 22.54 -23.12
N GLY C 908 -24.24 22.83 -23.23
CA GLY C 908 -23.32 22.03 -24.02
C GLY C 908 -23.15 20.62 -23.48
N PHE C 909 -22.99 20.46 -22.17
CA PHE C 909 -22.97 19.16 -21.54
C PHE C 909 -24.30 18.42 -21.69
N VAL C 910 -25.44 19.09 -21.53
CA VAL C 910 -26.74 18.45 -21.74
C VAL C 910 -26.87 17.97 -23.19
N GLU C 911 -26.50 18.77 -24.17
CA GLU C 911 -26.57 18.35 -25.58
C GLU C 911 -25.59 17.22 -25.89
N ALA C 912 -24.38 17.25 -25.36
CA ALA C 912 -23.42 16.18 -25.58
C ALA C 912 -23.88 14.85 -25.00
N TYR C 913 -24.49 14.86 -23.81
CA TYR C 913 -25.03 13.65 -23.23
C TYR C 913 -26.34 13.21 -23.90
N ASN C 914 -27.13 14.12 -24.46
CA ASN C 914 -28.31 13.76 -25.25
C ASN C 914 -27.92 12.98 -26.50
N ASN C 915 -26.76 13.27 -27.08
CA ASN C 915 -26.23 12.60 -28.27
C ASN C 915 -25.51 11.28 -27.97
N CYS C 916 -25.65 10.69 -26.79
CA CYS C 916 -25.01 9.41 -26.49
C CYS C 916 -25.82 8.20 -26.97
N THR C 917 -27.15 8.34 -27.08
CA THR C 917 -28.05 7.31 -27.63
C THR C 917 -28.41 7.54 -29.10
N GLY C 918 -27.79 8.51 -29.78
CA GLY C 918 -27.92 8.68 -31.24
C GLY C 918 -27.14 7.60 -32.01
N GLY C 919 -27.40 7.48 -33.31
CA GLY C 919 -26.72 6.51 -34.19
C GLY C 919 -25.42 7.02 -34.84
N SER C 920 -24.87 8.14 -34.36
CA SER C 920 -23.69 8.78 -34.94
C SER C 920 -22.44 7.89 -34.89
N GLU C 921 -21.67 7.84 -35.97
CA GLU C 921 -20.39 7.13 -36.00
C GLU C 921 -19.35 7.73 -35.06
N ILE C 922 -19.28 9.06 -34.98
CA ILE C 922 -18.38 9.78 -34.08
C ILE C 922 -18.86 9.58 -32.63
N ARG C 923 -18.08 8.86 -31.84
CA ARG C 923 -18.34 8.63 -30.41
C ARG C 923 -17.69 9.76 -29.62
N ASP C 924 -18.48 10.66 -29.08
CA ASP C 924 -17.95 11.69 -28.19
C ASP C 924 -17.26 11.05 -26.98
N LEU C 925 -16.10 11.55 -26.61
CA LEU C 925 -15.38 11.11 -25.43
C LEU C 925 -16.20 11.29 -24.15
N LEU C 926 -17.09 12.29 -24.11
CA LEU C 926 -18.05 12.44 -23.01
C LEU C 926 -19.00 11.25 -22.89
N CYS C 927 -19.43 10.68 -24.01
CA CYS C 927 -20.31 9.51 -23.96
C CYS C 927 -19.57 8.31 -23.38
N VAL C 928 -18.31 8.09 -23.79
CA VAL C 928 -17.49 7.03 -23.21
C VAL C 928 -17.30 7.27 -21.71
N GLN C 929 -17.07 8.50 -21.26
CA GLN C 929 -16.95 8.78 -19.83
C GLN C 929 -18.25 8.47 -19.09
N SER C 930 -19.40 8.87 -19.64
CA SER C 930 -20.70 8.67 -18.98
C SER C 930 -21.05 7.19 -18.86
N PHE C 931 -20.78 6.37 -19.88
CA PHE C 931 -21.00 4.93 -19.83
C PHE C 931 -20.04 4.23 -18.87
N ASN C 932 -18.97 4.88 -18.44
CA ASN C 932 -18.07 4.43 -17.38
C ASN C 932 -18.37 5.06 -16.01
N GLY C 933 -19.52 5.74 -15.85
CA GLY C 933 -19.96 6.29 -14.58
C GLY C 933 -19.51 7.71 -14.29
N ILE C 934 -18.74 8.35 -15.17
CA ILE C 934 -18.22 9.71 -14.99
C ILE C 934 -19.09 10.67 -15.77
N LYS C 935 -19.90 11.47 -15.07
CA LYS C 935 -20.85 12.40 -15.72
C LYS C 935 -20.90 13.76 -15.04
N VAL C 936 -21.12 14.82 -15.81
CA VAL C 936 -21.25 16.18 -15.29
C VAL C 936 -22.72 16.52 -15.23
N LEU C 937 -23.23 16.77 -14.03
CA LEU C 937 -24.61 17.18 -13.86
C LEU C 937 -24.75 18.69 -14.08
N PRO C 938 -25.90 19.15 -14.58
CA PRO C 938 -26.12 20.58 -14.75
C PRO C 938 -26.21 21.28 -13.39
N PRO C 939 -25.85 22.58 -13.31
CA PRO C 939 -25.95 23.37 -12.09
C PRO C 939 -27.41 23.59 -11.72
N ILE C 940 -27.72 23.88 -10.46
CA ILE C 940 -29.13 24.01 -10.05
C ILE C 940 -29.86 25.16 -10.71
N LEU C 941 -29.17 26.24 -11.08
CA LEU C 941 -29.72 27.32 -11.91
C LEU C 941 -29.08 27.30 -13.27
N SER C 942 -29.85 27.34 -14.34
CA SER C 942 -29.28 27.32 -15.69
C SER C 942 -28.47 28.59 -15.95
N GLU C 943 -27.50 28.53 -16.85
CA GLU C 943 -26.80 29.74 -17.26
C GLU C 943 -27.74 30.76 -17.90
N SER C 944 -28.91 30.38 -18.42
CA SER C 944 -29.93 31.33 -18.88
C SER C 944 -30.56 32.10 -17.71
N GLN C 945 -30.81 31.45 -16.57
CA GLN C 945 -31.30 32.15 -15.38
C GLN C 945 -30.29 33.15 -14.84
N ILE C 946 -29.02 32.75 -14.73
CA ILE C 946 -27.97 33.66 -14.28
C ILE C 946 -27.83 34.82 -15.26
N SER C 947 -27.97 34.60 -16.56
CA SER C 947 -27.98 35.67 -17.56
C SER C 947 -29.16 36.61 -17.36
N GLY C 948 -30.31 36.10 -16.95
CA GLY C 948 -31.43 36.93 -16.54
C GLY C 948 -31.11 37.76 -15.30
N TYR C 949 -30.43 37.22 -14.30
CA TYR C 949 -30.02 37.95 -13.10
C TYR C 949 -28.96 39.03 -13.38
N THR C 950 -27.97 38.78 -14.22
CA THR C 950 -27.01 39.79 -14.66
C THR C 950 -27.67 40.84 -15.54
N THR C 951 -28.65 40.47 -16.36
CA THR C 951 -29.46 41.47 -17.08
C THR C 951 -30.27 42.32 -16.12
N ALA C 952 -30.94 41.76 -15.11
CA ALA C 952 -31.68 42.56 -14.15
C ALA C 952 -30.76 43.48 -13.36
N ALA C 953 -29.61 43.01 -12.90
CA ALA C 953 -28.60 43.84 -12.26
C ALA C 953 -28.05 44.94 -13.17
N THR C 954 -27.94 44.70 -14.48
CA THR C 954 -27.50 45.73 -15.42
C THR C 954 -28.57 46.79 -15.65
N VAL C 955 -29.82 46.41 -15.90
CA VAL C 955 -30.89 47.42 -16.13
C VAL C 955 -31.29 48.16 -14.85
N ALA C 956 -30.97 47.61 -13.69
CA ALA C 956 -31.12 48.27 -12.40
C ALA C 956 -30.18 49.48 -12.23
N ALA C 957 -29.33 49.76 -13.19
CA ALA C 957 -28.52 50.95 -13.21
C ALA C 957 -28.98 52.01 -14.23
N MET C 958 -29.79 51.68 -15.24
CA MET C 958 -30.16 52.64 -16.30
C MET C 958 -31.38 53.48 -15.98
N PHE C 959 -32.41 52.89 -15.39
CA PHE C 959 -33.73 53.50 -15.25
C PHE C 959 -34.14 53.61 -13.79
N PRO C 960 -35.06 54.53 -13.44
CA PRO C 960 -35.55 54.65 -12.08
C PRO C 960 -36.08 53.32 -11.54
N PRO C 961 -35.82 52.99 -10.26
CA PRO C 961 -35.20 53.82 -9.25
C PRO C 961 -33.67 53.81 -9.21
N TRP C 962 -33.01 53.27 -10.23
CA TRP C 962 -31.56 53.06 -10.29
C TRP C 962 -31.03 52.32 -9.07
N SER C 963 -31.67 51.20 -8.75
CA SER C 963 -31.46 50.45 -7.50
C SER C 963 -30.09 49.80 -7.34
N ALA C 964 -29.27 49.77 -8.39
CA ALA C 964 -27.90 49.28 -8.37
C ALA C 964 -26.89 50.34 -8.88
N ALA C 965 -27.26 51.61 -8.85
CA ALA C 965 -26.42 52.74 -9.28
C ALA C 965 -26.51 53.91 -8.29
N ALA C 966 -26.55 53.61 -6.99
CA ALA C 966 -26.63 54.61 -5.94
C ALA C 966 -27.88 55.50 -6.00
N GLY C 967 -28.95 55.05 -6.65
CA GLY C 967 -30.20 55.80 -6.69
C GLY C 967 -30.17 57.04 -7.55
N ILE C 968 -29.26 57.17 -8.52
CA ILE C 968 -29.19 58.29 -9.45
C ILE C 968 -28.97 57.79 -10.88
N PRO C 969 -29.24 58.59 -11.92
CA PRO C 969 -28.99 58.18 -13.30
C PRO C 969 -27.55 57.75 -13.54
N PHE C 970 -27.37 56.77 -14.43
CA PHE C 970 -26.06 56.15 -14.65
C PHE C 970 -25.01 57.16 -15.12
N SER C 971 -25.37 58.08 -16.02
CA SER C 971 -24.46 59.13 -16.48
C SER C 971 -24.03 60.07 -15.35
N LEU C 972 -24.91 60.43 -14.44
CA LEU C 972 -24.56 61.21 -13.26
C LEU C 972 -23.67 60.42 -12.32
N ASN C 973 -23.91 59.12 -12.15
CA ASN C 973 -23.02 58.29 -11.35
C ASN C 973 -21.61 58.24 -11.97
N VAL C 974 -21.49 58.10 -13.30
CA VAL C 974 -20.20 58.17 -14.00
C VAL C 974 -19.54 59.51 -13.76
N GLN C 975 -20.28 60.61 -13.89
CA GLN C 975 -19.75 61.95 -13.69
C GLN C 975 -19.23 62.15 -12.27
N TYR C 976 -19.98 61.76 -11.25
CA TYR C 976 -19.57 61.91 -9.86
C TYR C 976 -18.40 61.00 -9.51
N ARG C 977 -18.32 59.80 -10.09
CA ARG C 977 -17.16 58.92 -9.95
C ARG C 977 -15.92 59.49 -10.60
N ILE C 978 -16.00 60.06 -11.80
CA ILE C 978 -14.85 60.71 -12.43
C ILE C 978 -14.43 61.93 -11.61
N ASN C 979 -15.38 62.73 -11.11
CA ASN C 979 -15.04 63.88 -10.29
C ASN C 979 -14.38 63.47 -8.97
N GLY C 980 -14.77 62.34 -8.39
CA GLY C 980 -14.14 61.81 -7.17
C GLY C 980 -12.66 61.48 -7.32
N LEU C 981 -12.14 61.32 -8.54
CA LEU C 981 -10.73 61.09 -8.82
C LEU C 981 -9.89 62.36 -8.83
N GLY C 982 -10.52 63.54 -8.80
CA GLY C 982 -9.82 64.81 -8.90
C GLY C 982 -10.00 65.51 -10.24
N VAL C 983 -11.14 65.31 -10.90
CA VAL C 983 -11.48 65.97 -12.17
C VAL C 983 -12.57 66.98 -11.88
N THR C 984 -12.39 68.24 -12.30
CA THR C 984 -13.39 69.28 -12.04
C THR C 984 -14.72 68.93 -12.72
N MET C 985 -15.84 69.29 -12.12
CA MET C 985 -17.13 69.00 -12.73
C MET C 985 -17.38 69.81 -13.99
N ASP C 986 -16.66 70.92 -14.18
CA ASP C 986 -16.88 71.85 -15.29
C ASP C 986 -16.63 71.18 -16.63
N VAL C 987 -15.43 70.62 -16.83
CA VAL C 987 -15.15 69.86 -18.05
C VAL C 987 -16.03 68.63 -18.16
N LEU C 988 -16.46 68.06 -17.04
CA LEU C 988 -17.20 66.80 -16.98
C LEU C 988 -18.61 66.97 -17.51
N ASN C 989 -19.31 68.03 -17.13
CA ASN C 989 -20.64 68.28 -17.67
C ASN C 989 -20.63 69.14 -18.94
N LYS C 990 -19.46 69.60 -19.38
CA LYS C 990 -19.27 70.18 -20.72
C LYS C 990 -18.96 69.07 -21.75
N ASN C 991 -18.27 68.00 -21.34
CA ASN C 991 -17.89 66.88 -22.21
C ASN C 991 -18.71 65.61 -21.93
N GLN C 992 -20.01 65.75 -21.63
CA GLN C 992 -20.85 64.59 -21.36
C GLN C 992 -20.95 63.65 -22.57
N LYS C 993 -21.12 64.18 -23.79
CA LYS C 993 -21.17 63.32 -24.99
C LYS C 993 -19.87 62.58 -25.24
N LEU C 994 -18.73 63.24 -25.12
CA LEU C 994 -17.43 62.60 -25.33
C LEU C 994 -17.18 61.54 -24.27
N ILE C 995 -17.57 61.78 -23.03
CA ILE C 995 -17.49 60.78 -21.95
C ILE C 995 -18.40 59.59 -22.26
N ALA C 996 -19.62 59.82 -22.74
CA ALA C 996 -20.52 58.75 -23.14
C ALA C 996 -20.00 57.92 -24.32
N THR C 997 -19.49 58.55 -25.38
CA THR C 997 -18.90 57.83 -26.50
C THR C 997 -17.62 57.11 -26.10
N ALA C 998 -16.80 57.68 -25.21
CA ALA C 998 -15.66 56.94 -24.67
C ALA C 998 -16.11 55.72 -23.87
N PHE C 999 -17.19 55.85 -23.10
CA PHE C 999 -17.72 54.75 -22.32
C PHE C 999 -18.20 53.63 -23.24
N ASN C 1000 -19.03 53.94 -24.25
CA ASN C 1000 -19.54 52.88 -25.11
C ASN C 1000 -18.50 52.38 -26.14
N ASN C 1001 -17.45 53.15 -26.44
CA ASN C 1001 -16.31 52.63 -27.19
C ASN C 1001 -15.47 51.69 -26.32
N ALA C 1002 -15.31 51.94 -25.02
CA ALA C 1002 -14.66 50.99 -24.14
C ALA C 1002 -15.46 49.69 -24.05
N LEU C 1003 -16.79 49.77 -23.99
CA LEU C 1003 -17.68 48.63 -24.11
C LEU C 1003 -17.49 47.85 -25.41
N LEU C 1004 -17.45 48.53 -26.56
CA LEU C 1004 -17.20 47.87 -27.85
C LEU C 1004 -15.78 47.29 -27.90
N SER C 1005 -14.78 47.92 -27.31
CA SER C 1005 -13.43 47.37 -27.25
C SER C 1005 -13.37 46.07 -26.46
N ILE C 1006 -14.10 45.96 -25.34
CA ILE C 1006 -14.23 44.72 -24.61
C ILE C 1006 -14.92 43.68 -25.50
N GLN C 1007 -16.01 44.04 -26.19
CA GLN C 1007 -16.73 43.11 -27.06
C GLN C 1007 -15.88 42.60 -28.22
N ASN C 1008 -15.10 43.47 -28.87
CA ASN C 1008 -14.28 43.06 -30.00
C ASN C 1008 -13.02 42.33 -29.56
N GLY C 1009 -12.62 42.45 -28.30
CA GLY C 1009 -11.45 41.76 -27.74
C GLY C 1009 -11.61 40.25 -27.57
N PHE C 1010 -12.82 39.72 -27.68
CA PHE C 1010 -13.06 38.26 -27.67
C PHE C 1010 -12.78 37.59 -29.02
N SER C 1011 -12.83 38.34 -30.12
CA SER C 1011 -12.44 37.85 -31.46
C SER C 1011 -10.93 37.63 -31.59
N ALA C 1012 -10.16 38.10 -30.63
CA ALA C 1012 -8.71 37.96 -30.49
C ALA C 1012 -8.37 37.05 -29.31
N PRO C 1013 -7.15 36.50 -29.20
CA PRO C 1013 -6.73 35.71 -28.05
C PRO C 1013 -6.53 36.60 -26.81
N ASN C 1014 -7.61 36.97 -26.12
CA ASN C 1014 -7.55 37.71 -24.85
C ASN C 1014 -7.51 36.79 -23.63
N SER C 1015 -7.03 37.31 -22.51
CA SER C 1015 -6.81 36.51 -21.31
C SER C 1015 -8.11 36.05 -20.65
N ALA C 1016 -9.22 36.78 -20.78
CA ALA C 1016 -10.48 36.39 -20.17
C ALA C 1016 -11.10 35.17 -20.84
N LEU C 1017 -11.20 35.13 -22.17
CA LEU C 1017 -11.73 33.96 -22.87
C LEU C 1017 -10.82 32.75 -22.71
N ALA C 1018 -9.50 32.95 -22.70
CA ALA C 1018 -8.56 31.89 -22.39
C ALA C 1018 -8.75 31.37 -20.95
N LYS C 1019 -9.01 32.24 -19.98
CA LYS C 1019 -9.29 31.84 -18.60
C LYS C 1019 -10.61 31.05 -18.50
N ILE C 1020 -11.65 31.46 -19.23
CA ILE C 1020 -12.92 30.73 -19.29
C ILE C 1020 -12.71 29.34 -19.90
N GLN C 1021 -12.02 29.23 -21.03
CA GLN C 1021 -11.81 27.93 -21.68
C GLN C 1021 -10.84 27.06 -20.88
N SER C 1022 -9.98 27.64 -20.05
CA SER C 1022 -9.14 26.87 -19.14
C SER C 1022 -9.95 26.07 -18.13
N VAL C 1023 -11.11 26.58 -17.67
CA VAL C 1023 -11.98 25.82 -16.77
C VAL C 1023 -12.50 24.57 -17.48
N VAL C 1024 -13.03 24.73 -18.69
CA VAL C 1024 -13.55 23.60 -19.48
C VAL C 1024 -12.44 22.62 -19.85
N ASN C 1025 -11.30 23.09 -20.32
CA ASN C 1025 -10.18 22.25 -20.73
C ASN C 1025 -9.54 21.52 -19.55
N SER C 1026 -9.38 22.16 -18.39
CA SER C 1026 -8.86 21.49 -17.20
C SER C 1026 -9.83 20.45 -16.67
N ASN C 1027 -11.14 20.71 -16.71
CA ASN C 1027 -12.14 19.70 -16.36
C ASN C 1027 -12.09 18.52 -17.34
N ALA C 1028 -12.06 18.77 -18.65
CA ALA C 1028 -12.00 17.71 -19.64
C ALA C 1028 -10.70 16.90 -19.55
N GLN C 1029 -9.57 17.55 -19.26
CA GLN C 1029 -8.31 16.87 -19.00
C GLN C 1029 -8.38 16.03 -17.72
N ALA C 1030 -8.98 16.52 -16.63
CA ALA C 1030 -9.12 15.72 -15.42
C ALA C 1030 -10.02 14.50 -15.64
N LEU C 1031 -11.18 14.67 -16.27
CA LEU C 1031 -12.09 13.58 -16.58
C LEU C 1031 -11.50 12.57 -17.54
N ASN C 1032 -10.77 13.03 -18.56
CA ASN C 1032 -10.09 12.13 -19.47
C ASN C 1032 -9.01 11.36 -18.72
N SER C 1033 -8.25 12.00 -17.83
CA SER C 1033 -7.24 11.28 -17.07
C SER C 1033 -7.86 10.22 -16.17
N LEU C 1034 -9.01 10.51 -15.55
CA LEU C 1034 -9.74 9.53 -14.77
C LEU C 1034 -10.26 8.37 -15.64
N LEU C 1035 -10.76 8.62 -16.85
CA LEU C 1035 -11.14 7.55 -17.75
C LEU C 1035 -9.91 6.72 -18.17
N GLN C 1036 -8.77 7.35 -18.45
CA GLN C 1036 -7.56 6.65 -18.83
C GLN C 1036 -7.09 5.70 -17.72
N GLN C 1037 -7.40 6.01 -16.46
CA GLN C 1037 -7.07 5.13 -15.34
C GLN C 1037 -7.83 3.81 -15.36
N LEU C 1038 -8.88 3.63 -16.16
CA LEU C 1038 -9.51 2.31 -16.33
C LEU C 1038 -8.69 1.38 -17.20
N PHE C 1039 -7.87 1.90 -18.11
CA PHE C 1039 -7.11 1.07 -19.05
C PHE C 1039 -5.68 0.78 -18.60
N ASN C 1040 -5.31 1.16 -17.38
CA ASN C 1040 -4.04 0.80 -16.78
C ASN C 1040 -4.13 -0.59 -16.17
N LYS C 1041 -3.09 -1.42 -16.33
CA LYS C 1041 -3.07 -2.78 -15.78
C LYS C 1041 -2.87 -2.79 -14.27
N PHE C 1042 -2.17 -1.83 -13.70
CA PHE C 1042 -1.82 -1.80 -12.27
C PHE C 1042 -1.09 -3.07 -11.78
N GLY C 1043 -0.33 -3.74 -12.65
CA GLY C 1043 0.33 -4.99 -12.30
C GLY C 1043 -0.55 -6.24 -12.48
N ALA C 1044 -1.80 -6.11 -12.92
CA ALA C 1044 -2.61 -7.25 -13.35
C ALA C 1044 -2.20 -7.76 -14.75
N ILE C 1045 -2.66 -8.95 -15.14
CA ILE C 1045 -2.42 -9.50 -16.48
C ILE C 1045 -3.06 -8.68 -17.61
N SER C 1046 -4.13 -7.94 -17.31
CA SER C 1046 -4.84 -7.08 -18.25
C SER C 1046 -5.59 -5.98 -17.51
N SER C 1047 -5.95 -4.90 -18.18
CA SER C 1047 -6.82 -3.85 -17.65
C SER C 1047 -8.31 -4.14 -17.89
N SER C 1048 -8.66 -5.19 -18.62
CA SER C 1048 -10.05 -5.53 -18.90
C SER C 1048 -10.53 -6.69 -18.03
N LEU C 1049 -11.65 -6.48 -17.33
CA LEU C 1049 -12.28 -7.52 -16.51
C LEU C 1049 -12.88 -8.64 -17.38
N GLN C 1050 -13.34 -8.33 -18.60
CA GLN C 1050 -13.76 -9.34 -19.57
C GLN C 1050 -12.60 -10.28 -19.90
N GLU C 1051 -11.40 -9.76 -20.16
CA GLU C 1051 -10.25 -10.62 -20.43
C GLU C 1051 -9.86 -11.45 -19.20
N ILE C 1052 -9.86 -10.89 -17.99
CA ILE C 1052 -9.46 -11.67 -16.81
C ILE C 1052 -10.47 -12.80 -16.57
N LEU C 1053 -11.77 -12.50 -16.60
CA LEU C 1053 -12.81 -13.48 -16.32
C LEU C 1053 -13.01 -14.50 -17.44
N SER C 1054 -12.60 -14.20 -18.69
CA SER C 1054 -12.57 -15.18 -19.78
C SER C 1054 -11.25 -15.96 -19.86
N ARG C 1055 -10.31 -15.75 -18.93
CA ARG C 1055 -9.02 -16.45 -18.91
C ARG C 1055 -8.78 -17.27 -17.64
N LEU C 1056 -9.15 -16.75 -16.47
CA LEU C 1056 -8.73 -17.31 -15.18
C LEU C 1056 -9.93 -17.84 -14.39
N ASP C 1057 -9.68 -18.82 -13.51
CA ASP C 1057 -10.67 -19.24 -12.52
C ASP C 1057 -10.75 -18.27 -11.33
N PRO C 1058 -11.86 -18.29 -10.56
CA PRO C 1058 -12.06 -17.36 -9.47
C PRO C 1058 -10.92 -17.24 -8.45
N PRO C 1059 -10.24 -18.32 -8.01
CA PRO C 1059 -9.15 -18.22 -7.05
C PRO C 1059 -8.00 -17.29 -7.47
N GLU C 1060 -7.60 -17.24 -8.74
CA GLU C 1060 -6.57 -16.31 -9.20
C GLU C 1060 -7.12 -15.11 -9.97
N ALA C 1061 -8.27 -15.20 -10.64
CA ALA C 1061 -8.95 -14.02 -11.16
C ALA C 1061 -9.25 -13.03 -10.02
N GLN C 1062 -9.47 -13.50 -8.80
CA GLN C 1062 -9.64 -12.65 -7.63
C GLN C 1062 -8.38 -11.81 -7.39
N VAL C 1063 -7.18 -12.37 -7.53
CA VAL C 1063 -5.92 -11.64 -7.32
C VAL C 1063 -5.76 -10.54 -8.36
N GLN C 1064 -6.05 -10.86 -9.62
CA GLN C 1064 -5.98 -9.88 -10.71
C GLN C 1064 -6.99 -8.75 -10.52
N ILE C 1065 -8.23 -9.08 -10.18
CA ILE C 1065 -9.28 -8.09 -9.96
C ILE C 1065 -8.97 -7.24 -8.72
N ASP C 1066 -8.35 -7.79 -7.68
CA ASP C 1066 -7.96 -7.05 -6.50
C ASP C 1066 -6.92 -5.98 -6.87
N ARG C 1067 -5.93 -6.30 -7.70
CA ARG C 1067 -4.96 -5.31 -8.20
C ARG C 1067 -5.66 -4.18 -8.96
N LEU C 1068 -6.61 -4.49 -9.85
CA LEU C 1068 -7.38 -3.46 -10.55
C LEU C 1068 -8.22 -2.61 -9.60
N ILE C 1069 -8.91 -3.21 -8.64
CA ILE C 1069 -9.69 -2.48 -7.65
C ILE C 1069 -8.78 -1.54 -6.86
N ASN C 1070 -7.62 -1.99 -6.41
CA ASN C 1070 -6.68 -1.12 -5.68
C ASN C 1070 -6.21 0.04 -6.53
N GLY C 1071 -5.84 -0.18 -7.78
CA GLY C 1071 -5.44 0.90 -8.68
C GLY C 1071 -6.57 1.90 -8.93
N ARG C 1072 -7.77 1.42 -9.27
CA ARG C 1072 -8.93 2.25 -9.58
C ARG C 1072 -9.46 3.01 -8.36
N LEU C 1073 -9.45 2.41 -7.16
CA LEU C 1073 -9.81 3.13 -5.94
C LEU C 1073 -8.76 4.19 -5.59
N THR C 1074 -7.47 3.91 -5.77
CA THR C 1074 -6.43 4.92 -5.58
C THR C 1074 -6.60 6.08 -6.54
N ALA C 1075 -6.92 5.81 -7.81
CA ALA C 1075 -7.21 6.82 -8.81
C ALA C 1075 -8.40 7.70 -8.40
N LEU C 1076 -9.49 7.11 -7.91
CA LEU C 1076 -10.63 7.88 -7.39
C LEU C 1076 -10.25 8.72 -6.19
N ASN C 1077 -9.50 8.20 -5.23
CA ASN C 1077 -9.07 8.99 -4.08
C ASN C 1077 -8.23 10.20 -4.51
N ALA C 1078 -7.29 10.01 -5.44
CA ALA C 1078 -6.48 11.09 -5.97
C ALA C 1078 -7.34 12.14 -6.68
N TYR C 1079 -8.29 11.71 -7.50
CA TYR C 1079 -9.22 12.63 -8.16
C TYR C 1079 -10.09 13.39 -7.16
N VAL C 1080 -10.59 12.73 -6.12
CA VAL C 1080 -11.40 13.38 -5.08
C VAL C 1080 -10.61 14.44 -4.31
N SER C 1081 -9.36 14.13 -3.95
CA SER C 1081 -8.49 15.09 -3.26
C SER C 1081 -8.20 16.31 -4.13
N GLN C 1082 -7.93 16.12 -5.42
CA GLN C 1082 -7.77 17.24 -6.35
C GLN C 1082 -9.08 18.04 -6.44
N GLN C 1083 -10.23 17.38 -6.54
CA GLN C 1083 -11.51 18.07 -6.68
C GLN C 1083 -11.86 18.90 -5.45
N LEU C 1084 -11.56 18.43 -4.24
CA LEU C 1084 -11.73 19.21 -3.01
C LEU C 1084 -10.87 20.47 -3.03
N SER C 1085 -9.60 20.35 -3.41
CA SER C 1085 -8.71 21.51 -3.51
C SER C 1085 -9.20 22.50 -4.55
N ASP C 1086 -9.59 22.05 -5.73
CA ASP C 1086 -10.12 22.92 -6.78
C ASP C 1086 -11.41 23.61 -6.35
N ILE C 1087 -12.30 22.94 -5.63
CA ILE C 1087 -13.53 23.58 -5.17
C ILE C 1087 -13.27 24.61 -4.08
N SER C 1088 -12.25 24.43 -3.24
CA SER C 1088 -11.80 25.51 -2.36
C SER C 1088 -11.35 26.76 -3.12
N LEU C 1089 -10.60 26.62 -4.22
CA LEU C 1089 -10.22 27.73 -5.07
C LEU C 1089 -11.45 28.38 -5.71
N VAL C 1090 -12.46 27.60 -6.09
CA VAL C 1090 -13.74 28.10 -6.63
C VAL C 1090 -14.57 28.82 -5.57
N LYS C 1091 -14.62 28.36 -4.32
CA LYS C 1091 -15.27 29.10 -3.21
C LYS C 1091 -14.61 30.44 -2.98
N PHE C 1092 -13.28 30.49 -2.99
CA PHE C 1092 -12.54 31.74 -2.83
C PHE C 1092 -12.82 32.69 -3.99
N GLY C 1093 -12.81 32.17 -5.23
CA GLY C 1093 -13.15 32.97 -6.40
C GLY C 1093 -14.59 33.45 -6.39
N ALA C 1094 -15.55 32.64 -5.95
CA ALA C 1094 -16.94 33.05 -5.84
C ALA C 1094 -17.16 34.13 -4.78
N ALA C 1095 -16.51 34.01 -3.63
CA ALA C 1095 -16.53 35.03 -2.60
C ALA C 1095 -15.95 36.34 -3.12
N LEU C 1096 -14.84 36.30 -3.86
CA LEU C 1096 -14.27 37.48 -4.49
C LEU C 1096 -15.24 38.07 -5.53
N ALA C 1097 -15.89 37.26 -6.35
CA ALA C 1097 -16.87 37.75 -7.31
C ALA C 1097 -18.07 38.40 -6.64
N MET C 1098 -18.61 37.83 -5.57
CA MET C 1098 -19.68 38.45 -4.80
C MET C 1098 -19.23 39.78 -4.20
N GLU C 1099 -18.02 39.84 -3.66
CA GLU C 1099 -17.45 41.08 -3.16
C GLU C 1099 -17.25 42.12 -4.26
N LYS C 1100 -16.83 41.72 -5.47
CA LYS C 1100 -16.74 42.63 -6.62
C LYS C 1100 -18.12 43.08 -7.09
N VAL C 1101 -19.14 42.23 -7.09
CA VAL C 1101 -20.52 42.67 -7.41
C VAL C 1101 -20.99 43.72 -6.42
N ASN C 1102 -20.82 43.47 -5.14
CA ASN C 1102 -21.23 44.37 -4.07
C ASN C 1102 -20.45 45.70 -4.04
N GLU C 1103 -19.14 45.64 -4.27
CA GLU C 1103 -18.25 46.78 -4.05
C GLU C 1103 -17.65 47.41 -5.32
N CYS C 1104 -18.05 46.95 -6.51
CA CYS C 1104 -17.70 47.56 -7.80
C CYS C 1104 -18.92 47.77 -8.70
N VAL C 1105 -19.96 46.94 -8.60
CA VAL C 1105 -21.11 47.00 -9.52
C VAL C 1105 -22.29 47.70 -8.88
N LYS C 1106 -22.74 47.23 -7.71
CA LYS C 1106 -23.85 47.85 -6.96
C LYS C 1106 -23.46 49.15 -6.27
N SER C 1107 -22.18 49.31 -5.97
CA SER C 1107 -21.60 50.49 -5.34
C SER C 1107 -20.13 50.57 -5.66
N GLN C 1108 -19.47 51.65 -5.26
CA GLN C 1108 -18.06 51.90 -5.53
C GLN C 1108 -17.35 52.11 -4.19
N SER C 1109 -16.86 51.02 -3.63
CA SER C 1109 -16.18 51.05 -2.34
C SER C 1109 -14.85 51.83 -2.43
N PRO C 1110 -14.45 52.61 -1.41
CA PRO C 1110 -13.20 53.38 -1.43
C PRO C 1110 -11.97 52.50 -1.26
N ARG C 1111 -11.70 51.61 -2.23
CA ARG C 1111 -10.55 50.70 -2.26
C ARG C 1111 -9.86 50.81 -3.60
N ILE C 1112 -8.54 51.01 -3.63
CA ILE C 1112 -7.89 51.63 -4.79
C ILE C 1112 -7.79 50.74 -6.02
N ASN C 1113 -7.31 49.50 -5.88
CA ASN C 1113 -7.13 48.59 -7.02
C ASN C 1113 -7.99 47.33 -6.89
N PHE C 1114 -9.06 47.39 -6.11
CA PHE C 1114 -9.93 46.24 -5.91
C PHE C 1114 -10.72 45.90 -7.19
N CYS C 1115 -11.29 46.91 -7.82
CA CYS C 1115 -12.09 46.77 -9.04
C CYS C 1115 -11.26 47.02 -10.30
N GLY C 1116 -10.24 46.18 -10.51
CA GLY C 1116 -9.30 46.41 -11.61
C GLY C 1116 -8.33 47.54 -11.32
N ASN C 1117 -7.22 47.55 -12.04
CA ASN C 1117 -6.17 48.55 -11.88
C ASN C 1117 -6.55 49.91 -12.45
N GLY C 1118 -5.91 50.97 -11.94
CA GLY C 1118 -6.09 52.32 -12.45
C GLY C 1118 -7.12 53.12 -11.67
N ASN C 1119 -7.43 54.30 -12.17
CA ASN C 1119 -8.44 55.17 -11.62
C ASN C 1119 -9.84 54.61 -11.92
N HIS C 1120 -10.39 53.76 -11.07
CA HIS C 1120 -11.65 53.06 -11.32
C HIS C 1120 -12.85 53.99 -11.28
N ILE C 1121 -13.71 53.95 -12.31
CA ILE C 1121 -14.92 54.77 -12.37
C ILE C 1121 -16.07 53.95 -11.81
N LEU C 1122 -16.41 52.84 -12.46
CA LEU C 1122 -17.40 51.88 -12.02
C LEU C 1122 -17.21 50.55 -12.74
N SER C 1123 -18.05 49.57 -12.47
CA SER C 1123 -17.98 48.26 -13.11
C SER C 1123 -19.37 47.81 -13.50
N LEU C 1124 -19.44 46.92 -14.46
CA LEU C 1124 -20.65 46.21 -14.91
C LEU C 1124 -20.37 44.72 -14.90
N VAL C 1125 -21.39 43.89 -14.72
CA VAL C 1125 -21.26 42.44 -14.68
C VAL C 1125 -22.10 41.77 -15.75
N GLN C 1126 -21.56 40.73 -16.38
CA GLN C 1126 -22.24 39.90 -17.37
C GLN C 1126 -22.00 38.43 -17.03
N ASN C 1127 -22.94 37.57 -17.37
CA ASN C 1127 -22.78 36.15 -17.12
C ASN C 1127 -21.71 35.55 -18.04
N ALA C 1128 -20.90 34.62 -17.56
CA ALA C 1128 -19.93 33.90 -18.37
C ALA C 1128 -19.98 32.42 -18.03
N PRO C 1129 -19.56 31.50 -18.89
CA PRO C 1129 -19.56 30.09 -18.55
C PRO C 1129 -18.78 29.84 -17.27
N TYR C 1130 -19.43 29.24 -16.26
CA TYR C 1130 -18.87 28.93 -14.95
C TYR C 1130 -18.35 30.12 -14.13
N GLY C 1131 -18.96 31.29 -14.24
CA GLY C 1131 -18.45 32.45 -13.54
C GLY C 1131 -19.12 33.74 -13.97
N LEU C 1132 -18.46 34.85 -13.71
CA LEU C 1132 -18.95 36.18 -14.08
C LEU C 1132 -17.87 36.96 -14.79
N LEU C 1133 -18.24 37.72 -15.80
CA LEU C 1133 -17.35 38.69 -16.41
C LEU C 1133 -17.63 40.06 -15.80
N PHE C 1134 -16.61 40.66 -15.20
CA PHE C 1134 -16.65 42.03 -14.73
C PHE C 1134 -16.01 42.91 -15.77
N MET C 1135 -16.61 44.04 -16.05
CA MET C 1135 -16.13 45.01 -17.01
C MET C 1135 -15.81 46.28 -16.24
N HIS C 1136 -14.55 46.48 -15.90
CA HIS C 1136 -14.10 47.59 -15.07
C HIS C 1136 -13.76 48.77 -15.97
N PHE C 1137 -14.43 49.90 -15.78
CA PHE C 1137 -14.19 51.10 -16.56
C PHE C 1137 -13.32 52.03 -15.76
N SER C 1138 -12.18 52.41 -16.32
CA SER C 1138 -11.18 53.24 -15.65
C SER C 1138 -11.03 54.56 -16.38
N TYR C 1139 -10.69 55.59 -15.63
CA TYR C 1139 -10.28 56.88 -16.15
C TYR C 1139 -8.82 56.81 -16.58
N LYS C 1140 -8.58 57.03 -17.86
CA LYS C 1140 -7.26 56.94 -18.49
C LYS C 1140 -6.84 58.31 -19.01
N PRO C 1141 -5.82 58.94 -18.43
CA PRO C 1141 -5.20 60.11 -19.04
C PRO C 1141 -4.62 59.80 -20.43
N ILE C 1142 -4.82 60.71 -21.39
CA ILE C 1142 -4.27 60.60 -22.76
C ILE C 1142 -2.96 61.40 -22.84
N SER C 1143 -3.01 62.68 -22.48
CA SER C 1143 -1.91 63.63 -22.56
C SER C 1143 -1.74 64.37 -21.25
N PHE C 1144 -0.51 64.80 -20.97
CA PHE C 1144 -0.12 65.41 -19.72
C PHE C 1144 0.50 66.78 -19.95
N LYS C 1145 0.35 67.67 -18.97
CA LYS C 1145 1.02 68.96 -18.89
C LYS C 1145 1.92 68.93 -17.67
N THR C 1146 3.16 69.36 -17.78
CA THR C 1146 4.05 69.50 -16.63
C THR C 1146 3.83 70.88 -16.04
N VAL C 1147 3.38 70.95 -14.79
CA VAL C 1147 3.09 72.20 -14.09
C VAL C 1147 3.79 72.26 -12.75
N LEU C 1148 4.05 73.48 -12.29
CA LEU C 1148 4.56 73.70 -10.94
C LEU C 1148 3.37 73.76 -9.98
N VAL C 1149 3.42 72.97 -8.92
CA VAL C 1149 2.35 72.82 -7.93
C VAL C 1149 2.83 73.06 -6.52
N SER C 1150 1.92 73.39 -5.62
CA SER C 1150 2.15 73.47 -4.18
C SER C 1150 1.16 72.57 -3.45
N PRO C 1151 1.60 71.78 -2.46
CA PRO C 1151 0.72 70.93 -1.66
C PRO C 1151 0.09 71.65 -0.46
N GLY C 1152 0.35 72.94 -0.28
CA GLY C 1152 -0.23 73.77 0.77
C GLY C 1152 0.22 75.21 0.69
N LEU C 1153 -0.47 76.13 1.38
CA LEU C 1153 -0.17 77.56 1.42
C LEU C 1153 -0.37 78.11 2.83
N CYS C 1154 0.40 79.14 3.22
CA CYS C 1154 0.10 79.97 4.38
C CYS C 1154 -0.54 81.26 3.90
N ILE C 1155 -1.76 81.56 4.35
CA ILE C 1155 -2.58 82.64 3.82
C ILE C 1155 -2.98 83.62 4.92
N SER C 1156 -3.26 84.87 4.54
CA SER C 1156 -3.81 85.90 5.41
C SER C 1156 -3.06 85.98 6.75
N GLY C 1157 -3.75 85.75 7.87
CA GLY C 1157 -3.18 85.70 9.22
C GLY C 1157 -2.56 84.35 9.57
N ASP C 1158 -1.53 83.95 8.83
CA ASP C 1158 -0.74 82.70 8.95
C ASP C 1158 -1.56 81.40 9.12
N VAL C 1159 -2.77 81.39 8.57
CA VAL C 1159 -3.65 80.24 8.51
C VAL C 1159 -3.18 79.34 7.38
N GLY C 1160 -3.03 78.05 7.61
CA GLY C 1160 -2.64 77.11 6.57
C GLY C 1160 -3.86 76.66 5.77
N ILE C 1161 -3.68 76.39 4.50
CA ILE C 1161 -4.65 75.67 3.68
C ILE C 1161 -3.97 74.57 2.88
N ALA C 1162 -4.66 73.46 2.70
CA ALA C 1162 -4.26 72.36 1.85
C ALA C 1162 -5.32 72.13 0.75
N PRO C 1163 -4.94 71.74 -0.47
CA PRO C 1163 -5.88 71.50 -1.54
C PRO C 1163 -6.62 70.17 -1.34
N LYS C 1164 -7.92 70.11 -1.66
CA LYS C 1164 -8.70 68.85 -1.64
C LYS C 1164 -8.63 68.15 -2.99
N GLN C 1165 -8.04 66.95 -3.04
CA GLN C 1165 -7.98 66.13 -4.26
C GLN C 1165 -7.41 66.91 -5.46
N GLY C 1166 -6.30 67.61 -5.24
CA GLY C 1166 -5.76 68.55 -6.19
C GLY C 1166 -4.49 69.23 -5.71
N TYR C 1167 -4.13 70.32 -6.38
CA TYR C 1167 -2.94 71.10 -6.07
C TYR C 1167 -3.20 72.59 -6.20
N PHE C 1168 -2.37 73.40 -5.58
CA PHE C 1168 -2.35 74.84 -5.81
C PHE C 1168 -1.30 75.16 -6.86
N ILE C 1169 -1.64 75.99 -7.83
CA ILE C 1169 -0.85 76.34 -8.99
C ILE C 1169 -0.79 77.85 -9.15
N LYS C 1170 0.19 78.39 -9.87
CA LYS C 1170 0.24 79.82 -10.24
C LYS C 1170 -0.25 79.98 -11.68
N HIS C 1171 -1.45 80.51 -11.86
CA HIS C 1171 -2.04 80.78 -13.17
C HIS C 1171 -2.42 82.24 -13.31
N ASN C 1172 -2.00 82.91 -14.38
CA ASN C 1172 -2.14 84.36 -14.54
C ASN C 1172 -1.52 85.12 -13.35
N ASP C 1173 -0.36 84.67 -12.89
CA ASP C 1173 0.44 85.31 -11.83
C ASP C 1173 -0.27 85.41 -10.46
N HIS C 1174 -1.21 84.50 -10.16
CA HIS C 1174 -1.83 84.38 -8.84
C HIS C 1174 -2.25 82.95 -8.56
N TRP C 1175 -2.43 82.60 -7.28
CA TRP C 1175 -2.71 81.24 -6.85
C TRP C 1175 -4.10 80.80 -7.26
N MET C 1176 -4.19 79.58 -7.76
CA MET C 1176 -5.40 78.89 -8.20
C MET C 1176 -5.33 77.42 -7.78
N PHE C 1177 -6.44 76.72 -7.81
CA PHE C 1177 -6.56 75.31 -7.53
C PHE C 1177 -6.76 74.55 -8.83
N THR C 1178 -6.16 73.37 -8.96
CA THR C 1178 -6.50 72.42 -10.01
C THR C 1178 -6.68 71.02 -9.45
N GLY C 1179 -7.62 70.26 -10.00
CA GLY C 1179 -7.82 68.88 -9.58
C GLY C 1179 -6.63 68.02 -9.96
N SER C 1180 -6.33 66.97 -9.19
CA SER C 1180 -5.10 66.21 -9.39
C SER C 1180 -5.12 65.37 -10.66
N SER C 1181 -6.29 65.04 -11.19
CA SER C 1181 -6.46 64.16 -12.35
C SER C 1181 -6.89 64.89 -13.60
N TYR C 1182 -6.97 66.22 -13.61
CA TYR C 1182 -7.23 66.99 -14.81
C TYR C 1182 -6.84 68.46 -14.63
N TYR C 1183 -5.97 68.98 -15.48
CA TYR C 1183 -5.51 70.35 -15.39
C TYR C 1183 -6.59 71.32 -15.85
N TYR C 1184 -7.11 72.10 -14.91
CA TYR C 1184 -8.13 73.10 -15.11
C TYR C 1184 -8.03 74.12 -13.98
N PRO C 1185 -7.32 75.23 -14.16
CA PRO C 1185 -7.22 76.26 -13.17
C PRO C 1185 -8.59 76.80 -12.77
N GLU C 1186 -8.79 76.96 -11.47
CA GLU C 1186 -10.07 77.25 -10.85
C GLU C 1186 -9.78 78.08 -9.58
N PRO C 1187 -10.61 79.06 -9.21
CA PRO C 1187 -10.35 79.90 -8.05
C PRO C 1187 -10.31 79.09 -6.75
N ILE C 1188 -9.42 79.47 -5.83
CA ILE C 1188 -9.31 78.81 -4.52
C ILE C 1188 -10.53 79.18 -3.68
N SER C 1189 -11.24 78.19 -3.13
CA SER C 1189 -12.41 78.42 -2.27
C SER C 1189 -12.54 77.35 -1.20
N ASP C 1190 -13.41 77.56 -0.22
CA ASP C 1190 -13.65 76.56 0.83
C ASP C 1190 -14.20 75.24 0.27
N LYS C 1191 -14.72 75.23 -0.96
CA LYS C 1191 -15.18 74.02 -1.65
C LYS C 1191 -14.03 73.07 -2.00
N ASN C 1192 -12.81 73.58 -2.22
CA ASN C 1192 -11.67 72.77 -2.67
C ASN C 1192 -10.44 72.93 -1.75
N VAL C 1193 -10.66 73.11 -0.45
CA VAL C 1193 -9.62 73.45 0.54
C VAL C 1193 -9.88 72.74 1.86
N VAL C 1194 -8.83 72.30 2.54
CA VAL C 1194 -8.81 71.92 3.96
C VAL C 1194 -8.10 73.03 4.75
N PHE C 1195 -8.77 73.62 5.75
CA PHE C 1195 -8.21 74.70 6.56
C PHE C 1195 -7.43 74.18 7.76
N MET C 1196 -6.38 74.89 8.16
CA MET C 1196 -5.59 74.64 9.36
C MET C 1196 -5.34 75.95 10.12
N ASN C 1197 -5.55 75.98 11.44
CA ASN C 1197 -5.38 77.23 12.21
C ASN C 1197 -3.94 77.72 12.23
N THR C 1198 -2.98 76.81 12.30
CA THR C 1198 -1.55 77.06 12.14
C THR C 1198 -1.07 76.51 10.80
N CYS C 1199 -0.27 77.28 10.09
CA CYS C 1199 0.32 76.82 8.83
C CYS C 1199 1.50 75.87 9.05
N SER C 1200 1.59 74.79 8.28
CA SER C 1200 2.77 73.92 8.29
C SER C 1200 4.00 74.64 7.73
N VAL C 1201 5.19 74.27 8.19
CA VAL C 1201 6.43 74.76 7.56
C VAL C 1201 6.51 74.22 6.13
N ASN C 1202 7.27 74.91 5.29
CA ASN C 1202 7.45 74.61 3.86
C ASN C 1202 6.17 74.68 3.00
N PHE C 1203 5.01 74.97 3.56
CA PHE C 1203 3.87 75.46 2.80
C PHE C 1203 4.26 76.83 2.23
N THR C 1204 3.96 77.08 0.97
CA THR C 1204 4.37 78.32 0.32
C THR C 1204 3.69 79.53 0.97
N LYS C 1205 4.43 80.61 1.21
CA LYS C 1205 3.89 81.82 1.85
C LYS C 1205 3.08 82.60 0.82
N ALA C 1206 1.78 82.79 1.06
CA ALA C 1206 0.88 83.52 0.16
C ALA C 1206 -0.02 84.52 0.93
N PRO C 1207 0.52 85.62 1.49
CA PRO C 1207 -0.27 86.61 2.23
C PRO C 1207 -1.37 87.27 1.39
N LEU C 1208 -1.19 87.37 0.07
CA LEU C 1208 -2.17 87.96 -0.85
C LEU C 1208 -3.42 87.10 -1.06
N VAL C 1209 -3.44 85.84 -0.60
CA VAL C 1209 -4.58 84.94 -0.76
C VAL C 1209 -5.63 85.21 0.31
N TYR C 1210 -6.88 85.44 -0.12
CA TYR C 1210 -8.08 85.61 0.72
C TYR C 1210 -7.93 86.69 1.81
C1 NAG D . 18.24 -26.01 45.25
C2 NAG D . 16.83 -26.17 44.69
C3 NAG D . 16.12 -24.83 44.66
C4 NAG D . 16.19 -24.12 45.98
C5 NAG D . 17.61 -24.02 46.49
C6 NAG D . 17.73 -23.34 47.85
C7 NAG D . 16.53 -27.87 43.00
C8 NAG D . 16.41 -28.15 41.50
N2 NAG D . 16.89 -26.65 43.34
O3 NAG D . 14.73 -25.01 44.31
O4 NAG D . 15.70 -22.76 45.75
O5 NAG D . 18.17 -25.37 46.56
O6 NAG D . 16.86 -23.98 48.80
O7 NAG D . 16.29 -28.73 43.85
C1 NAG D . 14.46 -22.48 46.45
C2 NAG D . 14.12 -21.00 46.32
C3 NAG D . 12.88 -20.71 47.16
C4 NAG D . 11.71 -21.56 46.65
C5 NAG D . 12.07 -23.05 46.59
C6 NAG D . 11.01 -23.90 45.90
C7 NAG D . 16.00 -19.54 45.89
C8 NAG D . 17.24 -18.84 46.45
N2 NAG D . 15.25 -20.18 46.77
O3 NAG D . 12.51 -19.31 47.09
O4 NAG D . 10.64 -21.37 47.59
O5 NAG D . 13.36 -23.24 45.88
O6 NAG D . 10.82 -23.43 44.55
O7 NAG D . 15.70 -19.50 44.71
C1 NAG E . 28.66 -37.04 16.59
C2 NAG E . 29.86 -37.98 16.47
C3 NAG E . 29.43 -39.36 16.90
C4 NAG E . 28.85 -39.33 18.30
C5 NAG E . 27.74 -38.31 18.41
C6 NAG E . 27.32 -38.06 19.85
C7 NAG E . 31.18 -37.15 14.63
C8 NAG E . 31.49 -37.21 13.15
N2 NAG E . 30.31 -38.01 15.10
O3 NAG E . 30.57 -40.23 16.91
O4 NAG E . 28.29 -40.65 18.50
O5 NAG E . 28.24 -37.02 17.96
O6 NAG E . 26.62 -39.17 20.40
O7 NAG E . 31.66 -36.29 15.36
C1 NAG E . 28.98 -41.44 19.49
C2 NAG E . 28.15 -42.65 19.91
C3 NAG E . 28.91 -43.31 21.08
C4 NAG E . 30.27 -43.76 20.55
C5 NAG E . 31.04 -42.56 20.01
C6 NAG E . 32.40 -42.86 19.41
C7 NAG E . 25.85 -42.10 19.41
C8 NAG E . 24.51 -41.59 19.95
N2 NAG E . 26.81 -42.27 20.32
O3 NAG E . 28.20 -44.45 21.62
O4 NAG E . 30.97 -44.32 21.67
O5 NAG E . 30.23 -41.93 18.96
O6 NAG E . 33.05 -41.61 19.11
O7 NAG E . 26.00 -42.37 18.23
C1 NAG F . -7.80 23.60 42.73
C2 NAG F . -8.91 22.92 43.57
C3 NAG F . -10.21 23.73 43.47
C4 NAG F . -10.01 25.20 43.80
C5 NAG F . -8.89 25.79 42.94
C6 NAG F . -8.56 27.25 43.26
C7 NAG F . -8.51 20.50 43.65
C8 NAG F . -9.03 19.12 43.26
N2 NAG F . -9.14 21.55 43.13
O3 NAG F . -11.22 23.19 44.34
O4 NAG F . -11.29 25.86 43.51
O5 NAG F . -7.67 25.00 43.17
O6 NAG F . -9.61 28.08 42.72
O7 NAG F . -7.56 20.65 44.42
C1 NAG F . -11.80 26.70 44.61
C2 NAG F . -13.06 27.46 44.15
C3 NAG F . -13.64 28.26 45.34
C4 NAG F . -13.88 27.37 46.56
C5 NAG F . -12.61 26.59 46.94
C6 NAG F . -12.82 25.60 48.09
C7 NAG F . -13.60 28.78 42.13
C8 NAG F . -13.03 29.56 40.94
N2 NAG F . -12.73 28.34 43.03
O3 NAG F . -14.91 28.89 44.99
O4 NAG F . -14.28 28.22 47.64
O5 NAG F . -12.15 25.84 45.75
O6 NAG F . -11.60 24.89 48.36
O7 NAG F . -14.80 28.58 42.28
C1 NAG G . -31.60 60.52 28.90
C2 NAG G . -31.88 59.11 28.34
C3 NAG G . -32.92 58.41 29.22
C4 NAG G . -32.52 58.43 30.70
C5 NAG G . -32.17 59.83 31.19
C6 NAG G . -31.64 59.86 32.63
C7 NAG G . -31.62 59.14 25.90
C8 NAG G . -32.32 59.05 24.54
N2 NAG G . -32.39 59.19 26.97
O3 NAG G . -33.08 57.06 28.76
O4 NAG G . -33.69 57.98 31.51
O5 NAG G . -31.16 60.42 30.29
O6 NAG G . -30.53 58.96 32.76
O7 NAG G . -30.40 59.16 25.98
C1 NAG G . -33.61 56.62 32.02
C2 NAG G . -34.75 56.37 33.04
C3 NAG G . -34.87 54.88 33.41
C4 NAG G . -34.95 54.05 32.11
C5 NAG G . -33.72 54.29 31.26
C6 NAG G . -33.66 53.47 29.97
C7 NAG G . -35.07 58.40 34.40
C8 NAG G . -34.62 59.17 35.65
N2 NAG G . -34.52 57.19 34.23
O3 NAG G . -36.05 54.64 34.21
O4 NAG G . -35.04 52.61 32.41
O5 NAG G . -33.73 55.70 30.89
O6 NAG G . -34.92 53.57 29.28
O7 NAG G . -35.83 58.89 33.58
C1 BMA G . -36.39 52.06 32.26
C2 BMA G . -36.34 50.69 31.56
C3 BMA G . -37.77 50.11 31.55
C4 BMA G . -38.34 49.98 32.96
C5 BMA G . -38.34 51.37 33.64
C6 BMA G . -38.78 51.33 35.11
O2 BMA G . -35.42 49.81 32.25
O3 BMA G . -37.80 48.82 30.88
O4 BMA G . -39.71 49.51 32.84
O5 BMA G . -36.98 51.93 33.59
O6 BMA G . -38.75 52.66 35.65
C1 NAG H . -31.22 65.09 -22.23
C2 NAG H . -30.39 63.86 -22.59
C3 NAG H . -30.63 63.51 -24.05
C4 NAG H . -32.11 63.29 -24.39
C5 NAG H . -32.96 64.47 -23.90
C6 NAG H . -34.48 64.19 -23.95
C7 NAG H . -28.39 63.93 -21.19
C8 NAG H . -26.86 63.96 -21.17
N2 NAG H . -28.97 64.10 -22.36
O3 NAG H . -29.85 62.34 -24.34
O4 NAG H . -32.22 63.29 -25.87
O5 NAG H . -32.63 64.82 -22.51
O6 NAG H . -34.87 63.44 -22.79
O7 NAG H . -29.04 63.77 -20.15
C1 NAG H . -32.38 62.00 -26.55
C2 NAG H . -32.40 62.25 -28.08
C3 NAG H . -32.36 60.92 -28.85
C4 NAG H . -31.15 60.09 -28.43
C5 NAG H . -31.19 59.82 -26.93
C6 NAG H . -30.00 59.00 -26.40
C7 NAG H . -33.54 64.36 -28.53
C8 NAG H . -34.90 65.06 -28.74
N2 NAG H . -33.58 63.03 -28.45
O3 NAG H . -32.27 61.17 -30.29
O4 NAG H . -31.20 58.82 -29.12
O5 NAG H . -31.25 61.14 -26.24
O6 NAG H . -29.12 59.81 -25.61
O7 NAG H . -32.49 65.00 -28.45
C1 NAG I . 19.47 -34.38 -42.59
C2 NAG I . 19.31 -35.38 -43.72
C3 NAG I . 20.49 -36.34 -43.65
C4 NAG I . 21.83 -35.64 -43.54
C5 NAG I . 21.81 -34.65 -42.39
C6 NAG I . 23.09 -33.88 -42.15
C7 NAG I . 17.02 -36.00 -44.24
C8 NAG I . 15.76 -36.62 -43.68
N2 NAG I . 18.08 -36.08 -43.47
O3 NAG I . 20.53 -37.19 -44.81
O4 NAG I . 22.80 -36.65 -43.22
O5 NAG I . 20.74 -33.73 -42.68
O6 NAG I . 23.51 -33.25 -43.36
O7 NAG I . 17.03 -35.45 -45.32
C1 NAG I . 23.92 -36.70 -44.11
C2 NAG I . 25.03 -37.52 -43.46
C3 NAG I . 26.15 -37.69 -44.46
C4 NAG I . 25.61 -38.32 -45.72
C5 NAG I . 24.49 -37.52 -46.34
C6 NAG I . 23.88 -38.17 -47.57
C7 NAG I . 25.16 -37.26 -41.03
C8 NAG I . 25.69 -36.41 -39.87
N2 NAG I . 25.51 -36.86 -42.25
O3 NAG I . 27.17 -38.58 -43.92
O4 NAG I . 26.70 -38.30 -46.69
O5 NAG I . 23.46 -37.34 -45.32
O6 NAG I . 23.41 -39.49 -47.25
O7 NAG I . 24.44 -38.22 -40.83
C1 BMA I . 27.03 -39.62 -47.18
C2 BMA I . 27.45 -39.42 -48.61
C3 BMA I . 27.85 -40.78 -49.16
C4 BMA I . 29.03 -41.36 -48.37
C5 BMA I . 28.69 -41.43 -46.89
C6 BMA I . 29.98 -41.69 -46.11
O2 BMA I . 28.56 -38.50 -48.62
O3 BMA I . 28.05 -40.67 -50.62
O4 BMA I . 29.31 -42.69 -48.84
O5 BMA I . 28.15 -40.15 -46.41
O6 BMA I . 29.70 -41.82 -44.67
C1 MAN I . 29.33 -40.27 -51.18
C2 MAN I . 29.07 -39.34 -52.38
C3 MAN I . 28.41 -40.10 -53.53
C4 MAN I . 29.22 -41.34 -53.93
C5 MAN I . 29.43 -42.26 -52.72
C6 MAN I . 30.30 -43.49 -53.03
O2 MAN I . 30.30 -38.75 -52.86
O3 MAN I . 28.28 -39.19 -54.65
O4 MAN I . 28.48 -42.03 -54.97
O5 MAN I . 30.06 -41.49 -51.60
O6 MAN I . 30.20 -44.44 -51.96
C1 MAN I . 30.81 -42.00 -43.73
C2 MAN I . 31.96 -40.97 -43.87
C3 MAN I . 33.04 -41.36 -44.89
C4 MAN I . 33.50 -42.81 -44.75
C5 MAN I . 32.32 -43.78 -44.76
C6 MAN I . 32.76 -45.23 -44.46
O2 MAN I . 32.62 -40.84 -42.59
O3 MAN I . 34.18 -40.48 -44.70
O4 MAN I . 34.34 -43.09 -45.91
O5 MAN I . 31.34 -43.38 -43.74
O6 MAN I . 33.40 -45.78 -45.62
C1 NAG J . 4.62 -20.75 -54.67
C2 NAG J . 3.96 -22.10 -54.83
C3 NAG J . 4.90 -23.07 -55.53
C4 NAG J . 5.48 -22.46 -56.79
C5 NAG J . 6.12 -21.10 -56.56
C6 NAG J . 6.56 -20.40 -57.84
C7 NAG J . 2.42 -22.74 -53.05
C8 NAG J . 2.30 -23.09 -51.56
N2 NAG J . 3.65 -22.61 -53.50
O3 NAG J . 4.17 -24.26 -55.88
O4 NAG J . 6.55 -23.36 -57.17
O5 NAG J . 5.14 -20.25 -55.93
O6 NAG J . 5.41 -20.12 -58.67
O7 NAG J . 1.44 -22.57 -53.76
C1 NAG J . 6.37 -24.04 -58.44
C2 NAG J . 7.65 -24.82 -58.73
C3 NAG J . 7.50 -25.64 -60.02
C4 NAG J . 6.30 -26.59 -59.87
C5 NAG J . 5.03 -25.79 -59.55
C6 NAG J . 3.81 -26.67 -59.30
C7 NAG J . 8.94 -22.87 -59.53
C8 NAG J . 10.11 -21.94 -59.25
N2 NAG J . 8.82 -23.92 -58.73
O3 NAG J . 8.69 -26.44 -60.25
O4 NAG J . 6.14 -27.29 -61.12
O5 NAG J . 5.26 -24.97 -58.34
O6 NAG J . 4.01 -27.42 -58.08
O7 NAG J . 8.15 -22.65 -60.44
C1 NAG K . 26.27 37.21 -21.90
C2 NAG K . 27.72 37.10 -21.41
C3 NAG K . 27.94 38.10 -20.27
C4 NAG K . 27.69 39.53 -20.79
C5 NAG K . 26.31 39.67 -21.45
C6 NAG K . 26.17 40.97 -22.24
C7 NAG K . 28.01 35.07 -19.99
C8 NAG K . 28.81 33.76 -19.94
N2 NAG K . 28.10 35.71 -21.14
O3 NAG K . 29.31 38.02 -19.78
O4 NAG K . 27.72 40.40 -19.60
O5 NAG K . 26.05 38.55 -22.40
O6 NAG K . 27.08 40.99 -23.36
O7 NAG K . 27.36 35.49 -19.04
C1 NAG K . 28.84 41.36 -19.52
C2 NAG K . 28.70 42.25 -18.26
C3 NAG K . 29.90 43.22 -18.18
C4 NAG K . 31.22 42.44 -18.20
C5 NAG K . 31.30 41.53 -19.43
C6 NAG K . 32.57 40.66 -19.46
C7 NAG K . 26.37 42.63 -17.64
C8 NAG K . 25.09 43.41 -17.95
N2 NAG K . 27.46 43.01 -18.29
O3 NAG K . 29.83 44.01 -16.96
O4 NAG K . 32.30 43.42 -18.24
O5 NAG K . 30.11 40.64 -19.43
O6 NAG K . 32.58 39.89 -20.67
O7 NAG K . 26.37 41.70 -16.84
C1 NAG L . 11.56 71.93 4.79
C2 NAG L . 11.77 70.47 5.28
C3 NAG L . 13.22 70.28 5.72
C4 NAG L . 14.25 70.76 4.68
C5 NAG L . 13.92 72.16 4.16
C6 NAG L . 14.82 72.62 3.01
C7 NAG L . 9.61 69.84 6.25
C8 NAG L . 8.85 69.46 7.52
N2 NAG L . 10.88 70.18 6.40
O3 NAG L . 13.46 68.87 6.00
O4 NAG L . 15.55 70.87 5.38
O5 NAG L . 12.51 72.21 3.73
O6 NAG L . 14.69 71.72 1.89
O7 NAG L . 9.08 69.82 5.14
C1 NAG L . 16.53 69.78 5.26
C2 NAG L . 17.91 70.34 5.67
C3 NAG L . 18.98 69.25 5.70
C4 NAG L . 18.53 68.08 6.58
C5 NAG L . 17.15 67.55 6.11
C6 NAG L . 16.62 66.40 6.98
C7 NAG L . 18.21 72.71 5.10
C8 NAG L . 18.62 73.70 4.00
N2 NAG L . 18.32 71.43 4.78
O3 NAG L . 20.22 69.81 6.23
O4 NAG L . 19.51 67.01 6.46
O5 NAG L . 16.18 68.66 6.12
O6 NAG L . 16.58 66.79 8.37
O7 NAG L . 17.81 73.09 6.20
C1 NAG M . 30.93 -43.15 30.07
C2 NAG M . 30.11 -44.27 30.70
C3 NAG M . 30.79 -44.78 31.96
C4 NAG M . 32.17 -45.29 31.58
C5 NAG M . 33.00 -44.19 30.89
C6 NAG M . 34.33 -44.72 30.35
C7 NAG M . 27.77 -43.94 30.22
C8 NAG M . 26.42 -43.40 30.69
N2 NAG M . 28.79 -43.76 31.03
O3 NAG M . 30.03 -45.87 32.54
O4 NAG M . 32.81 -45.68 32.81
O5 NAG M . 32.25 -43.65 29.74
O6 NAG M . 34.05 -45.65 29.30
O7 NAG M . 27.89 -44.51 29.13
C1 NAG N . 27.81 19.51 15.73
C2 NAG N . 28.41 20.68 15.01
C3 NAG N . 27.97 21.95 15.71
C4 NAG N . 26.45 22.06 15.66
C5 NAG N . 25.78 20.80 16.19
C6 NAG N . 24.28 20.81 15.87
C7 NAG N . 30.50 19.91 14.07
C8 NAG N . 32.01 19.96 14.12
N2 NAG N . 29.86 20.58 15.01
O3 NAG N . 28.51 23.12 15.04
O4 NAG N . 26.09 23.20 16.48
O5 NAG N . 26.37 19.60 15.59
O6 NAG N . 24.09 20.89 14.46
O7 NAG N . 29.88 19.29 13.22
C1 NAG O . 43.47 -18.30 19.46
C2 NAG O . 44.03 -19.32 18.44
C3 NAG O . 44.28 -20.65 19.15
C4 NAG O . 45.20 -20.46 20.36
C5 NAG O . 44.63 -19.42 21.34
C6 NAG O . 45.54 -19.10 22.53
C7 NAG O . 43.18 -18.77 16.23
C8 NAG O . 42.04 -18.93 15.21
N2 NAG O . 43.09 -19.49 17.34
O3 NAG O . 44.91 -21.61 18.25
O4 NAG O . 45.31 -21.74 21.03
O5 NAG O . 44.36 -18.16 20.60
O6 NAG O . 46.78 -18.55 22.08
O7 NAG O . 44.13 -18.02 16.02
C1 NAG P . 43.57 -1.72 31.02
C2 NAG P . 43.95 -0.31 30.60
C3 NAG P . 44.38 0.51 31.82
C4 NAG P . 43.35 0.45 32.93
C5 NAG P . 43.05 -0.99 33.31
C6 NAG P . 41.99 -1.12 34.39
C7 NAG P . 44.84 -0.59 28.39
C8 NAG P . 46.06 -0.95 27.54
N2 NAG P . 45.05 -0.41 29.67
O3 NAG P . 44.58 1.91 31.46
O4 NAG P . 43.93 1.10 34.08
O5 NAG P . 42.62 -1.72 32.10
O6 NAG P . 40.74 -0.59 33.92
O7 NAG P . 43.72 -0.49 27.90
C1 NAG Q . 38.38 -14.15 52.74
C2 NAG Q . 39.43 -14.45 53.82
C3 NAG Q . 38.72 -14.62 55.17
C4 NAG Q . 37.95 -13.35 55.51
C5 NAG Q . 36.95 -12.99 54.41
C6 NAG Q . 36.24 -11.66 54.62
C7 NAG Q . 41.24 -15.63 52.73
C8 NAG Q . 41.85 -16.98 52.31
N2 NAG Q . 40.14 -15.68 53.46
O3 NAG Q . 39.69 -14.86 56.22
O4 NAG Q . 37.24 -13.62 56.73
O5 NAG Q . 37.65 -12.95 53.11
O6 NAG Q . 37.18 -10.58 54.56
O7 NAG Q . 41.73 -14.56 52.39
C1 NAG R . -30.72 -21.21 31.07
C2 NAG R . -30.81 -22.41 32.05
C3 NAG R . -31.42 -23.62 31.31
C4 NAG R . -32.78 -23.26 30.72
C5 NAG R . -32.70 -22.04 29.80
C6 NAG R . -34.07 -21.57 29.27
C7 NAG R . -29.06 -22.43 33.77
C8 NAG R . -27.59 -22.78 34.12
N2 NAG R . -29.47 -22.75 32.55
O3 NAG R . -31.57 -24.77 32.20
O4 NAG R . -33.23 -24.41 29.96
O5 NAG R . -32.05 -20.91 30.51
O6 NAG R . -34.90 -21.13 30.36
O7 NAG R . -29.80 -21.90 34.60
C1 NAG S . 15.21 28.98 31.50
C2 NAG S . 14.67 30.33 32.02
C3 NAG S . 15.15 31.43 31.08
C4 NAG S . 16.70 31.46 31.05
C5 NAG S . 17.30 30.08 30.70
C6 NAG S . 18.82 30.02 30.94
C7 NAG S . 12.57 29.89 33.22
C8 NAG S . 11.05 29.94 33.20
N2 NAG S . 13.20 30.31 32.12
O3 NAG S . 14.68 32.74 31.52
O4 NAG S . 17.11 32.42 30.06
O5 NAG S . 16.67 29.03 31.52
O6 NAG S . 19.09 30.03 32.35
O7 NAG S . 13.19 29.45 34.18
C1 NAG T . -8.31 56.80 39.70
C2 NAG T . -8.75 57.69 40.88
C3 NAG T . -7.71 58.80 41.09
C4 NAG T . -6.31 58.20 41.30
C5 NAG T . -5.92 57.29 40.12
C6 NAG T . -4.57 56.58 40.30
C7 NAG T . -11.19 57.73 41.12
C8 NAG T . -12.49 58.43 40.72
N2 NAG T . -10.07 58.27 40.63
O3 NAG T . -8.05 59.61 42.25
O4 NAG T . -5.38 59.30 41.37
O5 NAG T . -6.97 56.27 39.91
O6 NAG T . -4.63 55.68 41.42
O7 NAG T . -11.18 56.76 41.86
C1 NAG U . 5.84 63.38 25.24
C2 NAG U . 6.36 64.62 25.99
C3 NAG U . 7.85 64.81 25.65
C4 NAG U . 8.64 63.55 26.02
C5 NAG U . 8.07 62.29 25.33
C6 NAG U . 8.75 60.98 25.78
C7 NAG U . 4.54 66.25 26.24
C8 NAG U . 3.77 67.41 25.59
N2 NAG U . 5.59 65.80 25.57
O3 NAG U . 8.40 65.94 26.38
O4 NAG U . 10.00 63.74 25.56
O5 NAG U . 6.62 62.20 25.60
O6 NAG U . 8.44 60.71 27.17
O7 NAG U . 4.21 65.76 27.32
C1 NAG V . 29.54 26.26 -2.48
C2 NAG V . 29.16 26.94 -1.14
C3 NAG V . 30.31 27.89 -0.76
C4 NAG V . 31.65 27.12 -0.67
C5 NAG V . 31.95 26.30 -1.93
C6 NAG V . 33.13 25.34 -1.73
C7 NAG V . 26.72 27.03 -0.99
C8 NAG V . 25.45 27.89 -1.01
N2 NAG V . 27.88 27.65 -1.23
O3 NAG V . 30.05 28.53 0.52
O4 NAG V . 32.69 28.10 -0.49
O5 NAG V . 30.77 25.50 -2.29
O6 NAG V . 33.25 24.47 -2.87
O7 NAG V . 26.68 25.83 -0.76
C21 A1AR2 W . 36.78 -28.57 49.48
C22 A1AR2 W . 35.40 -28.02 52.56
C6 A1AR2 W . 31.72 -24.93 45.06
C7 A1AR2 W . 30.77 -26.12 45.07
C8 A1AR2 W . 31.52 -27.34 45.64
C11 A1AR2 W . 28.98 -23.82 41.69
C10 A1AR2 W . 29.32 -23.88 43.14
C13 A1AR2 W . 33.98 -27.90 53.14
C9 A1AR2 W . 30.68 -28.61 45.58
C5 A1AR2 W . 31.11 -23.57 44.80
C4 A1AR2 W . 32.24 -22.55 44.92
C3 A1AR2 W . 32.93 -22.64 46.26
C2 A1AR2 W . 33.41 -24.07 46.50
O6 A1AR2 W . 32.27 -24.89 46.37
C1 A1AR2 W . 34.60 -24.52 45.53
C12 A1AR2 W . 35.86 -29.36 48.47
C31 A1AR2 W . 38.27 -28.62 49.14
C32 A1AR2 W . 35.33 -28.94 51.35
C41 A1AR2 W . 38.55 -27.83 47.87
C42 A1AR2 W . 34.75 -30.29 51.68
C51 A1AR2 W . 37.98 -26.40 47.93
C52 A1AR2 W . 33.35 -30.03 52.25
C61 A1AR2 W . 36.53 -26.50 48.32
C62 A1AR2 W . 32.61 -31.33 52.63
C71 A1AR2 W . 35.82 -25.16 48.46
C81 A1AR2 W . 34.32 -25.39 48.30
C91 A1AR2 W . 33.60 -25.90 49.55
CA9 A1AR2 W . 29.66 -29.97 43.80
CM9 A1AR2 W . 29.37 -30.98 44.87
N5 A1AR2 W . 30.57 -23.50 43.45
N51 A1AR2 W . 38.06 -25.77 46.62
O1 A1AR2 W . 33.99 -27.22 54.38
O10 A1AR2 W . 28.56 -24.25 44.00
O1A A1AR2 W . 35.23 -23.64 44.99
O1B A1AR2 W . 34.66 -25.67 45.14
O2 A1AR2 W . 35.92 -26.77 52.12
O3 A1AR2 W . 36.65 -29.08 50.81
O4 A1AR2 W . 31.72 -21.25 44.75
O41 A1AR2 W . 39.95 -27.78 47.64
O42 A1AR2 W . 35.57 -30.94 52.66
O5 A1AR2 W . 33.49 -29.21 53.43
O61 A1AR2 W . 36.43 -27.19 49.56
O62 A1AR2 W . 32.48 -32.18 51.48
O7 A1AR2 W . 29.65 -25.84 45.88
O71 A1AR2 W . 36.09 -24.51 49.69
O8 A1AR2 W . 32.74 -27.53 44.92
O81 A1AR2 W . 33.74 -24.14 47.90
O9 A1AR2 W . 30.36 -28.87 44.21
O91 A1AR2 W . 33.05 -27.19 49.31
OA9 A1AR2 W . 29.28 -30.10 42.65
C101 A1AR2 W . 38.98 -24.88 46.20
C111 A1AR2 W . 39.99 -24.36 47.20
O101 A1AR2 W . 38.93 -24.48 45.06
O1A1 A1AR2 W . 34.73 -28.94 48.32
O1B1 A1AR2 W . 36.38 -30.12 47.68
C1 NAG X . -46.06 -34.58 -17.19
C2 NAG X . -44.93 -34.05 -18.05
C3 NAG X . -44.98 -32.53 -18.11
C4 NAG X . -46.31 -32.06 -18.66
C5 NAG X . -47.47 -32.61 -17.84
C6 NAG X . -48.83 -32.32 -18.47
C7 NAG X . -42.99 -35.49 -17.93
C8 NAG X . -41.62 -35.71 -17.30
N2 NAG X . -43.66 -34.46 -17.48
O3 NAG X . -43.94 -32.03 -18.96
O4 NAG X . -46.31 -30.61 -18.60
O5 NAG X . -47.33 -34.08 -17.70
O6 NAG X . -48.96 -32.98 -19.74
O7 NAG X . -43.41 -36.22 -18.82
C1 NAG Y . -33.94 4.37 19.53
C2 NAG Y . -33.75 5.07 20.87
C3 NAG Y . -34.50 6.38 20.86
C4 NAG Y . -34.01 7.28 19.75
C5 NAG Y . -34.06 6.56 18.40
C6 NAG Y . -33.36 7.39 17.31
C7 NAG Y . -33.48 3.45 22.62
C8 NAG Y . -34.06 2.82 23.87
N2 NAG Y . -34.28 4.25 21.94
O3 NAG Y . -34.27 7.08 22.11
O4 NAG Y . -34.86 8.43 19.71
O5 NAG Y . -33.40 5.23 18.49
O6 NAG Y . -32.00 7.68 17.71
O7 NAG Y . -32.32 3.29 22.28
C1 NAG Z . -49.02 -22.23 18.72
C2 NAG Z . -49.11 -21.10 19.72
C3 NAG Z . -50.54 -20.59 19.81
C4 NAG Z . -51.12 -20.25 18.46
C5 NAG Z . -51.04 -21.46 17.55
C6 NAG Z . -51.53 -21.19 16.14
C7 NAG Z . -47.43 -21.67 21.35
C8 NAG Z . -47.10 -22.48 22.61
N2 NAG Z . -48.69 -21.65 20.99
O3 NAG Z . -50.60 -19.41 20.66
O4 NAG Z . -52.51 -19.92 18.66
O5 NAG Z . -49.64 -21.89 17.47
O6 NAG Z . -50.66 -20.26 15.51
O7 NAG Z . -46.56 -21.12 20.69
C1 NAG AA . -63.62 -32.56 -0.08
C2 NAG AA . -64.86 -33.37 0.25
C3 NAG AA . -65.75 -33.37 -1.00
C4 NAG AA . -66.10 -31.93 -1.41
C5 NAG AA . -64.85 -31.06 -1.59
C6 NAG AA . -65.15 -29.57 -1.77
C7 NAG AA . -64.25 -35.05 1.88
C8 NAG AA . -63.77 -36.48 2.16
N2 NAG AA . -64.48 -34.73 0.61
O3 NAG AA . -66.98 -34.09 -0.76
O4 NAG AA . -66.81 -32.02 -2.66
O5 NAG AA . -63.99 -31.20 -0.40
O6 NAG AA . -65.81 -29.05 -0.59
O7 NAG AA . -64.43 -34.23 2.78
C1 NAG BA . -14.68 -11.25 -49.27
C2 NAG BA . -15.47 -12.06 -50.32
C3 NAG BA . -14.54 -13.12 -50.90
C4 NAG BA . -13.30 -12.47 -51.53
C5 NAG BA . -12.57 -11.56 -50.53
C6 NAG BA . -11.42 -10.77 -51.17
C7 NAG BA . -17.88 -12.17 -49.88
C8 NAG BA . -19.02 -12.92 -49.21
N2 NAG BA . -16.66 -12.68 -49.72
O3 NAG BA . -15.23 -13.89 -51.93
O4 NAG BA . -12.42 -13.54 -51.95
O5 NAG BA . -13.52 -10.62 -49.90
O6 NAG BA . -11.92 -9.96 -52.26
O7 NAG BA . -18.08 -11.14 -50.53
C1 NAG CA . -45.15 17.14 5.20
C2 NAG CA . -45.95 18.43 4.97
C3 NAG CA . -45.81 19.37 6.18
C4 NAG CA . -46.23 18.66 7.47
C5 NAG CA . -45.41 17.37 7.67
C6 NAG CA . -45.85 16.53 8.88
C7 NAG CA . -45.99 18.80 2.54
C8 NAG CA . -45.42 19.58 1.35
N2 NAG CA . -45.51 19.11 3.74
O3 NAG CA . -46.65 20.55 6.01
O4 NAG CA . -45.96 19.55 8.57
O5 NAG CA . -45.55 16.53 6.46
O6 NAG CA . -47.00 15.73 8.54
O7 NAG CA . -46.83 17.92 2.40
C1 NAG DA . -35.08 -0.01 -28.90
C2 NAG DA . -34.00 -0.51 -29.87
C3 NAG DA . -34.53 -0.46 -31.30
C4 NAG DA . -35.85 -1.25 -31.42
C5 NAG DA . -36.90 -0.75 -30.42
C6 NAG DA . -38.21 -1.56 -30.41
C7 NAG DA . -31.74 -0.04 -29.03
C8 NAG DA . -30.52 0.91 -29.10
N2 NAG DA . -32.81 0.33 -29.74
O3 NAG DA . -33.56 -1.02 -32.25
O4 NAG DA . -36.36 -1.04 -32.76
O5 NAG DA . -36.31 -0.78 -29.07
O6 NAG DA . -37.99 -2.83 -29.76
O7 NAG DA . -31.70 -1.07 -28.38
C1 NAG EA . -44.52 20.81 -20.60
C2 NAG EA . -44.56 20.54 -22.10
C3 NAG EA . -44.07 21.78 -22.86
C4 NAG EA . -44.98 22.97 -22.52
C5 NAG EA . -45.02 23.23 -21.00
C6 NAG EA . -46.03 24.32 -20.60
C7 NAG EA . -44.23 18.21 -22.81
C8 NAG EA . -43.24 17.16 -23.32
N2 NAG EA . -43.71 19.38 -22.45
O3 NAG EA . -44.10 21.57 -24.29
O4 NAG EA . -44.41 24.12 -23.18
O5 NAG EA . -45.36 21.97 -20.29
O6 NAG EA . -47.36 23.93 -20.99
O7 NAG EA . -45.44 18.00 -22.78
C1 NAG FA . -44.79 53.24 11.34
C2 NAG FA . -45.99 54.10 11.79
C3 NAG FA . -46.35 53.74 13.25
C4 NAG FA . -46.62 52.24 13.38
C5 NAG FA . -45.45 51.39 12.85
C6 NAG FA . -45.75 49.89 12.81
C7 NAG FA . -46.01 56.24 10.60
C8 NAG FA . -45.56 57.70 10.60
N2 NAG FA . -45.67 55.52 11.66
O3 NAG FA . -47.51 54.49 13.72
O4 NAG FA . -46.79 51.96 14.78
O5 NAG FA . -45.09 51.82 11.48
O6 NAG FA . -46.78 49.62 11.83
O7 NAG FA . -46.65 55.76 9.66
C1 NAG GA . -22.31 11.88 31.89
C2 NAG GA . -23.46 12.57 31.11
C3 NAG GA . -24.44 13.19 32.12
C4 NAG GA . -24.96 12.13 33.09
C5 NAG GA . -23.81 11.41 33.81
C6 NAG GA . -24.27 10.25 34.70
C7 NAG GA . -22.56 13.28 28.94
C8 NAG GA . -22.20 14.44 28.02
N2 NAG GA . -22.96 13.58 30.17
O3 NAG GA . -25.56 13.83 31.45
O4 NAG GA . -25.77 12.81 34.08
O5 NAG GA . -22.87 10.89 32.80
O6 NAG GA . -24.74 9.15 33.88
O7 NAG GA . -22.50 12.11 28.56
C21 A1AR2 HA . -56.39 -45.11 -4.60
C22 A1AR2 HA . -58.71 -43.96 -6.83
C6 A1AR2 HA . -51.53 -39.30 -5.51
C7 A1AR2 HA . -50.97 -39.99 -6.72
C8 A1AR2 HA . -51.48 -41.43 -6.74
C11 A1AR2 HA . -47.73 -37.06 -5.95
C10 A1AR2 HA . -49.13 -37.31 -6.35
C13 A1AR2 HA . -58.77 -43.28 -8.22
C9 A1AR2 HA . -50.94 -42.20 -7.90
C5 A1AR2 HA . -51.37 -37.80 -5.42
C4 A1AR2 HA . -52.10 -37.35 -4.17
C3 A1AR2 HA . -53.52 -37.85 -4.08
C2 A1AR2 HA . -53.58 -39.36 -4.29
O6 A1AR2 HA . -52.93 -39.58 -5.52
C1 A1AR2 HA . -52.96 -40.21 -3.11
C12 A1AR2 HA . -54.97 -45.36 -5.22
C31 A1AR2 HA . -56.64 -45.85 -3.28
C32 A1AR2 HA . -57.49 -44.85 -6.76
C41 A1AR2 HA . -55.86 -45.25 -2.13
C42 A1AR2 HA . -57.47 -45.86 -7.88
C51 A1AR2 HA . -56.10 -43.74 -2.06
C52 A1AR2 HA . -57.47 -45.06 -9.19
C61 A1AR2 HA . -55.74 -43.14 -3.39
C62 A1AR2 HA . -57.38 -45.95 -10.43
C71 A1AR2 HA . -55.91 -41.63 -3.48
C81 A1AR2 HA . -55.22 -41.09 -4.74
C91 A1AR2 HA . -55.99 -41.21 -6.04
CA9 A1AR2 HA . -48.76 -43.27 -8.28
CM9 A1AR2 HA . -49.52 -44.48 -8.75
N5 A1AR2 HA . -49.99 -37.45 -5.31
N51 A1AR2 HA . -55.39 -43.10 -0.97
O1 A1AR2 HA . -59.98 -42.63 -8.41
O10 A1AR2 HA . -49.51 -37.43 -7.49
O1A A1AR2 HA . -52.79 -39.66 -2.05
O1B A1AR2 HA . -52.43 -41.30 -3.36
O2 A1AR2 HA . -58.62 -43.02 -5.77
O3 A1AR2 HA . -57.45 -45.51 -5.48
O4 A1AR2 HA . -52.10 -35.94 -4.11
O41 A1AR2 HA . -56.28 -45.85 -0.92
O42 A1AR2 HA . -58.64 -46.68 -7.80
O5 A1AR2 HA . -58.68 -44.29 -9.22
O61 A1AR2 HA . -56.63 -43.71 -4.33
O62 A1AR2 HA . -56.16 -46.68 -10.42
O7 A1AR2 HA . -51.36 -39.34 -7.90
O71 A1AR2 HA . -57.27 -41.30 -3.48
O8 A1AR2 HA . -51.11 -42.07 -5.53
O81 A1AR2 HA . -54.95 -39.69 -4.54
O9 A1AR2 HA . -49.52 -42.28 -7.75
O91 A1AR2 HA . -55.21 -40.63 -7.05
OA9 A1AR2 HA . -47.55 -43.21 -8.27
C101 A1AR2 HA . -55.93 -42.13 -0.22
C111 A1AR2 HA . -57.36 -42.31 0.19
O101 A1AR2 HA . -55.28 -41.16 0.07
O1A1 A1AR2 HA . -54.48 -44.46 -5.87
O1B1 A1AR2 HA . -54.29 -46.26 -4.76
C1 NAG IA . 31.18 -32.99 -51.82
C2 NAG IA . 32.56 -33.44 -51.37
C3 NAG IA . 33.47 -33.68 -52.57
C4 NAG IA . 32.78 -34.57 -53.61
C5 NAG IA . 31.41 -34.05 -53.99
C6 NAG IA . 30.70 -34.98 -54.96
C7 NAG IA . 33.98 -32.65 -49.56
C8 NAG IA . 34.32 -31.52 -48.60
N2 NAG IA . 33.12 -32.40 -50.53
O3 NAG IA . 34.68 -34.34 -52.15
O4 NAG IA . 33.62 -34.57 -54.77
O5 NAG IA . 30.61 -33.92 -52.77
O6 NAG IA . 29.40 -34.43 -55.26
O7 NAG IA . 34.48 -33.78 -49.47
C1 NAG JA . 38.44 -8.42 -46.78
C2 NAG JA . 38.86 -8.66 -45.32
C3 NAG JA . 38.48 -7.44 -44.50
C4 NAG JA . 39.13 -6.17 -45.04
C5 NAG JA . 38.74 -5.96 -46.51
C6 NAG JA . 39.44 -4.80 -47.21
C7 NAG JA . 38.70 -11.03 -44.70
C8 NAG JA . 37.81 -12.11 -44.11
N2 NAG JA . 38.16 -9.82 -44.78
O3 NAG JA . 38.87 -7.62 -43.12
O4 NAG JA . 38.64 -5.09 -44.23
O5 NAG JA . 39.04 -7.19 -47.27
O6 NAG JA . 40.85 -5.04 -47.30
O7 NAG JA . 39.85 -11.24 -45.04
C1 NAG KA . -9.86 13.85 -37.38
C2 NAG KA . -11.29 14.36 -37.59
C3 NAG KA . -11.38 15.86 -37.31
C4 NAG KA . -10.79 16.24 -35.96
C5 NAG KA . -9.37 15.71 -35.84
C6 NAG KA . -8.75 15.93 -34.45
C7 NAG KA . -12.47 13.11 -39.34
C8 NAG KA . -12.76 13.00 -40.83
N2 NAG KA . -11.67 14.09 -38.97
O3 NAG KA . -12.76 16.31 -37.34
O4 NAG KA . -10.76 17.68 -35.90
O5 NAG KA . -9.40 14.27 -36.08
O6 NAG KA . -9.38 15.05 -33.49
O7 NAG KA . -12.93 12.32 -38.52
C1 NAG LA . 3.86 -1.00 -59.16
C2 NAG LA . 2.61 -0.13 -59.18
C3 NAG LA . 2.80 1.04 -60.14
C4 NAG LA . 4.07 1.81 -59.83
C5 NAG LA . 5.28 0.89 -59.82
C6 NAG LA . 6.58 1.60 -59.46
C7 NAG LA . 0.69 -1.56 -58.77
C8 NAG LA . -0.36 -2.47 -59.41
N2 NAG LA . 1.48 -0.92 -59.62
O3 NAG LA . 1.68 1.94 -60.03
O4 NAG LA . 4.23 2.79 -60.88
O5 NAG LA . 5.01 -0.18 -58.84
O6 NAG LA . 6.82 1.45 -58.05
O7 NAG LA . 0.79 -1.43 -57.57
C1 NAG MA . 46.20 -14.93 -6.04
C2 NAG MA . 45.40 -14.54 -7.30
C3 NAG MA . 46.28 -13.71 -8.26
C4 NAG MA . 46.92 -12.54 -7.52
C5 NAG MA . 47.68 -13.05 -6.31
C6 NAG MA . 48.28 -11.94 -5.47
C7 NAG MA . 44.01 -15.67 -8.99
C8 NAG MA . 43.63 -16.98 -9.61
N2 NAG MA . 44.90 -15.72 -7.99
O3 NAG MA . 45.50 -13.22 -9.34
O4 NAG MA . 47.83 -11.87 -8.39
O5 NAG MA . 46.78 -13.76 -5.45
O6 NAG MA . 48.82 -10.91 -6.29
O7 NAG MA . 43.53 -14.60 -9.38
C1 NAG NA . 45.67 -0.49 9.31
C2 NAG NA . 46.99 -1.30 9.25
C3 NAG NA . 46.97 -2.37 10.35
C4 NAG NA . 46.73 -1.74 11.73
C5 NAG NA . 45.45 -0.90 11.76
C6 NAG NA . 45.25 -0.12 13.06
C7 NAG NA . 47.79 -1.33 6.94
C8 NAG NA . 47.78 -2.04 5.58
N2 NAG NA . 47.14 -1.91 7.92
O3 NAG NA . 48.22 -3.11 10.38
O4 NAG NA . 46.61 -2.82 12.67
O5 NAG NA . 45.47 0.08 10.63
O6 NAG NA . 46.23 0.91 13.19
O7 NAG NA . 48.38 -0.26 7.10
C1 NAG OA . 5.02 32.07 -35.46
C2 NAG OA . 5.17 33.58 -35.21
C3 NAG OA . 3.78 34.22 -35.35
C4 NAG OA . 3.20 33.93 -36.76
C5 NAG OA . 3.18 32.44 -37.08
C6 NAG OA . 2.82 32.13 -38.54
C7 NAG OA . 7.04 34.07 -33.72
C8 NAG OA . 7.53 34.34 -32.30
N2 NAG OA . 5.75 33.84 -33.88
O3 NAG OA . 3.85 35.67 -35.16
O4 NAG OA . 1.85 34.44 -36.77
O5 NAG OA . 4.51 31.85 -36.80
O6 NAG OA . 3.92 32.51 -39.39
O7 NAG OA . 7.82 34.04 -34.67
C1 NAG PA . 34.69 14.07 -15.77
C2 NAG PA . 35.11 13.09 -14.65
C3 NAG PA . 36.57 13.36 -14.26
C4 NAG PA . 37.49 13.29 -15.50
C5 NAG PA . 37.01 14.18 -16.65
C6 NAG PA . 37.83 13.91 -17.92
C7 NAG PA . 33.23 12.41 -13.21
C8 NAG PA . 32.47 12.65 -11.90
N2 NAG PA . 34.24 13.24 -13.49
O3 NAG PA . 37.05 12.38 -13.30
O4 NAG PA . 38.80 13.72 -15.07
O5 NAG PA . 35.58 13.90 -16.93
O6 NAG PA . 37.44 14.80 -18.97
O7 NAG PA . 32.92 11.52 -13.98
C1 NAG QA . 8.97 48.43 -20.37
C2 NAG QA . 8.93 49.74 -21.17
C3 NAG QA . 8.23 49.46 -22.51
C4 NAG QA . 8.99 48.36 -23.27
C5 NAG QA . 9.16 47.08 -22.43
C6 NAG QA . 10.07 46.03 -23.09
C7 NAG QA . 8.79 51.84 -19.89
C8 NAG QA . 7.88 52.82 -19.14
N2 NAG QA . 8.20 50.79 -20.43
O3 NAG QA . 8.17 50.66 -23.33
O4 NAG QA . 8.18 48.03 -24.43
O5 NAG QA . 9.72 47.42 -21.09
O6 NAG QA . 11.41 46.55 -23.24
O7 NAG QA . 9.99 52.06 -20.03
C1 NAG RA . 11.59 66.05 -20.90
C2 NAG RA . 12.41 67.32 -21.27
C3 NAG RA . 11.59 68.12 -22.31
C4 NAG RA . 11.31 67.24 -23.54
C5 NAG RA . 10.59 65.93 -23.16
C6 NAG RA . 10.35 64.98 -24.34
C7 NAG RA . 13.82 68.10 -19.41
C8 NAG RA . 13.95 69.07 -18.22
N2 NAG RA . 12.66 68.14 -20.08
O3 NAG RA . 12.31 69.31 -22.73
O4 NAG RA . 10.46 68.02 -24.43
O5 NAG RA . 11.36 65.24 -22.09
O6 NAG RA . 11.57 64.75 -25.08
O7 NAG RA . 14.72 67.32 -19.72
C1 NAG SA . -8.59 64.73 -26.36
C2 NAG SA . -8.70 65.99 -27.24
C3 NAG SA . -9.64 65.71 -28.42
C4 NAG SA . -9.17 64.47 -29.19
C5 NAG SA . -9.06 63.24 -28.28
C6 NAG SA . -8.53 61.96 -28.95
C7 NAG SA . -8.39 68.05 -25.91
C8 NAG SA . -9.09 69.14 -25.09
N2 NAG SA . -9.19 67.10 -26.43
O3 NAG SA . -9.73 66.85 -29.31
O4 NAG SA . -10.17 64.20 -30.20
O5 NAG SA . -8.18 63.57 -27.13
O6 NAG SA . -7.11 62.08 -29.20
O7 NAG SA . -7.19 68.04 -26.08
C1 NAG TA . -25.87 15.95 -31.90
C2 NAG TA . -26.44 17.33 -31.54
C3 NAG TA . -26.94 17.98 -32.85
C4 NAG TA . -25.84 18.02 -33.91
C5 NAG TA . -25.23 16.64 -34.17
C6 NAG TA . -24.03 16.66 -35.13
C7 NAG TA . -28.05 18.13 -29.83
C8 NAG TA . -29.10 17.70 -28.79
N2 NAG TA . -27.52 17.17 -30.56
O3 NAG TA . -27.39 19.35 -32.64
O4 NAG TA . -26.45 18.49 -35.13
O5 NAG TA . -24.80 16.04 -32.87
O6 NAG TA . -22.92 17.36 -34.55
O7 NAG TA . -27.74 19.30 -30.00
C21 A1AR2 UA . 34.12 -12.88 -64.99
C22 A1AR2 UA . 36.64 -10.63 -65.46
C6 A1AR2 UA . 31.57 -10.84 -58.42
C7 A1AR2 UA . 32.68 -11.62 -57.74
C8 A1AR2 UA . 33.39 -12.53 -58.77
C11 A1AR2 UA . 29.89 -10.74 -54.10
C10 A1AR2 UA . 30.83 -10.37 -55.19
C13 A1AR2 UA . 37.77 -9.86 -64.74
C9 A1AR2 UA . 34.44 -13.44 -58.13
C5 A1AR2 UA . 30.88 -9.76 -57.61
C4 A1AR2 UA . 29.79 -9.16 -58.51
C3 A1AR2 UA . 30.36 -8.64 -59.83
C2 A1AR2 UA . 31.15 -9.75 -60.53
O6 A1AR2 UA . 32.12 -10.20 -59.58
C1 A1AR2 UA . 30.23 -10.91 -61.11
C12 A1AR2 UA . 34.14 -13.81 -63.69
C31 A1AR2 UA . 33.30 -13.43 -66.16
C32 A1AR2 UA . 36.35 -11.95 -64.73
C41 A1AR2 UA . 31.81 -13.37 -65.93
C42 A1AR2 UA . 37.62 -12.79 -64.57
C51 A1AR2 UA . 31.35 -12.00 -65.40
C52 A1AR2 UA . 38.67 -11.91 -63.84
C61 A1AR2 UA . 32.26 -11.58 -64.24
C62 A1AR2 UA . 40.01 -12.64 -63.59
C71 A1AR2 UA . 31.99 -10.18 -63.72
C81 A1AR2 UA . 32.70 -9.96 -62.38
C91 A1AR2 UA . 34.08 -9.29 -62.48
CA9 A1AR2 UA . 34.52 -15.23 -56.56
CM9 A1AR2 UA . 33.78 -15.84 -55.43
N5 A1AR2 UA . 30.27 -10.29 -56.41
N51 A1AR2 UA . 29.97 -12.05 -64.93
O1 A1AR2 UA . 38.22 -8.77 -65.50
O10 A1AR2 UA . 32.01 -10.16 -55.01
O1A A1AR2 UA . 29.08 -10.63 -61.36
O1B A1AR2 UA . 30.63 -12.08 -61.11
O2 A1AR2 UA . 35.42 -9.89 -65.49
O3 A1AR2 UA . 35.43 -12.69 -65.53
O4 A1AR2 UA . 29.10 -8.12 -57.84
O41 A1AR2 UA . 31.17 -13.67 -67.16
O42 A1AR2 UA . 38.06 -13.19 -65.87
O5 A1AR2 UA . 38.90 -10.73 -64.64
O61 A1AR2 UA . 33.60 -11.58 -64.73
O62 A1AR2 UA . 39.81 -13.72 -62.69
O7 A1AR2 UA . 33.61 -10.73 -57.14
O71 A1AR2 UA . 32.44 -9.24 -64.67
O8 A1AR2 UA . 32.42 -13.31 -59.47
O81 A1AR2 UA . 31.91 -9.10 -61.57
O9 A1AR2 UA . 33.84 -14.21 -57.09
O91 A1AR2 UA . 34.54 -9.08 -61.16
OA9 A1AR2 UA . 35.58 -15.64 -56.98
C101 A1AR2 UA . 28.92 -11.45 -65.51
C111 A1AR2 UA . 28.85 -11.45 -67.01
O101 A1AR2 UA . 28.04 -11.03 -64.82
O1A1 A1AR2 UA . 34.26 -13.26 -62.61
O1B1 A1AR2 UA . 33.78 -14.97 -63.79
#